data_9V5H
#
_entry.id   9V5H
#
_cell.length_a   1.00
_cell.length_b   1.00
_cell.length_c   1.00
_cell.angle_alpha   90.00
_cell.angle_beta   90.00
_cell.angle_gamma   90.00
#
_symmetry.space_group_name_H-M   'P 1'
#
loop_
_entity.id
_entity.type
_entity.pdbx_description
1 polymer 'Bifunctional polymyxin resistance protein ArnA'
2 polymer 'Bifunctional polymyxin resistance protein ArnA'
#
loop_
_entity_poly.entity_id
_entity_poly.type
_entity_poly.pdbx_seq_one_letter_code
_entity_poly.pdbx_strand_id
1 'polypeptide(L)'
;MKTVVFAYHDMGCLGIEALLAAGYEISAIFTHTDNPGEKAFYGSVARLAAERGIPVYAPDNVNHPLWVERIAQLSPDVIF
SFYYRHLIYDEILQLAPAGAFNLHGSLLPKYRGRAPLNWVLVNGETETGVTLHRMVKRADAGAIVAQLRIAIAPDDIAIT
LHHKLCHAARQLLEQTLPAIKHGNILEIAQRENEATCFGRRTPDDSFLEWHKPASVLHNMVRAVADPWPGAFSYVGNQKF
TVWSSRVHPHASKAQPGSVISVAPLLIACGDGALEIVTGQAGDGITMQGSQLAQTLGLVQ
;
A,B,C,D,E,F
2 'polypeptide(L)'
;MRVLILGVNGFIGNHLTERLLREDHYEVYGLDIGSDAISRFLNHPHFHFVEGDISIHSEWIEYHVKKCDVVLPLVAIATP
IEYTRNPLRVFELDFEENLRIIRYCVKYRKRIIFPSTSEVYGMCSDKYFDEDHSNLIVGPVNKPRWIYSVSKQLLDRVIW
AYGEKEGLQFTLFRPFNWMGPRLDNLNAARIGSSRAITQLILNLVEGSPIKLIDGGKQKRCFTDIRDGIEALYRIIENAG
NRCDGEIINIGNPENEASIEELGEMLLASFEKHPLRHHFPPFAGFRVVESSSYYGKGYQDVEHRKPSIRNAHRCLDWEPK
IDMQETIDETLDFFLRTVDLTD
;
G,H,I,J,K,L
#
# COMPACT_ATOMS: atom_id res chain seq x y z
N MET A 1 -0.07 67.78 23.63
CA MET A 1 0.71 66.99 24.56
C MET A 1 1.00 65.60 23.97
N LYS A 2 1.15 64.60 24.85
CA LYS A 2 1.57 63.27 24.46
C LYS A 2 0.55 62.64 23.54
N THR A 3 1.04 62.07 22.44
CA THR A 3 0.18 61.49 21.42
C THR A 3 0.57 60.04 21.19
N VAL A 4 -0.42 59.23 20.84
CA VAL A 4 -0.22 57.84 20.47
C VAL A 4 -0.79 57.64 19.07
N VAL A 5 0.06 57.82 18.07
CA VAL A 5 -0.36 58.02 16.69
C VAL A 5 -0.65 56.67 16.03
N PHE A 6 -1.71 56.65 15.22
CA PHE A 6 -2.04 55.52 14.35
C PHE A 6 -1.69 55.94 12.92
N ALA A 7 -0.49 55.55 12.49
CA ALA A 7 0.05 55.99 11.21
C ALA A 7 0.70 54.81 10.50
N TYR A 8 0.86 54.95 9.18
CA TYR A 8 1.54 53.94 8.38
C TYR A 8 1.75 54.52 6.99
N HIS A 9 2.88 54.18 6.39
CA HIS A 9 3.37 54.70 5.10
C HIS A 9 3.75 56.17 5.14
N ASP A 10 3.99 56.74 3.95
CA ASP A 10 4.68 58.02 3.83
C ASP A 10 3.82 59.18 4.33
N MET A 11 2.50 59.11 4.13
CA MET A 11 1.64 60.12 4.73
C MET A 11 1.75 60.10 6.24
N GLY A 12 1.86 58.90 6.82
CA GLY A 12 2.08 58.80 8.25
C GLY A 12 3.40 59.42 8.67
N CYS A 13 4.47 59.14 7.92
CA CYS A 13 5.77 59.73 8.26
C CYS A 13 5.72 61.25 8.20
N LEU A 14 5.09 61.79 7.15
CA LEU A 14 5.00 63.25 7.04
C LEU A 14 4.12 63.84 8.13
N GLY A 15 3.09 63.11 8.57
CA GLY A 15 2.33 63.56 9.73
C GLY A 15 3.17 63.61 10.98
N ILE A 16 4.05 62.62 11.16
CA ILE A 16 4.96 62.63 12.30
C ILE A 16 5.89 63.83 12.24
N GLU A 17 6.45 64.12 11.05
CA GLU A 17 7.31 65.29 10.94
C GLU A 17 6.53 66.57 11.25
N ALA A 18 5.30 66.66 10.75
CA ALA A 18 4.49 67.85 11.00
C ALA A 18 4.21 68.04 12.49
N LEU A 19 3.85 66.96 13.19
CA LEU A 19 3.50 67.11 14.61
C LEU A 19 4.75 67.34 15.46
N LEU A 20 5.89 66.79 15.02
CA LEU A 20 7.13 67.09 15.71
C LEU A 20 7.54 68.55 15.52
N ALA A 21 7.22 69.11 14.36
CA ALA A 21 7.43 70.54 14.15
C ALA A 21 6.54 71.40 15.04
N ALA A 22 5.50 70.81 15.63
CA ALA A 22 4.60 71.54 16.50
C ALA A 22 4.94 71.39 17.98
N GLY A 23 5.90 70.53 18.33
CA GLY A 23 6.30 70.38 19.71
C GLY A 23 5.63 69.25 20.46
N TYR A 24 4.84 68.42 19.79
CA TYR A 24 4.19 67.30 20.46
C TYR A 24 5.21 66.23 20.83
N GLU A 25 4.92 65.52 21.92
CA GLU A 25 5.72 64.38 22.36
C GLU A 25 4.95 63.12 22.03
N ILE A 26 5.67 62.04 21.75
CA ILE A 26 5.06 60.80 21.30
C ILE A 26 5.22 59.75 22.39
N SER A 27 4.12 59.10 22.76
CA SER A 27 4.20 57.93 23.62
C SER A 27 4.70 56.71 22.84
N ALA A 28 3.99 56.34 21.78
CA ALA A 28 4.38 55.23 20.92
C ALA A 28 3.62 55.35 19.60
N ILE A 29 4.02 54.52 18.64
CA ILE A 29 3.38 54.47 17.33
C ILE A 29 2.87 53.07 17.09
N PHE A 30 1.55 52.93 16.97
CA PHE A 30 0.92 51.65 16.64
C PHE A 30 0.74 51.57 15.13
N THR A 31 1.77 51.07 14.45
CA THR A 31 1.70 50.68 13.05
C THR A 31 1.72 49.16 12.99
N HIS A 32 1.47 48.61 11.81
CA HIS A 32 1.60 47.17 11.59
C HIS A 32 3.06 46.84 11.30
N THR A 33 3.48 45.65 11.74
CA THR A 33 4.82 45.19 11.46
C THR A 33 4.89 44.61 10.05
N ASP A 34 5.96 44.95 9.33
CA ASP A 34 6.14 44.49 7.96
C ASP A 34 6.40 42.98 7.92
N PHE A 41 14.12 50.33 1.39
CA PHE A 41 14.33 51.52 0.57
C PHE A 41 13.62 52.73 1.18
N TYR A 42 12.45 52.49 1.77
CA TYR A 42 11.67 53.55 2.37
C TYR A 42 12.33 54.04 3.66
N GLY A 43 12.10 55.32 3.96
CA GLY A 43 12.59 55.88 5.21
C GLY A 43 11.79 55.38 6.40
N SER A 44 12.47 54.58 7.23
CA SER A 44 11.83 53.95 8.38
C SER A 44 11.51 55.00 9.44
N VAL A 45 10.26 55.03 9.89
CA VAL A 45 9.89 55.90 10.99
C VAL A 45 10.57 55.44 12.28
N ALA A 46 10.81 54.13 12.39
CA ALA A 46 11.52 53.61 13.56
C ALA A 46 12.92 54.18 13.65
N ARG A 47 13.61 54.29 12.51
CA ARG A 47 14.98 54.83 12.54
C ARG A 47 15.01 56.26 13.04
N LEU A 48 14.12 57.12 12.54
CA LEU A 48 14.12 58.50 12.99
C LEU A 48 13.68 58.60 14.46
N ALA A 49 12.69 57.79 14.83
CA ALA A 49 12.25 57.80 16.22
C ALA A 49 13.37 57.36 17.16
N ALA A 50 14.23 56.46 16.70
CA ALA A 50 15.39 56.07 17.49
C ALA A 50 16.42 57.19 17.52
N GLU A 51 16.60 57.88 16.40
CA GLU A 51 17.56 58.98 16.35
C GLU A 51 17.15 60.12 17.26
N ARG A 52 15.86 60.34 17.43
CA ARG A 52 15.35 61.36 18.35
C ARG A 52 14.95 60.78 19.70
N GLY A 53 15.11 59.47 19.88
CA GLY A 53 14.90 58.85 21.19
C GLY A 53 13.47 58.79 21.66
N ILE A 54 12.60 58.04 20.97
CA ILE A 54 11.22 57.84 21.41
C ILE A 54 10.89 56.35 21.34
N PRO A 55 10.36 55.76 22.41
CA PRO A 55 9.97 54.35 22.34
C PRO A 55 8.76 54.14 21.44
N VAL A 56 8.65 52.94 20.89
CA VAL A 56 7.57 52.59 19.97
C VAL A 56 7.17 51.14 20.22
N TYR A 57 5.86 50.88 20.21
CA TYR A 57 5.32 49.54 20.33
C TYR A 57 4.28 49.32 19.24
N ALA A 58 4.31 48.14 18.64
CA ALA A 58 3.39 47.79 17.54
C ALA A 58 2.81 46.41 17.76
N PRO A 59 1.93 46.25 18.75
CA PRO A 59 1.34 44.93 19.01
C PRO A 59 0.35 44.54 17.92
N ASP A 60 0.11 43.24 17.82
CA ASP A 60 -0.79 42.72 16.78
C ASP A 60 -2.21 43.26 16.96
N ASN A 61 -2.59 43.59 18.19
CA ASN A 61 -3.92 44.14 18.44
C ASN A 61 -3.89 44.91 19.75
N VAL A 62 -4.59 46.05 19.76
CA VAL A 62 -4.76 46.86 20.96
C VAL A 62 -6.19 46.82 21.48
N ASN A 63 -7.06 46.03 20.88
CA ASN A 63 -8.50 46.05 21.18
C ASN A 63 -8.83 45.11 22.34
N HIS A 64 -8.09 45.25 23.43
CA HIS A 64 -8.19 44.31 24.54
C HIS A 64 -7.96 45.02 25.86
N PRO A 65 -8.52 44.49 26.96
CA PRO A 65 -8.58 45.29 28.20
C PRO A 65 -7.25 45.77 28.75
N LEU A 66 -6.19 44.98 28.66
CA LEU A 66 -4.93 45.37 29.29
C LEU A 66 -4.22 46.48 28.52
N TRP A 67 -4.20 46.39 27.19
CA TRP A 67 -3.62 47.49 26.42
C TRP A 67 -4.39 48.79 26.63
N VAL A 68 -5.71 48.75 26.51
CA VAL A 68 -6.48 49.98 26.68
C VAL A 68 -6.36 50.48 28.12
N GLU A 69 -6.16 49.56 29.06
CA GLU A 69 -5.94 49.99 30.44
C GLU A 69 -4.63 50.76 30.57
N ARG A 70 -3.56 50.26 29.97
CA ARG A 70 -2.29 50.99 30.05
C ARG A 70 -2.41 52.34 29.34
N ILE A 71 -3.09 52.36 28.19
CA ILE A 71 -3.32 53.63 27.51
C ILE A 71 -4.07 54.61 28.41
N ALA A 72 -5.13 54.14 29.08
CA ALA A 72 -5.90 55.01 29.96
C ALA A 72 -5.03 55.52 31.12
N GLN A 73 -4.19 54.65 31.69
CA GLN A 73 -3.33 55.08 32.78
C GLN A 73 -2.32 56.13 32.33
N LEU A 74 -1.70 55.93 31.16
CA LEU A 74 -0.79 56.97 30.67
C LEU A 74 -1.54 58.18 30.13
N SER A 75 -2.86 58.06 29.95
CA SER A 75 -3.73 59.19 29.67
C SER A 75 -3.33 59.96 28.41
N PRO A 76 -3.56 59.41 27.22
CA PRO A 76 -3.28 60.18 26.01
C PRO A 76 -4.29 61.30 25.85
N ASP A 77 -3.95 62.30 25.03
CA ASP A 77 -4.79 63.48 24.91
C ASP A 77 -5.34 63.66 23.51
N VAL A 78 -4.60 63.26 22.47
CA VAL A 78 -5.07 63.39 21.10
C VAL A 78 -4.44 62.29 20.28
N ILE A 79 -5.20 61.79 19.29
CA ILE A 79 -4.76 60.74 18.39
C ILE A 79 -5.07 61.17 16.97
N PHE A 80 -4.17 60.83 16.04
CA PHE A 80 -4.38 61.12 14.63
C PHE A 80 -4.45 59.81 13.84
N SER A 81 -5.01 59.91 12.64
CA SER A 81 -5.25 58.77 11.77
C SER A 81 -4.97 59.15 10.33
N PHE A 82 -3.83 58.71 9.82
CA PHE A 82 -3.43 58.92 8.42
C PHE A 82 -3.61 57.61 7.67
N TYR A 83 -4.81 57.42 7.12
CA TYR A 83 -5.12 56.30 6.23
C TYR A 83 -4.78 54.96 6.87
N TYR A 84 -5.10 54.80 8.15
CA TYR A 84 -4.85 53.53 8.83
C TYR A 84 -5.75 52.44 8.26
N ARG A 85 -5.29 51.20 8.31
CA ARG A 85 -6.00 50.10 7.66
C ARG A 85 -7.00 49.40 8.58
N HIS A 86 -6.57 48.95 9.76
CA HIS A 86 -7.43 48.23 10.69
C HIS A 86 -8.41 49.18 11.35
N LEU A 87 -9.65 48.72 11.50
CA LEU A 87 -10.70 49.55 12.08
C LEU A 87 -10.52 49.68 13.59
N ILE A 88 -10.81 50.86 14.12
CA ILE A 88 -10.84 51.11 15.55
C ILE A 88 -12.30 51.38 15.90
N TYR A 89 -12.96 50.41 16.53
CA TYR A 89 -14.38 50.53 16.79
C TYR A 89 -14.62 51.50 17.95
N ASP A 90 -15.89 51.90 18.13
CA ASP A 90 -16.26 53.00 19.02
C ASP A 90 -15.66 52.90 20.41
N GLU A 91 -15.42 51.68 20.90
CA GLU A 91 -15.13 51.47 22.32
C GLU A 91 -13.82 52.12 22.75
N ILE A 92 -12.92 52.37 21.81
CA ILE A 92 -11.74 53.14 22.17
C ILE A 92 -11.85 54.58 21.66
N LEU A 93 -12.78 54.83 20.74
CA LEU A 93 -12.96 56.19 20.25
C LEU A 93 -13.56 57.12 21.29
N GLN A 94 -14.42 56.62 22.19
CA GLN A 94 -14.95 57.62 23.13
C GLN A 94 -13.90 58.06 24.13
N LEU A 95 -12.83 57.26 24.30
CA LEU A 95 -11.88 57.51 25.37
C LEU A 95 -10.99 58.71 25.11
N ALA A 96 -10.91 59.17 23.87
CA ALA A 96 -10.04 60.30 23.55
C ALA A 96 -10.58 61.56 24.18
N PRO A 97 -9.85 62.21 25.09
CA PRO A 97 -10.40 63.42 25.74
C PRO A 97 -10.55 64.59 24.79
N ALA A 98 -9.49 64.95 24.07
CA ALA A 98 -9.60 65.97 23.04
C ALA A 98 -10.04 65.40 21.70
N GLY A 99 -10.14 64.08 21.58
CA GLY A 99 -10.66 63.45 20.38
C GLY A 99 -9.54 62.96 19.48
N ALA A 100 -9.97 62.39 18.35
CA ALA A 100 -9.06 61.89 17.33
C ALA A 100 -9.39 62.53 15.98
N PHE A 101 -8.33 62.87 15.22
CA PHE A 101 -8.45 63.53 13.93
C PHE A 101 -7.98 62.57 12.84
N ASN A 102 -8.83 62.33 11.84
CA ASN A 102 -8.48 61.43 10.76
C ASN A 102 -8.49 62.23 9.46
N LEU A 103 -7.45 62.04 8.64
CA LEU A 103 -7.39 62.64 7.32
C LEU A 103 -7.75 61.58 6.27
N HIS A 104 -8.68 61.92 5.39
CA HIS A 104 -9.12 61.05 4.31
C HIS A 104 -9.17 61.84 3.02
N GLY A 105 -8.65 61.26 1.95
CA GLY A 105 -8.58 61.95 0.67
C GLY A 105 -9.77 61.70 -0.24
N SER A 106 -10.95 62.16 0.16
CA SER A 106 -12.15 61.96 -0.64
C SER A 106 -13.14 63.09 -0.37
N LEU A 107 -14.09 63.25 -1.28
CA LEU A 107 -15.11 64.28 -1.16
C LEU A 107 -16.40 63.72 -0.58
N LEU A 108 -16.45 63.52 0.73
CA LEU A 108 -17.70 63.15 1.38
C LEU A 108 -18.68 64.31 1.28
N PRO A 109 -19.98 64.04 1.16
CA PRO A 109 -20.62 62.72 1.08
C PRO A 109 -20.74 62.21 -0.35
N LYS A 110 -20.18 62.94 -1.32
CA LYS A 110 -20.36 62.60 -2.72
C LYS A 110 -19.58 61.35 -3.11
N TYR A 111 -20.19 60.51 -3.95
CA TYR A 111 -19.54 59.42 -4.66
C TYR A 111 -18.94 58.39 -3.69
N ARG A 112 -19.75 58.00 -2.70
CA ARG A 112 -19.44 56.77 -1.97
C ARG A 112 -20.11 55.58 -2.64
N GLY A 113 -19.51 54.41 -2.46
CA GLY A 113 -20.09 53.20 -3.01
C GLY A 113 -19.13 52.34 -3.80
N ARG A 114 -19.39 52.18 -5.09
CA ARG A 114 -18.65 51.27 -5.95
C ARG A 114 -17.24 51.79 -6.18
N ALA A 115 -16.28 51.22 -5.47
CA ALA A 115 -14.87 51.54 -5.61
C ALA A 115 -14.61 53.06 -5.65
N PRO A 116 -14.89 53.77 -4.57
CA PRO A 116 -14.76 55.25 -4.62
C PRO A 116 -13.34 55.73 -4.89
N LEU A 117 -12.32 55.03 -4.36
CA LEU A 117 -10.97 55.57 -4.38
C LEU A 117 -10.46 55.79 -5.81
N ASN A 118 -10.60 54.77 -6.66
CA ASN A 118 -10.09 54.90 -8.02
C ASN A 118 -11.11 55.57 -8.95
N TRP A 119 -12.38 55.62 -8.54
CA TRP A 119 -13.38 56.22 -9.41
C TRP A 119 -13.46 57.73 -9.23
N VAL A 120 -13.00 58.25 -8.08
CA VAL A 120 -12.76 59.69 -8.00
C VAL A 120 -11.45 60.03 -8.69
N LEU A 121 -10.64 59.02 -8.99
CA LEU A 121 -9.40 59.22 -9.75
C LEU A 121 -9.65 59.16 -11.24
N VAL A 122 -10.65 58.38 -11.67
CA VAL A 122 -10.91 58.18 -13.09
C VAL A 122 -11.38 59.47 -13.76
N ASN A 123 -12.31 60.17 -13.12
CA ASN A 123 -13.09 61.23 -13.76
C ASN A 123 -12.24 62.43 -14.17
N GLY A 124 -11.05 62.59 -13.61
CA GLY A 124 -10.21 63.73 -13.95
C GLY A 124 -10.86 65.06 -13.63
N GLU A 125 -11.50 65.16 -12.47
CA GLU A 125 -12.25 66.36 -12.12
C GLU A 125 -11.33 67.54 -11.88
N THR A 126 -11.87 68.73 -12.09
CA THR A 126 -11.14 69.97 -11.86
C THR A 126 -11.04 70.32 -10.38
N GLU A 127 -11.66 69.53 -9.50
CA GLU A 127 -11.62 69.83 -8.08
C GLU A 127 -11.86 68.55 -7.30
N THR A 128 -10.85 68.14 -6.54
CA THR A 128 -10.98 67.13 -5.49
C THR A 128 -10.36 67.72 -4.23
N GLY A 129 -10.19 66.90 -3.21
CA GLY A 129 -9.59 67.42 -2.00
C GLY A 129 -9.50 66.39 -0.90
N VAL A 130 -8.96 66.85 0.23
CA VAL A 130 -8.73 66.01 1.41
C VAL A 130 -9.51 66.62 2.57
N THR A 131 -9.80 65.80 3.59
CA THR A 131 -10.67 66.21 4.68
C THR A 131 -10.14 65.65 5.99
N LEU A 132 -9.98 66.51 6.99
CA LEU A 132 -9.69 66.10 8.36
C LEU A 132 -10.97 66.18 9.17
N HIS A 133 -11.28 65.12 9.91
CA HIS A 133 -12.59 65.00 10.55
C HIS A 133 -12.50 64.21 11.84
N ARG A 134 -13.58 64.28 12.62
CA ARG A 134 -13.67 63.53 13.87
C ARG A 134 -14.13 62.11 13.60
N MET A 135 -14.37 61.36 14.67
CA MET A 135 -15.14 60.13 14.63
C MET A 135 -16.44 60.33 15.40
N VAL A 136 -17.52 59.74 14.90
CA VAL A 136 -18.77 59.71 15.63
C VAL A 136 -19.16 58.26 15.81
N LYS A 137 -20.34 58.01 16.40
CA LYS A 137 -20.76 56.64 16.68
C LYS A 137 -20.70 55.78 15.42
N ARG A 138 -21.15 56.32 14.27
CA ARG A 138 -21.03 55.61 13.02
C ARG A 138 -19.74 56.02 12.32
N ALA A 139 -18.92 55.03 11.97
CA ALA A 139 -17.57 55.29 11.49
C ALA A 139 -17.59 56.03 10.16
N ASP A 140 -16.52 56.81 9.91
CA ASP A 140 -16.33 57.55 8.66
C ASP A 140 -17.39 58.63 8.47
N ALA A 141 -18.11 58.97 9.54
CA ALA A 141 -19.12 60.01 9.50
C ALA A 141 -18.87 61.14 10.50
N GLY A 142 -17.65 61.25 11.02
CA GLY A 142 -17.38 62.24 12.05
C GLY A 142 -17.47 63.66 11.54
N ALA A 143 -17.63 64.59 12.49
CA ALA A 143 -17.75 65.99 12.17
C ALA A 143 -16.49 66.51 11.46
N ILE A 144 -16.71 67.24 10.37
CA ILE A 144 -15.60 67.79 9.61
C ILE A 144 -14.93 68.90 10.40
N VAL A 145 -13.60 68.88 10.43
CA VAL A 145 -12.85 69.95 11.08
C VAL A 145 -12.33 70.94 10.04
N ALA A 146 -11.67 70.43 9.01
CA ALA A 146 -11.11 71.26 7.97
C ALA A 146 -10.97 70.42 6.70
N GLN A 147 -10.76 71.12 5.57
CA GLN A 147 -10.62 70.45 4.29
C GLN A 147 -9.73 71.28 3.38
N LEU A 148 -9.16 70.61 2.38
CA LEU A 148 -8.30 71.26 1.40
C LEU A 148 -8.73 70.87 0.00
N ARG A 149 -8.56 71.82 -0.92
CA ARG A 149 -8.88 71.69 -2.33
C ARG A 149 -7.61 71.38 -3.11
N ILE A 150 -7.77 70.71 -4.26
CA ILE A 150 -6.67 70.34 -5.13
C ILE A 150 -7.24 70.05 -6.51
N ALA A 151 -6.41 70.27 -7.53
CA ALA A 151 -6.82 70.06 -8.91
C ALA A 151 -6.00 68.96 -9.57
N ILE A 152 -6.48 68.48 -10.71
CA ILE A 152 -5.79 67.47 -11.50
C ILE A 152 -5.41 68.08 -12.84
N ALA A 153 -4.11 68.04 -13.16
CA ALA A 153 -3.67 68.42 -14.48
C ALA A 153 -3.87 67.27 -15.46
N PRO A 154 -4.13 67.57 -16.73
CA PRO A 154 -4.40 66.48 -17.70
C PRO A 154 -3.25 65.50 -17.87
N ASP A 155 -2.01 65.96 -17.73
CA ASP A 155 -0.83 65.14 -18.01
C ASP A 155 -0.37 64.30 -16.83
N ASP A 156 -1.14 64.28 -15.74
CA ASP A 156 -0.64 63.75 -14.48
C ASP A 156 -0.58 62.21 -14.49
N ILE A 157 0.43 61.66 -13.81
CA ILE A 157 0.68 60.23 -13.72
C ILE A 157 0.51 59.80 -12.26
N ALA A 158 0.17 58.53 -12.02
CA ALA A 158 -0.29 58.09 -10.71
C ALA A 158 0.71 58.47 -9.60
N ILE A 159 1.99 58.19 -9.81
CA ILE A 159 2.99 58.51 -8.79
C ILE A 159 3.07 60.01 -8.57
N THR A 160 3.02 60.80 -9.64
CA THR A 160 3.05 62.25 -9.45
C THR A 160 1.80 62.75 -8.72
N LEU A 161 0.63 62.15 -8.96
CA LEU A 161 -0.50 62.51 -8.11
C LEU A 161 -0.27 62.14 -6.66
N HIS A 162 0.34 60.97 -6.40
CA HIS A 162 0.62 60.63 -5.00
C HIS A 162 1.50 61.69 -4.37
N HIS A 163 2.56 62.09 -5.06
CA HIS A 163 3.41 63.15 -4.53
C HIS A 163 2.62 64.42 -4.29
N LYS A 164 1.76 64.80 -5.24
CA LYS A 164 1.01 66.05 -5.11
C LYS A 164 0.07 66.02 -3.92
N LEU A 165 -0.61 64.90 -3.70
CA LEU A 165 -1.43 64.78 -2.49
C LEU A 165 -0.58 64.79 -1.24
N CYS A 166 0.67 64.34 -1.33
CA CYS A 166 1.54 64.41 -0.16
C CYS A 166 1.96 65.85 0.17
N HIS A 167 2.30 66.65 -0.84
CA HIS A 167 2.53 68.07 -0.53
C HIS A 167 1.25 68.74 -0.07
N ALA A 168 0.11 68.32 -0.61
CA ALA A 168 -1.17 68.79 -0.11
C ALA A 168 -1.29 68.50 1.38
N ALA A 169 -0.93 67.28 1.77
CA ALA A 169 -0.97 66.90 3.17
C ALA A 169 -0.05 67.78 4.01
N ARG A 170 1.19 67.98 3.57
CA ARG A 170 2.10 68.74 4.43
C ARG A 170 1.67 70.20 4.59
N GLN A 171 1.30 70.90 3.51
CA GLN A 171 1.02 72.32 3.76
C GLN A 171 -0.37 72.48 4.33
N LEU A 172 -1.20 71.43 4.26
CA LEU A 172 -2.38 71.35 5.11
C LEU A 172 -1.99 71.33 6.58
N LEU A 173 -1.25 70.31 7.01
CA LEU A 173 -0.89 70.23 8.43
C LEU A 173 -0.20 71.51 8.88
N GLU A 174 0.53 72.16 7.98
CA GLU A 174 1.28 73.37 8.32
C GLU A 174 0.40 74.45 8.93
N GLN A 175 -0.83 74.63 8.42
CA GLN A 175 -1.71 75.60 9.06
C GLN A 175 -2.80 74.96 9.92
N THR A 176 -2.95 73.63 9.87
CA THR A 176 -3.86 73.00 10.81
C THR A 176 -3.28 72.91 12.21
N LEU A 177 -1.95 72.91 12.36
CA LEU A 177 -1.39 72.88 13.73
C LEU A 177 -1.86 74.06 14.58
N PRO A 178 -1.75 75.32 14.14
CA PRO A 178 -2.18 76.42 15.02
C PRO A 178 -3.65 76.37 15.41
N ALA A 179 -4.52 75.92 14.51
CA ALA A 179 -5.95 75.90 14.81
C ALA A 179 -6.26 74.97 15.97
N ILE A 180 -5.66 73.79 15.99
CA ILE A 180 -5.87 72.87 17.10
C ILE A 180 -5.07 73.33 18.32
N LYS A 181 -3.95 74.03 18.10
CA LYS A 181 -3.16 74.53 19.22
C LYS A 181 -3.95 75.55 20.04
N HIS A 182 -4.64 76.46 19.37
CA HIS A 182 -5.35 77.52 20.10
C HIS A 182 -6.58 77.00 20.83
N GLY A 183 -7.20 75.93 20.36
CA GLY A 183 -8.34 75.34 21.03
C GLY A 183 -9.34 74.82 20.03
N ASN A 184 -10.57 74.62 20.50
CA ASN A 184 -11.63 74.09 19.66
C ASN A 184 -12.02 75.09 18.58
N ILE A 185 -12.33 74.58 17.39
CA ILE A 185 -12.73 75.40 16.25
C ILE A 185 -14.10 74.92 15.79
N LEU A 186 -14.94 75.86 15.36
CA LEU A 186 -16.28 75.55 14.90
C LEU A 186 -16.25 74.58 13.73
N GLU A 187 -17.16 73.61 13.74
CA GLU A 187 -17.20 72.56 12.72
C GLU A 187 -18.29 72.85 11.69
N ILE A 188 -18.23 72.12 10.58
CA ILE A 188 -19.15 72.31 9.46
C ILE A 188 -19.99 71.05 9.32
N ALA A 189 -21.31 71.23 9.19
CA ALA A 189 -22.23 70.11 9.20
C ALA A 189 -22.22 69.38 7.87
N GLN A 190 -22.80 68.17 7.87
CA GLN A 190 -22.90 67.37 6.66
C GLN A 190 -24.24 67.58 5.98
N ARG A 191 -24.31 67.21 4.71
CA ARG A 191 -25.56 67.23 3.95
C ARG A 191 -26.17 65.83 4.01
N GLU A 192 -27.31 65.71 4.69
CA GLU A 192 -27.78 64.40 5.13
C GLU A 192 -28.21 63.52 3.97
N ASN A 193 -28.87 64.09 2.96
CA ASN A 193 -29.52 63.28 1.94
C ASN A 193 -28.56 62.77 0.86
N GLU A 194 -27.26 62.77 1.12
CA GLU A 194 -26.27 62.19 0.21
C GLU A 194 -25.53 61.01 0.83
N ALA A 195 -26.23 60.11 1.51
CA ALA A 195 -25.60 59.02 2.24
C ALA A 195 -25.83 57.68 1.55
N THR A 196 -24.74 56.94 1.35
CA THR A 196 -24.77 55.59 0.79
C THR A 196 -23.69 54.75 1.44
N CYS A 197 -23.84 53.43 1.37
CA CYS A 197 -22.88 52.50 1.95
C CYS A 197 -22.92 51.17 1.22
N PHE A 198 -21.74 50.72 0.76
CA PHE A 198 -21.56 49.42 0.15
C PHE A 198 -20.17 48.89 0.49
N GLY A 199 -19.74 47.86 -0.26
CA GLY A 199 -18.46 47.24 -0.04
C GLY A 199 -17.39 47.75 -0.99
N ARG A 200 -16.90 46.84 -1.82
CA ARG A 200 -15.84 47.19 -2.76
C ARG A 200 -15.99 46.39 -4.05
N ARG A 201 -14.94 46.43 -4.89
CA ARG A 201 -14.93 45.72 -6.15
C ARG A 201 -13.70 44.82 -6.21
N THR A 202 -13.44 44.24 -7.38
CA THR A 202 -12.32 43.32 -7.52
C THR A 202 -11.28 43.87 -8.48
N PRO A 203 -10.00 43.55 -8.25
CA PRO A 203 -8.96 43.98 -9.19
C PRO A 203 -9.12 43.41 -10.59
N ASP A 204 -9.79 42.27 -10.72
CA ASP A 204 -9.92 41.62 -12.03
C ASP A 204 -10.68 42.47 -13.04
N ASP A 205 -11.40 43.50 -12.56
CA ASP A 205 -12.06 44.42 -13.48
C ASP A 205 -11.08 45.28 -14.25
N SER A 206 -9.77 45.10 -14.05
CA SER A 206 -8.75 45.86 -14.74
C SER A 206 -8.73 45.58 -16.24
N PHE A 207 -9.31 44.48 -16.68
CA PHE A 207 -9.40 44.18 -18.10
C PHE A 207 -10.48 45.05 -18.74
N LEU A 208 -10.05 46.03 -19.52
CA LEU A 208 -10.99 46.88 -20.24
C LEU A 208 -11.59 46.12 -21.41
N GLU A 209 -12.92 46.01 -21.44
CA GLU A 209 -13.62 45.44 -22.57
C GLU A 209 -13.55 46.49 -23.68
N TRP A 210 -13.40 46.04 -24.92
CA TRP A 210 -12.71 46.84 -25.93
C TRP A 210 -13.61 47.93 -26.53
N HIS A 211 -14.90 47.98 -26.17
CA HIS A 211 -15.79 48.96 -26.80
C HIS A 211 -15.85 50.31 -26.07
N LYS A 212 -15.18 50.46 -24.94
CA LYS A 212 -15.15 51.77 -24.28
C LYS A 212 -14.43 52.80 -25.12
N PRO A 213 -14.75 54.09 -24.93
CA PRO A 213 -14.05 55.15 -25.68
C PRO A 213 -12.59 55.25 -25.26
N ALA A 214 -11.88 56.17 -25.92
CA ALA A 214 -10.44 56.31 -25.69
C ALA A 214 -10.12 57.03 -24.39
N SER A 215 -10.93 58.02 -24.00
CA SER A 215 -10.61 58.82 -22.82
C SER A 215 -10.62 57.98 -21.56
N VAL A 216 -11.62 57.11 -21.41
CA VAL A 216 -11.67 56.22 -20.24
C VAL A 216 -10.46 55.28 -20.25
N LEU A 217 -10.08 54.80 -21.43
CA LEU A 217 -8.84 54.03 -21.52
C LEU A 217 -7.66 54.82 -20.98
N HIS A 218 -7.58 56.10 -21.34
CA HIS A 218 -6.50 56.94 -20.83
C HIS A 218 -6.53 57.08 -19.32
N ASN A 219 -7.72 57.26 -18.74
CA ASN A 219 -7.78 57.41 -17.28
C ASN A 219 -7.37 56.12 -16.56
N MET A 220 -7.81 54.96 -17.06
CA MET A 220 -7.30 53.71 -16.48
C MET A 220 -5.78 53.60 -16.64
N VAL A 221 -5.25 53.95 -17.81
CA VAL A 221 -3.81 53.88 -18.00
C VAL A 221 -3.08 54.77 -16.99
N ARG A 222 -3.61 55.98 -16.77
CA ARG A 222 -2.99 56.89 -15.80
C ARG A 222 -3.17 56.38 -14.38
N ALA A 223 -4.18 55.53 -14.16
CA ALA A 223 -4.53 55.15 -12.78
C ALA A 223 -3.79 53.92 -12.31
N VAL A 224 -3.55 52.94 -13.19
CA VAL A 224 -2.99 51.67 -12.76
C VAL A 224 -1.54 51.55 -13.21
N ALA A 225 -0.86 52.69 -13.33
CA ALA A 225 0.55 52.68 -13.74
C ALA A 225 1.41 51.98 -12.70
N ASP A 226 2.69 51.83 -13.03
CA ASP A 226 3.63 51.14 -12.15
C ASP A 226 3.67 51.84 -10.80
N PRO A 227 3.78 51.11 -9.68
CA PRO A 227 3.96 49.67 -9.51
C PRO A 227 2.66 48.86 -9.49
N TRP A 228 1.53 49.47 -9.82
CA TRP A 228 0.29 48.73 -9.91
C TRP A 228 0.36 47.75 -11.08
N PRO A 229 -0.49 46.71 -11.06
CA PRO A 229 -0.40 45.69 -12.12
C PRO A 229 -0.52 46.23 -13.53
N GLY A 230 -1.35 47.22 -13.76
CA GLY A 230 -1.49 47.81 -15.08
C GLY A 230 -2.69 47.28 -15.83
N ALA A 231 -3.00 47.95 -16.94
CA ALA A 231 -4.12 47.55 -17.79
C ALA A 231 -3.78 46.28 -18.56
N PHE A 232 -4.36 45.17 -18.13
CA PHE A 232 -4.07 43.85 -18.67
C PHE A 232 -5.11 43.47 -19.71
N SER A 233 -4.64 42.81 -20.76
CA SER A 233 -5.52 42.33 -21.83
C SER A 233 -4.87 41.14 -22.50
N TYR A 234 -5.69 40.33 -23.16
CA TYR A 234 -5.25 39.09 -23.80
C TYR A 234 -5.53 39.14 -25.29
N VAL A 235 -4.68 38.48 -26.07
CA VAL A 235 -4.97 38.14 -27.46
C VAL A 235 -4.78 36.63 -27.59
N GLY A 236 -5.77 35.95 -28.14
CA GLY A 236 -5.77 34.50 -28.13
C GLY A 236 -5.69 33.96 -26.71
N ASN A 237 -4.55 33.37 -26.36
CA ASN A 237 -4.29 32.91 -25.00
C ASN A 237 -3.06 33.56 -24.39
N GLN A 238 -2.56 34.65 -24.98
CA GLN A 238 -1.33 35.28 -24.54
C GLN A 238 -1.67 36.64 -23.93
N LYS A 239 -1.10 36.89 -22.75
CA LYS A 239 -1.45 38.03 -21.91
C LYS A 239 -0.42 39.14 -22.06
N PHE A 240 -0.87 40.39 -21.98
CA PHE A 240 0.04 41.53 -21.98
C PHE A 240 -0.54 42.64 -21.10
N THR A 241 0.31 43.62 -20.80
CA THR A 241 -0.04 44.75 -19.96
C THR A 241 0.43 46.03 -20.63
N VAL A 242 -0.49 47.01 -20.71
CA VAL A 242 -0.25 48.35 -21.24
C VAL A 242 0.19 49.22 -20.08
N TRP A 243 1.42 49.74 -20.15
CA TRP A 243 1.91 50.57 -19.05
C TRP A 243 1.75 52.05 -19.34
N SER A 244 1.59 52.42 -20.60
CA SER A 244 1.30 53.80 -21.00
C SER A 244 0.95 53.81 -22.47
N SER A 245 0.17 54.82 -22.86
CA SER A 245 -0.37 54.90 -24.22
C SER A 245 -0.83 56.32 -24.45
N ARG A 246 -1.35 56.59 -25.65
CA ARG A 246 -2.00 57.87 -25.86
C ARG A 246 -3.15 57.75 -26.85
N VAL A 247 -3.93 58.81 -26.95
CA VAL A 247 -5.20 58.79 -27.68
C VAL A 247 -5.04 59.58 -28.97
N HIS A 248 -5.57 59.02 -30.07
CA HIS A 248 -5.54 59.65 -31.38
C HIS A 248 -6.95 59.74 -31.92
N PRO A 249 -7.28 60.81 -32.66
CA PRO A 249 -8.62 60.95 -33.24
C PRO A 249 -8.88 59.93 -34.34
N LYS A 253 -15.77 55.86 -37.76
CA LYS A 253 -14.47 55.97 -38.41
C LYS A 253 -14.02 54.62 -38.96
N ALA A 254 -14.11 53.59 -38.12
CA ALA A 254 -13.68 52.26 -38.53
C ALA A 254 -14.44 51.22 -37.71
N GLN A 255 -14.40 49.98 -38.18
CA GLN A 255 -15.06 48.88 -37.49
C GLN A 255 -14.36 48.63 -36.15
N PRO A 256 -15.07 48.72 -35.03
CA PRO A 256 -14.45 48.36 -33.75
C PRO A 256 -14.22 46.86 -33.66
N GLY A 257 -12.95 46.47 -33.80
CA GLY A 257 -12.56 45.08 -33.93
C GLY A 257 -11.41 44.87 -34.89
N SER A 258 -11.23 45.76 -35.86
CA SER A 258 -10.11 45.68 -36.78
C SER A 258 -9.02 46.65 -36.38
N VAL A 259 -7.77 46.27 -36.65
CA VAL A 259 -6.62 47.10 -36.35
C VAL A 259 -6.30 47.94 -37.58
N ILE A 260 -6.26 49.26 -37.41
CA ILE A 260 -6.15 50.17 -38.54
C ILE A 260 -4.79 50.05 -39.20
N SER A 261 -3.72 50.06 -38.42
CA SER A 261 -2.36 50.12 -38.97
C SER A 261 -1.41 49.41 -38.03
N VAL A 262 -0.18 49.19 -38.53
CA VAL A 262 0.84 48.46 -37.79
C VAL A 262 2.06 49.31 -37.48
N ALA A 263 2.40 50.28 -38.33
CA ALA A 263 3.61 51.07 -38.15
C ALA A 263 3.27 52.55 -38.25
N PRO A 264 2.93 53.18 -37.12
CA PRO A 264 2.77 52.61 -35.78
C PRO A 264 1.44 51.88 -35.67
N LEU A 265 1.24 51.04 -34.65
CA LEU A 265 0.10 50.12 -34.63
C LEU A 265 -1.02 50.71 -33.78
N LEU A 266 -2.22 50.78 -34.36
CA LEU A 266 -3.36 51.46 -33.76
C LEU A 266 -4.42 50.47 -33.32
N ILE A 267 -5.13 50.80 -32.25
CA ILE A 267 -6.26 50.01 -31.78
C ILE A 267 -7.51 50.87 -31.81
N ALA A 268 -8.43 50.57 -32.71
CA ALA A 268 -9.66 51.34 -32.81
C ALA A 268 -10.60 51.01 -31.66
N CYS A 269 -11.49 51.94 -31.35
CA CYS A 269 -12.41 51.80 -30.22
C CYS A 269 -13.73 52.52 -30.52
N GLY A 270 -14.50 52.76 -29.46
CA GLY A 270 -15.80 53.41 -29.64
C GLY A 270 -15.70 54.78 -30.29
N ASP A 271 -14.67 55.53 -29.95
CA ASP A 271 -14.41 56.83 -30.58
C ASP A 271 -12.91 57.04 -30.63
N GLY A 272 -12.38 57.29 -31.83
CA GLY A 272 -10.95 57.44 -32.00
C GLY A 272 -10.21 56.12 -31.95
N ALA A 273 -8.94 56.22 -31.56
CA ALA A 273 -8.03 55.07 -31.51
C ALA A 273 -7.00 55.29 -30.40
N LEU A 274 -6.38 54.20 -29.99
CA LEU A 274 -5.38 54.20 -28.94
C LEU A 274 -4.06 53.70 -29.50
N GLU A 275 -2.96 54.31 -29.09
CA GLU A 275 -1.63 53.87 -29.47
C GLU A 275 -0.87 53.42 -28.23
N ILE A 276 -0.37 52.19 -28.26
CA ILE A 276 0.53 51.66 -27.25
C ILE A 276 1.89 52.33 -27.42
N VAL A 277 2.42 52.87 -26.33
CA VAL A 277 3.79 53.39 -26.37
C VAL A 277 4.72 52.51 -25.55
N THR A 278 4.26 52.04 -24.39
CA THR A 278 5.03 51.11 -23.58
C THR A 278 4.10 50.03 -23.03
N GLY A 279 4.58 48.79 -23.09
CA GLY A 279 3.84 47.66 -22.56
C GLY A 279 4.61 46.40 -22.84
N GLN A 280 4.28 45.35 -22.07
CA GLN A 280 4.99 44.09 -22.22
C GLN A 280 4.03 42.92 -22.04
N ALA A 281 4.35 41.82 -22.71
CA ALA A 281 3.54 40.61 -22.69
C ALA A 281 3.81 39.85 -21.39
N GLY A 282 2.81 39.79 -20.52
CA GLY A 282 2.96 39.07 -19.27
C GLY A 282 4.06 39.65 -18.41
N ASP A 283 4.90 38.76 -17.88
CA ASP A 283 6.02 39.15 -17.04
C ASP A 283 7.29 39.43 -17.84
N GLY A 284 7.16 39.76 -19.12
CA GLY A 284 8.32 40.02 -19.95
C GLY A 284 8.87 41.42 -19.75
N ILE A 285 9.88 41.73 -20.55
CA ILE A 285 10.54 43.03 -20.47
C ILE A 285 9.77 44.04 -21.32
N THR A 286 9.78 45.30 -20.87
CA THR A 286 9.15 46.38 -21.61
C THR A 286 9.78 46.50 -23.01
N MET A 287 8.95 46.74 -24.02
CA MET A 287 9.44 46.83 -25.38
C MET A 287 8.37 47.56 -26.19
N GLN A 288 8.76 48.13 -27.32
CA GLN A 288 7.85 48.93 -28.13
C GLN A 288 6.85 48.01 -28.86
N GLY A 289 5.86 48.62 -29.52
CA GLY A 289 4.73 47.86 -30.02
C GLY A 289 5.08 46.82 -31.09
N SER A 290 6.17 47.03 -31.81
CA SER A 290 6.42 46.21 -33.00
C SER A 290 6.68 44.75 -32.66
N GLN A 291 7.40 44.48 -31.57
CA GLN A 291 7.67 43.09 -31.19
C GLN A 291 6.36 42.39 -30.81
N LEU A 292 5.48 43.10 -30.10
CA LEU A 292 4.17 42.56 -29.82
C LEU A 292 3.40 42.30 -31.12
N ALA A 293 3.53 43.19 -32.09
CA ALA A 293 2.83 43.02 -33.35
C ALA A 293 3.36 41.81 -34.12
N GLN A 294 4.63 41.48 -33.92
CA GLN A 294 5.20 40.38 -34.69
C GLN A 294 5.01 39.04 -33.99
N THR A 295 4.89 39.04 -32.66
CA THR A 295 4.67 37.79 -31.95
C THR A 295 3.19 37.48 -31.80
N LEU A 296 2.43 38.43 -31.25
CA LEU A 296 1.02 38.20 -30.93
C LEU A 296 0.17 37.97 -32.17
N GLY A 297 0.55 38.51 -33.32
CA GLY A 297 -0.22 38.31 -34.52
C GLY A 297 -1.04 39.50 -34.96
N LEU A 298 -0.48 40.70 -34.88
CA LEU A 298 -1.22 41.90 -35.26
C LEU A 298 -1.42 41.93 -36.76
N VAL A 299 -2.39 42.74 -37.20
CA VAL A 299 -2.77 42.82 -38.61
C VAL A 299 -2.74 44.27 -39.05
N GLN A 300 -2.76 44.46 -40.36
CA GLN A 300 -2.80 45.80 -40.93
C GLN A 300 -4.24 46.18 -41.30
N MET B 1 28.67 54.92 -35.45
CA MET B 1 28.09 56.05 -34.75
C MET B 1 27.14 55.46 -33.70
N LYS B 2 26.89 54.16 -33.84
CA LYS B 2 26.00 53.39 -32.99
C LYS B 2 26.78 52.55 -31.97
N THR B 3 26.12 52.30 -30.83
CA THR B 3 26.72 51.53 -29.75
C THR B 3 25.70 50.50 -29.25
N VAL B 4 26.20 49.42 -28.66
CA VAL B 4 25.37 48.40 -28.03
C VAL B 4 25.87 48.17 -26.62
N VAL B 5 25.25 48.84 -25.66
CA VAL B 5 25.74 48.91 -24.28
C VAL B 5 25.46 47.58 -23.58
N PHE B 6 26.33 47.25 -22.63
CA PHE B 6 26.14 46.14 -21.71
C PHE B 6 26.04 46.78 -20.31
N ALA B 7 24.85 47.24 -19.96
CA ALA B 7 24.67 48.06 -18.77
C ALA B 7 23.63 47.45 -17.85
N TYR B 8 23.64 47.89 -16.59
CA TYR B 8 22.71 47.39 -15.59
C TYR B 8 22.69 48.34 -14.40
N HIS B 9 21.53 48.41 -13.74
CA HIS B 9 21.35 49.10 -12.47
C HIS B 9 21.51 50.60 -12.70
N ASP B 10 21.50 51.40 -11.63
CA ASP B 10 21.49 52.85 -11.80
C ASP B 10 22.82 53.39 -12.33
N MET B 11 23.93 52.68 -12.07
CA MET B 11 25.16 53.01 -12.81
C MET B 11 24.93 52.94 -14.31
N GLY B 12 24.33 51.84 -14.78
CA GLY B 12 24.03 51.73 -16.19
C GLY B 12 23.07 52.80 -16.67
N CYS B 13 22.05 53.09 -15.85
CA CYS B 13 21.08 54.11 -16.21
C CYS B 13 21.77 55.45 -16.47
N LEU B 14 22.58 55.90 -15.50
CA LEU B 14 23.27 57.17 -15.67
C LEU B 14 24.30 57.11 -16.79
N GLY B 15 24.85 55.93 -17.05
CA GLY B 15 25.72 55.79 -18.21
C GLY B 15 24.99 56.07 -19.51
N ILE B 16 23.79 55.51 -19.67
CA ILE B 16 22.99 55.78 -20.87
C ILE B 16 22.63 57.26 -20.94
N GLU B 17 22.22 57.85 -19.82
CA GLU B 17 21.86 59.26 -19.85
C GLU B 17 23.04 60.12 -20.26
N ALA B 18 24.23 59.84 -19.71
CA ALA B 18 25.41 60.60 -20.07
C ALA B 18 25.75 60.43 -21.55
N LEU B 19 25.73 59.19 -22.05
CA LEU B 19 26.13 58.96 -23.44
C LEU B 19 25.11 59.55 -24.41
N LEU B 20 23.83 59.58 -24.03
CA LEU B 20 22.84 60.24 -24.87
C LEU B 20 22.99 61.75 -24.81
N ALA B 21 23.40 62.29 -23.66
CA ALA B 21 23.77 63.69 -23.61
C ALA B 21 25.01 63.98 -24.47
N ALA B 22 25.83 62.98 -24.73
CA ALA B 22 26.96 63.10 -25.64
C ALA B 22 26.55 62.99 -27.10
N GLY B 23 25.29 62.66 -27.37
CA GLY B 23 24.80 62.57 -28.73
C GLY B 23 24.90 61.20 -29.37
N TYR B 24 25.59 60.25 -28.75
CA TYR B 24 25.67 58.90 -29.30
C TYR B 24 24.31 58.21 -29.27
N GLU B 25 23.98 57.53 -30.36
CA GLU B 25 22.74 56.80 -30.51
C GLU B 25 23.01 55.36 -30.09
N ILE B 26 22.07 54.76 -29.37
CA ILE B 26 22.23 53.43 -28.82
C ILE B 26 21.34 52.47 -29.60
N SER B 27 21.92 51.38 -30.09
CA SER B 27 21.14 50.37 -30.80
C SER B 27 20.14 49.69 -29.87
N ALA B 28 20.65 48.99 -28.85
CA ALA B 28 19.80 48.32 -27.88
C ALA B 28 20.62 48.04 -26.63
N ILE B 29 19.93 47.75 -25.53
CA ILE B 29 20.56 47.41 -24.26
C ILE B 29 20.46 45.91 -24.08
N PHE B 30 21.61 45.24 -24.03
CA PHE B 30 21.67 43.81 -23.80
C PHE B 30 21.94 43.53 -22.34
N THR B 31 20.87 43.46 -21.55
CA THR B 31 20.96 43.01 -20.16
C THR B 31 20.07 41.79 -20.01
N HIS B 32 20.45 40.88 -19.12
CA HIS B 32 19.70 39.66 -18.90
C HIS B 32 18.37 39.98 -18.25
N THR B 33 17.41 39.07 -18.41
CA THR B 33 16.08 39.28 -17.86
C THR B 33 16.14 39.37 -16.34
N ASP B 34 15.59 40.46 -15.82
CA ASP B 34 15.63 40.72 -14.38
C ASP B 34 14.30 40.40 -13.72
N PHE B 41 10.55 49.50 -9.26
CA PHE B 41 10.22 50.78 -8.64
C PHE B 41 11.14 51.89 -9.10
N TYR B 42 12.40 51.57 -9.33
CA TYR B 42 13.33 52.54 -9.89
C TYR B 42 13.16 52.62 -11.41
N GLY B 43 13.83 53.59 -12.02
CA GLY B 43 13.73 53.75 -13.46
C GLY B 43 14.40 52.60 -14.20
N SER B 44 13.56 51.77 -14.82
CA SER B 44 14.03 50.65 -15.62
C SER B 44 14.55 51.19 -16.95
N VAL B 45 15.72 50.70 -17.37
CA VAL B 45 16.33 51.15 -18.63
C VAL B 45 15.40 50.88 -19.80
N ALA B 46 14.68 49.75 -19.75
CA ALA B 46 13.74 49.44 -20.82
C ALA B 46 12.66 50.51 -20.92
N ARG B 47 12.17 51.01 -19.79
CA ARG B 47 11.17 52.07 -19.83
C ARG B 47 11.72 53.33 -20.49
N LEU B 48 12.95 53.71 -20.12
CA LEU B 48 13.57 54.89 -20.71
C LEU B 48 13.70 54.73 -22.21
N ALA B 49 14.23 53.59 -22.64
CA ALA B 49 14.37 53.35 -24.07
C ALA B 49 13.02 53.35 -24.77
N ALA B 50 11.98 52.88 -24.07
CA ALA B 50 10.65 52.83 -24.69
C ALA B 50 10.09 54.23 -24.91
N GLU B 51 10.25 55.11 -23.92
CA GLU B 51 9.66 56.43 -24.03
C GLU B 51 10.46 57.36 -24.94
N ARG B 52 11.79 57.22 -24.96
CA ARG B 52 12.58 57.84 -26.03
C ARG B 52 12.65 57.01 -27.31
N GLY B 53 11.97 55.87 -27.35
CA GLY B 53 11.85 55.10 -28.58
C GLY B 53 13.12 54.44 -29.09
N ILE B 54 13.67 53.49 -28.34
CA ILE B 54 14.80 52.68 -28.76
C ILE B 54 14.52 51.23 -28.41
N PRO B 55 14.76 50.28 -29.31
CA PRO B 55 14.56 48.87 -28.97
C PRO B 55 15.53 48.42 -27.88
N VAL B 56 15.12 47.44 -27.10
CA VAL B 56 15.93 46.85 -26.04
C VAL B 56 15.69 45.35 -26.01
N TYR B 57 16.77 44.58 -26.17
CA TYR B 57 16.69 43.13 -26.26
C TYR B 57 17.36 42.52 -25.03
N ALA B 58 16.70 41.52 -24.45
CA ALA B 58 17.14 40.91 -23.20
C ALA B 58 17.23 39.39 -23.36
N PRO B 59 18.24 38.91 -24.06
CA PRO B 59 18.36 37.47 -24.29
C PRO B 59 18.88 36.73 -23.06
N ASP B 60 18.63 35.43 -23.03
CA ASP B 60 19.20 34.57 -22.00
C ASP B 60 20.69 34.36 -22.21
N ASN B 61 21.16 34.44 -23.45
CA ASN B 61 22.57 34.26 -23.76
C ASN B 61 22.91 35.06 -25.01
N VAL B 62 24.09 35.68 -25.00
CA VAL B 62 24.61 36.37 -26.16
C VAL B 62 25.65 35.57 -26.91
N ASN B 63 26.12 34.45 -26.36
CA ASN B 63 27.16 33.63 -26.99
C ASN B 63 26.54 32.61 -27.94
N HIS B 64 25.91 33.13 -28.98
CA HIS B 64 25.27 32.35 -30.04
C HIS B 64 25.64 32.98 -31.37
N PRO B 65 25.67 32.20 -32.45
CA PRO B 65 26.05 32.78 -33.75
C PRO B 65 25.15 33.89 -34.24
N LEU B 66 23.83 33.82 -34.01
CA LEU B 66 22.93 34.75 -34.69
C LEU B 66 22.96 36.14 -34.07
N TRP B 67 22.90 36.24 -32.73
CA TRP B 67 22.98 37.57 -32.14
C TRP B 67 24.27 38.27 -32.50
N VAL B 68 25.39 37.57 -32.33
CA VAL B 68 26.68 38.16 -32.70
C VAL B 68 26.71 38.44 -34.20
N GLU B 69 25.89 37.75 -34.98
CA GLU B 69 25.83 38.05 -36.41
C GLU B 69 25.15 39.39 -36.66
N ARG B 70 24.07 39.70 -35.93
CA ARG B 70 23.52 41.05 -36.08
C ARG B 70 24.49 42.11 -35.54
N ILE B 71 25.15 41.83 -34.41
CA ILE B 71 26.15 42.79 -33.92
C ILE B 71 27.28 42.95 -34.94
N ALA B 72 27.52 41.93 -35.74
CA ALA B 72 28.56 42.01 -36.77
C ALA B 72 28.11 42.89 -37.93
N GLN B 73 27.00 42.55 -38.58
CA GLN B 73 26.70 43.22 -39.83
C GLN B 73 25.85 44.48 -39.63
N LEU B 74 25.50 44.82 -38.39
CA LEU B 74 25.04 46.18 -38.12
C LEU B 74 26.22 47.12 -37.85
N SER B 75 27.36 46.57 -37.44
CA SER B 75 28.61 47.30 -37.31
C SER B 75 28.53 48.55 -36.42
N PRO B 76 28.43 48.38 -35.10
CA PRO B 76 28.62 49.53 -34.21
C PRO B 76 30.07 49.98 -34.21
N ASP B 77 30.35 51.10 -33.54
CA ASP B 77 31.72 51.59 -33.54
C ASP B 77 32.39 51.51 -32.17
N VAL B 78 31.62 51.33 -31.08
CA VAL B 78 32.22 51.07 -29.78
C VAL B 78 31.21 50.33 -28.91
N ILE B 79 31.71 49.64 -27.89
CA ILE B 79 30.91 48.99 -26.86
C ILE B 79 31.28 49.61 -25.51
N PHE B 80 30.28 49.98 -24.72
CA PHE B 80 30.51 50.43 -23.35
C PHE B 80 29.86 49.45 -22.37
N SER B 81 30.52 49.28 -21.23
CA SER B 81 30.05 48.43 -20.14
C SER B 81 30.11 49.23 -18.85
N PHE B 82 28.95 49.42 -18.23
CA PHE B 82 28.81 50.20 -17.00
C PHE B 82 28.62 49.24 -15.83
N TYR B 83 29.68 49.04 -15.05
CA TYR B 83 29.66 48.21 -13.84
C TYR B 83 29.12 46.80 -14.12
N TYR B 84 29.33 46.29 -15.32
CA TYR B 84 28.91 44.92 -15.63
C TYR B 84 29.98 43.94 -15.15
N ARG B 85 29.65 42.65 -15.18
CA ARG B 85 30.55 41.63 -14.62
C ARG B 85 30.87 40.51 -15.60
N HIS B 86 30.21 40.46 -16.75
CA HIS B 86 30.43 39.39 -17.72
C HIS B 86 31.47 39.80 -18.75
N LEU B 87 32.08 38.79 -19.38
CA LEU B 87 33.09 39.02 -20.39
C LEU B 87 32.47 39.19 -21.76
N ILE B 88 33.04 40.07 -22.57
CA ILE B 88 32.71 40.22 -23.98
C ILE B 88 33.81 39.54 -24.77
N TYR B 89 33.52 38.39 -25.36
CA TYR B 89 34.53 37.57 -25.99
C TYR B 89 34.93 38.12 -27.37
N ASP B 90 36.10 37.67 -27.83
CA ASP B 90 36.87 38.37 -28.85
C ASP B 90 36.14 38.51 -30.18
N GLU B 91 35.23 37.58 -30.52
CA GLU B 91 34.56 37.66 -31.81
C GLU B 91 33.78 38.96 -31.97
N ILE B 92 33.40 39.58 -30.86
CA ILE B 92 32.73 40.88 -30.93
C ILE B 92 33.74 42.02 -30.83
N LEU B 93 34.79 41.84 -30.03
CA LEU B 93 35.77 42.90 -29.85
C LEU B 93 36.52 43.21 -31.14
N GLN B 94 36.96 42.18 -31.86
CA GLN B 94 37.76 42.47 -33.05
C GLN B 94 36.92 43.03 -34.19
N LEU B 95 35.60 42.82 -34.16
CA LEU B 95 34.73 43.48 -35.12
C LEU B 95 34.51 44.95 -34.75
N ALA B 96 34.39 45.24 -33.46
CA ALA B 96 34.24 46.62 -33.02
C ALA B 96 35.58 47.34 -33.13
N PRO B 97 35.66 48.44 -33.88
CA PRO B 97 36.96 49.11 -34.03
C PRO B 97 37.46 49.73 -32.73
N ALA B 98 36.65 50.54 -32.07
CA ALA B 98 37.06 51.14 -30.81
C ALA B 98 37.08 50.15 -29.66
N GLY B 99 36.35 49.04 -29.77
CA GLY B 99 36.33 48.00 -28.76
C GLY B 99 35.40 48.32 -27.61
N ALA B 100 35.64 47.64 -26.49
CA ALA B 100 34.81 47.76 -25.31
C ALA B 100 35.56 48.46 -24.19
N PHE B 101 34.90 49.47 -23.62
CA PHE B 101 35.38 50.21 -22.47
C PHE B 101 34.46 49.94 -21.29
N ASN B 102 35.03 49.53 -20.17
CA ASN B 102 34.23 49.25 -18.98
C ASN B 102 34.65 50.15 -17.83
N LEU B 103 33.64 50.60 -17.08
CA LEU B 103 33.82 51.36 -15.85
C LEU B 103 33.73 50.38 -14.69
N HIS B 104 34.79 50.31 -13.89
CA HIS B 104 34.81 49.45 -12.71
C HIS B 104 35.34 50.21 -11.52
N GLY B 105 34.69 50.05 -10.36
CA GLY B 105 35.06 50.77 -9.17
C GLY B 105 36.07 50.07 -8.30
N SER B 106 37.31 49.95 -8.79
CA SER B 106 38.38 49.34 -8.01
C SER B 106 39.72 49.84 -8.54
N LEU B 107 40.71 49.82 -7.65
CA LEU B 107 42.08 50.23 -8.00
C LEU B 107 42.80 49.05 -8.62
N LEU B 108 42.78 48.97 -9.95
CA LEU B 108 43.45 47.89 -10.66
C LEU B 108 44.96 48.00 -10.47
N PRO B 109 45.68 46.87 -10.49
CA PRO B 109 45.20 45.49 -10.63
C PRO B 109 44.93 44.86 -9.27
N LYS B 110 44.53 45.66 -8.29
CA LYS B 110 44.56 45.23 -6.90
C LYS B 110 43.16 45.19 -6.30
N TYR B 111 42.85 44.06 -5.66
CA TYR B 111 41.52 43.75 -5.13
C TYR B 111 40.45 43.76 -6.22
N ARG B 112 40.56 42.82 -7.15
CA ARG B 112 39.50 42.61 -8.13
C ARG B 112 38.37 41.79 -7.52
N GLY B 113 37.21 41.81 -8.18
CA GLY B 113 36.13 40.93 -7.77
C GLY B 113 34.82 41.59 -7.40
N ARG B 114 34.05 40.92 -6.54
CA ARG B 114 32.68 41.32 -6.22
C ARG B 114 32.63 42.14 -4.95
N ALA B 115 31.62 43.00 -4.85
CA ALA B 115 31.38 43.84 -3.70
C ALA B 115 32.64 44.61 -3.25
N PRO B 116 33.24 45.41 -4.14
CA PRO B 116 34.36 46.25 -3.69
C PRO B 116 33.96 47.23 -2.60
N LEU B 117 32.71 47.69 -2.60
CA LEU B 117 32.28 48.75 -1.70
C LEU B 117 32.46 48.34 -0.23
N ASN B 118 31.99 47.15 0.12
CA ASN B 118 32.08 46.71 1.51
C ASN B 118 33.50 46.35 1.88
N TRP B 119 34.30 45.89 0.91
CA TRP B 119 35.70 45.63 1.21
C TRP B 119 36.50 46.91 1.51
N VAL B 120 36.29 47.98 0.75
CA VAL B 120 37.06 49.19 1.09
C VAL B 120 36.67 49.64 2.49
N LEU B 121 35.40 49.49 2.84
CA LEU B 121 34.92 49.81 4.17
C LEU B 121 35.56 48.95 5.24
N VAL B 122 35.76 47.65 4.97
CA VAL B 122 36.34 46.76 5.97
C VAL B 122 37.69 47.28 6.45
N ASN B 123 38.56 47.67 5.52
CA ASN B 123 39.85 48.25 5.86
C ASN B 123 39.76 49.73 6.21
N GLY B 124 38.62 50.36 5.94
CA GLY B 124 38.47 51.78 6.19
C GLY B 124 39.43 52.64 5.41
N GLU B 125 39.77 52.25 4.19
CA GLU B 125 40.71 53.01 3.38
C GLU B 125 40.12 54.36 3.01
N THR B 126 40.88 55.41 3.27
CA THR B 126 40.45 56.79 3.01
C THR B 126 40.57 57.15 1.53
N GLU B 127 40.91 56.20 0.67
CA GLU B 127 41.12 56.47 -0.73
C GLU B 127 40.60 55.30 -1.55
N THR B 128 39.57 55.56 -2.35
CA THR B 128 39.06 54.60 -3.32
C THR B 128 39.08 55.28 -4.68
N GLY B 129 38.62 54.57 -5.70
CA GLY B 129 38.60 55.17 -7.02
C GLY B 129 37.90 54.29 -8.02
N VAL B 130 37.76 54.82 -9.22
CA VAL B 130 37.09 54.16 -10.34
C VAL B 130 38.02 54.20 -11.54
N THR B 131 37.82 53.28 -12.48
CA THR B 131 38.71 53.13 -13.63
C THR B 131 37.92 52.73 -14.86
N LEU B 132 38.16 53.44 -15.97
CA LEU B 132 37.66 53.06 -17.28
C LEU B 132 38.79 52.36 -18.02
N HIS B 133 38.54 51.14 -18.49
CA HIS B 133 39.62 50.34 -19.06
C HIS B 133 39.14 49.51 -20.24
N ARG B 134 40.11 49.10 -21.07
CA ARG B 134 39.84 48.37 -22.30
C ARG B 134 40.18 46.90 -22.17
N MET B 135 39.46 46.06 -22.91
CA MET B 135 39.81 44.66 -23.05
C MET B 135 40.64 44.47 -24.32
N VAL B 136 41.64 43.61 -24.24
CA VAL B 136 42.46 43.26 -25.39
C VAL B 136 42.46 41.73 -25.51
N LYS B 137 43.25 41.20 -26.44
CA LYS B 137 43.35 39.75 -26.58
C LYS B 137 43.76 39.10 -25.26
N ARG B 138 44.64 39.76 -24.51
CA ARG B 138 45.01 39.27 -23.19
C ARG B 138 44.02 39.76 -22.15
N ALA B 139 43.30 38.81 -21.54
CA ALA B 139 42.20 39.16 -20.66
C ALA B 139 42.70 39.79 -19.36
N ASP B 140 42.11 40.93 -18.99
CA ASP B 140 42.34 41.58 -17.70
C ASP B 140 43.80 42.01 -17.54
N ALA B 141 44.53 42.09 -18.65
CA ALA B 141 45.91 42.53 -18.64
C ALA B 141 46.21 43.63 -19.64
N GLY B 142 45.20 44.19 -20.30
CA GLY B 142 45.43 45.24 -21.27
C GLY B 142 45.61 46.60 -20.64
N ALA B 143 45.82 47.59 -21.50
CA ALA B 143 46.01 48.96 -21.03
C ALA B 143 44.69 49.53 -20.51
N ILE B 144 44.81 50.39 -19.51
CA ILE B 144 43.67 51.09 -18.94
C ILE B 144 43.59 52.48 -19.57
N VAL B 145 42.45 53.15 -19.43
CA VAL B 145 42.24 54.42 -20.12
C VAL B 145 42.33 55.60 -19.16
N ALA B 146 41.44 55.62 -18.17
CA ALA B 146 41.38 56.76 -17.26
C ALA B 146 41.01 56.27 -15.87
N GLN B 147 41.33 57.08 -14.87
CA GLN B 147 41.12 56.72 -13.48
C GLN B 147 40.78 57.96 -12.67
N LEU B 148 39.87 57.79 -11.71
CA LEU B 148 39.44 58.87 -10.83
C LEU B 148 39.55 58.46 -9.37
N ARG B 149 39.90 59.42 -8.53
CA ARG B 149 40.08 59.25 -7.09
C ARG B 149 38.86 59.75 -6.35
N ILE B 150 38.64 59.23 -5.13
CA ILE B 150 37.55 59.65 -4.28
C ILE B 150 37.89 59.21 -2.85
N ALA B 151 37.39 59.95 -1.87
CA ALA B 151 37.58 59.60 -0.48
C ALA B 151 36.25 59.29 0.20
N ILE B 152 36.31 58.72 1.39
CA ILE B 152 35.12 58.42 2.18
C ILE B 152 35.16 59.27 3.44
N ALA B 153 34.03 59.91 3.75
CA ALA B 153 33.90 60.75 4.93
C ALA B 153 33.62 59.90 6.16
N PRO B 154 33.96 60.39 7.36
CA PRO B 154 33.70 59.62 8.58
C PRO B 154 32.23 59.35 8.84
N ASP B 155 31.32 60.19 8.32
CA ASP B 155 29.90 60.07 8.61
C ASP B 155 29.14 59.26 7.58
N ASP B 156 29.83 58.67 6.60
CA ASP B 156 29.15 57.99 5.50
C ASP B 156 28.40 56.76 5.98
N ILE B 157 27.20 56.56 5.44
CA ILE B 157 26.46 55.31 5.61
C ILE B 157 26.38 54.72 4.20
N ALA B 158 25.82 53.50 4.08
CA ALA B 158 25.86 52.80 2.80
C ALA B 158 25.19 53.61 1.70
N ILE B 159 23.96 54.08 1.94
CA ILE B 159 23.21 54.72 0.87
C ILE B 159 23.81 56.07 0.50
N THR B 160 24.31 56.83 1.47
CA THR B 160 24.87 58.14 1.15
C THR B 160 26.14 57.98 0.31
N LEU B 161 26.97 57.00 0.66
CA LEU B 161 28.20 56.80 -0.09
C LEU B 161 27.91 56.19 -1.46
N HIS B 162 26.85 55.38 -1.58
CA HIS B 162 26.39 54.97 -2.91
C HIS B 162 25.98 56.18 -3.73
N HIS B 163 25.24 57.12 -3.13
CA HIS B 163 24.86 58.32 -3.84
C HIS B 163 26.07 59.12 -4.27
N LYS B 164 27.06 59.25 -3.38
CA LYS B 164 28.26 60.00 -3.71
C LYS B 164 29.05 59.34 -4.84
N LEU B 165 29.10 58.00 -4.84
CA LEU B 165 29.82 57.33 -5.92
C LEU B 165 29.04 57.41 -7.24
N CYS B 166 27.71 57.43 -7.19
CA CYS B 166 26.94 57.67 -8.40
C CYS B 166 27.16 59.09 -8.92
N HIS B 167 27.25 60.07 -8.02
CA HIS B 167 27.57 61.42 -8.44
C HIS B 167 28.97 61.47 -9.05
N ALA B 168 29.89 60.70 -8.49
CA ALA B 168 31.21 60.56 -9.09
C ALA B 168 31.11 59.97 -10.49
N ALA B 169 30.27 58.94 -10.66
CA ALA B 169 30.07 58.36 -11.98
C ALA B 169 29.60 59.42 -12.97
N ARG B 170 28.58 60.20 -12.60
CA ARG B 170 28.05 61.18 -13.56
C ARG B 170 29.09 62.24 -13.89
N GLN B 171 29.76 62.82 -12.88
CA GLN B 171 30.58 63.98 -13.23
C GLN B 171 31.86 63.51 -13.91
N LEU B 172 32.25 62.25 -13.67
CA LEU B 172 33.35 61.65 -14.41
C LEU B 172 32.98 61.46 -15.87
N LEU B 173 31.82 60.84 -16.13
CA LEU B 173 31.38 60.68 -17.51
C LEU B 173 31.29 62.03 -18.20
N GLU B 174 30.90 63.06 -17.44
CA GLU B 174 30.69 64.39 -18.02
C GLU B 174 31.89 64.88 -18.82
N GLN B 175 33.11 64.60 -18.37
CA GLN B 175 34.27 65.03 -19.15
C GLN B 175 35.08 63.89 -19.75
N THR B 176 34.82 62.62 -19.39
CA THR B 176 35.47 61.56 -20.17
C THR B 176 34.77 61.28 -21.49
N LEU B 177 33.47 61.57 -21.61
CA LEU B 177 32.83 61.39 -22.92
C LEU B 177 33.42 62.28 -24.00
N PRO B 178 33.59 63.59 -23.81
CA PRO B 178 34.20 64.40 -24.89
C PRO B 178 35.59 63.94 -25.29
N ALA B 179 36.35 63.42 -24.33
CA ALA B 179 37.68 62.91 -24.63
C ALA B 179 37.61 61.77 -25.63
N ILE B 180 36.64 60.86 -25.46
CA ILE B 180 36.51 59.76 -26.41
C ILE B 180 35.83 60.24 -27.69
N LYS B 181 35.06 61.34 -27.61
CA LYS B 181 34.47 61.89 -28.83
C LYS B 181 35.52 62.44 -29.79
N HIS B 182 36.49 63.20 -29.28
CA HIS B 182 37.43 63.82 -30.20
C HIS B 182 38.48 62.85 -30.71
N GLY B 183 38.57 61.66 -30.14
CA GLY B 183 39.45 60.63 -30.65
C GLY B 183 40.11 59.85 -29.54
N ASN B 184 41.24 59.24 -29.87
CA ASN B 184 41.98 58.41 -28.93
C ASN B 184 42.56 59.25 -27.79
N ILE B 185 42.72 58.63 -26.64
CA ILE B 185 43.23 59.28 -25.44
C ILE B 185 44.48 58.54 -24.97
N LEU B 186 45.49 59.31 -24.56
CA LEU B 186 46.71 58.74 -24.00
C LEU B 186 46.36 57.86 -22.80
N GLU B 187 46.93 56.67 -22.75
CA GLU B 187 46.54 55.68 -21.76
C GLU B 187 47.53 55.65 -20.60
N ILE B 188 47.20 54.86 -19.59
CA ILE B 188 47.97 54.78 -18.35
C ILE B 188 48.60 53.40 -18.25
N ALA B 189 49.91 53.37 -18.03
CA ALA B 189 50.60 52.11 -17.81
C ALA B 189 50.23 51.55 -16.45
N GLN B 190 50.21 50.21 -16.34
CA GLN B 190 49.84 49.56 -15.10
C GLN B 190 51.07 49.21 -14.27
N ARG B 191 50.89 49.20 -12.96
CA ARG B 191 51.95 48.79 -12.04
C ARG B 191 51.77 47.31 -11.73
N GLU B 192 52.73 46.50 -12.19
CA GLU B 192 52.63 45.06 -12.00
C GLU B 192 52.90 44.66 -10.55
N ASN B 193 53.61 45.51 -9.80
CA ASN B 193 53.96 45.18 -8.43
C ASN B 193 52.77 45.28 -7.48
N GLU B 194 51.65 45.81 -7.94
CA GLU B 194 50.48 46.03 -7.09
C GLU B 194 49.28 45.19 -7.51
N ALA B 195 49.47 43.90 -7.75
CA ALA B 195 48.39 43.02 -8.15
C ALA B 195 48.06 42.03 -7.03
N THR B 196 46.79 41.97 -6.65
CA THR B 196 46.31 41.08 -5.61
C THR B 196 45.01 40.41 -6.05
N CYS B 197 44.75 39.23 -5.50
CA CYS B 197 43.54 38.47 -5.77
C CYS B 197 42.88 38.05 -4.47
N PHE B 198 41.56 38.19 -4.39
CA PHE B 198 40.81 37.90 -3.17
C PHE B 198 39.49 37.22 -3.52
N GLY B 199 38.87 36.64 -2.50
CA GLY B 199 37.64 35.88 -2.68
C GLY B 199 36.40 36.69 -2.36
N ARG B 200 35.26 35.99 -2.33
CA ARG B 200 33.98 36.63 -2.10
C ARG B 200 33.65 36.71 -0.61
N ARG B 201 32.43 37.13 -0.30
CA ARG B 201 31.99 37.30 1.07
C ARG B 201 30.94 36.26 1.42
N THR B 202 30.79 35.97 2.71
CA THR B 202 29.76 35.06 3.20
C THR B 202 28.85 35.78 4.18
N PRO B 203 27.60 35.31 4.33
CA PRO B 203 26.71 35.91 5.34
C PRO B 203 27.26 35.83 6.75
N ASP B 204 28.05 34.80 7.04
CA ASP B 204 28.65 34.67 8.37
C ASP B 204 29.61 35.82 8.68
N ASP B 205 30.05 36.56 7.67
CA ASP B 205 30.86 37.75 7.92
C ASP B 205 30.07 38.85 8.61
N SER B 206 28.73 38.75 8.62
CA SER B 206 27.89 39.71 9.31
C SER B 206 27.77 39.44 10.80
N PHE B 207 28.16 38.25 11.25
CA PHE B 207 28.20 37.95 12.67
C PHE B 207 29.21 38.87 13.33
N LEU B 208 28.82 39.45 14.47
CA LEU B 208 29.71 40.34 15.19
C LEU B 208 30.59 39.54 16.14
N GLU B 209 31.88 39.43 15.80
CA GLU B 209 32.85 38.73 16.64
C GLU B 209 33.37 39.72 17.68
N TRP B 210 33.18 39.37 18.95
CA TRP B 210 33.44 40.29 20.05
C TRP B 210 34.91 40.52 20.33
N HIS B 211 35.82 39.75 19.71
CA HIS B 211 37.23 40.01 19.94
C HIS B 211 37.78 41.10 19.03
N LYS B 212 37.09 41.43 17.94
CA LYS B 212 37.52 42.53 17.09
C LYS B 212 37.34 43.87 17.79
N PRO B 213 38.17 44.86 17.47
CA PRO B 213 38.02 46.18 18.09
C PRO B 213 36.76 46.89 17.59
N ALA B 214 36.56 48.11 18.08
CA ALA B 214 35.35 48.86 17.76
C ALA B 214 35.30 49.29 16.30
N SER B 215 36.41 49.81 15.77
CA SER B 215 36.37 50.49 14.47
C SER B 215 35.94 49.55 13.35
N VAL B 216 36.44 48.32 13.36
CA VAL B 216 36.04 47.35 12.34
C VAL B 216 34.54 47.08 12.43
N LEU B 217 34.03 46.89 13.65
CA LEU B 217 32.59 46.74 13.79
C LEU B 217 31.84 47.95 13.26
N HIS B 218 32.41 49.14 13.41
CA HIS B 218 31.79 50.34 12.86
C HIS B 218 31.70 50.26 11.35
N ASN B 219 32.78 49.86 10.70
CA ASN B 219 32.75 49.79 9.24
C ASN B 219 31.77 48.73 8.74
N MET B 220 31.74 47.56 9.38
CA MET B 220 30.68 46.60 9.04
C MET B 220 29.29 47.18 9.22
N VAL B 221 29.00 47.76 10.38
CA VAL B 221 27.65 48.27 10.63
C VAL B 221 27.29 49.34 9.61
N ARG B 222 28.23 50.24 9.30
CA ARG B 222 27.96 51.28 8.31
C ARG B 222 27.87 50.70 6.91
N ALA B 223 28.37 49.48 6.70
CA ALA B 223 28.34 48.88 5.37
C ALA B 223 27.09 48.04 5.16
N VAL B 224 26.47 47.57 6.24
CA VAL B 224 25.32 46.66 6.16
C VAL B 224 23.99 47.37 6.40
N ALA B 225 23.93 48.66 6.12
CA ALA B 225 22.67 49.39 6.19
C ALA B 225 21.64 48.80 5.24
N ASP B 226 20.40 49.23 5.40
CA ASP B 226 19.30 48.74 4.59
C ASP B 226 19.55 49.08 3.12
N PRO B 227 19.14 48.23 2.17
CA PRO B 227 18.37 46.99 2.31
C PRO B 227 19.21 45.74 2.46
N TRP B 228 20.43 45.86 2.98
CA TRP B 228 21.23 44.68 3.26
C TRP B 228 20.73 44.00 4.53
N PRO B 229 21.01 42.70 4.68
CA PRO B 229 20.51 41.98 5.88
C PRO B 229 20.90 42.60 7.20
N GLY B 230 22.11 43.15 7.30
CA GLY B 230 22.57 43.75 8.53
C GLY B 230 23.47 42.82 9.33
N ALA B 231 24.22 43.41 10.26
CA ALA B 231 25.10 42.64 11.12
C ALA B 231 24.30 41.88 12.16
N PHE B 232 24.24 40.56 11.98
CA PHE B 232 23.33 39.70 12.72
C PHE B 232 24.11 38.79 13.65
N SER B 233 23.61 38.65 14.88
CA SER B 233 24.27 37.86 15.91
C SER B 233 23.22 37.16 16.77
N TYR B 234 23.64 36.06 17.37
CA TYR B 234 22.78 35.22 18.20
C TYR B 234 23.35 35.08 19.61
N VAL B 235 22.46 35.07 20.59
CA VAL B 235 22.81 34.75 21.97
C VAL B 235 21.79 33.76 22.49
N GLY B 236 22.27 32.68 23.11
CA GLY B 236 21.38 31.59 23.47
C GLY B 236 20.74 30.99 22.24
N ASN B 237 19.43 31.24 22.08
CA ASN B 237 18.71 30.86 20.88
C ASN B 237 17.97 32.04 20.27
N GLN B 238 18.50 33.25 20.44
CA GLN B 238 17.80 34.48 20.07
C GLN B 238 18.63 35.25 19.06
N LYS B 239 17.94 35.74 18.03
CA LYS B 239 18.49 36.43 16.88
C LYS B 239 18.35 37.93 17.05
N PHE B 240 19.36 38.69 16.60
CA PHE B 240 19.18 40.13 16.49
C PHE B 240 20.12 40.69 15.43
N THR B 241 19.80 41.90 14.98
CA THR B 241 20.56 42.60 13.95
C THR B 241 20.79 44.04 14.38
N VAL B 242 22.05 44.46 14.37
CA VAL B 242 22.42 45.82 14.75
C VAL B 242 22.40 46.67 13.49
N TRP B 243 21.85 47.89 13.59
CA TRP B 243 21.73 48.72 12.41
C TRP B 243 22.57 50.00 12.51
N SER B 244 22.95 50.40 13.72
CA SER B 244 23.78 51.58 13.94
C SER B 244 24.46 51.46 15.29
N SER B 245 25.58 52.17 15.45
CA SER B 245 26.48 51.92 16.56
C SER B 245 27.25 53.19 16.92
N ARG B 246 27.78 53.22 18.14
CA ARG B 246 28.65 54.31 18.56
C ARG B 246 29.61 53.85 19.66
N VAL B 247 30.56 54.71 20.01
CA VAL B 247 31.63 54.37 20.94
C VAL B 247 31.54 55.24 22.18
N HIS B 248 31.83 54.66 23.33
CA HIS B 248 32.15 55.41 24.53
C HIS B 248 33.45 54.86 25.11
N PRO B 249 34.33 55.74 25.62
CA PRO B 249 35.64 55.32 26.13
C PRO B 249 35.56 54.52 27.43
N LYS B 253 38.77 47.51 31.63
CA LYS B 253 39.29 46.18 31.92
C LYS B 253 38.15 45.19 32.19
N ALA B 254 37.50 44.74 31.11
CA ALA B 254 36.40 43.79 31.22
C ALA B 254 36.52 42.77 30.11
N GLN B 255 35.98 41.58 30.37
CA GLN B 255 35.99 40.52 29.38
C GLN B 255 35.08 40.89 28.21
N PRO B 256 35.41 40.49 26.98
CA PRO B 256 34.53 40.81 25.85
C PRO B 256 33.22 40.04 25.94
N GLY B 257 32.13 40.78 26.16
CA GLY B 257 30.81 40.21 26.33
C GLY B 257 30.19 40.46 27.68
N SER B 258 30.92 41.10 28.59
CA SER B 258 30.36 41.48 29.88
C SER B 258 29.43 42.67 29.71
N VAL B 259 28.49 42.81 30.64
CA VAL B 259 27.42 43.79 30.53
C VAL B 259 27.77 45.01 31.35
N ILE B 260 28.24 46.07 30.68
CA ILE B 260 28.67 47.28 31.39
C ILE B 260 27.46 48.01 31.96
N SER B 261 26.39 48.15 31.18
CA SER B 261 25.22 48.89 31.62
C SER B 261 24.01 48.38 30.85
N VAL B 262 22.82 48.74 31.34
CA VAL B 262 21.56 48.35 30.71
C VAL B 262 20.85 49.52 30.04
N ALA B 263 20.87 50.70 30.66
CA ALA B 263 20.17 51.87 30.11
C ALA B 263 21.19 52.99 29.94
N PRO B 264 21.82 53.06 28.76
CA PRO B 264 21.66 52.15 27.62
C PRO B 264 22.66 50.99 27.72
N LEU B 265 22.60 49.99 26.83
CA LEU B 265 23.35 48.74 27.02
C LEU B 265 24.70 48.83 26.33
N LEU B 266 25.77 48.59 27.10
CA LEU B 266 27.14 48.66 26.62
C LEU B 266 27.70 47.26 26.43
N ILE B 267 28.58 47.12 25.43
CA ILE B 267 29.29 45.87 25.17
C ILE B 267 30.78 46.14 25.29
N ALA B 268 31.48 45.28 26.03
CA ALA B 268 32.92 45.38 26.14
C ALA B 268 33.59 44.80 24.90
N CYS B 269 34.69 45.42 24.49
CA CYS B 269 35.45 45.01 23.31
C CYS B 269 36.94 45.07 23.63
N GLY B 270 37.76 44.97 22.58
CA GLY B 270 39.20 44.99 22.77
C GLY B 270 39.70 46.25 23.45
N ASP B 271 39.12 47.40 23.10
CA ASP B 271 39.47 48.67 23.74
C ASP B 271 38.26 49.59 23.65
N GLY B 272 37.73 49.99 24.80
CA GLY B 272 36.56 50.84 24.84
C GLY B 272 35.26 50.07 24.97
N ALA B 273 34.16 50.81 24.89
CA ALA B 273 32.82 50.27 25.03
C ALA B 273 31.97 50.64 23.82
N LEU B 274 31.10 49.71 23.44
CA LEU B 274 30.33 49.78 22.21
C LEU B 274 28.86 49.95 22.56
N GLU B 275 28.14 50.71 21.74
CA GLU B 275 26.70 50.91 21.92
C GLU B 275 25.94 50.62 20.64
N ILE B 276 24.87 49.83 20.78
CA ILE B 276 23.83 49.69 19.76
C ILE B 276 22.86 50.86 19.88
N VAL B 277 22.93 51.78 18.93
CA VAL B 277 21.93 52.85 18.89
C VAL B 277 20.59 52.30 18.44
N THR B 278 20.58 51.53 17.36
CA THR B 278 19.36 50.94 16.84
C THR B 278 19.59 49.46 16.51
N GLY B 279 18.58 48.65 16.77
CA GLY B 279 18.65 47.24 16.45
C GLY B 279 17.26 46.65 16.37
N GLN B 280 17.17 45.51 15.68
CA GLN B 280 15.92 44.80 15.52
C GLN B 280 16.09 43.36 16.00
N ALA B 281 15.04 42.85 16.64
CA ALA B 281 15.04 41.51 17.21
C ALA B 281 13.94 40.68 16.55
N GLY B 282 14.30 39.48 16.10
CA GLY B 282 13.31 38.57 15.53
C GLY B 282 12.61 39.17 14.33
N ASP B 283 11.29 39.04 14.33
CA ASP B 283 10.46 39.58 13.25
C ASP B 283 9.88 40.95 13.58
N GLY B 284 10.23 41.53 14.72
CA GLY B 284 9.70 42.82 15.12
C GLY B 284 10.42 43.97 14.46
N ILE B 285 9.96 45.18 14.78
CA ILE B 285 10.51 46.39 14.19
C ILE B 285 11.78 46.81 14.92
N THR B 286 12.50 47.76 14.33
CA THR B 286 13.74 48.26 14.90
C THR B 286 13.48 49.36 15.93
N MET B 287 14.27 49.35 17.00
CA MET B 287 14.25 50.41 18.01
C MET B 287 15.52 50.27 18.85
N GLN B 288 15.62 51.03 19.94
CA GLN B 288 16.86 51.12 20.69
C GLN B 288 16.93 50.01 21.74
N GLY B 289 18.13 49.87 22.31
CA GLY B 289 18.55 48.57 22.85
C GLY B 289 17.80 48.12 24.09
N SER B 290 16.97 49.01 24.67
CA SER B 290 16.27 48.65 25.89
C SER B 290 15.30 47.49 25.67
N GLN B 291 14.60 47.48 24.53
CA GLN B 291 13.73 46.33 24.25
C GLN B 291 14.56 45.07 24.16
N LEU B 292 15.73 45.16 23.54
CA LEU B 292 16.61 44.02 23.41
C LEU B 292 17.03 43.50 24.78
N ALA B 293 17.30 44.41 25.71
CA ALA B 293 17.73 43.98 27.04
C ALA B 293 16.56 43.47 27.87
N GLN B 294 15.31 43.80 27.48
CA GLN B 294 14.19 43.30 28.26
C GLN B 294 13.68 41.97 27.71
N THR B 295 13.70 41.79 26.38
CA THR B 295 13.40 40.47 25.83
C THR B 295 14.52 39.48 26.15
N LEU B 296 15.78 39.93 26.02
CA LEU B 296 16.91 39.13 26.44
C LEU B 296 16.99 39.02 27.96
N GLY B 297 16.37 39.94 28.69
CA GLY B 297 16.42 39.91 30.14
C GLY B 297 17.76 40.29 30.70
N LEU B 298 18.63 40.86 29.89
CA LEU B 298 20.02 41.03 30.25
C LEU B 298 20.17 42.26 31.16
N VAL B 299 20.95 42.12 32.23
CA VAL B 299 21.23 43.20 33.17
C VAL B 299 22.74 43.31 33.35
N GLN B 300 23.17 44.45 33.87
CA GLN B 300 24.58 44.71 34.12
C GLN B 300 25.02 44.11 35.46
N MET C 1 -32.73 8.64 64.62
CA MET C 1 -31.53 7.82 64.62
C MET C 1 -31.13 7.49 63.17
N LYS C 2 -30.91 8.55 62.41
CA LYS C 2 -30.58 8.44 61.00
C LYS C 2 -29.15 7.94 60.81
N THR C 3 -28.96 7.18 59.73
CA THR C 3 -27.65 6.60 59.44
C THR C 3 -27.49 6.49 57.93
N VAL C 4 -26.23 6.46 57.51
CA VAL C 4 -25.85 6.16 56.13
C VAL C 4 -24.90 4.98 56.17
N VAL C 5 -25.06 4.06 55.22
CA VAL C 5 -24.30 2.81 55.23
C VAL C 5 -23.35 2.79 54.04
N PHE C 6 -22.09 2.53 54.32
CA PHE C 6 -21.09 2.21 53.31
C PHE C 6 -20.79 0.73 53.45
N ALA C 7 -21.53 -0.09 52.71
CA ALA C 7 -21.41 -1.54 52.78
C ALA C 7 -21.53 -2.15 51.40
N TYR C 8 -21.29 -3.46 51.32
CA TYR C 8 -21.32 -4.19 50.07
C TYR C 8 -21.29 -5.68 50.38
N HIS C 9 -21.88 -6.47 49.49
CA HIS C 9 -21.87 -7.93 49.57
C HIS C 9 -22.75 -8.37 50.75
N ASP C 10 -22.73 -9.65 51.13
CA ASP C 10 -23.67 -10.13 52.12
C ASP C 10 -23.30 -9.69 53.53
N MET C 11 -22.03 -9.32 53.76
CA MET C 11 -21.70 -8.57 54.97
C MET C 11 -22.56 -7.31 55.06
N GLY C 12 -22.62 -6.55 53.96
CA GLY C 12 -23.46 -5.37 53.95
C GLY C 12 -24.93 -5.70 54.07
N CYS C 13 -25.36 -6.79 53.44
CA CYS C 13 -26.76 -7.19 53.53
C CYS C 13 -27.16 -7.44 54.98
N LEU C 14 -26.36 -8.23 55.70
CA LEU C 14 -26.67 -8.51 57.09
C LEU C 14 -26.50 -7.27 57.96
N GLY C 15 -25.61 -6.36 57.57
CA GLY C 15 -25.55 -5.08 58.25
C GLY C 15 -26.84 -4.31 58.15
N ILE C 16 -27.41 -4.24 56.94
CA ILE C 16 -28.71 -3.60 56.75
C ILE C 16 -29.77 -4.29 57.59
N GLU C 17 -29.74 -5.62 57.62
CA GLU C 17 -30.72 -6.36 58.43
C GLU C 17 -30.58 -5.99 59.91
N ALA C 18 -29.35 -5.89 60.40
CA ALA C 18 -29.13 -5.51 61.79
C ALA C 18 -29.64 -4.10 62.08
N LEU C 19 -29.35 -3.14 61.20
CA LEU C 19 -29.81 -1.78 61.44
C LEU C 19 -31.33 -1.68 61.38
N LEU C 20 -31.96 -2.35 60.42
CA LEU C 20 -33.41 -2.28 60.34
C LEU C 20 -34.06 -2.96 61.54
N ALA C 21 -33.45 -4.04 62.03
CA ALA C 21 -33.93 -4.66 63.26
C ALA C 21 -33.72 -3.77 64.47
N ALA C 22 -32.91 -2.73 64.34
CA ALA C 22 -32.70 -1.76 65.41
C ALA C 22 -33.58 -0.52 65.27
N GLY C 23 -34.09 -0.25 64.07
CA GLY C 23 -34.92 0.92 63.86
C GLY C 23 -34.21 2.11 63.25
N TYR C 24 -33.16 1.89 62.47
CA TYR C 24 -32.43 2.98 61.85
C TYR C 24 -33.13 3.40 60.55
N GLU C 25 -32.94 4.67 60.19
CA GLU C 25 -33.44 5.20 58.93
C GLU C 25 -32.23 5.51 58.04
N ILE C 26 -32.13 4.79 56.92
CA ILE C 26 -30.99 4.91 56.02
C ILE C 26 -31.31 5.95 54.97
N SER C 27 -30.49 7.00 54.90
CA SER C 27 -30.69 8.01 53.86
C SER C 27 -30.49 7.41 52.48
N ALA C 28 -29.40 6.67 52.28
CA ALA C 28 -29.13 5.96 51.04
C ALA C 28 -28.07 4.92 51.30
N ILE C 29 -28.03 3.90 50.44
CA ILE C 29 -27.05 2.83 50.51
C ILE C 29 -26.05 3.03 49.38
N PHE C 30 -24.88 3.56 49.72
CA PHE C 30 -23.80 3.78 48.76
C PHE C 30 -22.90 2.56 48.69
N THR C 31 -22.96 1.87 47.57
CA THR C 31 -22.17 0.68 47.29
C THR C 31 -21.56 0.84 45.89
N HIS C 32 -20.59 0.00 45.56
CA HIS C 32 -20.03 -0.06 44.23
C HIS C 32 -21.04 -0.68 43.27
N THR C 33 -20.99 -0.26 42.01
CA THR C 33 -21.84 -0.84 40.99
C THR C 33 -21.43 -2.29 40.73
N ASP C 34 -22.43 -3.14 40.56
CA ASP C 34 -22.19 -4.55 40.31
C ASP C 34 -21.98 -4.82 38.82
N PHE C 41 -28.36 -13.25 43.13
CA PHE C 41 -29.48 -14.16 43.37
C PHE C 41 -30.13 -13.89 44.71
N TYR C 42 -29.34 -13.39 45.66
CA TYR C 42 -29.85 -13.06 46.97
C TYR C 42 -30.72 -11.81 46.92
N GLY C 43 -31.49 -11.59 47.98
CA GLY C 43 -32.29 -10.39 48.07
C GLY C 43 -31.45 -9.14 48.05
N SER C 44 -31.52 -8.42 46.93
CA SER C 44 -30.74 -7.20 46.72
C SER C 44 -31.16 -6.15 47.75
N VAL C 45 -30.18 -5.50 48.36
CA VAL C 45 -30.48 -4.44 49.32
C VAL C 45 -31.28 -3.33 48.64
N ALA C 46 -31.02 -3.08 47.36
CA ALA C 46 -31.82 -2.13 46.61
C ALA C 46 -33.28 -2.56 46.59
N ARG C 47 -33.52 -3.87 46.46
CA ARG C 47 -34.90 -4.37 46.44
C ARG C 47 -35.59 -4.13 47.78
N LEU C 48 -34.92 -4.44 48.90
CA LEU C 48 -35.55 -4.23 50.21
C LEU C 48 -35.80 -2.75 50.45
N ALA C 49 -34.86 -1.90 50.05
CA ALA C 49 -35.06 -0.47 50.24
C ALA C 49 -36.17 0.05 49.32
N ALA C 50 -36.34 -0.55 48.15
CA ALA C 50 -37.35 -0.09 47.21
C ALA C 50 -38.74 -0.51 47.65
N GLU C 51 -38.87 -1.72 48.22
CA GLU C 51 -40.17 -2.15 48.71
C GLU C 51 -40.57 -1.38 49.97
N ARG C 52 -39.64 -0.63 50.55
CA ARG C 52 -39.93 0.27 51.66
C ARG C 52 -39.98 1.74 51.24
N GLY C 53 -39.65 2.05 50.00
CA GLY C 53 -39.61 3.42 49.53
C GLY C 53 -38.50 4.26 50.12
N ILE C 54 -37.29 3.71 50.18
CA ILE C 54 -36.12 4.41 50.70
C ILE C 54 -35.15 4.63 49.54
N PRO C 55 -34.72 5.86 49.27
CA PRO C 55 -33.85 6.10 48.12
C PRO C 55 -32.49 5.42 48.30
N VAL C 56 -31.92 4.96 47.19
CA VAL C 56 -30.60 4.35 47.15
C VAL C 56 -29.77 5.03 46.08
N TYR C 57 -28.56 5.43 46.43
CA TYR C 57 -27.59 5.99 45.50
C TYR C 57 -26.29 5.20 45.57
N ALA C 58 -25.80 4.79 44.42
CA ALA C 58 -24.56 4.01 44.32
C ALA C 58 -23.64 4.62 43.26
N PRO C 59 -23.07 5.79 43.53
CA PRO C 59 -22.19 6.41 42.55
C PRO C 59 -20.80 5.78 42.57
N ASP C 60 -20.05 6.06 41.50
CA ASP C 60 -18.68 5.55 41.40
C ASP C 60 -17.76 6.18 42.45
N ASN C 61 -18.08 7.37 42.93
CA ASN C 61 -17.26 8.02 43.95
C ASN C 61 -18.11 9.05 44.68
N VAL C 62 -17.73 9.30 45.94
CA VAL C 62 -18.33 10.37 46.74
C VAL C 62 -17.30 11.33 47.32
N ASN C 63 -16.02 11.15 47.01
CA ASN C 63 -14.96 11.90 47.68
C ASN C 63 -14.72 13.25 46.99
N HIS C 64 -15.82 13.97 46.76
CA HIS C 64 -15.80 15.27 46.11
C HIS C 64 -16.84 16.17 46.75
N PRO C 65 -16.75 17.50 46.54
CA PRO C 65 -17.48 18.43 47.42
C PRO C 65 -19.00 18.29 47.42
N LEU C 66 -19.65 17.98 46.28
CA LEU C 66 -21.11 18.03 46.29
C LEU C 66 -21.71 16.91 47.12
N TRP C 67 -21.17 15.69 47.00
CA TRP C 67 -21.61 14.64 47.92
C TRP C 67 -21.33 14.96 49.38
N VAL C 68 -20.16 15.49 49.72
CA VAL C 68 -19.90 15.77 51.13
C VAL C 68 -20.86 16.84 51.64
N GLU C 69 -21.17 17.82 50.78
CA GLU C 69 -22.14 18.85 51.15
C GLU C 69 -23.53 18.25 51.33
N ARG C 70 -23.92 17.33 50.46
CA ARG C 70 -25.23 16.70 50.59
C ARG C 70 -25.36 15.95 51.90
N ILE C 71 -24.33 15.15 52.24
CA ILE C 71 -24.38 14.43 53.52
C ILE C 71 -24.33 15.41 54.69
N ALA C 72 -23.62 16.53 54.55
CA ALA C 72 -23.63 17.53 55.61
C ALA C 72 -25.03 18.10 55.81
N GLN C 73 -25.73 18.41 54.72
CA GLN C 73 -27.09 18.93 54.83
C GLN C 73 -28.04 17.90 55.43
N LEU C 74 -27.91 16.63 55.05
CA LEU C 74 -28.84 15.63 55.58
C LEU C 74 -28.53 15.29 57.04
N SER C 75 -27.30 15.50 57.48
CA SER C 75 -26.92 15.38 58.88
C SER C 75 -27.20 13.99 59.48
N PRO C 76 -26.42 12.98 59.10
CA PRO C 76 -26.58 11.66 59.72
C PRO C 76 -25.94 11.62 61.10
N ASP C 77 -25.89 10.42 61.69
CA ASP C 77 -25.27 10.30 63.01
C ASP C 77 -24.13 9.29 63.01
N VAL C 78 -24.29 8.14 62.34
CA VAL C 78 -23.30 7.07 62.43
C VAL C 78 -23.05 6.49 61.05
N ILE C 79 -21.81 6.06 60.83
CA ILE C 79 -21.36 5.48 59.57
C ILE C 79 -20.80 4.09 59.89
N PHE C 80 -21.07 3.12 59.03
CA PHE C 80 -20.55 1.76 59.20
C PHE C 80 -19.84 1.30 57.96
N SER C 81 -18.93 0.33 58.14
CA SER C 81 -18.12 -0.21 57.06
C SER C 81 -18.04 -1.73 57.20
N PHE C 82 -18.68 -2.42 56.25
CA PHE C 82 -18.77 -3.88 56.22
C PHE C 82 -17.94 -4.35 55.03
N TYR C 83 -16.63 -4.54 55.24
CA TYR C 83 -15.71 -4.92 54.17
C TYR C 83 -15.83 -4.03 52.94
N TYR C 84 -16.16 -2.77 53.14
CA TYR C 84 -16.19 -1.81 52.03
C TYR C 84 -14.77 -1.43 51.63
N ARG C 85 -14.58 -1.12 50.35
CA ARG C 85 -13.24 -0.90 49.81
C ARG C 85 -12.84 0.57 49.82
N HIS C 86 -13.62 1.45 49.20
CA HIS C 86 -13.26 2.85 48.99
C HIS C 86 -13.11 3.57 50.32
N LEU C 87 -12.20 4.54 50.34
CA LEU C 87 -11.87 5.26 51.56
C LEU C 87 -12.98 6.25 51.95
N ILE C 88 -13.21 6.37 53.25
CA ILE C 88 -14.14 7.35 53.81
C ILE C 88 -13.29 8.45 54.41
N TYR C 89 -13.16 9.57 53.70
CA TYR C 89 -12.20 10.58 54.10
C TYR C 89 -12.78 11.50 55.18
N ASP C 90 -11.89 12.13 55.94
CA ASP C 90 -12.22 12.69 57.25
C ASP C 90 -13.31 13.75 57.20
N GLU C 91 -13.51 14.42 56.06
CA GLU C 91 -14.50 15.50 56.01
C GLU C 91 -15.91 14.97 56.28
N ILE C 92 -16.16 13.71 55.92
CA ILE C 92 -17.40 13.08 56.34
C ILE C 92 -17.28 12.58 57.77
N LEU C 93 -16.06 12.23 58.19
CA LEU C 93 -15.84 11.64 59.51
C LEU C 93 -16.21 12.59 60.64
N GLN C 94 -15.82 13.87 60.55
CA GLN C 94 -16.17 14.74 61.67
C GLN C 94 -17.66 15.05 61.71
N LEU C 95 -18.35 15.01 60.55
CA LEU C 95 -19.76 15.33 60.53
C LEU C 95 -20.59 14.36 61.35
N ALA C 96 -20.26 13.07 61.29
CA ALA C 96 -20.97 12.09 62.09
C ALA C 96 -20.53 12.20 63.55
N PRO C 97 -21.44 12.50 64.48
CA PRO C 97 -21.02 12.53 65.89
C PRO C 97 -20.68 11.16 66.43
N ALA C 98 -21.47 10.14 66.07
CA ALA C 98 -21.15 8.79 66.49
C ALA C 98 -19.90 8.24 65.80
N GLY C 99 -19.58 8.72 64.59
CA GLY C 99 -18.37 8.33 63.92
C GLY C 99 -18.61 7.21 62.91
N ALA C 100 -17.55 6.45 62.65
CA ALA C 100 -17.59 5.31 61.76
C ALA C 100 -17.05 4.06 62.46
N PHE C 101 -17.87 3.01 62.47
CA PHE C 101 -17.47 1.68 62.92
C PHE C 101 -17.23 0.79 61.71
N ASN C 102 -16.05 0.17 61.66
CA ASN C 102 -15.74 -0.73 60.56
C ASN C 102 -15.31 -2.08 61.11
N LEU C 103 -15.59 -3.15 60.38
CA LEU C 103 -15.21 -4.48 60.82
C LEU C 103 -13.94 -4.93 60.09
N HIS C 104 -12.98 -5.45 60.85
CA HIS C 104 -11.66 -5.84 60.36
C HIS C 104 -11.43 -7.32 60.67
N GLY C 105 -10.93 -8.06 59.68
CA GLY C 105 -10.90 -9.50 59.78
C GLY C 105 -9.56 -10.21 59.71
N SER C 106 -8.56 -9.74 60.46
CA SER C 106 -7.22 -10.31 60.31
C SER C 106 -6.73 -10.87 61.64
N LEU C 107 -5.64 -11.63 61.57
CA LEU C 107 -4.88 -12.03 62.75
C LEU C 107 -3.91 -10.92 63.13
N LEU C 108 -4.02 -10.47 64.38
CA LEU C 108 -2.99 -9.63 64.95
C LEU C 108 -1.91 -10.53 65.56
N PRO C 109 -0.72 -9.97 65.89
CA PRO C 109 -0.12 -8.70 65.49
C PRO C 109 1.16 -8.83 64.65
N LYS C 110 1.32 -9.67 63.63
CA LYS C 110 2.64 -9.84 63.06
C LYS C 110 2.63 -9.79 61.53
N TYR C 111 3.60 -9.05 60.97
CA TYR C 111 3.77 -8.83 59.52
C TYR C 111 2.57 -8.08 58.91
N ARG C 112 2.86 -7.07 58.08
CA ARG C 112 1.84 -6.14 57.63
C ARG C 112 1.62 -6.21 56.12
N GLY C 113 0.33 -6.19 55.71
CA GLY C 113 -0.02 -5.79 54.36
C GLY C 113 -1.00 -6.57 53.48
N ARG C 114 -1.01 -7.89 53.52
CA ARG C 114 -1.71 -8.68 52.50
C ARG C 114 -3.01 -9.31 52.99
N ALA C 115 -4.11 -8.94 52.35
CA ALA C 115 -5.28 -9.80 52.14
C ALA C 115 -5.64 -10.70 53.32
N PRO C 116 -6.16 -10.12 54.41
CA PRO C 116 -6.50 -10.94 55.58
C PRO C 116 -7.47 -12.08 55.28
N LEU C 117 -8.45 -11.85 54.40
CA LEU C 117 -9.55 -12.78 54.22
C LEU C 117 -9.08 -14.20 53.93
N ASN C 118 -8.15 -14.35 52.97
CA ASN C 118 -7.67 -15.68 52.64
C ASN C 118 -6.38 -15.99 53.40
N TRP C 119 -5.61 -14.96 53.77
CA TRP C 119 -4.30 -15.22 54.36
C TRP C 119 -4.44 -15.72 55.78
N VAL C 120 -5.60 -15.49 56.43
CA VAL C 120 -5.85 -16.15 57.70
C VAL C 120 -6.07 -17.64 57.48
N LEU C 121 -6.53 -18.04 56.30
CA LEU C 121 -6.66 -19.45 56.02
C LEU C 121 -5.41 -20.05 55.39
N VAL C 122 -4.45 -19.21 55.00
CA VAL C 122 -3.20 -19.71 54.46
C VAL C 122 -2.35 -20.37 55.55
N ASN C 123 -2.38 -19.81 56.76
CA ASN C 123 -1.51 -20.28 57.83
C ASN C 123 -2.18 -21.29 58.76
N GLY C 124 -3.44 -21.66 58.48
CA GLY C 124 -4.05 -22.81 59.11
C GLY C 124 -4.16 -22.81 60.62
N GLU C 125 -4.30 -21.64 61.23
CA GLU C 125 -4.51 -21.57 62.67
C GLU C 125 -5.91 -22.06 63.01
N THR C 126 -6.11 -22.39 64.28
CA THR C 126 -7.43 -22.74 64.80
C THR C 126 -8.09 -21.56 65.50
N GLU C 127 -7.54 -20.36 65.35
CA GLU C 127 -8.01 -19.18 66.07
C GLU C 127 -8.01 -17.99 65.13
N THR C 128 -9.22 -17.55 64.76
CA THR C 128 -9.39 -16.37 63.91
C THR C 128 -10.21 -15.36 64.69
N GLY C 129 -10.16 -14.10 64.30
CA GLY C 129 -10.91 -13.09 65.03
C GLY C 129 -11.23 -11.89 64.18
N VAL C 130 -12.36 -11.26 64.50
CA VAL C 130 -12.84 -10.06 63.82
C VAL C 130 -13.05 -8.97 64.86
N THR C 131 -12.72 -7.74 64.48
CA THR C 131 -12.74 -6.60 65.40
C THR C 131 -13.54 -5.46 64.79
N LEU C 132 -14.53 -4.96 65.53
CA LEU C 132 -15.27 -3.77 65.15
C LEU C 132 -14.57 -2.57 65.80
N HIS C 133 -14.23 -1.57 65.01
CA HIS C 133 -13.37 -0.51 65.53
C HIS C 133 -13.65 0.84 64.92
N ARG C 134 -13.25 1.88 65.67
CA ARG C 134 -13.27 3.27 65.25
C ARG C 134 -12.18 3.54 64.23
N MET C 135 -12.42 4.50 63.33
CA MET C 135 -11.41 5.00 62.41
C MET C 135 -11.03 6.44 62.75
N VAL C 136 -9.75 6.74 62.56
CA VAL C 136 -9.21 8.09 62.72
C VAL C 136 -8.46 8.41 61.44
N LYS C 137 -7.76 9.55 61.42
CA LYS C 137 -6.95 9.92 60.26
C LYS C 137 -5.97 8.81 59.90
N ARG C 138 -5.47 8.08 60.89
CA ARG C 138 -4.65 6.90 60.65
C ARG C 138 -5.56 5.72 60.35
N ALA C 139 -5.33 5.05 59.22
CA ALA C 139 -6.21 3.98 58.80
C ALA C 139 -5.99 2.73 59.63
N ASP C 140 -7.09 2.18 60.16
CA ASP C 140 -7.09 0.93 60.93
C ASP C 140 -6.24 1.04 62.21
N ALA C 141 -5.82 2.25 62.57
CA ALA C 141 -4.98 2.45 63.73
C ALA C 141 -5.71 3.04 64.93
N GLY C 142 -7.02 3.24 64.84
CA GLY C 142 -7.77 3.79 65.95
C GLY C 142 -8.08 2.75 67.01
N ALA C 143 -8.72 3.21 68.08
CA ALA C 143 -9.12 2.32 69.16
C ALA C 143 -10.17 1.32 68.68
N ILE C 144 -10.12 0.13 69.26
CA ILE C 144 -11.04 -0.95 68.90
C ILE C 144 -12.20 -0.94 69.88
N VAL C 145 -13.34 -1.48 69.45
CA VAL C 145 -14.54 -1.43 70.28
C VAL C 145 -14.90 -2.81 70.80
N ALA C 146 -15.08 -3.78 69.90
CA ALA C 146 -15.44 -5.13 70.29
C ALA C 146 -14.69 -6.12 69.41
N GLN C 147 -14.53 -7.34 69.93
CA GLN C 147 -13.74 -8.35 69.25
C GLN C 147 -14.38 -9.71 69.45
N LEU C 148 -14.60 -10.45 68.35
CA LEU C 148 -15.11 -11.80 68.40
C LEU C 148 -14.07 -12.78 67.90
N ARG C 149 -14.08 -13.97 68.52
CA ARG C 149 -13.15 -15.05 68.20
C ARG C 149 -13.92 -16.23 67.62
N ILE C 150 -13.30 -16.90 66.66
CA ILE C 150 -13.88 -18.09 66.04
C ILE C 150 -12.79 -19.14 65.88
N ALA C 151 -13.20 -20.39 65.77
CA ALA C 151 -12.30 -21.49 65.46
C ALA C 151 -12.74 -22.17 64.17
N ILE C 152 -11.88 -23.05 63.66
CA ILE C 152 -12.17 -23.82 62.45
C ILE C 152 -12.12 -25.30 62.79
N ALA C 153 -13.17 -26.02 62.43
CA ALA C 153 -13.23 -27.47 62.60
C ALA C 153 -12.61 -28.17 61.41
N PRO C 154 -12.14 -29.41 61.58
CA PRO C 154 -11.50 -30.12 60.46
C PRO C 154 -12.42 -30.35 59.27
N ASP C 155 -13.74 -30.33 59.47
CA ASP C 155 -14.68 -30.55 58.39
C ASP C 155 -15.14 -29.26 57.72
N ASP C 156 -14.69 -28.11 58.19
CA ASP C 156 -15.16 -26.84 57.64
C ASP C 156 -14.47 -26.53 56.31
N ILE C 157 -15.29 -26.17 55.32
CA ILE C 157 -14.84 -25.81 53.98
C ILE C 157 -15.05 -24.30 53.88
N ALA C 158 -14.55 -23.67 52.81
CA ALA C 158 -14.60 -22.21 52.71
C ALA C 158 -16.02 -21.69 52.76
N ILE C 159 -16.95 -22.38 52.09
CA ILE C 159 -18.34 -21.92 52.07
C ILE C 159 -18.97 -22.08 53.44
N THR C 160 -18.76 -23.22 54.10
CA THR C 160 -19.35 -23.44 55.41
C THR C 160 -18.78 -22.47 56.44
N LEU C 161 -17.47 -22.21 56.39
CA LEU C 161 -16.91 -21.23 57.32
C LEU C 161 -17.38 -19.83 57.00
N HIS C 162 -17.62 -19.53 55.73
CA HIS C 162 -18.20 -18.23 55.38
C HIS C 162 -19.60 -18.08 55.98
N HIS C 163 -20.41 -19.14 55.88
CA HIS C 163 -21.73 -19.09 56.50
C HIS C 163 -21.61 -18.94 58.01
N LYS C 164 -20.66 -19.67 58.61
CA LYS C 164 -20.47 -19.57 60.05
C LYS C 164 -20.05 -18.18 60.47
N LEU C 165 -19.19 -17.52 59.69
CA LEU C 165 -18.76 -16.18 60.05
C LEU C 165 -19.85 -15.16 59.79
N CYS C 166 -20.71 -15.38 58.79
CA CYS C 166 -21.87 -14.51 58.61
C CYS C 166 -22.81 -14.63 59.81
N HIS C 167 -23.04 -15.86 60.28
CA HIS C 167 -23.85 -16.05 61.48
C HIS C 167 -23.18 -15.41 62.69
N ALA C 168 -21.84 -15.45 62.71
CA ALA C 168 -21.09 -14.80 63.77
C ALA C 168 -21.28 -13.29 63.75
N ALA C 169 -21.25 -12.70 62.56
CA ALA C 169 -21.57 -11.29 62.42
C ALA C 169 -22.99 -11.02 62.92
N ARG C 170 -23.92 -11.93 62.62
CA ARG C 170 -25.28 -11.81 63.14
C ARG C 170 -25.27 -11.68 64.66
N GLN C 171 -24.77 -12.69 65.39
CA GLN C 171 -25.03 -12.65 66.82
C GLN C 171 -24.17 -11.59 67.47
N LEU C 172 -23.05 -11.22 66.82
CA LEU C 172 -22.26 -10.09 67.30
C LEU C 172 -23.00 -8.78 67.18
N LEU C 173 -23.55 -8.47 66.00
CA LEU C 173 -24.31 -7.24 65.86
C LEU C 173 -25.49 -7.23 66.83
N GLU C 174 -26.03 -8.42 67.13
CA GLU C 174 -27.17 -8.51 68.03
C GLU C 174 -26.93 -7.79 69.36
N GLN C 175 -25.73 -7.89 69.95
CA GLN C 175 -25.50 -7.15 71.19
C GLN C 175 -24.50 -6.00 71.06
N THR C 176 -23.89 -5.78 69.89
CA THR C 176 -23.20 -4.51 69.71
C THR C 176 -24.16 -3.38 69.41
N LEU C 177 -25.30 -3.66 68.79
CA LEU C 177 -26.26 -2.60 68.50
C LEU C 177 -26.86 -1.95 69.75
N PRO C 178 -27.24 -2.70 70.81
CA PRO C 178 -27.77 -2.02 72.01
C PRO C 178 -26.79 -1.06 72.66
N ALA C 179 -25.48 -1.33 72.57
CA ALA C 179 -24.51 -0.44 73.18
C ALA C 179 -24.59 0.96 72.59
N ILE C 180 -24.54 1.05 71.26
CA ILE C 180 -24.64 2.36 70.62
C ILE C 180 -26.04 2.93 70.81
N LYS C 181 -27.06 2.07 70.92
CA LYS C 181 -28.38 2.59 71.26
C LYS C 181 -28.37 3.36 72.59
N HIS C 182 -27.78 2.77 73.63
CA HIS C 182 -27.86 3.37 74.95
C HIS C 182 -27.06 4.67 75.07
N GLY C 183 -26.12 4.90 74.17
CA GLY C 183 -25.32 6.11 74.19
C GLY C 183 -23.84 5.77 74.16
N ASN C 184 -23.04 6.64 74.75
CA ASN C 184 -21.60 6.40 74.81
C ASN C 184 -21.29 5.30 75.81
N ILE C 185 -20.62 4.26 75.35
CA ILE C 185 -20.22 3.12 76.16
C ILE C 185 -18.69 3.11 76.27
N LEU C 186 -18.20 2.86 77.48
CA LEU C 186 -16.77 2.74 77.71
C LEU C 186 -16.26 1.50 76.99
N GLU C 187 -15.26 1.68 76.13
CA GLU C 187 -14.72 0.58 75.35
C GLU C 187 -13.29 0.26 75.80
N ILE C 188 -12.77 -0.87 75.32
CA ILE C 188 -11.41 -1.30 75.62
C ILE C 188 -10.50 -0.82 74.49
N ALA C 189 -9.66 0.16 74.80
CA ALA C 189 -8.75 0.71 73.80
C ALA C 189 -7.50 -0.15 73.68
N GLN C 190 -7.08 -0.38 72.44
CA GLN C 190 -5.86 -1.16 72.19
C GLN C 190 -4.76 -0.25 71.67
N ARG C 191 -3.55 -0.48 72.16
CA ARG C 191 -2.39 0.33 71.78
C ARG C 191 -2.13 0.12 70.29
N GLU C 192 -1.72 1.19 69.61
CA GLU C 192 -1.96 1.29 68.16
C GLU C 192 -1.10 0.31 67.37
N ASN C 193 0.14 0.06 67.80
CA ASN C 193 1.09 -0.67 66.96
C ASN C 193 1.11 -2.17 67.21
N GLU C 194 0.04 -2.75 67.76
CA GLU C 194 -0.15 -4.19 67.78
C GLU C 194 -1.29 -4.63 66.88
N ALA C 195 -1.53 -3.93 65.78
CA ALA C 195 -2.53 -4.29 64.79
C ALA C 195 -1.91 -4.30 63.40
N THR C 196 -1.36 -5.45 63.01
CA THR C 196 -0.47 -5.57 61.86
C THR C 196 -0.89 -6.76 61.01
N CYS C 197 -2.11 -6.70 60.47
CA CYS C 197 -2.69 -7.71 59.57
C CYS C 197 -1.63 -8.26 58.63
N PHE C 198 -1.73 -9.57 58.33
CA PHE C 198 -0.66 -10.44 57.84
C PHE C 198 0.08 -9.79 56.68
N GLY C 199 1.33 -10.21 56.46
CA GLY C 199 2.37 -9.38 55.90
C GLY C 199 2.47 -9.37 54.38
N ARG C 200 3.64 -9.77 53.89
CA ARG C 200 4.07 -9.32 52.58
C ARG C 200 4.52 -10.47 51.68
N ARG C 201 4.85 -10.11 50.44
CA ARG C 201 5.21 -11.07 49.40
C ARG C 201 6.58 -11.68 49.66
N THR C 202 6.75 -12.95 49.29
CA THR C 202 8.05 -13.59 49.27
C THR C 202 8.27 -14.29 47.94
N PRO C 203 9.50 -14.28 47.42
CA PRO C 203 9.75 -14.96 46.13
C PRO C 203 9.74 -16.47 46.21
N ASP C 204 10.39 -17.05 47.24
CA ASP C 204 10.57 -18.49 47.29
C ASP C 204 9.25 -19.23 47.44
N ASP C 205 8.24 -18.59 48.05
CA ASP C 205 6.95 -19.24 48.21
C ASP C 205 6.07 -19.07 46.98
N SER C 206 6.55 -18.36 45.96
CA SER C 206 5.83 -18.24 44.70
C SER C 206 5.93 -19.48 43.85
N PHE C 207 7.07 -20.17 43.89
CA PHE C 207 7.23 -21.43 43.16
C PHE C 207 6.49 -22.53 43.91
N LEU C 208 5.62 -23.24 43.20
CA LEU C 208 4.83 -24.31 43.79
C LEU C 208 5.69 -25.56 43.96
N GLU C 209 6.42 -25.63 45.07
CA GLU C 209 7.36 -26.71 45.34
C GLU C 209 6.67 -27.76 46.22
N TRP C 210 7.00 -29.03 45.97
CA TRP C 210 6.30 -30.14 46.62
C TRP C 210 7.04 -30.65 47.85
N HIS C 211 8.14 -30.02 48.24
CA HIS C 211 8.89 -30.48 49.41
C HIS C 211 8.29 -29.98 50.71
N LYS C 212 7.29 -29.11 50.61
CA LYS C 212 6.52 -28.60 51.73
C LYS C 212 5.62 -29.69 52.32
N PRO C 213 5.44 -29.68 53.64
CA PRO C 213 4.86 -30.85 54.33
C PRO C 213 3.41 -31.12 53.94
N ALA C 214 2.89 -32.23 54.47
CA ALA C 214 1.55 -32.69 54.07
C ALA C 214 0.44 -31.84 54.69
N SER C 215 0.58 -31.47 55.96
CA SER C 215 -0.51 -30.77 56.65
C SER C 215 -0.78 -29.40 56.02
N VAL C 216 0.28 -28.71 55.61
CA VAL C 216 0.10 -27.41 54.97
C VAL C 216 -0.54 -27.58 53.58
N LEU C 217 -0.16 -28.63 52.85
CA LEU C 217 -0.90 -28.91 51.61
C LEU C 217 -2.37 -29.14 51.89
N HIS C 218 -2.69 -29.90 52.94
CA HIS C 218 -4.08 -30.08 53.34
C HIS C 218 -4.76 -28.75 53.59
N ASN C 219 -4.07 -27.82 54.26
CA ASN C 219 -4.69 -26.55 54.61
C ASN C 219 -4.98 -25.72 53.36
N MET C 220 -4.03 -25.66 52.41
CA MET C 220 -4.32 -24.96 51.15
C MET C 220 -5.45 -25.63 50.38
N VAL C 221 -5.43 -26.96 50.26
CA VAL C 221 -6.52 -27.63 49.55
C VAL C 221 -7.85 -27.32 50.21
N ARG C 222 -7.85 -27.14 51.53
CA ARG C 222 -9.01 -26.64 52.23
C ARG C 222 -9.38 -25.23 51.77
N ALA C 223 -8.38 -24.37 51.59
CA ALA C 223 -8.63 -22.95 51.41
C ALA C 223 -9.09 -22.59 50.00
N VAL C 224 -8.76 -23.39 48.99
CA VAL C 224 -9.02 -22.97 47.61
C VAL C 224 -10.10 -23.84 46.99
N ALA C 225 -11.10 -24.22 47.77
CA ALA C 225 -12.24 -24.93 47.22
C ALA C 225 -13.05 -24.03 46.30
N ASP C 226 -14.09 -24.60 45.71
CA ASP C 226 -14.95 -23.83 44.83
C ASP C 226 -15.59 -22.69 45.61
N PRO C 227 -15.77 -21.51 45.01
CA PRO C 227 -15.53 -21.12 43.61
C PRO C 227 -14.14 -20.56 43.34
N TRP C 228 -13.17 -20.78 44.21
CA TRP C 228 -11.82 -20.32 43.95
C TRP C 228 -11.19 -21.17 42.84
N PRO C 229 -10.14 -20.66 42.18
CA PRO C 229 -9.49 -21.44 41.12
C PRO C 229 -9.05 -22.82 41.56
N GLY C 230 -8.57 -22.98 42.79
CA GLY C 230 -8.20 -24.28 43.30
C GLY C 230 -6.69 -24.47 43.39
N ALA C 231 -6.29 -25.50 44.11
CA ALA C 231 -4.88 -25.82 44.27
C ALA C 231 -4.33 -26.38 42.97
N PHE C 232 -3.52 -25.56 42.29
CA PHE C 232 -3.04 -25.89 40.96
C PHE C 232 -1.65 -26.49 41.04
N SER C 233 -1.45 -27.54 40.24
CA SER C 233 -0.13 -28.07 39.96
C SER C 233 -0.09 -28.41 38.47
N TYR C 234 1.01 -29.00 38.02
CA TYR C 234 1.21 -29.17 36.58
C TYR C 234 2.03 -30.42 36.28
N VAL C 235 1.84 -30.95 35.08
CA VAL C 235 2.75 -31.92 34.48
C VAL C 235 3.15 -31.40 33.11
N GLY C 236 4.45 -31.19 32.91
CA GLY C 236 4.89 -30.54 31.69
C GLY C 236 4.39 -29.11 31.63
N ASN C 237 3.39 -28.86 30.78
CA ASN C 237 2.71 -27.58 30.77
C ASN C 237 1.21 -27.72 31.01
N GLN C 238 0.74 -28.89 31.42
CA GLN C 238 -0.68 -29.17 31.56
C GLN C 238 -1.09 -29.01 33.02
N LYS C 239 -2.08 -28.16 33.25
CA LYS C 239 -2.54 -27.79 34.58
C LYS C 239 -3.37 -28.91 35.19
N PHE C 240 -3.58 -28.83 36.50
CA PHE C 240 -4.70 -29.52 37.14
C PHE C 240 -4.91 -28.93 38.52
N THR C 241 -6.14 -29.09 39.01
CA THR C 241 -6.53 -28.62 40.34
C THR C 241 -6.90 -29.82 41.20
N VAL C 242 -6.44 -29.77 42.45
CA VAL C 242 -6.72 -30.78 43.46
C VAL C 242 -7.84 -30.26 44.35
N TRP C 243 -9.06 -30.76 44.15
CA TRP C 243 -10.19 -30.16 44.83
C TRP C 243 -10.28 -30.55 46.30
N SER C 244 -10.36 -31.84 46.59
CA SER C 244 -10.39 -32.32 47.97
C SER C 244 -9.31 -33.39 48.13
N SER C 245 -8.63 -33.35 49.27
CA SER C 245 -7.49 -34.22 49.51
C SER C 245 -7.70 -34.96 50.83
N ARG C 246 -7.10 -36.14 50.92
CA ARG C 246 -7.15 -36.94 52.14
C ARG C 246 -5.74 -37.38 52.50
N VAL C 247 -5.32 -37.10 53.73
CA VAL C 247 -3.99 -37.48 54.18
C VAL C 247 -4.05 -38.86 54.81
N HIS C 248 -3.28 -39.80 54.27
CA HIS C 248 -3.21 -41.16 54.77
C HIS C 248 -1.77 -41.49 55.12
N PRO C 249 -1.56 -42.37 56.12
CA PRO C 249 -0.20 -42.73 56.54
C PRO C 249 0.52 -43.60 55.50
N LYS C 253 13.14 -42.49 52.81
CA LYS C 253 11.87 -42.89 52.19
C LYS C 253 11.93 -42.71 50.68
N ALA C 254 11.32 -41.63 50.18
CA ALA C 254 11.30 -41.35 48.76
C ALA C 254 11.30 -39.85 48.56
N GLN C 255 11.67 -39.43 47.34
CA GLN C 255 11.71 -38.02 47.03
C GLN C 255 10.29 -37.45 47.01
N PRO C 256 10.09 -36.19 47.39
CA PRO C 256 8.74 -35.62 47.35
C PRO C 256 8.26 -35.43 45.93
N GLY C 257 7.12 -36.05 45.63
CA GLY C 257 6.52 -36.00 44.31
C GLY C 257 6.43 -37.33 43.60
N SER C 258 6.92 -38.40 44.23
CA SER C 258 6.81 -39.72 43.64
C SER C 258 5.39 -40.27 43.77
N VAL C 259 5.02 -41.14 42.84
CA VAL C 259 3.69 -41.73 42.82
C VAL C 259 3.75 -43.10 43.47
N ILE C 260 2.93 -43.30 44.51
CA ILE C 260 2.97 -44.56 45.24
C ILE C 260 2.16 -45.63 44.53
N SER C 261 0.86 -45.41 44.39
CA SER C 261 -0.02 -46.39 43.78
C SER C 261 -1.03 -45.65 42.90
N VAL C 262 -1.59 -46.38 41.93
CA VAL C 262 -2.45 -45.81 40.91
C VAL C 262 -3.94 -46.06 41.18
N ALA C 263 -4.28 -47.17 41.83
CA ALA C 263 -5.68 -47.50 42.10
C ALA C 263 -5.84 -47.77 43.58
N PRO C 264 -6.14 -46.73 44.37
CA PRO C 264 -6.34 -45.32 43.98
C PRO C 264 -5.02 -44.57 43.82
N LEU C 265 -5.07 -43.32 43.35
CA LEU C 265 -3.86 -42.52 43.17
C LEU C 265 -3.41 -42.01 44.53
N LEU C 266 -2.11 -42.13 44.80
CA LEU C 266 -1.50 -41.55 45.99
C LEU C 266 -0.18 -40.88 45.63
N ILE C 267 0.19 -39.87 46.41
CA ILE C 267 1.38 -39.07 46.19
C ILE C 267 2.23 -39.10 47.44
N ALA C 268 3.53 -39.30 47.27
CA ALA C 268 4.45 -39.21 48.40
C ALA C 268 4.98 -37.79 48.54
N CYS C 269 5.02 -37.30 49.77
CA CYS C 269 5.47 -35.96 50.10
C CYS C 269 6.51 -36.04 51.22
N GLY C 270 6.81 -34.88 51.81
CA GLY C 270 7.86 -34.82 52.82
C GLY C 270 7.62 -35.76 53.98
N ASP C 271 6.37 -35.88 54.43
CA ASP C 271 6.00 -36.84 55.46
C ASP C 271 4.56 -37.30 55.22
N GLY C 272 4.27 -38.55 55.58
CA GLY C 272 2.97 -39.11 55.30
C GLY C 272 2.74 -39.31 53.82
N ALA C 273 1.47 -39.54 53.48
CA ALA C 273 1.05 -39.72 52.10
C ALA C 273 -0.19 -38.90 51.81
N LEU C 274 -0.24 -38.30 50.63
CA LEU C 274 -1.38 -37.51 50.18
C LEU C 274 -2.19 -38.39 49.25
N GLU C 275 -3.52 -38.23 49.27
CA GLU C 275 -4.40 -38.96 48.38
C GLU C 275 -5.38 -38.00 47.74
N ILE C 276 -5.61 -38.18 46.45
CA ILE C 276 -6.50 -37.30 45.68
C ILE C 276 -7.90 -37.90 45.67
N VAL C 277 -8.82 -37.26 46.39
CA VAL C 277 -10.22 -37.68 46.31
C VAL C 277 -10.80 -37.29 44.97
N THR C 278 -10.58 -36.05 44.54
CA THR C 278 -11.11 -35.57 43.27
C THR C 278 -10.34 -34.35 42.80
N GLY C 279 -10.33 -34.16 41.48
CA GLY C 279 -9.65 -33.03 40.89
C GLY C 279 -10.00 -32.91 39.44
N GLN C 280 -9.56 -31.80 38.85
CA GLN C 280 -9.86 -31.50 37.46
C GLN C 280 -8.56 -31.34 36.69
N ALA C 281 -8.53 -31.88 35.48
CA ALA C 281 -7.33 -31.83 34.63
C ALA C 281 -7.46 -30.67 33.66
N GLY C 282 -6.67 -29.62 33.88
CA GLY C 282 -6.77 -28.44 33.04
C GLY C 282 -8.15 -27.82 33.19
N ASP C 283 -8.83 -27.65 32.06
CA ASP C 283 -10.21 -27.17 32.05
C ASP C 283 -11.22 -28.31 31.94
N GLY C 284 -10.76 -29.55 32.01
CA GLY C 284 -11.65 -30.69 31.91
C GLY C 284 -12.48 -30.90 33.17
N ILE C 285 -13.51 -31.73 33.01
CA ILE C 285 -14.49 -31.97 34.07
C ILE C 285 -13.84 -32.69 35.25
N THR C 286 -14.25 -32.30 36.45
CA THR C 286 -13.70 -32.88 37.67
C THR C 286 -14.08 -34.34 37.81
N MET C 287 -13.14 -35.15 38.32
CA MET C 287 -13.36 -36.57 38.44
C MET C 287 -12.30 -37.09 39.41
N GLN C 288 -12.39 -38.37 39.79
CA GLN C 288 -11.47 -38.91 40.79
C GLN C 288 -10.15 -39.33 40.12
N GLY C 289 -9.25 -39.90 40.93
CA GLY C 289 -7.84 -39.92 40.59
C GLY C 289 -7.49 -40.71 39.33
N SER C 290 -8.10 -41.88 39.16
CA SER C 290 -7.61 -42.81 38.14
C SER C 290 -7.77 -42.23 36.73
N GLN C 291 -8.71 -41.32 36.53
CA GLN C 291 -8.85 -40.73 35.20
C GLN C 291 -7.62 -39.88 34.87
N LEU C 292 -7.18 -39.06 35.82
CA LEU C 292 -5.95 -38.30 35.62
C LEU C 292 -4.76 -39.23 35.53
N ALA C 293 -4.83 -40.37 36.21
CA ALA C 293 -3.76 -41.37 36.08
C ALA C 293 -3.66 -41.89 34.66
N GLN C 294 -4.80 -42.11 34.00
CA GLN C 294 -4.77 -42.71 32.67
C GLN C 294 -4.57 -41.67 31.58
N THR C 295 -5.02 -40.43 31.82
CA THR C 295 -4.82 -39.38 30.83
C THR C 295 -3.40 -38.84 30.90
N LEU C 296 -2.95 -38.47 32.10
CA LEU C 296 -1.63 -37.94 32.34
C LEU C 296 -0.54 -39.00 32.20
N GLY C 297 -0.84 -40.24 32.55
CA GLY C 297 0.16 -41.29 32.50
C GLY C 297 0.93 -41.49 33.77
N LEU C 298 0.24 -41.59 34.91
CA LEU C 298 0.91 -41.78 36.19
C LEU C 298 1.52 -43.18 36.27
N VAL C 299 2.45 -43.35 37.21
CA VAL C 299 3.19 -44.60 37.37
C VAL C 299 2.85 -45.21 38.72
N GLN C 300 3.17 -46.49 38.85
CA GLN C 300 2.93 -47.21 40.10
C GLN C 300 4.24 -47.69 40.69
N MET D 1 -30.07 -52.78 40.80
CA MET D 1 -30.70 -52.27 39.59
C MET D 1 -29.83 -51.18 38.96
N LYS D 2 -28.87 -51.59 38.16
CA LYS D 2 -27.96 -50.65 37.51
C LYS D 2 -28.68 -49.84 36.45
N THR D 3 -28.32 -48.56 36.36
CA THR D 3 -29.03 -47.63 35.50
C THR D 3 -28.04 -46.59 34.97
N VAL D 4 -28.47 -45.87 33.94
CA VAL D 4 -27.72 -44.78 33.35
C VAL D 4 -28.60 -43.53 33.36
N VAL D 5 -28.00 -42.39 33.72
CA VAL D 5 -28.74 -41.15 33.87
C VAL D 5 -28.25 -40.15 32.83
N PHE D 6 -29.21 -39.53 32.15
CA PHE D 6 -28.97 -38.37 31.29
C PHE D 6 -29.66 -37.19 31.97
N ALA D 7 -28.88 -36.43 32.72
CA ALA D 7 -29.43 -35.41 33.61
C ALA D 7 -28.63 -34.13 33.49
N TYR D 8 -29.23 -33.05 34.00
CA TYR D 8 -28.58 -31.74 34.03
C TYR D 8 -29.28 -30.89 35.08
N HIS D 9 -28.53 -29.94 35.65
CA HIS D 9 -29.07 -28.90 36.51
C HIS D 9 -29.60 -29.46 37.82
N ASP D 10 -30.35 -28.63 38.56
CA ASP D 10 -30.86 -29.03 39.87
C ASP D 10 -31.86 -30.18 39.75
N MET D 11 -32.61 -30.24 38.65
CA MET D 11 -33.44 -31.43 38.41
C MET D 11 -32.58 -32.68 38.39
N GLY D 12 -31.45 -32.64 37.69
CA GLY D 12 -30.56 -33.79 37.69
C GLY D 12 -30.01 -34.09 39.06
N CYS D 13 -29.66 -33.04 39.81
CA CYS D 13 -29.09 -33.24 41.14
C CYS D 13 -30.09 -33.94 42.06
N LEU D 14 -31.32 -33.43 42.12
CA LEU D 14 -32.34 -34.06 42.94
C LEU D 14 -32.69 -35.45 42.42
N GLY D 15 -32.59 -35.67 41.11
CA GLY D 15 -32.79 -37.01 40.59
C GLY D 15 -31.76 -38.00 41.08
N ILE D 16 -30.47 -37.62 41.04
CA ILE D 16 -29.43 -38.49 41.56
C ILE D 16 -29.64 -38.74 43.05
N GLU D 17 -30.00 -37.69 43.79
CA GLU D 17 -30.24 -37.86 45.23
C GLU D 17 -31.39 -38.83 45.48
N ALA D 18 -32.46 -38.72 44.70
CA ALA D 18 -33.59 -39.62 44.88
C ALA D 18 -33.21 -41.06 44.53
N LEU D 19 -32.51 -41.27 43.43
CA LEU D 19 -32.13 -42.63 43.04
C LEU D 19 -31.21 -43.26 44.08
N LEU D 20 -30.22 -42.51 44.57
CA LEU D 20 -29.34 -43.04 45.59
C LEU D 20 -30.10 -43.34 46.88
N ALA D 21 -31.06 -42.47 47.23
CA ALA D 21 -31.87 -42.70 48.41
C ALA D 21 -32.83 -43.87 48.21
N ALA D 22 -32.98 -44.36 46.99
CA ALA D 22 -33.84 -45.50 46.70
C ALA D 22 -33.09 -46.83 46.71
N GLY D 23 -31.79 -46.81 46.44
CA GLY D 23 -31.03 -48.03 46.31
C GLY D 23 -30.62 -48.39 44.90
N TYR D 24 -30.93 -47.55 43.92
CA TYR D 24 -30.42 -47.73 42.58
C TYR D 24 -28.97 -47.27 42.51
N GLU D 25 -28.18 -47.96 41.69
CA GLU D 25 -26.78 -47.58 41.45
C GLU D 25 -26.66 -47.18 39.99
N ILE D 26 -26.07 -46.01 39.76
CA ILE D 26 -25.92 -45.47 38.41
C ILE D 26 -24.55 -45.90 37.88
N SER D 27 -24.55 -46.87 36.97
CA SER D 27 -23.29 -47.37 36.41
C SER D 27 -22.57 -46.29 35.62
N ALA D 28 -23.26 -45.70 34.63
CA ALA D 28 -22.66 -44.67 33.81
C ALA D 28 -23.45 -43.38 34.00
N ILE D 29 -22.75 -42.26 33.93
CA ILE D 29 -23.35 -40.94 34.04
C ILE D 29 -23.10 -40.18 32.74
N PHE D 30 -24.08 -40.24 31.84
CA PHE D 30 -24.06 -39.48 30.60
C PHE D 30 -24.63 -38.09 30.86
N THR D 31 -23.74 -37.15 31.18
CA THR D 31 -24.15 -35.78 31.47
C THR D 31 -23.54 -34.87 30.41
N HIS D 32 -24.32 -33.89 29.95
CA HIS D 32 -23.87 -32.89 29.02
C HIS D 32 -22.76 -32.08 29.67
N THR D 33 -21.73 -31.77 28.89
CA THR D 33 -20.59 -31.01 29.39
C THR D 33 -21.04 -29.67 29.95
N ASP D 34 -20.49 -29.32 31.11
CA ASP D 34 -20.84 -28.06 31.77
C ASP D 34 -20.02 -26.90 31.20
N PHE D 41 -21.76 -22.57 43.16
CA PHE D 41 -22.98 -22.64 43.96
C PHE D 41 -23.96 -23.65 43.37
N TYR D 42 -23.90 -23.83 42.05
CA TYR D 42 -24.76 -24.79 41.38
C TYR D 42 -24.38 -26.22 41.75
N GLY D 43 -25.37 -27.09 41.76
CA GLY D 43 -25.13 -28.47 42.13
C GLY D 43 -24.25 -29.19 41.13
N SER D 44 -23.04 -29.50 41.57
CA SER D 44 -22.06 -30.21 40.75
C SER D 44 -22.26 -31.71 40.92
N VAL D 45 -22.72 -32.37 39.87
CA VAL D 45 -22.88 -33.82 39.90
C VAL D 45 -21.53 -34.48 40.17
N ALA D 46 -20.45 -33.88 39.67
CA ALA D 46 -19.11 -34.43 39.88
C ALA D 46 -18.78 -34.54 41.36
N ARG D 47 -19.31 -33.63 42.19
CA ARG D 47 -19.09 -33.71 43.62
C ARG D 47 -19.63 -35.02 44.19
N LEU D 48 -20.89 -35.34 43.87
CA LEU D 48 -21.47 -36.60 44.34
C LEU D 48 -20.74 -37.79 43.74
N ALA D 49 -20.43 -37.72 42.44
CA ALA D 49 -19.79 -38.84 41.77
C ALA D 49 -18.39 -39.08 42.31
N ALA D 50 -17.80 -38.07 42.95
CA ALA D 50 -16.50 -38.25 43.59
C ALA D 50 -16.65 -38.73 45.01
N GLU D 51 -17.68 -38.24 45.71
CA GLU D 51 -17.91 -38.69 47.08
C GLU D 51 -18.31 -40.16 47.11
N ARG D 52 -18.94 -40.65 46.05
CA ARG D 52 -19.33 -42.06 45.96
C ARG D 52 -18.47 -42.86 44.99
N GLY D 53 -17.63 -42.20 44.19
CA GLY D 53 -16.70 -42.90 43.33
C GLY D 53 -17.32 -43.59 42.14
N ILE D 54 -18.02 -42.83 41.31
CA ILE D 54 -18.68 -43.36 40.11
C ILE D 54 -18.27 -42.54 38.90
N PRO D 55 -17.80 -43.18 37.83
CA PRO D 55 -17.15 -42.43 36.74
C PRO D 55 -18.13 -41.70 35.84
N VAL D 56 -17.92 -40.40 35.69
CA VAL D 56 -18.81 -39.54 34.91
C VAL D 56 -18.17 -39.24 33.55
N TYR D 57 -18.96 -39.39 32.49
CA TYR D 57 -18.50 -39.13 31.13
C TYR D 57 -19.39 -38.07 30.50
N ALA D 58 -18.76 -37.14 29.77
CA ALA D 58 -19.46 -36.00 29.17
C ALA D 58 -19.10 -35.87 27.70
N PRO D 59 -19.70 -36.69 26.84
CA PRO D 59 -19.43 -36.59 25.40
C PRO D 59 -20.19 -35.43 24.76
N ASP D 60 -19.63 -34.95 23.64
CA ASP D 60 -20.31 -33.91 22.88
C ASP D 60 -21.49 -34.47 22.10
N ASN D 61 -21.42 -35.76 21.73
CA ASN D 61 -22.50 -36.42 21.02
C ASN D 61 -22.40 -37.91 21.29
N VAL D 62 -23.52 -38.62 21.13
CA VAL D 62 -23.58 -40.04 21.40
C VAL D 62 -24.06 -40.86 20.21
N ASN D 63 -24.30 -40.24 19.05
CA ASN D 63 -24.81 -40.95 17.88
C ASN D 63 -23.66 -41.51 17.04
N HIS D 64 -22.79 -42.26 17.71
CA HIS D 64 -21.61 -42.85 17.09
C HIS D 64 -21.42 -44.27 17.60
N PRO D 65 -20.77 -45.14 16.81
CA PRO D 65 -20.65 -46.54 17.22
C PRO D 65 -19.92 -46.75 18.53
N LEU D 66 -18.93 -45.91 18.85
CA LEU D 66 -18.13 -46.12 20.05
C LEU D 66 -18.99 -46.07 21.31
N TRP D 67 -19.79 -45.02 21.44
CA TRP D 67 -20.56 -44.82 22.66
C TRP D 67 -21.71 -45.81 22.77
N VAL D 68 -22.39 -46.11 21.67
CA VAL D 68 -23.46 -47.10 21.73
C VAL D 68 -22.88 -48.47 22.05
N GLU D 69 -21.67 -48.76 21.56
CA GLU D 69 -21.00 -50.01 21.91
C GLU D 69 -20.62 -50.02 23.38
N ARG D 70 -20.20 -48.87 23.91
CA ARG D 70 -19.94 -48.76 25.35
C ARG D 70 -21.19 -49.10 26.16
N ILE D 71 -22.32 -48.50 25.81
CA ILE D 71 -23.56 -48.77 26.55
C ILE D 71 -23.96 -50.23 26.39
N ALA D 72 -23.77 -50.82 25.21
CA ALA D 72 -24.08 -52.23 25.02
C ALA D 72 -23.22 -53.09 25.93
N GLN D 73 -21.93 -52.76 26.05
CA GLN D 73 -21.05 -53.53 26.93
C GLN D 73 -21.43 -53.37 28.40
N LEU D 74 -21.82 -52.17 28.82
CA LEU D 74 -22.24 -51.99 30.21
C LEU D 74 -23.55 -52.72 30.50
N SER D 75 -24.37 -52.92 29.48
CA SER D 75 -25.62 -53.66 29.60
C SER D 75 -26.53 -53.09 30.69
N PRO D 76 -27.09 -51.90 30.49
CA PRO D 76 -27.98 -51.32 31.50
C PRO D 76 -29.35 -51.99 31.49
N ASP D 77 -30.18 -51.61 32.44
CA ASP D 77 -31.54 -52.16 32.48
C ASP D 77 -32.59 -51.10 32.23
N VAL D 78 -32.44 -49.90 32.79
CA VAL D 78 -33.47 -48.88 32.71
C VAL D 78 -32.80 -47.53 32.50
N ILE D 79 -33.55 -46.59 31.91
CA ILE D 79 -33.03 -45.28 31.54
C ILE D 79 -33.97 -44.21 32.07
N PHE D 80 -33.39 -43.21 32.73
CA PHE D 80 -34.12 -42.01 33.14
C PHE D 80 -33.49 -40.78 32.52
N SER D 81 -34.31 -39.73 32.37
CA SER D 81 -33.89 -38.49 31.72
C SER D 81 -34.43 -37.31 32.51
N PHE D 82 -33.55 -36.72 33.33
CA PHE D 82 -33.88 -35.57 34.17
C PHE D 82 -33.36 -34.29 33.52
N TYR D 83 -34.22 -33.61 32.77
CA TYR D 83 -33.92 -32.30 32.21
C TYR D 83 -32.63 -32.29 31.39
N TYR D 84 -32.50 -33.25 30.46
CA TYR D 84 -31.41 -33.19 29.49
C TYR D 84 -31.86 -32.33 28.31
N ARG D 85 -30.91 -31.74 27.59
CA ARG D 85 -31.24 -30.84 26.49
C ARG D 85 -31.06 -31.49 25.12
N HIS D 86 -29.87 -32.00 24.82
CA HIS D 86 -29.56 -32.53 23.50
C HIS D 86 -30.45 -33.71 23.15
N LEU D 87 -30.80 -33.79 21.87
CA LEU D 87 -31.73 -34.81 21.40
C LEU D 87 -31.10 -36.20 21.44
N ILE D 88 -31.87 -37.18 21.91
CA ILE D 88 -31.47 -38.58 21.87
C ILE D 88 -32.38 -39.26 20.85
N TYR D 89 -31.85 -39.50 19.65
CA TYR D 89 -32.65 -40.08 18.58
C TYR D 89 -32.96 -41.54 18.90
N ASP D 90 -34.03 -42.04 18.28
CA ASP D 90 -34.63 -43.30 18.71
C ASP D 90 -33.68 -44.49 18.60
N GLU D 91 -32.60 -44.37 17.82
CA GLU D 91 -31.63 -45.46 17.74
C GLU D 91 -31.10 -45.84 19.12
N ILE D 92 -30.84 -44.84 19.96
CA ILE D 92 -30.37 -45.12 21.31
C ILE D 92 -31.53 -45.31 22.27
N LEU D 93 -32.70 -44.76 21.92
CA LEU D 93 -33.87 -44.93 22.77
C LEU D 93 -34.32 -46.39 22.81
N GLN D 94 -34.22 -47.10 21.69
CA GLN D 94 -34.72 -48.46 21.62
C GLN D 94 -33.83 -49.46 22.35
N LEU D 95 -32.61 -49.06 22.72
CA LEU D 95 -31.70 -50.00 23.39
C LEU D 95 -32.15 -50.32 24.81
N ALA D 96 -32.82 -49.39 25.48
CA ALA D 96 -33.21 -49.61 26.86
C ALA D 96 -34.28 -50.70 26.94
N PRO D 97 -34.04 -51.79 27.67
CA PRO D 97 -35.07 -52.83 27.78
C PRO D 97 -36.27 -52.41 28.61
N ALA D 98 -36.03 -51.77 29.76
CA ALA D 98 -37.13 -51.29 30.58
C ALA D 98 -37.70 -49.97 30.09
N GLY D 99 -37.07 -49.34 29.10
CA GLY D 99 -37.54 -48.08 28.55
C GLY D 99 -36.81 -46.89 29.11
N ALA D 100 -37.24 -45.71 28.64
CA ALA D 100 -36.70 -44.44 29.09
C ALA D 100 -37.82 -43.57 29.64
N PHE D 101 -37.61 -43.05 30.85
CA PHE D 101 -38.59 -42.22 31.52
C PHE D 101 -38.05 -40.80 31.62
N ASN D 102 -38.70 -39.87 30.92
CA ASN D 102 -38.22 -38.50 30.83
C ASN D 102 -39.14 -37.60 31.65
N LEU D 103 -38.51 -36.70 32.41
CA LEU D 103 -39.20 -35.72 33.25
C LEU D 103 -39.39 -34.43 32.45
N HIS D 104 -40.64 -34.05 32.20
CA HIS D 104 -40.95 -32.83 31.46
C HIS D 104 -42.06 -32.07 32.17
N GLY D 105 -41.87 -30.77 32.37
CA GLY D 105 -42.80 -29.99 33.16
C GLY D 105 -43.92 -29.35 32.36
N SER D 106 -44.76 -30.15 31.73
CA SER D 106 -45.91 -29.63 31.00
C SER D 106 -46.96 -30.71 30.87
N LEU D 107 -48.19 -30.29 30.55
CA LEU D 107 -49.30 -31.21 30.33
C LEU D 107 -49.34 -31.69 28.89
N LEU D 108 -48.61 -32.76 28.59
CA LEU D 108 -48.55 -33.25 27.22
C LEU D 108 -49.93 -33.72 26.75
N PRO D 109 -50.24 -33.55 25.46
CA PRO D 109 -49.38 -33.01 24.39
C PRO D 109 -49.46 -31.48 24.30
N LYS D 110 -50.18 -30.84 25.19
CA LYS D 110 -50.30 -29.38 25.16
C LYS D 110 -49.07 -28.73 25.77
N TYR D 111 -48.76 -27.52 25.28
CA TYR D 111 -47.68 -26.69 25.82
C TYR D 111 -46.32 -27.39 25.72
N ARG D 112 -45.92 -27.69 24.49
CA ARG D 112 -44.59 -28.21 24.24
C ARG D 112 -43.61 -27.05 24.02
N GLY D 113 -42.33 -27.34 24.23
CA GLY D 113 -41.28 -26.38 23.92
C GLY D 113 -40.43 -25.97 25.10
N ARG D 114 -39.80 -24.80 25.00
CA ARG D 114 -38.91 -24.30 26.04
C ARG D 114 -39.69 -23.48 27.05
N ALA D 115 -39.17 -23.42 28.27
CA ALA D 115 -39.71 -22.58 29.33
C ALA D 115 -41.25 -22.70 29.45
N PRO D 116 -41.76 -23.89 29.77
CA PRO D 116 -43.21 -24.02 29.90
C PRO D 116 -43.79 -23.13 30.99
N LEU D 117 -43.00 -22.84 32.03
CA LEU D 117 -43.40 -21.88 33.04
C LEU D 117 -43.74 -20.53 32.40
N ASN D 118 -42.85 -20.02 31.55
CA ASN D 118 -43.11 -18.76 30.90
C ASN D 118 -44.32 -18.85 29.98
N TRP D 119 -44.44 -19.94 29.22
CA TRP D 119 -45.52 -20.05 28.25
C TRP D 119 -46.88 -20.11 28.93
N VAL D 120 -46.98 -20.78 30.09
CA VAL D 120 -48.25 -20.81 30.80
C VAL D 120 -48.43 -19.54 31.62
N LEU D 121 -47.35 -18.78 31.80
CA LEU D 121 -47.48 -17.49 32.48
C LEU D 121 -47.61 -16.34 31.48
N VAL D 122 -47.73 -16.64 30.18
CA VAL D 122 -48.20 -15.62 29.24
C VAL D 122 -49.72 -15.53 29.29
N ASN D 123 -50.38 -16.65 29.57
CA ASN D 123 -51.82 -16.68 29.78
C ASN D 123 -52.19 -16.63 31.25
N GLY D 124 -51.21 -16.71 32.15
CA GLY D 124 -51.47 -16.60 33.58
C GLY D 124 -52.37 -17.67 34.16
N GLU D 125 -52.08 -18.93 33.88
CA GLU D 125 -52.85 -20.02 34.46
C GLU D 125 -52.74 -20.02 35.97
N THR D 126 -53.69 -20.70 36.62
CA THR D 126 -53.71 -20.84 38.07
C THR D 126 -53.11 -22.17 38.51
N GLU D 127 -52.86 -23.07 37.57
CA GLU D 127 -52.40 -24.42 37.89
C GLU D 127 -51.39 -24.86 36.84
N THR D 128 -50.32 -25.51 37.28
CA THR D 128 -49.31 -26.07 36.38
C THR D 128 -49.11 -27.53 36.77
N GLY D 129 -48.31 -28.24 35.99
CA GLY D 129 -48.11 -29.65 36.25
C GLY D 129 -46.86 -30.17 35.57
N VAL D 130 -46.41 -31.33 36.04
CA VAL D 130 -45.19 -31.98 35.58
C VAL D 130 -45.52 -33.44 35.30
N THR D 131 -44.80 -34.05 34.35
CA THR D 131 -45.13 -35.39 33.88
C THR D 131 -43.86 -36.18 33.63
N LEU D 132 -43.81 -37.41 34.13
CA LEU D 132 -42.85 -38.42 33.67
C LEU D 132 -43.52 -39.22 32.57
N HIS D 133 -42.80 -39.43 31.47
CA HIS D 133 -43.40 -40.14 30.35
C HIS D 133 -42.38 -41.02 29.65
N ARG D 134 -42.88 -42.09 29.04
CA ARG D 134 -42.05 -43.00 28.27
C ARG D 134 -41.68 -42.41 26.91
N MET D 135 -40.57 -42.87 26.36
CA MET D 135 -40.16 -42.55 25.00
C MET D 135 -40.41 -43.76 24.09
N VAL D 136 -41.03 -43.49 22.95
CA VAL D 136 -41.29 -44.50 21.93
C VAL D 136 -40.70 -43.98 20.62
N LYS D 137 -40.97 -44.70 19.52
CA LYS D 137 -40.50 -44.24 18.21
C LYS D 137 -41.02 -42.84 17.90
N ARG D 138 -42.26 -42.55 18.28
CA ARG D 138 -42.81 -41.23 18.11
C ARG D 138 -42.29 -40.30 19.21
N ALA D 139 -41.58 -39.26 18.79
CA ALA D 139 -40.85 -38.43 19.75
C ALA D 139 -41.81 -37.58 20.57
N ASP D 140 -41.69 -37.67 21.91
CA ASP D 140 -42.41 -36.82 22.85
C ASP D 140 -43.92 -37.02 22.77
N ALA D 141 -44.38 -38.06 22.05
CA ALA D 141 -45.80 -38.32 21.88
C ALA D 141 -46.25 -39.68 22.37
N GLY D 142 -45.40 -40.41 23.08
CA GLY D 142 -45.79 -41.71 23.58
C GLY D 142 -46.68 -41.62 24.82
N ALA D 143 -47.01 -42.79 25.36
CA ALA D 143 -47.84 -42.85 26.56
C ALA D 143 -47.09 -42.25 27.75
N ILE D 144 -47.85 -41.66 28.66
CA ILE D 144 -47.29 -41.00 29.83
C ILE D 144 -47.45 -41.94 31.02
N VAL D 145 -46.63 -41.72 32.06
CA VAL D 145 -46.61 -42.64 33.19
C VAL D 145 -47.26 -42.01 34.41
N ALA D 146 -46.76 -40.85 34.84
CA ALA D 146 -47.26 -40.21 36.06
C ALA D 146 -47.24 -38.71 35.88
N GLN D 147 -48.11 -38.03 36.65
CA GLN D 147 -48.32 -36.60 36.53
C GLN D 147 -48.60 -36.02 37.91
N LEU D 148 -47.97 -34.88 38.20
CA LEU D 148 -48.19 -34.16 39.45
C LEU D 148 -48.69 -32.76 39.15
N ARG D 149 -49.59 -32.27 40.00
CA ARG D 149 -50.21 -30.97 39.89
C ARG D 149 -49.58 -30.01 40.89
N ILE D 150 -49.58 -28.72 40.57
CA ILE D 150 -49.11 -27.67 41.46
C ILE D 150 -49.93 -26.40 41.22
N ALA D 151 -50.09 -25.61 42.29
CA ALA D 151 -50.79 -24.35 42.21
C ALA D 151 -49.81 -23.19 42.39
N ILE D 152 -50.24 -22.00 41.98
CA ILE D 152 -49.40 -20.81 42.02
C ILE D 152 -50.22 -19.65 42.59
N ALA D 153 -49.56 -18.80 43.37
CA ALA D 153 -50.23 -17.72 44.09
C ALA D 153 -50.03 -16.39 43.37
N PRO D 154 -50.98 -15.45 43.55
CA PRO D 154 -50.85 -14.15 42.86
C PRO D 154 -49.67 -13.31 43.33
N ASP D 155 -48.93 -13.75 44.34
CA ASP D 155 -47.75 -13.02 44.79
C ASP D 155 -46.45 -13.77 44.54
N ASP D 156 -46.51 -15.03 44.11
CA ASP D 156 -45.30 -15.82 43.94
C ASP D 156 -44.59 -15.46 42.63
N ILE D 157 -43.27 -15.33 42.72
CA ILE D 157 -42.47 -14.81 41.60
C ILE D 157 -41.66 -15.95 41.00
N ALA D 158 -40.90 -15.67 39.94
CA ALA D 158 -40.31 -16.72 39.12
C ALA D 158 -39.39 -17.62 39.95
N ILE D 159 -38.58 -17.03 40.82
CA ILE D 159 -37.65 -17.83 41.62
C ILE D 159 -38.43 -18.74 42.57
N THR D 160 -39.49 -18.22 43.18
CA THR D 160 -40.27 -19.05 44.09
C THR D 160 -41.01 -20.16 43.34
N LEU D 161 -41.51 -19.88 42.14
CA LEU D 161 -42.09 -20.96 41.34
C LEU D 161 -41.04 -22.00 40.95
N HIS D 162 -39.81 -21.56 40.69
CA HIS D 162 -38.74 -22.51 40.43
C HIS D 162 -38.53 -23.41 41.65
N HIS D 163 -38.48 -22.81 42.84
CA HIS D 163 -38.34 -23.60 44.05
C HIS D 163 -39.50 -24.57 44.21
N LYS D 164 -40.72 -24.09 43.95
CA LYS D 164 -41.90 -24.94 44.12
C LYS D 164 -41.89 -26.11 43.15
N LEU D 165 -41.49 -25.88 41.90
CA LEU D 165 -41.47 -27.01 40.98
C LEU D 165 -40.33 -27.96 41.33
N CYS D 166 -39.25 -27.46 41.92
CA CYS D 166 -38.23 -28.36 42.46
C CYS D 166 -38.80 -29.23 43.58
N HIS D 167 -39.49 -28.62 44.55
CA HIS D 167 -40.11 -29.45 45.59
C HIS D 167 -41.01 -30.49 44.96
N ALA D 168 -41.93 -30.04 44.11
CA ALA D 168 -42.85 -30.95 43.44
C ALA D 168 -42.11 -32.10 42.76
N ALA D 169 -40.96 -31.81 42.13
CA ALA D 169 -40.15 -32.86 41.52
C ALA D 169 -39.71 -33.90 42.54
N ARG D 170 -39.15 -33.45 43.67
CA ARG D 170 -38.70 -34.41 44.69
C ARG D 170 -39.85 -35.17 45.33
N GLN D 171 -40.94 -34.48 45.69
CA GLN D 171 -42.08 -35.17 46.29
C GLN D 171 -42.71 -36.15 45.31
N LEU D 172 -42.62 -35.87 44.01
CA LEU D 172 -43.11 -36.81 43.02
C LEU D 172 -42.18 -38.01 42.88
N LEU D 173 -40.87 -37.77 42.90
CA LEU D 173 -39.94 -38.89 42.78
C LEU D 173 -40.07 -39.86 43.95
N GLU D 174 -40.26 -39.34 45.18
CA GLU D 174 -40.23 -40.24 46.33
C GLU D 174 -41.24 -41.39 46.23
N GLN D 175 -42.34 -41.19 45.51
CA GLN D 175 -43.24 -42.33 45.29
C GLN D 175 -43.31 -42.79 43.84
N THR D 176 -42.66 -42.11 42.89
CA THR D 176 -42.52 -42.74 41.57
C THR D 176 -41.43 -43.80 41.54
N LEU D 177 -40.32 -43.61 42.25
CA LEU D 177 -39.28 -44.64 42.27
C LEU D 177 -39.78 -45.98 42.79
N PRO D 178 -40.58 -46.05 43.87
CA PRO D 178 -41.11 -47.37 44.27
C PRO D 178 -41.94 -48.03 43.18
N ALA D 179 -42.62 -47.25 42.33
CA ALA D 179 -43.32 -47.83 41.19
C ALA D 179 -42.33 -48.51 40.25
N ILE D 180 -41.18 -47.89 40.02
CA ILE D 180 -40.14 -48.52 39.20
C ILE D 180 -39.64 -49.78 39.89
N LYS D 181 -39.52 -49.75 41.22
CA LYS D 181 -39.07 -50.93 41.96
C LYS D 181 -40.02 -52.10 41.78
N HIS D 182 -41.33 -51.84 41.90
CA HIS D 182 -42.30 -52.93 41.84
C HIS D 182 -42.41 -53.54 40.46
N GLY D 183 -42.01 -52.83 39.42
CA GLY D 183 -42.03 -53.35 38.07
C GLY D 183 -42.69 -52.38 37.13
N ASN D 184 -43.21 -52.91 36.02
CA ASN D 184 -43.91 -52.08 35.05
C ASN D 184 -45.18 -51.52 35.65
N ILE D 185 -45.52 -50.29 35.25
CA ILE D 185 -46.69 -49.58 35.74
C ILE D 185 -47.59 -49.25 34.56
N LEU D 186 -48.90 -49.42 34.75
CA LEU D 186 -49.88 -49.13 33.71
C LEU D 186 -49.80 -47.68 33.27
N GLU D 187 -49.78 -47.45 31.97
CA GLU D 187 -49.61 -46.12 31.42
C GLU D 187 -50.96 -45.42 31.21
N ILE D 188 -50.90 -44.10 31.09
CA ILE D 188 -52.08 -43.28 30.83
C ILE D 188 -52.10 -42.94 29.35
N ALA D 189 -53.18 -43.34 28.68
CA ALA D 189 -53.26 -43.17 27.23
C ALA D 189 -53.34 -41.69 26.85
N GLN D 190 -52.64 -41.34 25.78
CA GLN D 190 -52.67 -39.97 25.26
C GLN D 190 -53.68 -39.86 24.12
N ARG D 191 -54.17 -38.65 23.89
CA ARG D 191 -55.05 -38.37 22.77
C ARG D 191 -54.21 -37.98 21.57
N GLU D 192 -54.03 -38.92 20.64
CA GLU D 192 -53.21 -38.65 19.46
C GLU D 192 -53.92 -37.70 18.49
N ASN D 193 -55.24 -37.58 18.60
CA ASN D 193 -55.97 -36.65 17.73
C ASN D 193 -55.66 -35.20 18.06
N GLU D 194 -55.17 -34.91 19.26
CA GLU D 194 -54.78 -33.57 19.66
C GLU D 194 -53.30 -33.29 19.40
N ALA D 195 -52.87 -33.36 18.14
CA ALA D 195 -51.46 -33.20 17.79
C ALA D 195 -51.27 -31.95 16.93
N THR D 196 -50.31 -31.12 17.33
CA THR D 196 -49.94 -29.92 16.60
C THR D 196 -48.42 -29.75 16.63
N CYS D 197 -47.93 -28.76 15.89
CA CYS D 197 -46.51 -28.44 15.85
C CYS D 197 -46.34 -26.93 15.93
N PHE D 198 -45.37 -26.49 16.73
CA PHE D 198 -45.11 -25.07 16.95
C PHE D 198 -43.62 -24.81 17.03
N GLY D 199 -43.25 -23.55 16.81
CA GLY D 199 -41.89 -23.11 16.91
C GLY D 199 -41.63 -22.30 18.16
N ARG D 200 -40.48 -21.62 18.18
CA ARG D 200 -40.12 -20.79 19.32
C ARG D 200 -40.59 -19.36 19.11
N ARG D 201 -40.64 -18.59 20.20
CA ARG D 201 -41.06 -17.19 20.14
C ARG D 201 -39.89 -16.29 20.50
N THR D 202 -39.82 -15.13 19.87
CA THR D 202 -38.70 -14.23 20.05
C THR D 202 -38.72 -13.59 21.44
N PRO D 203 -37.55 -13.21 21.96
CA PRO D 203 -37.52 -12.51 23.26
C PRO D 203 -38.25 -11.17 23.24
N ASP D 204 -38.45 -10.58 22.07
CA ASP D 204 -39.05 -9.25 21.97
C ASP D 204 -40.43 -9.17 22.61
N ASP D 205 -41.05 -10.31 22.93
CA ASP D 205 -42.35 -10.30 23.59
C ASP D 205 -42.28 -9.80 25.03
N SER D 206 -41.08 -9.65 25.60
CA SER D 206 -40.93 -9.09 26.94
C SER D 206 -41.28 -7.62 26.98
N PHE D 207 -41.34 -6.97 25.82
CA PHE D 207 -41.68 -5.54 25.75
C PHE D 207 -43.11 -5.36 26.24
N LEU D 208 -43.30 -4.45 27.20
CA LEU D 208 -44.63 -4.15 27.70
C LEU D 208 -45.38 -3.27 26.71
N GLU D 209 -46.06 -3.90 25.76
CA GLU D 209 -46.82 -3.23 24.73
C GLU D 209 -48.19 -2.92 25.32
N TRP D 210 -48.49 -1.63 25.49
CA TRP D 210 -49.43 -1.20 26.52
C TRP D 210 -50.90 -1.35 26.14
N HIS D 211 -51.21 -1.82 24.92
CA HIS D 211 -52.62 -1.97 24.56
C HIS D 211 -53.31 -3.04 25.38
N LYS D 212 -52.57 -4.04 25.87
CA LYS D 212 -53.17 -5.06 26.72
C LYS D 212 -53.58 -4.47 28.07
N PRO D 213 -54.64 -5.00 28.67
CA PRO D 213 -55.11 -4.47 29.96
C PRO D 213 -54.12 -4.66 31.09
N ALA D 214 -54.47 -4.13 32.26
CA ALA D 214 -53.56 -4.12 33.39
C ALA D 214 -53.30 -5.52 33.93
N SER D 215 -54.33 -6.36 34.00
CA SER D 215 -54.11 -7.74 34.43
C SER D 215 -53.13 -8.44 33.51
N VAL D 216 -53.27 -8.22 32.20
CA VAL D 216 -52.34 -8.80 31.25
C VAL D 216 -50.95 -8.17 31.41
N LEU D 217 -50.89 -6.91 31.80
CA LEU D 217 -49.58 -6.29 32.04
C LEU D 217 -48.87 -6.92 33.23
N HIS D 218 -49.61 -7.17 34.32
CA HIS D 218 -49.06 -7.95 35.43
C HIS D 218 -48.62 -9.32 34.96
N ASN D 219 -49.41 -9.92 34.07
CA ASN D 219 -49.09 -11.23 33.51
C ASN D 219 -47.74 -11.21 32.80
N MET D 220 -47.54 -10.25 31.89
CA MET D 220 -46.25 -10.15 31.20
C MET D 220 -45.10 -9.87 32.15
N VAL D 221 -45.26 -8.89 33.06
CA VAL D 221 -44.12 -8.55 33.90
C VAL D 221 -43.75 -9.73 34.79
N ARG D 222 -44.74 -10.50 35.21
CA ARG D 222 -44.47 -11.72 35.97
C ARG D 222 -43.78 -12.77 35.11
N ALA D 223 -44.18 -12.86 33.84
CA ALA D 223 -43.67 -13.92 32.97
C ALA D 223 -42.17 -13.80 32.71
N VAL D 224 -41.66 -12.57 32.67
CA VAL D 224 -40.28 -12.34 32.23
C VAL D 224 -39.39 -11.96 33.39
N ALA D 225 -39.69 -12.46 34.58
CA ALA D 225 -38.90 -12.14 35.76
C ALA D 225 -37.52 -12.79 35.69
N ASP D 226 -36.76 -12.63 36.77
CA ASP D 226 -35.41 -13.17 36.83
C ASP D 226 -35.46 -14.69 36.78
N PRO D 227 -34.39 -15.37 36.32
CA PRO D 227 -33.06 -14.88 35.93
C PRO D 227 -32.99 -14.33 34.50
N TRP D 228 -34.11 -14.20 33.80
CA TRP D 228 -34.10 -13.51 32.53
C TRP D 228 -33.83 -12.02 32.77
N PRO D 229 -33.39 -11.30 31.73
CA PRO D 229 -33.05 -9.87 31.92
C PRO D 229 -34.18 -9.03 32.48
N GLY D 230 -35.43 -9.39 32.20
CA GLY D 230 -36.57 -8.69 32.76
C GLY D 230 -37.40 -8.00 31.68
N ALA D 231 -38.49 -7.40 32.14
CA ALA D 231 -39.40 -6.68 31.25
C ALA D 231 -38.75 -5.42 30.73
N PHE D 232 -38.49 -5.38 29.43
CA PHE D 232 -37.73 -4.29 28.84
C PHE D 232 -38.68 -3.35 28.10
N SER D 233 -38.33 -2.06 28.09
CA SER D 233 -39.13 -1.07 27.39
C SER D 233 -38.25 0.12 27.05
N TYR D 234 -38.75 0.96 26.15
CA TYR D 234 -38.06 2.16 25.70
C TYR D 234 -38.96 3.38 25.93
N VAL D 235 -38.35 4.49 26.33
CA VAL D 235 -39.04 5.78 26.36
C VAL D 235 -38.17 6.77 25.60
N GLY D 236 -38.73 7.35 24.54
CA GLY D 236 -37.89 8.12 23.64
C GLY D 236 -36.87 7.21 23.02
N ASN D 237 -35.62 7.33 23.45
CA ASN D 237 -34.56 6.41 23.04
C ASN D 237 -33.89 5.72 24.22
N GLN D 238 -34.46 5.79 25.42
CA GLN D 238 -33.81 5.27 26.62
C GLN D 238 -34.40 3.94 27.05
N LYS D 239 -33.51 3.00 27.35
CA LYS D 239 -33.77 1.63 27.72
C LYS D 239 -34.12 1.58 29.21
N PHE D 240 -35.08 0.73 29.59
CA PHE D 240 -35.29 0.53 31.02
C PHE D 240 -35.98 -0.81 31.25
N THR D 241 -35.63 -1.44 32.36
CA THR D 241 -36.24 -2.69 32.80
C THR D 241 -37.17 -2.41 33.97
N VAL D 242 -38.38 -2.97 33.89
CA VAL D 242 -39.43 -2.86 34.88
C VAL D 242 -39.54 -4.21 35.59
N TRP D 243 -38.85 -4.35 36.73
CA TRP D 243 -38.72 -5.67 37.33
C TRP D 243 -40.04 -6.18 37.92
N SER D 244 -40.73 -5.37 38.71
CA SER D 244 -41.97 -5.78 39.35
C SER D 244 -43.01 -4.68 39.18
N SER D 245 -44.24 -4.97 39.59
CA SER D 245 -45.34 -4.03 39.38
C SER D 245 -46.56 -4.47 40.19
N ARG D 246 -47.55 -3.59 40.26
CA ARG D 246 -48.87 -3.97 40.77
C ARG D 246 -49.95 -3.34 39.91
N VAL D 247 -51.13 -3.96 39.94
CA VAL D 247 -52.30 -3.45 39.24
C VAL D 247 -53.34 -3.01 40.27
N HIS D 248 -53.79 -1.76 40.17
CA HIS D 248 -54.85 -1.34 41.06
C HIS D 248 -55.96 -0.72 40.24
N PRO D 249 -57.19 -0.69 40.77
CA PRO D 249 -58.27 0.00 40.04
C PRO D 249 -58.07 1.51 40.00
N LYS D 253 -61.63 8.86 32.88
CA LYS D 253 -60.66 8.05 32.17
C LYS D 253 -59.69 8.91 31.38
N ALA D 254 -58.47 8.39 31.16
CA ALA D 254 -57.46 9.13 30.43
C ALA D 254 -57.03 8.32 29.21
N GLN D 255 -56.09 8.87 28.47
CA GLN D 255 -55.61 8.21 27.25
C GLN D 255 -54.69 7.06 27.63
N PRO D 256 -54.94 5.85 27.13
CA PRO D 256 -54.05 4.71 27.44
C PRO D 256 -52.66 4.90 26.84
N GLY D 257 -51.65 5.02 27.71
CA GLY D 257 -50.27 5.19 27.30
C GLY D 257 -49.57 6.35 27.97
N SER D 258 -50.30 7.31 28.51
CA SER D 258 -49.69 8.46 29.17
C SER D 258 -49.53 8.20 30.67
N VAL D 259 -48.80 9.09 31.33
CA VAL D 259 -48.55 8.99 32.76
C VAL D 259 -49.55 9.85 33.51
N ILE D 260 -50.21 9.27 34.51
CA ILE D 260 -51.24 9.99 35.24
C ILE D 260 -50.62 10.91 36.29
N SER D 261 -49.82 10.36 37.19
CA SER D 261 -49.20 11.16 38.24
C SER D 261 -47.76 10.68 38.44
N VAL D 262 -47.02 11.44 39.23
CA VAL D 262 -45.62 11.16 39.51
C VAL D 262 -45.37 10.83 40.97
N ALA D 263 -46.15 11.39 41.89
CA ALA D 263 -45.99 11.10 43.32
C ALA D 263 -47.36 10.84 43.91
N PRO D 264 -47.81 9.57 43.91
CA PRO D 264 -47.13 8.36 43.43
C PRO D 264 -47.06 8.27 41.92
N LEU D 265 -46.13 7.48 41.37
CA LEU D 265 -45.90 7.44 39.93
C LEU D 265 -46.88 6.44 39.32
N LEU D 266 -47.84 6.95 38.57
CA LEU D 266 -48.92 6.16 38.01
C LEU D 266 -48.67 5.91 36.53
N ILE D 267 -49.07 4.74 36.05
CA ILE D 267 -49.07 4.45 34.61
C ILE D 267 -50.49 4.14 34.18
N ALA D 268 -50.96 4.86 33.17
CA ALA D 268 -52.27 4.57 32.58
C ALA D 268 -52.14 3.49 31.53
N CYS D 269 -53.06 2.53 31.58
CA CYS D 269 -53.04 1.37 30.69
C CYS D 269 -54.44 1.24 30.07
N GLY D 270 -54.64 0.19 29.27
CA GLY D 270 -55.94 -0.01 28.64
C GLY D 270 -57.07 -0.08 29.63
N ASP D 271 -56.78 -0.53 30.86
CA ASP D 271 -57.74 -0.47 31.96
C ASP D 271 -56.95 -0.44 33.25
N GLY D 272 -57.55 0.08 34.32
CA GLY D 272 -56.90 0.12 35.60
C GLY D 272 -55.72 1.08 35.64
N ALA D 273 -54.81 0.81 36.58
CA ALA D 273 -53.62 1.63 36.79
C ALA D 273 -52.46 0.75 37.21
N LEU D 274 -51.26 1.14 36.75
CA LEU D 274 -50.06 0.32 36.87
C LEU D 274 -49.06 1.02 37.79
N GLU D 275 -48.47 0.24 38.71
CA GLU D 275 -47.51 0.73 39.70
C GLU D 275 -46.14 0.08 39.49
N ILE D 276 -45.11 0.92 39.41
CA ILE D 276 -43.72 0.49 39.36
C ILE D 276 -43.05 0.74 40.72
N VAL D 277 -42.65 -0.33 41.40
CA VAL D 277 -41.72 -0.17 42.51
C VAL D 277 -40.28 -0.23 42.02
N THR D 278 -39.87 -1.35 41.42
CA THR D 278 -38.48 -1.60 41.15
C THR D 278 -38.21 -1.65 39.65
N GLY D 279 -37.24 -0.85 39.23
CA GLY D 279 -36.87 -0.79 37.83
C GLY D 279 -35.67 0.13 37.69
N GLN D 280 -35.04 0.05 36.53
CA GLN D 280 -33.83 0.81 36.28
C GLN D 280 -33.54 0.92 34.78
N ALA D 281 -32.98 2.06 34.40
CA ALA D 281 -32.69 2.37 33.01
C ALA D 281 -31.33 1.83 32.65
N GLY D 282 -31.24 1.11 31.53
CA GLY D 282 -29.98 0.55 31.11
C GLY D 282 -29.50 -0.50 32.10
N ASP D 283 -28.34 -0.27 32.70
CA ASP D 283 -27.74 -1.18 33.66
C ASP D 283 -27.40 -0.51 34.97
N GLY D 284 -28.16 0.50 35.37
CA GLY D 284 -27.94 1.17 36.64
C GLY D 284 -28.56 0.40 37.80
N ILE D 285 -28.69 1.11 38.92
CA ILE D 285 -29.19 0.49 40.14
C ILE D 285 -30.72 0.56 40.16
N THR D 286 -31.32 -0.51 40.68
CA THR D 286 -32.77 -0.58 40.79
C THR D 286 -33.25 0.31 41.93
N MET D 287 -34.23 1.18 41.63
CA MET D 287 -34.67 2.16 42.62
C MET D 287 -36.09 2.57 42.23
N GLN D 288 -36.84 3.08 43.20
CA GLN D 288 -38.26 3.34 43.05
C GLN D 288 -38.48 4.40 41.96
N GLY D 289 -39.64 4.34 41.32
CA GLY D 289 -39.81 4.97 40.02
C GLY D 289 -39.62 6.48 40.00
N SER D 290 -39.65 7.11 41.19
CA SER D 290 -39.47 8.56 41.25
C SER D 290 -38.10 8.99 40.73
N GLN D 291 -37.04 8.26 41.10
CA GLN D 291 -35.72 8.57 40.57
C GLN D 291 -35.68 8.35 39.07
N LEU D 292 -36.32 7.29 38.59
CA LEU D 292 -36.42 7.06 37.16
C LEU D 292 -37.10 8.22 36.46
N ALA D 293 -38.13 8.79 37.09
CA ALA D 293 -38.88 9.88 36.47
C ALA D 293 -38.14 11.20 36.56
N GLN D 294 -37.20 11.33 37.49
CA GLN D 294 -36.44 12.59 37.56
C GLN D 294 -35.23 12.54 36.64
N THR D 295 -34.68 11.35 36.39
CA THR D 295 -33.64 11.24 35.36
C THR D 295 -34.24 11.32 33.97
N LEU D 296 -35.39 10.67 33.76
CA LEU D 296 -35.97 10.62 32.41
C LEU D 296 -36.91 11.79 32.14
N GLY D 297 -37.56 12.34 33.15
CA GLY D 297 -38.43 13.49 32.96
C GLY D 297 -39.88 13.18 32.72
N LEU D 298 -40.39 12.08 33.26
CA LEU D 298 -41.81 11.77 33.15
C LEU D 298 -42.63 12.81 33.90
N VAL D 299 -43.76 13.21 33.30
CA VAL D 299 -44.67 14.17 33.89
C VAL D 299 -46.10 13.69 33.68
N GLN D 300 -47.01 14.31 34.42
CA GLN D 300 -48.43 13.97 34.34
C GLN D 300 -48.98 14.19 32.93
N MET E 1 30.59 -13.38 -63.99
CA MET E 1 29.29 -14.03 -63.87
C MET E 1 29.02 -14.42 -62.41
N LYS E 2 29.82 -13.86 -61.51
CA LYS E 2 29.58 -13.95 -60.08
C LYS E 2 28.31 -13.18 -59.72
N THR E 3 27.52 -13.77 -58.84
CA THR E 3 26.20 -13.22 -58.53
C THR E 3 25.91 -13.43 -57.04
N VAL E 4 24.96 -12.65 -56.53
CA VAL E 4 24.48 -12.78 -55.17
C VAL E 4 23.04 -13.27 -55.22
N VAL E 5 22.79 -14.45 -54.66
CA VAL E 5 21.47 -15.06 -54.66
C VAL E 5 20.81 -14.79 -53.31
N PHE E 6 19.49 -14.70 -53.32
CA PHE E 6 18.69 -14.66 -52.10
C PHE E 6 17.82 -15.91 -52.07
N ALA E 7 18.11 -16.80 -51.14
CA ALA E 7 17.48 -18.10 -51.05
C ALA E 7 17.08 -18.38 -49.61
N TYR E 8 16.14 -19.30 -49.45
CA TYR E 8 15.68 -19.72 -48.13
C TYR E 8 14.91 -21.02 -48.26
N HIS E 9 15.13 -21.92 -47.30
CA HIS E 9 14.42 -23.18 -47.16
C HIS E 9 14.83 -24.11 -48.32
N ASP E 10 14.17 -25.26 -48.47
CA ASP E 10 14.78 -26.34 -49.24
C ASP E 10 14.72 -26.07 -50.74
N MET E 11 13.73 -25.30 -51.21
CA MET E 11 13.79 -24.89 -52.62
C MET E 11 14.98 -23.96 -52.83
N GLY E 12 15.30 -23.13 -51.83
CA GLY E 12 16.48 -22.31 -51.92
C GLY E 12 17.76 -23.13 -52.01
N CYS E 13 17.89 -24.13 -51.13
CA CYS E 13 19.07 -24.99 -51.18
C CYS E 13 19.14 -25.75 -52.51
N LEU E 14 17.99 -26.20 -53.00
CA LEU E 14 17.93 -26.89 -54.28
C LEU E 14 18.39 -25.99 -55.42
N GLY E 15 17.96 -24.73 -55.39
CA GLY E 15 18.44 -23.77 -56.38
C GLY E 15 19.94 -23.55 -56.28
N ILE E 16 20.47 -23.50 -55.06
CA ILE E 16 21.92 -23.40 -54.90
C ILE E 16 22.62 -24.58 -55.56
N GLU E 17 22.10 -25.80 -55.33
CA GLU E 17 22.75 -26.98 -55.91
C GLU E 17 22.66 -26.97 -57.43
N ALA E 18 21.51 -26.57 -57.96
CA ALA E 18 21.38 -26.48 -59.42
C ALA E 18 22.35 -25.45 -60.00
N LEU E 19 22.47 -24.29 -59.36
CA LEU E 19 23.38 -23.26 -59.84
C LEU E 19 24.83 -23.74 -59.76
N LEU E 20 25.17 -24.46 -58.70
CA LEU E 20 26.52 -25.00 -58.58
C LEU E 20 26.80 -26.01 -59.68
N ALA E 21 25.81 -26.84 -60.03
CA ALA E 21 25.97 -27.74 -61.16
C ALA E 21 26.19 -26.99 -62.47
N ALA E 22 25.70 -25.76 -62.58
CA ALA E 22 25.94 -24.92 -63.74
C ALA E 22 27.34 -24.32 -63.74
N GLY E 23 27.96 -24.17 -62.57
CA GLY E 23 29.27 -23.57 -62.47
C GLY E 23 29.27 -22.11 -62.08
N TYR E 24 28.11 -21.54 -61.75
CA TYR E 24 28.06 -20.15 -61.34
C TYR E 24 28.66 -19.98 -59.94
N GLU E 25 29.34 -18.85 -59.75
CA GLU E 25 30.02 -18.55 -58.50
C GLU E 25 29.17 -17.52 -57.75
N ILE E 26 28.96 -17.77 -56.47
CA ILE E 26 28.22 -16.85 -55.62
C ILE E 26 29.22 -16.07 -54.78
N SER E 27 29.27 -14.75 -55.01
CA SER E 27 30.15 -13.91 -54.19
C SER E 27 29.74 -13.96 -52.72
N ALA E 28 28.46 -13.72 -52.45
CA ALA E 28 27.90 -13.91 -51.12
C ALA E 28 26.43 -14.23 -51.27
N ILE E 29 25.85 -14.83 -50.24
CA ILE E 29 24.44 -15.15 -50.20
C ILE E 29 23.77 -14.26 -49.17
N PHE E 30 22.86 -13.40 -49.64
CA PHE E 30 22.00 -12.62 -48.77
C PHE E 30 20.76 -13.45 -48.44
N THR E 31 20.87 -14.28 -47.40
CA THR E 31 19.77 -15.11 -46.96
C THR E 31 19.06 -14.40 -45.81
N HIS E 32 17.76 -14.59 -45.72
CA HIS E 32 16.94 -13.99 -44.67
C HIS E 32 17.25 -14.68 -43.34
N THR E 33 17.00 -13.97 -42.25
CA THR E 33 17.20 -14.54 -40.92
C THR E 33 16.27 -15.73 -40.71
N ASP E 34 16.83 -16.81 -40.19
CA ASP E 34 16.07 -18.04 -39.96
C ASP E 34 15.04 -17.85 -38.86
N PHE E 41 14.34 -28.35 -39.29
CA PHE E 41 14.55 -29.70 -39.78
C PHE E 41 15.08 -29.69 -41.21
N TYR E 42 14.88 -28.58 -41.90
CA TYR E 42 15.38 -28.43 -43.26
C TYR E 42 16.90 -28.25 -43.25
N GLY E 43 17.52 -28.59 -44.38
CA GLY E 43 18.95 -28.44 -44.49
C GLY E 43 19.39 -27.00 -44.50
N SER E 44 20.08 -26.59 -43.44
CA SER E 44 20.57 -25.23 -43.30
C SER E 44 21.67 -25.00 -44.31
N VAL E 45 21.62 -23.83 -44.97
CA VAL E 45 22.56 -23.54 -46.04
C VAL E 45 23.97 -23.33 -45.48
N ALA E 46 24.06 -23.06 -44.18
CA ALA E 46 25.36 -22.78 -43.57
C ALA E 46 26.32 -23.95 -43.71
N ARG E 47 25.81 -25.17 -43.55
CA ARG E 47 26.68 -26.34 -43.65
C ARG E 47 27.32 -26.45 -45.03
N LEU E 48 26.51 -26.39 -46.10
CA LEU E 48 27.06 -26.51 -47.45
C LEU E 48 27.97 -25.33 -47.77
N ALA E 49 27.57 -24.12 -47.35
CA ALA E 49 28.42 -22.96 -47.59
C ALA E 49 29.77 -23.11 -46.88
N ALA E 50 29.78 -23.81 -45.75
CA ALA E 50 31.04 -24.04 -45.04
C ALA E 50 31.88 -25.11 -45.74
N GLU E 51 31.25 -26.21 -46.16
CA GLU E 51 32.02 -27.27 -46.80
C GLU E 51 32.57 -26.83 -48.15
N ARG E 52 31.81 -26.06 -48.91
CA ARG E 52 32.27 -25.59 -50.21
C ARG E 52 32.96 -24.23 -50.14
N GLY E 53 32.93 -23.56 -48.99
CA GLY E 53 33.67 -22.32 -48.81
C GLY E 53 33.10 -21.10 -49.50
N ILE E 54 31.87 -20.73 -49.19
CA ILE E 54 31.26 -19.49 -49.68
C ILE E 54 30.83 -18.66 -48.49
N PRO E 55 31.26 -17.40 -48.38
CA PRO E 55 30.76 -16.54 -47.30
C PRO E 55 29.27 -16.29 -47.46
N VAL E 56 28.56 -16.25 -46.33
CA VAL E 56 27.12 -16.05 -46.32
C VAL E 56 26.78 -14.94 -45.34
N TYR E 57 26.01 -13.97 -45.81
CA TYR E 57 25.62 -12.81 -45.01
C TYR E 57 24.10 -12.80 -44.85
N ALA E 58 23.66 -12.55 -43.63
CA ALA E 58 22.23 -12.56 -43.30
C ALA E 58 21.84 -11.27 -42.60
N PRO E 59 21.83 -10.14 -43.32
CA PRO E 59 21.47 -8.87 -42.70
C PRO E 59 19.98 -8.79 -42.39
N ASP E 60 19.66 -7.98 -41.39
CA ASP E 60 18.27 -7.76 -41.04
C ASP E 60 17.52 -6.98 -42.11
N ASN E 61 18.24 -6.16 -42.89
CA ASN E 61 17.63 -5.38 -43.95
C ASN E 61 18.70 -5.03 -44.97
N VAL E 62 18.28 -4.87 -46.22
CA VAL E 62 19.18 -4.48 -47.30
C VAL E 62 18.86 -3.11 -47.87
N ASN E 63 17.85 -2.41 -47.35
CA ASN E 63 17.47 -1.09 -47.85
C ASN E 63 18.28 0.00 -47.13
N HIS E 64 19.59 -0.04 -47.36
CA HIS E 64 20.57 0.88 -46.82
C HIS E 64 21.56 1.26 -47.92
N PRO E 65 22.22 2.41 -47.79
CA PRO E 65 23.32 2.72 -48.71
C PRO E 65 24.46 1.72 -48.69
N LEU E 66 24.82 1.18 -47.51
CA LEU E 66 26.04 0.39 -47.43
C LEU E 66 25.86 -0.99 -48.05
N TRP E 67 24.71 -1.64 -47.82
CA TRP E 67 24.52 -2.94 -48.45
C TRP E 67 24.40 -2.82 -49.97
N VAL E 68 23.75 -1.76 -50.46
CA VAL E 68 23.66 -1.60 -51.92
C VAL E 68 25.03 -1.26 -52.48
N GLU E 69 25.87 -0.56 -51.71
CA GLU E 69 27.25 -0.36 -52.15
C GLU E 69 27.97 -1.69 -52.25
N ARG E 70 27.67 -2.60 -51.32
CA ARG E 70 28.25 -3.94 -51.40
C ARG E 70 27.79 -4.68 -52.65
N ILE E 71 26.49 -4.62 -52.95
CA ILE E 71 25.98 -5.27 -54.16
C ILE E 71 26.59 -4.63 -55.40
N ALA E 72 26.80 -3.31 -55.37
CA ALA E 72 27.43 -2.63 -56.50
C ALA E 72 28.86 -3.11 -56.70
N GLN E 73 29.59 -3.33 -55.59
CA GLN E 73 30.98 -3.74 -55.74
C GLN E 73 31.10 -5.21 -56.16
N LEU E 74 30.26 -6.09 -55.61
CA LEU E 74 30.22 -7.47 -56.10
C LEU E 74 29.72 -7.55 -57.54
N SER E 75 28.79 -6.69 -57.92
CA SER E 75 28.22 -6.62 -59.27
C SER E 75 27.63 -7.96 -59.70
N PRO E 76 26.49 -8.37 -59.12
CA PRO E 76 25.84 -9.61 -59.59
C PRO E 76 25.30 -9.41 -61.01
N ASP E 77 25.11 -10.53 -61.70
CA ASP E 77 24.59 -10.46 -63.06
C ASP E 77 23.16 -10.96 -63.15
N VAL E 78 22.63 -11.55 -62.08
CA VAL E 78 21.29 -12.14 -62.11
C VAL E 78 20.76 -12.24 -60.69
N ILE E 79 19.43 -12.18 -60.57
CA ILE E 79 18.73 -12.44 -59.32
C ILE E 79 17.80 -13.62 -59.51
N PHE E 80 17.78 -14.52 -58.52
CA PHE E 80 16.86 -15.63 -58.46
C PHE E 80 15.99 -15.50 -57.23
N SER E 81 14.73 -15.94 -57.35
CA SER E 81 13.78 -15.93 -56.26
C SER E 81 13.18 -17.31 -56.11
N PHE E 82 13.35 -17.90 -54.92
CA PHE E 82 12.81 -19.21 -54.59
C PHE E 82 11.80 -19.04 -53.47
N TYR E 83 10.52 -18.98 -53.84
CA TYR E 83 9.41 -18.92 -52.89
C TYR E 83 9.55 -17.75 -51.91
N TYR E 84 9.91 -16.57 -52.44
CA TYR E 84 10.07 -15.39 -51.60
C TYR E 84 8.71 -14.93 -51.08
N ARG E 85 8.71 -14.24 -49.95
CA ARG E 85 7.48 -13.76 -49.33
C ARG E 85 7.26 -12.26 -49.52
N HIS E 86 8.28 -11.44 -49.34
CA HIS E 86 8.16 -9.99 -49.34
C HIS E 86 8.04 -9.47 -50.77
N LEU E 87 7.62 -8.21 -50.88
CA LEU E 87 7.51 -7.55 -52.17
C LEU E 87 8.89 -7.03 -52.59
N ILE E 88 9.16 -7.10 -53.90
CA ILE E 88 10.45 -6.66 -54.46
C ILE E 88 10.21 -5.29 -55.06
N TYR E 89 10.57 -4.24 -54.33
CA TYR E 89 10.49 -2.89 -54.86
C TYR E 89 11.75 -2.57 -55.65
N ASP E 90 11.70 -1.47 -56.42
CA ASP E 90 12.75 -1.15 -57.40
C ASP E 90 14.13 -1.05 -56.76
N GLU E 91 14.20 -0.90 -55.44
CA GLU E 91 15.49 -0.90 -54.73
C GLU E 91 16.30 -2.13 -55.07
N ILE E 92 15.64 -3.24 -55.36
CA ILE E 92 16.36 -4.45 -55.77
C ILE E 92 16.33 -4.61 -57.29
N LEU E 93 15.32 -4.05 -57.95
CA LEU E 93 15.22 -4.21 -59.40
C LEU E 93 16.30 -3.44 -60.14
N GLN E 94 16.84 -2.38 -59.53
CA GLN E 94 17.77 -1.53 -60.27
C GLN E 94 19.16 -2.13 -60.40
N LEU E 95 19.64 -2.90 -59.41
CA LEU E 95 21.00 -3.41 -59.46
C LEU E 95 21.21 -4.40 -60.60
N ALA E 96 20.18 -5.17 -60.93
CA ALA E 96 20.34 -6.27 -61.88
C ALA E 96 20.58 -5.75 -63.29
N PRO E 97 21.68 -6.12 -63.95
CA PRO E 97 21.79 -5.84 -65.38
C PRO E 97 20.84 -6.68 -66.21
N ALA E 98 20.81 -8.00 -65.97
CA ALA E 98 19.95 -8.90 -66.73
C ALA E 98 18.54 -9.02 -66.15
N GLY E 99 18.31 -8.57 -64.92
CA GLY E 99 17.00 -8.66 -64.31
C GLY E 99 16.96 -9.69 -63.19
N ALA E 100 15.72 -10.00 -62.79
CA ALA E 100 15.45 -10.97 -61.75
C ALA E 100 14.41 -11.99 -62.23
N PHE E 101 14.52 -13.22 -61.73
CA PHE E 101 13.65 -14.29 -62.16
C PHE E 101 13.20 -15.10 -60.95
N ASN E 102 11.90 -15.41 -60.91
CA ASN E 102 11.27 -16.04 -59.76
C ASN E 102 10.63 -17.36 -60.18
N LEU E 103 10.76 -18.36 -59.30
CA LEU E 103 10.07 -19.64 -59.43
C LEU E 103 8.87 -19.62 -58.49
N HIS E 104 7.69 -19.91 -59.04
CA HIS E 104 6.45 -19.88 -58.28
C HIS E 104 5.63 -21.14 -58.57
N GLY E 105 5.07 -21.73 -57.51
CA GLY E 105 4.31 -22.95 -57.65
C GLY E 105 2.81 -22.73 -57.83
N SER E 106 2.43 -22.01 -58.87
CA SER E 106 1.01 -21.77 -59.14
C SER E 106 0.83 -21.48 -60.62
N LEU E 107 -0.43 -21.53 -61.06
CA LEU E 107 -0.78 -21.26 -62.44
C LEU E 107 -1.04 -19.77 -62.65
N LEU E 108 0.03 -18.99 -62.72
CA LEU E 108 -0.11 -17.54 -62.86
C LEU E 108 -0.84 -17.22 -64.17
N PRO E 109 -1.60 -16.11 -64.22
CA PRO E 109 -1.76 -15.08 -63.19
C PRO E 109 -2.85 -15.36 -62.16
N LYS E 110 -3.35 -16.58 -62.04
CA LYS E 110 -4.42 -16.88 -61.10
C LYS E 110 -3.93 -16.79 -59.66
N TYR E 111 -4.76 -16.16 -58.82
CA TYR E 111 -4.65 -16.22 -57.35
C TYR E 111 -3.21 -16.02 -56.87
N ARG E 112 -2.68 -14.82 -57.14
CA ARG E 112 -1.32 -14.48 -56.78
C ARG E 112 -1.27 -14.01 -55.32
N GLY E 113 -0.07 -14.08 -54.73
CA GLY E 113 0.15 -13.50 -53.42
C GLY E 113 0.58 -14.49 -52.34
N ARG E 114 0.41 -14.09 -51.09
CA ARG E 114 0.87 -14.86 -49.94
C ARG E 114 0.03 -16.13 -49.78
N ALA E 115 0.67 -17.18 -49.30
CA ALA E 115 0.04 -18.48 -49.08
C ALA E 115 -0.75 -18.97 -50.30
N PRO E 116 -0.08 -19.18 -51.44
CA PRO E 116 -0.80 -19.68 -52.62
C PRO E 116 -1.06 -21.18 -52.55
N LEU E 117 -0.49 -21.87 -51.57
CA LEU E 117 -0.58 -23.33 -51.51
C LEU E 117 -2.03 -23.78 -51.35
N ASN E 118 -2.73 -23.24 -50.36
CA ASN E 118 -4.14 -23.57 -50.20
C ASN E 118 -4.95 -23.08 -51.39
N TRP E 119 -4.57 -21.94 -51.95
CA TRP E 119 -5.34 -21.35 -53.03
C TRP E 119 -5.31 -22.24 -54.28
N VAL E 120 -4.18 -22.90 -54.53
CA VAL E 120 -4.12 -23.78 -55.70
C VAL E 120 -4.76 -25.13 -55.40
N LEU E 121 -4.76 -25.56 -54.14
CA LEU E 121 -5.41 -26.82 -53.79
C LEU E 121 -6.89 -26.65 -53.51
N VAL E 122 -7.41 -25.43 -53.62
CA VAL E 122 -8.84 -25.21 -53.42
C VAL E 122 -9.65 -25.98 -54.46
N ASN E 123 -9.24 -25.89 -55.73
CA ASN E 123 -9.93 -26.57 -56.81
C ASN E 123 -9.40 -27.99 -57.04
N GLY E 124 -8.29 -28.35 -56.42
CA GLY E 124 -7.77 -29.70 -56.51
C GLY E 124 -7.48 -30.17 -57.93
N GLU E 125 -6.81 -29.35 -58.73
CA GLU E 125 -6.57 -29.69 -60.12
C GLU E 125 -5.62 -30.89 -60.22
N THR E 126 -5.88 -31.74 -61.21
CA THR E 126 -4.99 -32.83 -61.56
C THR E 126 -3.88 -32.33 -62.50
N GLU E 127 -3.70 -31.00 -62.58
CA GLU E 127 -2.73 -30.39 -63.47
C GLU E 127 -2.20 -29.12 -62.82
N THR E 128 -1.05 -29.23 -62.17
CA THR E 128 -0.44 -28.07 -61.54
C THR E 128 1.07 -28.27 -61.54
N GLY E 129 1.83 -27.19 -61.42
CA GLY E 129 3.27 -27.35 -61.49
C GLY E 129 4.00 -26.10 -61.05
N VAL E 130 5.11 -25.86 -61.74
CA VAL E 130 6.06 -24.82 -61.38
C VAL E 130 6.29 -23.89 -62.57
N THR E 131 6.29 -22.59 -62.31
CA THR E 131 6.41 -21.58 -63.34
C THR E 131 7.59 -20.67 -63.02
N LEU E 132 8.49 -20.51 -63.98
CA LEU E 132 9.53 -19.50 -63.91
C LEU E 132 9.03 -18.25 -64.61
N HIS E 133 9.40 -17.08 -64.11
CA HIS E 133 8.98 -15.85 -64.75
C HIS E 133 9.95 -14.72 -64.43
N ARG E 134 9.90 -13.67 -65.23
CA ARG E 134 10.74 -12.51 -65.03
C ARG E 134 9.97 -11.43 -64.26
N MET E 135 10.71 -10.59 -63.55
CA MET E 135 10.11 -9.45 -62.85
C MET E 135 10.28 -8.17 -63.63
N VAL E 136 9.32 -7.27 -63.49
CA VAL E 136 9.40 -5.90 -63.97
C VAL E 136 8.98 -5.02 -62.80
N LYS E 137 8.87 -3.70 -63.03
CA LYS E 137 8.53 -2.78 -61.95
C LYS E 137 7.30 -3.23 -61.19
N ARG E 138 6.31 -3.78 -61.90
CA ARG E 138 5.19 -4.44 -61.24
C ARG E 138 5.54 -5.91 -61.05
N ALA E 139 5.62 -6.33 -59.79
CA ALA E 139 6.03 -7.70 -59.47
C ALA E 139 5.08 -8.70 -60.09
N ASP E 140 5.64 -9.81 -60.58
CA ASP E 140 4.87 -10.90 -61.19
C ASP E 140 4.15 -10.45 -62.46
N ALA E 141 4.76 -9.51 -63.19
CA ALA E 141 4.19 -9.04 -64.44
C ALA E 141 5.08 -9.26 -65.65
N GLY E 142 6.27 -9.83 -65.48
CA GLY E 142 7.15 -10.10 -66.61
C GLY E 142 6.79 -11.38 -67.33
N ALA E 143 7.53 -11.64 -68.40
CA ALA E 143 7.24 -12.78 -69.26
C ALA E 143 7.52 -14.10 -68.54
N ILE E 144 6.67 -15.08 -68.83
CA ILE E 144 6.86 -16.44 -68.33
C ILE E 144 8.02 -17.08 -69.07
N VAL E 145 8.95 -17.66 -68.33
CA VAL E 145 10.08 -18.35 -68.94
C VAL E 145 9.70 -19.79 -69.27
N ALA E 146 9.19 -20.53 -68.28
CA ALA E 146 8.82 -21.91 -68.51
C ALA E 146 7.70 -22.31 -67.55
N GLN E 147 6.92 -23.30 -67.96
CA GLN E 147 5.85 -23.87 -67.17
C GLN E 147 5.96 -25.39 -67.20
N LEU E 148 5.90 -26.02 -66.03
CA LEU E 148 6.05 -27.47 -65.93
C LEU E 148 4.89 -28.05 -65.12
N ARG E 149 4.36 -29.16 -65.61
CA ARG E 149 3.10 -29.76 -65.18
C ARG E 149 3.34 -31.09 -64.46
N ILE E 150 2.51 -31.38 -63.47
CA ILE E 150 2.44 -32.68 -62.83
C ILE E 150 1.01 -32.85 -62.29
N ALA E 151 0.60 -34.10 -62.16
CA ALA E 151 -0.71 -34.47 -61.65
C ALA E 151 -0.64 -34.86 -60.18
N ILE E 152 -1.77 -34.78 -59.50
CA ILE E 152 -1.88 -35.21 -58.11
C ILE E 152 -2.85 -36.39 -58.06
N ALA E 153 -2.39 -37.50 -57.47
CA ALA E 153 -3.22 -38.67 -57.28
C ALA E 153 -4.14 -38.48 -56.09
N PRO E 154 -5.29 -39.17 -56.06
CA PRO E 154 -6.21 -39.00 -54.93
C PRO E 154 -5.63 -39.44 -53.60
N ASP E 155 -4.58 -40.26 -53.61
CA ASP E 155 -3.97 -40.75 -52.39
C ASP E 155 -2.74 -39.94 -51.95
N ASP E 156 -2.48 -38.81 -52.60
CA ASP E 156 -1.28 -38.04 -52.31
C ASP E 156 -1.41 -37.28 -50.99
N ILE E 157 -0.35 -37.31 -50.19
CA ILE E 157 -0.30 -36.64 -48.90
C ILE E 157 0.60 -35.41 -49.03
N ALA E 158 0.44 -34.42 -48.15
CA ALA E 158 1.09 -33.12 -48.33
C ALA E 158 2.60 -33.27 -48.49
N ILE E 159 3.21 -34.13 -47.68
CA ILE E 159 4.67 -34.28 -47.74
C ILE E 159 5.09 -34.87 -49.08
N THR E 160 4.29 -35.79 -49.64
CA THR E 160 4.66 -36.36 -50.94
C THR E 160 4.46 -35.34 -52.06
N LEU E 161 3.45 -34.47 -51.96
CA LEU E 161 3.39 -33.37 -52.92
C LEU E 161 4.61 -32.47 -52.82
N HIS E 162 5.03 -32.13 -51.60
CA HIS E 162 6.21 -31.28 -51.47
C HIS E 162 7.44 -31.94 -52.06
N HIS E 163 7.61 -33.24 -51.78
CA HIS E 163 8.74 -33.97 -52.36
C HIS E 163 8.70 -33.93 -53.87
N LYS E 164 7.53 -34.19 -54.46
CA LYS E 164 7.39 -34.19 -55.91
C LYS E 164 7.70 -32.82 -56.49
N LEU E 165 7.26 -31.77 -55.81
CA LEU E 165 7.64 -30.41 -56.23
C LEU E 165 9.14 -30.25 -56.20
N CYS E 166 9.82 -30.85 -55.21
CA CYS E 166 11.27 -30.71 -55.14
C CYS E 166 11.97 -31.42 -56.28
N HIS E 167 11.60 -32.68 -56.57
CA HIS E 167 12.24 -33.33 -57.71
C HIS E 167 11.90 -32.62 -59.01
N ALA E 168 10.68 -32.11 -59.13
CA ALA E 168 10.30 -31.36 -60.32
C ALA E 168 11.17 -30.12 -60.47
N ALA E 169 11.42 -29.43 -59.36
CA ALA E 169 12.29 -28.25 -59.40
C ALA E 169 13.70 -28.62 -59.83
N ARG E 170 14.24 -29.71 -59.29
CA ARG E 170 15.56 -30.18 -59.72
C ARG E 170 15.59 -30.43 -61.22
N GLN E 171 14.67 -31.25 -61.72
CA GLN E 171 14.76 -31.66 -63.12
C GLN E 171 14.37 -30.52 -64.05
N LEU E 172 13.63 -29.54 -63.54
CA LEU E 172 13.34 -28.34 -64.32
C LEU E 172 14.55 -27.43 -64.41
N LEU E 173 15.14 -27.08 -63.27
CA LEU E 173 16.34 -26.24 -63.29
C LEU E 173 17.42 -26.86 -64.14
N GLU E 174 17.46 -28.20 -64.19
CA GLU E 174 18.45 -28.91 -64.98
C GLU E 174 18.52 -28.41 -66.43
N GLN E 175 17.38 -28.12 -67.05
CA GLN E 175 17.43 -27.58 -68.42
C GLN E 175 16.99 -26.13 -68.53
N THR E 176 16.53 -25.50 -67.44
CA THR E 176 16.37 -24.05 -67.49
C THR E 176 17.69 -23.31 -67.36
N LEU E 177 18.65 -23.84 -66.57
CA LEU E 177 19.94 -23.17 -66.46
C LEU E 177 20.68 -23.11 -67.79
N PRO E 178 20.72 -24.15 -68.63
CA PRO E 178 21.32 -23.98 -69.96
C PRO E 178 20.62 -22.95 -70.82
N ALA E 179 19.30 -22.79 -70.65
CA ALA E 179 18.55 -21.85 -71.47
C ALA E 179 19.05 -20.43 -71.26
N ILE E 180 19.29 -20.05 -70.00
CA ILE E 180 19.84 -18.72 -69.73
C ILE E 180 21.34 -18.70 -69.99
N LYS E 181 22.00 -19.86 -69.89
CA LYS E 181 23.42 -19.90 -70.22
C LYS E 181 23.68 -19.54 -71.67
N HIS E 182 22.88 -20.09 -72.60
CA HIS E 182 23.10 -19.85 -74.02
C HIS E 182 22.79 -18.41 -74.42
N GLY E 183 22.04 -17.69 -73.61
CA GLY E 183 21.72 -16.30 -73.88
C GLY E 183 20.25 -16.05 -73.70
N ASN E 184 19.81 -14.88 -74.16
CA ASN E 184 18.41 -14.50 -74.05
C ASN E 184 17.54 -15.34 -74.97
N ILE E 185 16.33 -15.66 -74.50
CA ILE E 185 15.32 -16.36 -75.27
C ILE E 185 14.10 -15.48 -75.34
N LEU E 186 13.38 -15.52 -76.46
CA LEU E 186 12.10 -14.83 -76.57
C LEU E 186 11.06 -15.59 -75.75
N GLU E 187 10.72 -15.07 -74.58
CA GLU E 187 9.78 -15.75 -73.70
C GLU E 187 8.35 -15.54 -74.18
N ILE E 188 7.40 -15.99 -73.34
CA ILE E 188 5.97 -15.85 -73.61
C ILE E 188 5.38 -14.88 -72.59
N ALA E 189 4.58 -13.94 -73.09
CA ALA E 189 4.02 -12.90 -72.23
C ALA E 189 2.83 -13.41 -71.42
N GLN E 190 2.50 -12.70 -70.35
CA GLN E 190 1.37 -13.07 -69.50
C GLN E 190 0.05 -12.66 -70.13
N ARG E 191 -0.98 -13.46 -69.87
CA ARG E 191 -2.33 -13.14 -70.28
C ARG E 191 -3.03 -12.39 -69.14
N GLU E 192 -3.00 -11.05 -69.22
CA GLU E 192 -3.55 -10.23 -68.15
C GLU E 192 -5.06 -10.40 -68.04
N ASN E 193 -5.71 -10.98 -69.06
CA ASN E 193 -7.15 -11.18 -69.03
C ASN E 193 -7.57 -12.28 -68.07
N GLU E 194 -6.64 -12.82 -67.27
CA GLU E 194 -6.94 -13.87 -66.30
C GLU E 194 -6.50 -13.50 -64.89
N ALA E 195 -6.75 -12.27 -64.46
CA ALA E 195 -6.32 -11.80 -63.15
C ALA E 195 -7.51 -11.34 -62.32
N THR E 196 -7.52 -11.74 -61.05
CA THR E 196 -8.55 -11.36 -60.09
C THR E 196 -7.89 -11.09 -58.74
N CYS E 197 -8.68 -10.56 -57.81
CA CYS E 197 -8.21 -10.23 -56.47
C CYS E 197 -9.27 -10.56 -55.45
N PHE E 198 -8.84 -11.08 -54.29
CA PHE E 198 -9.74 -11.53 -53.24
C PHE E 198 -9.27 -10.96 -51.89
N GLY E 199 -9.87 -11.48 -50.82
CA GLY E 199 -9.63 -11.00 -49.48
C GLY E 199 -8.68 -11.88 -48.70
N ARG E 200 -9.02 -12.11 -47.44
CA ARG E 200 -8.14 -12.84 -46.54
C ARG E 200 -8.72 -14.21 -46.19
N ARG E 201 -8.05 -14.92 -45.30
CA ARG E 201 -8.47 -16.26 -44.89
C ARG E 201 -8.92 -16.22 -43.43
N THR E 202 -9.94 -17.00 -43.10
CA THR E 202 -10.52 -16.99 -41.77
C THR E 202 -10.18 -18.25 -40.99
N PRO E 203 -10.22 -18.18 -39.66
CA PRO E 203 -9.94 -19.39 -38.85
C PRO E 203 -10.92 -20.52 -39.11
N ASP E 204 -12.09 -20.23 -39.66
CA ASP E 204 -13.10 -21.26 -39.91
C ASP E 204 -12.60 -22.35 -40.84
N ASP E 205 -11.56 -22.07 -41.65
CA ASP E 205 -10.98 -23.10 -42.50
C ASP E 205 -10.38 -24.24 -41.69
N SER E 206 -9.97 -23.99 -40.45
CA SER E 206 -9.53 -25.02 -39.53
C SER E 206 -10.68 -25.82 -38.94
N PHE E 207 -11.83 -25.18 -38.72
CA PHE E 207 -12.95 -25.82 -38.06
C PHE E 207 -13.68 -26.71 -39.06
N LEU E 208 -13.78 -28.00 -38.74
CA LEU E 208 -14.41 -28.96 -39.64
C LEU E 208 -15.92 -28.83 -39.57
N GLU E 209 -16.47 -27.97 -40.42
CA GLU E 209 -17.91 -27.75 -40.54
C GLU E 209 -18.48 -28.81 -41.48
N TRP E 210 -19.75 -29.17 -41.27
CA TRP E 210 -20.30 -30.39 -41.85
C TRP E 210 -21.25 -30.17 -43.04
N HIS E 211 -21.27 -28.99 -43.67
CA HIS E 211 -22.24 -28.82 -44.75
C HIS E 211 -21.62 -28.94 -46.14
N LYS E 212 -20.34 -28.60 -46.31
CA LYS E 212 -19.72 -28.79 -47.63
C LYS E 212 -19.57 -30.27 -47.93
N PRO E 213 -19.62 -30.64 -49.21
CA PRO E 213 -19.55 -32.06 -49.56
C PRO E 213 -18.23 -32.70 -49.15
N ALA E 214 -18.22 -34.03 -49.18
CA ALA E 214 -17.11 -34.79 -48.60
C ALA E 214 -15.81 -34.61 -49.37
N SER E 215 -15.86 -34.52 -50.71
CA SER E 215 -14.64 -34.55 -51.51
C SER E 215 -13.76 -33.34 -51.27
N VAL E 216 -14.37 -32.15 -51.21
CA VAL E 216 -13.58 -30.92 -51.10
C VAL E 216 -12.86 -30.86 -49.76
N LEU E 217 -13.61 -31.04 -48.67
CA LEU E 217 -12.98 -31.04 -47.35
C LEU E 217 -12.06 -32.24 -47.19
N HIS E 218 -12.30 -33.31 -47.93
CA HIS E 218 -11.39 -34.45 -47.92
C HIS E 218 -10.04 -34.07 -48.49
N ASN E 219 -10.03 -33.38 -49.63
CA ASN E 219 -8.76 -32.96 -50.22
C ASN E 219 -8.05 -31.95 -49.32
N MET E 220 -8.81 -31.02 -48.72
CA MET E 220 -8.21 -30.13 -47.73
C MET E 220 -7.58 -30.91 -46.57
N VAL E 221 -8.31 -31.88 -46.01
CA VAL E 221 -7.81 -32.62 -44.85
C VAL E 221 -6.55 -33.39 -45.21
N ARG E 222 -6.55 -34.03 -46.38
CA ARG E 222 -5.37 -34.77 -46.81
C ARG E 222 -4.24 -33.82 -47.19
N ALA E 223 -4.56 -32.54 -47.38
CA ALA E 223 -3.53 -31.56 -47.71
C ALA E 223 -2.93 -30.93 -46.44
N VAL E 224 -3.67 -30.95 -45.34
CA VAL E 224 -3.21 -30.25 -44.13
C VAL E 224 -2.68 -31.31 -43.16
N ALA E 225 -2.27 -32.45 -43.72
CA ALA E 225 -1.74 -33.52 -42.89
C ALA E 225 -0.42 -33.11 -42.24
N ASP E 226 0.12 -34.00 -41.42
CA ASP E 226 1.35 -33.73 -40.69
C ASP E 226 2.48 -33.47 -41.69
N PRO E 227 3.40 -32.53 -41.40
CA PRO E 227 3.61 -31.78 -40.15
C PRO E 227 2.81 -30.48 -40.05
N TRP E 228 1.73 -30.33 -40.81
CA TRP E 228 0.87 -29.18 -40.65
C TRP E 228 0.00 -29.37 -39.41
N PRO E 229 -0.58 -28.28 -38.88
CA PRO E 229 -1.40 -28.40 -37.66
C PRO E 229 -2.50 -29.45 -37.76
N GLY E 230 -3.10 -29.62 -38.93
CA GLY E 230 -4.12 -30.63 -39.10
C GLY E 230 -5.52 -30.07 -39.02
N ALA E 231 -6.48 -30.91 -39.34
CA ALA E 231 -7.88 -30.51 -39.37
C ALA E 231 -8.55 -30.81 -38.02
N PHE E 232 -8.71 -29.76 -37.20
CA PHE E 232 -9.17 -29.95 -35.83
C PHE E 232 -10.53 -29.28 -35.64
N SER E 233 -11.37 -29.92 -34.83
CA SER E 233 -12.71 -29.45 -34.53
C SER E 233 -13.08 -29.84 -33.11
N TYR E 234 -14.10 -29.18 -32.57
CA TYR E 234 -14.52 -29.35 -31.19
C TYR E 234 -15.99 -29.73 -31.10
N VAL E 235 -16.31 -30.57 -30.12
CA VAL E 235 -17.69 -30.87 -29.76
C VAL E 235 -17.80 -30.70 -28.25
N GLY E 236 -18.81 -29.96 -27.79
CA GLY E 236 -18.92 -29.65 -26.38
C GLY E 236 -17.74 -28.82 -25.92
N ASN E 237 -16.83 -29.44 -25.18
CA ASN E 237 -15.56 -28.82 -24.83
C ASN E 237 -14.37 -29.71 -25.17
N GLN E 238 -14.51 -30.61 -26.13
CA GLN E 238 -13.48 -31.60 -26.45
C GLN E 238 -13.00 -31.42 -27.88
N LYS E 239 -11.69 -31.46 -28.04
CA LYS E 239 -11.02 -31.23 -29.32
C LYS E 239 -10.60 -32.55 -29.96
N PHE E 240 -10.56 -32.58 -31.29
CA PHE E 240 -9.98 -33.69 -32.02
C PHE E 240 -9.42 -33.17 -33.34
N THR E 241 -8.58 -33.97 -33.96
CA THR E 241 -8.03 -33.68 -35.28
C THR E 241 -8.06 -34.93 -36.14
N VAL E 242 -8.36 -34.75 -37.42
CA VAL E 242 -8.45 -35.82 -38.40
C VAL E 242 -7.21 -35.75 -39.29
N TRP E 243 -6.27 -36.66 -39.07
CA TRP E 243 -5.06 -36.66 -39.86
C TRP E 243 -5.28 -37.22 -41.26
N SER E 244 -6.20 -38.17 -41.39
CA SER E 244 -6.58 -38.73 -42.69
C SER E 244 -7.91 -39.45 -42.53
N SER E 245 -8.55 -39.74 -43.66
CA SER E 245 -9.91 -40.25 -43.67
C SER E 245 -10.19 -40.85 -45.05
N ARG E 246 -11.30 -41.58 -45.15
CA ARG E 246 -11.80 -41.94 -46.48
C ARG E 246 -13.29 -41.67 -46.59
N VAL E 247 -13.78 -41.62 -47.83
CA VAL E 247 -15.18 -41.32 -48.10
C VAL E 247 -15.90 -42.61 -48.46
N HIS E 248 -17.01 -42.87 -47.77
CA HIS E 248 -17.88 -43.99 -48.08
C HIS E 248 -19.26 -43.48 -48.50
N PRO E 249 -19.85 -44.05 -49.55
CA PRO E 249 -21.19 -43.68 -50.02
C PRO E 249 -22.28 -44.05 -49.02
N LYS E 253 -27.79 -39.46 -48.71
CA LYS E 253 -29.18 -39.66 -48.33
C LYS E 253 -29.29 -39.97 -46.84
N ALA E 254 -28.76 -39.05 -46.02
CA ALA E 254 -28.81 -39.22 -44.57
C ALA E 254 -28.94 -37.85 -43.91
N GLN E 255 -29.44 -37.87 -42.68
CA GLN E 255 -29.61 -36.64 -41.92
C GLN E 255 -28.24 -36.14 -41.46
N PRO E 256 -27.82 -34.94 -41.85
CA PRO E 256 -26.55 -34.42 -41.33
C PRO E 256 -26.61 -34.19 -39.82
N GLY E 257 -25.50 -34.51 -39.14
CA GLY E 257 -25.40 -34.38 -37.71
C GLY E 257 -25.66 -35.66 -36.94
N SER E 258 -26.31 -36.64 -37.57
CA SER E 258 -26.58 -37.91 -36.91
C SER E 258 -25.39 -38.86 -37.07
N VAL E 259 -25.14 -39.64 -36.03
CA VAL E 259 -24.09 -40.65 -36.03
C VAL E 259 -24.62 -41.89 -36.74
N ILE E 260 -23.92 -42.32 -37.79
CA ILE E 260 -24.43 -43.42 -38.60
C ILE E 260 -24.10 -44.78 -37.99
N SER E 261 -22.84 -44.99 -37.62
CA SER E 261 -22.41 -46.30 -37.16
C SER E 261 -21.34 -46.14 -36.08
N VAL E 262 -20.96 -47.27 -35.49
CA VAL E 262 -19.99 -47.28 -34.40
C VAL E 262 -18.75 -48.10 -34.73
N ALA E 263 -18.90 -49.30 -35.29
CA ALA E 263 -17.76 -50.17 -35.58
C ALA E 263 -17.95 -50.80 -36.95
N PRO E 264 -17.41 -50.16 -38.00
CA PRO E 264 -16.68 -48.89 -38.01
C PRO E 264 -17.63 -47.71 -37.83
N LEU E 265 -17.13 -46.51 -37.58
CA LEU E 265 -17.98 -45.35 -37.35
C LEU E 265 -17.88 -44.42 -38.55
N LEU E 266 -19.02 -43.86 -38.95
CA LEU E 266 -19.10 -42.95 -40.09
C LEU E 266 -19.86 -41.70 -39.70
N ILE E 267 -19.54 -40.60 -40.35
CA ILE E 267 -20.12 -39.29 -40.06
C ILE E 267 -20.90 -38.81 -41.28
N ALA E 268 -22.12 -38.37 -41.05
CA ALA E 268 -22.94 -37.80 -42.12
C ALA E 268 -22.48 -36.39 -42.45
N CYS E 269 -22.48 -36.07 -43.74
CA CYS E 269 -21.97 -34.80 -44.26
C CYS E 269 -22.89 -34.33 -45.37
N GLY E 270 -22.57 -33.19 -45.97
CA GLY E 270 -23.42 -32.64 -47.01
C GLY E 270 -23.66 -33.59 -48.16
N ASP E 271 -22.61 -34.29 -48.59
CA ASP E 271 -22.75 -35.33 -49.62
C ASP E 271 -21.92 -36.53 -49.21
N GLY E 272 -22.54 -37.71 -49.21
CA GLY E 272 -21.85 -38.93 -48.84
C GLY E 272 -21.64 -39.05 -47.33
N ALA E 273 -20.70 -39.93 -46.98
CA ALA E 273 -20.33 -40.16 -45.60
C ALA E 273 -18.82 -40.19 -45.47
N LEU E 274 -18.33 -39.76 -44.30
CA LEU E 274 -16.90 -39.67 -44.03
C LEU E 274 -16.55 -40.74 -43.01
N GLU E 275 -15.30 -41.23 -43.05
CA GLU E 275 -14.83 -42.18 -42.06
C GLU E 275 -13.43 -41.79 -41.58
N ILE E 276 -13.29 -41.68 -40.27
CA ILE E 276 -12.03 -41.35 -39.60
C ILE E 276 -11.21 -42.64 -39.47
N VAL E 277 -9.97 -42.60 -39.93
CA VAL E 277 -9.10 -43.76 -39.76
C VAL E 277 -7.85 -43.39 -38.95
N THR E 278 -7.31 -42.19 -39.17
CA THR E 278 -6.23 -41.68 -38.34
C THR E 278 -6.62 -40.30 -37.81
N GLY E 279 -6.46 -40.14 -36.50
CA GLY E 279 -6.79 -38.89 -35.86
C GLY E 279 -6.52 -39.00 -34.37
N GLN E 280 -6.47 -37.84 -33.73
CA GLN E 280 -6.13 -37.81 -32.31
C GLN E 280 -6.85 -36.66 -31.61
N ALA E 281 -7.24 -36.91 -30.36
CA ALA E 281 -8.01 -35.96 -29.57
C ALA E 281 -7.07 -35.15 -28.70
N GLY E 282 -7.21 -33.82 -28.74
CA GLY E 282 -6.38 -32.97 -27.90
C GLY E 282 -4.92 -33.09 -28.26
N ASP E 283 -4.11 -33.42 -27.27
CA ASP E 283 -2.68 -33.66 -27.45
C ASP E 283 -2.33 -35.14 -27.35
N GLY E 284 -3.30 -36.02 -27.50
CA GLY E 284 -3.06 -37.43 -27.31
C GLY E 284 -2.49 -38.12 -28.54
N ILE E 285 -2.30 -39.43 -28.39
CA ILE E 285 -1.74 -40.24 -29.46
C ILE E 285 -2.80 -40.52 -30.52
N THR E 286 -2.32 -40.89 -31.71
CA THR E 286 -3.21 -41.12 -32.85
C THR E 286 -3.84 -42.50 -32.77
N MET E 287 -5.12 -42.58 -33.13
CA MET E 287 -5.89 -43.80 -32.98
C MET E 287 -7.19 -43.65 -33.77
N GLN E 288 -7.63 -44.75 -34.37
CA GLN E 288 -8.87 -44.80 -35.13
C GLN E 288 -10.06 -44.51 -34.20
N GLY E 289 -11.19 -44.16 -34.81
CA GLY E 289 -12.21 -43.39 -34.11
C GLY E 289 -12.91 -44.14 -32.98
N SER E 290 -12.63 -45.44 -32.82
CA SER E 290 -13.30 -46.21 -31.78
C SER E 290 -12.94 -45.68 -30.39
N GLN E 291 -11.67 -45.42 -30.13
CA GLN E 291 -11.25 -44.94 -28.82
C GLN E 291 -11.69 -43.50 -28.59
N LEU E 292 -11.68 -42.69 -29.66
CA LEU E 292 -12.20 -41.33 -29.56
C LEU E 292 -13.70 -41.34 -29.21
N ALA E 293 -14.46 -42.25 -29.80
CA ALA E 293 -15.89 -42.35 -29.50
C ALA E 293 -16.12 -43.06 -28.18
N GLN E 294 -15.10 -43.74 -27.66
CA GLN E 294 -15.19 -44.30 -26.31
C GLN E 294 -15.05 -43.19 -25.28
N THR E 295 -14.14 -42.25 -25.51
CA THR E 295 -14.02 -41.11 -24.60
C THR E 295 -15.20 -40.16 -24.75
N LEU E 296 -15.59 -39.84 -25.99
CA LEU E 296 -16.73 -38.97 -26.22
C LEU E 296 -18.06 -39.62 -25.84
N GLY E 297 -18.25 -40.90 -26.15
CA GLY E 297 -19.48 -41.58 -25.81
C GLY E 297 -20.48 -41.71 -26.93
N LEU E 298 -20.03 -41.66 -28.18
CA LEU E 298 -20.94 -41.70 -29.32
C LEU E 298 -21.34 -43.13 -29.65
N VAL E 299 -22.64 -43.33 -29.90
CA VAL E 299 -23.15 -44.58 -30.42
C VAL E 299 -24.02 -44.26 -31.64
N GLN E 300 -24.27 -45.28 -32.45
CA GLN E 300 -25.08 -45.12 -33.65
C GLN E 300 -26.51 -44.71 -33.31
N MET F 1 3.05 -65.87 -30.93
CA MET F 1 3.15 -64.97 -32.06
C MET F 1 2.92 -63.52 -31.62
N LYS F 2 1.71 -63.24 -31.14
CA LYS F 2 1.32 -61.91 -30.71
C LYS F 2 1.81 -61.63 -29.29
N THR F 3 2.35 -60.42 -29.10
CA THR F 3 2.84 -60.00 -27.81
C THR F 3 2.68 -58.49 -27.66
N VAL F 4 2.79 -58.02 -26.42
CA VAL F 4 2.67 -56.60 -26.08
C VAL F 4 4.07 -56.04 -25.91
N VAL F 5 4.49 -55.20 -26.85
CA VAL F 5 5.84 -54.65 -26.87
C VAL F 5 5.83 -53.32 -26.13
N PHE F 6 6.93 -53.03 -25.45
CA PHE F 6 7.18 -51.71 -24.86
C PHE F 6 8.35 -51.10 -25.62
N ALA F 7 8.07 -50.03 -26.35
CA ALA F 7 9.04 -49.39 -27.23
C ALA F 7 8.97 -47.88 -27.05
N TYR F 8 9.96 -47.20 -27.63
CA TYR F 8 10.00 -45.74 -27.61
C TYR F 8 11.12 -45.29 -28.54
N HIS F 9 10.91 -44.14 -29.18
CA HIS F 9 11.93 -43.45 -29.97
C HIS F 9 12.18 -44.23 -31.26
N ASP F 10 13.11 -43.76 -32.10
CA ASP F 10 13.31 -44.37 -33.41
C ASP F 10 13.83 -45.79 -33.29
N MET F 11 14.53 -46.13 -32.20
CA MET F 11 14.88 -47.52 -31.97
C MET F 11 13.63 -48.39 -31.87
N GLY F 12 12.65 -47.94 -31.08
CA GLY F 12 11.39 -48.68 -31.00
C GLY F 12 10.67 -48.72 -32.33
N CYS F 13 10.67 -47.60 -33.06
CA CYS F 13 10.02 -47.56 -34.37
C CYS F 13 10.63 -48.61 -35.30
N LEU F 14 11.96 -48.67 -35.34
CA LEU F 14 12.65 -49.62 -36.18
C LEU F 14 12.40 -51.04 -35.72
N GLY F 15 12.29 -51.27 -34.41
CA GLY F 15 11.95 -52.59 -33.93
C GLY F 15 10.56 -53.03 -34.36
N ILE F 16 9.60 -52.10 -34.33
CA ILE F 16 8.26 -52.42 -34.82
C ILE F 16 8.30 -52.76 -36.29
N GLU F 17 9.03 -51.97 -37.08
CA GLU F 17 9.15 -52.29 -38.51
C GLU F 17 9.80 -53.64 -38.73
N ALA F 18 10.79 -53.97 -37.89
CA ALA F 18 11.49 -55.24 -38.03
C ALA F 18 10.57 -56.41 -37.76
N LEU F 19 9.84 -56.39 -36.64
CA LEU F 19 8.97 -57.53 -36.34
C LEU F 19 7.77 -57.57 -37.28
N LEU F 20 7.36 -56.40 -37.80
CA LEU F 20 6.33 -56.39 -38.81
C LEU F 20 6.79 -57.05 -40.10
N ALA F 21 8.06 -56.84 -40.46
CA ALA F 21 8.60 -57.48 -41.66
C ALA F 21 8.57 -59.00 -41.57
N ALA F 22 8.56 -59.56 -40.36
CA ALA F 22 8.47 -61.01 -40.17
C ALA F 22 7.05 -61.46 -39.86
N GLY F 23 6.07 -60.57 -39.88
CA GLY F 23 4.69 -60.93 -39.65
C GLY F 23 4.25 -60.97 -38.21
N TYR F 24 5.01 -60.35 -37.30
CA TYR F 24 4.62 -60.34 -35.89
C TYR F 24 3.52 -59.32 -35.64
N GLU F 25 2.57 -59.70 -34.81
CA GLU F 25 1.46 -58.85 -34.40
C GLU F 25 1.71 -58.33 -33.00
N ILE F 26 1.32 -57.09 -32.74
CA ILE F 26 1.47 -56.47 -31.44
C ILE F 26 0.08 -56.26 -30.83
N SER F 27 -0.16 -56.91 -29.69
CA SER F 27 -1.44 -56.73 -29.00
C SER F 27 -1.64 -55.28 -28.57
N ALA F 28 -0.66 -54.71 -27.88
CA ALA F 28 -0.71 -53.30 -27.49
C ALA F 28 0.70 -52.74 -27.51
N ILE F 29 0.78 -51.43 -27.69
CA ILE F 29 2.06 -50.72 -27.75
C ILE F 29 2.13 -49.76 -26.57
N PHE F 30 2.77 -50.20 -25.50
CA PHE F 30 2.92 -49.41 -24.28
C PHE F 30 4.14 -48.51 -24.42
N THR F 31 3.91 -47.29 -24.90
CA THR F 31 4.96 -46.29 -25.02
C THR F 31 4.66 -45.18 -24.03
N HIS F 32 5.58 -44.23 -23.89
CA HIS F 32 5.39 -43.07 -23.03
C HIS F 32 4.46 -42.08 -23.71
N THR F 33 3.92 -41.16 -22.92
CA THR F 33 3.02 -40.14 -23.45
C THR F 33 3.80 -39.13 -24.29
N ASP F 34 3.52 -39.12 -25.58
CA ASP F 34 4.16 -38.18 -26.51
C ASP F 34 3.23 -37.05 -26.87
N PHE F 41 8.87 -35.35 -37.44
CA PHE F 41 9.07 -35.40 -38.89
C PHE F 41 8.98 -36.83 -39.41
N TYR F 42 9.46 -37.78 -38.60
CA TYR F 42 9.44 -39.18 -38.98
C TYR F 42 8.03 -39.74 -38.97
N GLY F 43 7.84 -40.82 -39.72
CA GLY F 43 6.57 -41.51 -39.71
C GLY F 43 6.24 -42.10 -38.36
N SER F 44 5.22 -41.55 -37.72
CA SER F 44 4.82 -41.94 -36.38
C SER F 44 4.34 -43.39 -36.39
N VAL F 45 4.79 -44.17 -35.40
CA VAL F 45 4.32 -45.55 -35.29
C VAL F 45 2.84 -45.59 -35.00
N ALA F 46 2.29 -44.53 -34.40
CA ALA F 46 0.86 -44.49 -34.14
C ALA F 46 0.07 -44.51 -35.44
N ARG F 47 0.53 -43.76 -36.45
CA ARG F 47 -0.14 -43.77 -37.74
C ARG F 47 -0.09 -45.15 -38.38
N LEU F 48 1.06 -45.82 -38.30
CA LEU F 48 1.18 -47.17 -38.85
C LEU F 48 0.24 -48.14 -38.14
N ALA F 49 0.22 -48.09 -36.81
CA ALA F 49 -0.62 -49.00 -36.04
C ALA F 49 -2.10 -48.72 -36.30
N ALA F 50 -2.44 -47.46 -36.58
CA ALA F 50 -3.82 -47.15 -36.96
C ALA F 50 -4.12 -47.69 -38.35
N GLU F 51 -3.12 -47.68 -39.25
CA GLU F 51 -3.29 -48.31 -40.55
C GLU F 51 -3.52 -49.80 -40.41
N ARG F 52 -2.90 -50.43 -39.40
CA ARG F 52 -3.15 -51.83 -39.11
C ARG F 52 -4.35 -52.05 -38.21
N GLY F 53 -4.93 -50.99 -37.65
CA GLY F 53 -6.11 -51.12 -36.81
C GLY F 53 -5.92 -51.95 -35.56
N ILE F 54 -4.93 -51.61 -34.74
CA ILE F 54 -4.62 -52.36 -33.52
C ILE F 54 -4.59 -51.38 -32.36
N PRO F 55 -5.10 -51.75 -31.18
CA PRO F 55 -5.25 -50.78 -30.09
C PRO F 55 -3.91 -50.35 -29.51
N VAL F 56 -3.87 -49.13 -28.98
CA VAL F 56 -2.68 -48.55 -28.39
C VAL F 56 -3.03 -47.94 -27.04
N TYR F 57 -2.12 -48.10 -26.07
CA TYR F 57 -2.23 -47.44 -24.77
C TYR F 57 -0.86 -46.91 -24.37
N ALA F 58 -0.84 -45.73 -23.74
CA ALA F 58 0.39 -45.08 -23.30
C ALA F 58 0.24 -44.54 -21.88
N PRO F 59 0.17 -45.42 -20.88
CA PRO F 59 0.05 -44.93 -19.50
C PRO F 59 1.37 -44.39 -18.98
N ASP F 60 1.26 -43.51 -17.98
CA ASP F 60 2.46 -42.93 -17.37
C ASP F 60 3.22 -43.95 -16.54
N ASN F 61 2.54 -44.98 -16.04
CA ASN F 61 3.17 -45.98 -15.20
C ASN F 61 2.38 -47.28 -15.27
N VAL F 62 3.10 -48.40 -15.21
CA VAL F 62 2.49 -49.72 -15.19
C VAL F 62 2.51 -50.35 -13.81
N ASN F 63 2.76 -49.59 -12.75
CA ASN F 63 2.94 -50.15 -11.41
C ASN F 63 1.63 -50.08 -10.61
N HIS F 64 0.57 -50.57 -11.23
CA HIS F 64 -0.75 -50.63 -10.63
C HIS F 64 -1.28 -52.05 -10.81
N PRO F 65 -2.19 -52.50 -9.95
CA PRO F 65 -2.82 -53.80 -10.20
C PRO F 65 -3.57 -53.87 -11.52
N LEU F 66 -4.06 -52.73 -12.01
CA LEU F 66 -4.86 -52.72 -13.23
C LEU F 66 -4.01 -53.10 -14.44
N TRP F 67 -2.87 -52.44 -14.62
CA TRP F 67 -1.96 -52.84 -15.69
C TRP F 67 -1.39 -54.23 -15.44
N VAL F 68 -1.28 -54.61 -14.16
CA VAL F 68 -0.90 -55.99 -13.86
C VAL F 68 -1.88 -56.96 -14.51
N GLU F 69 -3.18 -56.69 -14.40
CA GLU F 69 -4.14 -57.64 -14.96
C GLU F 69 -4.23 -57.50 -16.48
N ARG F 70 -3.95 -56.31 -17.03
CA ARG F 70 -3.73 -56.25 -18.47
C ARG F 70 -2.65 -57.21 -18.93
N ILE F 71 -1.46 -57.14 -18.34
CA ILE F 71 -0.41 -58.07 -18.75
C ILE F 71 -0.81 -59.51 -18.40
N ALA F 72 -1.64 -59.69 -17.37
CA ALA F 72 -2.04 -61.03 -16.97
C ALA F 72 -2.89 -61.70 -18.04
N GLN F 73 -3.96 -61.04 -18.51
CA GLN F 73 -4.85 -61.75 -19.42
C GLN F 73 -4.54 -61.47 -20.89
N LEU F 74 -3.66 -60.51 -21.18
CA LEU F 74 -3.10 -60.46 -22.53
C LEU F 74 -2.06 -61.55 -22.76
N SER F 75 -1.35 -61.96 -21.69
CA SER F 75 -0.36 -63.03 -21.70
C SER F 75 0.61 -62.91 -22.87
N PRO F 76 1.53 -61.96 -22.85
CA PRO F 76 2.49 -61.82 -23.96
C PRO F 76 3.46 -62.99 -23.98
N ASP F 77 4.09 -63.20 -25.15
CA ASP F 77 4.94 -64.36 -25.33
C ASP F 77 6.43 -64.04 -25.34
N VAL F 78 6.82 -62.80 -25.58
CA VAL F 78 8.22 -62.37 -25.46
C VAL F 78 8.24 -60.85 -25.38
N ILE F 79 9.14 -60.32 -24.56
CA ILE F 79 9.12 -58.91 -24.19
C ILE F 79 10.44 -58.29 -24.65
N PHE F 80 10.36 -57.16 -25.34
CA PHE F 80 11.53 -56.43 -25.81
C PHE F 80 11.64 -55.06 -25.16
N SER F 81 12.83 -54.47 -25.27
CA SER F 81 13.11 -53.13 -24.74
C SER F 81 14.06 -52.42 -25.69
N PHE F 82 13.53 -51.47 -26.46
CA PHE F 82 14.33 -50.66 -27.38
C PHE F 82 14.56 -49.26 -26.79
N TYR F 83 15.74 -49.06 -26.22
CA TYR F 83 16.22 -47.75 -25.78
C TYR F 83 15.20 -47.05 -24.88
N TYR F 84 14.59 -47.81 -23.97
CA TYR F 84 13.59 -47.25 -23.08
C TYR F 84 14.22 -46.26 -22.12
N ARG F 85 13.44 -45.25 -21.71
CA ARG F 85 13.92 -44.22 -20.79
C ARG F 85 13.43 -44.43 -19.38
N HIS F 86 12.14 -44.70 -19.19
CA HIS F 86 11.57 -44.96 -17.87
C HIS F 86 11.97 -46.35 -17.39
N LEU F 87 12.13 -46.48 -16.08
CA LEU F 87 12.64 -47.72 -15.50
C LEU F 87 11.56 -48.80 -15.46
N ILE F 88 11.97 -50.03 -15.73
CA ILE F 88 11.15 -51.21 -15.50
C ILE F 88 11.84 -52.04 -14.44
N TYR F 89 11.40 -51.91 -13.19
CA TYR F 89 12.05 -52.60 -12.09
C TYR F 89 11.43 -53.99 -11.92
N ASP F 90 12.10 -54.83 -11.11
CA ASP F 90 11.77 -56.25 -11.07
C ASP F 90 10.32 -56.53 -10.67
N GLU F 91 9.67 -55.57 -10.00
CA GLU F 91 8.27 -55.74 -9.64
C GLU F 91 7.40 -55.95 -10.89
N ILE F 92 7.88 -55.49 -12.05
CA ILE F 92 7.18 -55.76 -13.29
C ILE F 92 7.82 -56.93 -14.02
N LEU F 93 9.13 -57.12 -13.82
CA LEU F 93 9.83 -58.22 -14.48
C LEU F 93 9.33 -59.57 -14.00
N GLN F 94 8.73 -59.62 -12.81
CA GLN F 94 8.16 -60.88 -12.35
C GLN F 94 6.99 -61.35 -13.21
N LEU F 95 6.20 -60.43 -13.76
CA LEU F 95 5.03 -60.82 -14.52
C LEU F 95 5.39 -61.38 -15.90
N ALA F 96 6.61 -61.15 -16.36
CA ALA F 96 7.00 -61.61 -17.69
C ALA F 96 7.14 -63.13 -17.70
N PRO F 97 6.37 -63.85 -18.52
CA PRO F 97 6.53 -65.31 -18.56
C PRO F 97 7.84 -65.77 -19.18
N ALA F 98 8.16 -65.30 -20.38
CA ALA F 98 9.36 -65.74 -21.08
C ALA F 98 10.57 -64.86 -20.82
N GLY F 99 10.40 -63.71 -20.18
CA GLY F 99 11.50 -62.81 -19.89
C GLY F 99 11.46 -61.54 -20.73
N ALA F 100 12.48 -60.72 -20.55
CA ALA F 100 12.62 -59.46 -21.24
C ALA F 100 14.02 -59.31 -21.84
N PHE F 101 14.07 -58.79 -23.06
CA PHE F 101 15.31 -58.66 -23.82
C PHE F 101 15.48 -57.20 -24.22
N ASN F 102 16.56 -56.58 -23.72
CA ASN F 102 16.78 -55.16 -23.85
C ASN F 102 18.01 -54.96 -24.72
N LEU F 103 17.93 -54.04 -25.69
CA LEU F 103 19.08 -53.73 -26.54
C LEU F 103 19.77 -52.48 -25.99
N HIS F 104 21.09 -52.54 -25.85
CA HIS F 104 21.85 -51.41 -25.35
C HIS F 104 23.15 -51.30 -26.16
N GLY F 105 23.54 -50.06 -26.48
CA GLY F 105 24.67 -49.83 -27.36
C GLY F 105 26.01 -49.73 -26.68
N SER F 106 26.44 -50.81 -26.03
CA SER F 106 27.80 -50.92 -25.52
C SER F 106 28.19 -52.38 -25.53
N LEU F 107 29.49 -52.63 -25.50
CA LEU F 107 29.98 -54.01 -25.51
C LEU F 107 30.10 -54.54 -24.08
N LEU F 108 29.19 -55.43 -23.70
CA LEU F 108 29.31 -56.13 -22.44
C LEU F 108 30.22 -57.36 -22.61
N PRO F 109 30.88 -57.82 -21.53
CA PRO F 109 30.88 -57.29 -20.17
C PRO F 109 32.03 -56.33 -19.90
N LYS F 110 32.93 -56.12 -20.87
CA LYS F 110 34.10 -55.29 -20.62
C LYS F 110 33.77 -53.81 -20.83
N TYR F 111 34.69 -52.95 -20.41
CA TYR F 111 34.60 -51.50 -20.62
C TYR F 111 33.29 -50.93 -20.10
N ARG F 112 33.05 -51.09 -18.80
CA ARG F 112 31.95 -50.38 -18.18
C ARG F 112 32.47 -49.40 -17.13
N GLY F 113 31.63 -48.43 -16.78
CA GLY F 113 32.05 -47.27 -16.04
C GLY F 113 30.96 -46.21 -15.99
N ARG F 114 31.30 -44.99 -16.37
CA ARG F 114 30.33 -43.90 -16.46
C ARG F 114 30.24 -43.41 -17.90
N ALA F 115 29.01 -43.31 -18.40
CA ALA F 115 28.73 -42.72 -19.71
C ALA F 115 29.58 -43.36 -20.82
N PRO F 116 29.28 -44.61 -21.20
CA PRO F 116 30.15 -45.31 -22.17
C PRO F 116 30.15 -44.66 -23.54
N LEU F 117 29.02 -44.06 -23.95
CA LEU F 117 28.87 -43.61 -25.33
C LEU F 117 29.94 -42.58 -25.70
N ASN F 118 30.18 -41.63 -24.81
CA ASN F 118 31.17 -40.59 -25.11
C ASN F 118 32.60 -41.10 -24.97
N TRP F 119 32.85 -42.05 -24.06
CA TRP F 119 34.22 -42.53 -23.89
C TRP F 119 34.60 -43.56 -24.95
N VAL F 120 33.63 -44.09 -25.70
CA VAL F 120 34.01 -44.82 -26.91
C VAL F 120 34.22 -43.85 -28.07
N LEU F 121 33.70 -42.62 -27.95
CA LEU F 121 34.01 -41.61 -28.94
C LEU F 121 35.36 -40.95 -28.68
N VAL F 122 35.78 -40.90 -27.41
CA VAL F 122 37.05 -40.24 -27.08
C VAL F 122 38.21 -40.95 -27.75
N ASN F 123 38.23 -42.28 -27.70
CA ASN F 123 39.31 -43.04 -28.33
C ASN F 123 39.02 -43.36 -29.79
N GLY F 124 37.80 -43.10 -30.26
CA GLY F 124 37.45 -43.37 -31.64
C GLY F 124 37.63 -44.82 -32.04
N GLU F 125 37.20 -45.75 -31.20
CA GLU F 125 37.48 -47.16 -31.39
C GLU F 125 36.83 -47.67 -32.68
N THR F 126 37.62 -48.42 -33.45
CA THR F 126 37.15 -49.07 -34.67
C THR F 126 36.29 -50.29 -34.35
N GLU F 127 36.26 -50.72 -33.11
CA GLU F 127 35.49 -51.89 -32.70
C GLU F 127 34.61 -51.52 -31.53
N THR F 128 33.32 -51.33 -31.78
CA THR F 128 32.32 -51.17 -30.73
C THR F 128 31.27 -52.25 -30.94
N GLY F 129 30.22 -52.22 -30.13
CA GLY F 129 29.22 -53.26 -30.26
C GLY F 129 27.93 -52.90 -29.54
N VAL F 130 26.89 -53.65 -29.89
CA VAL F 130 25.55 -53.49 -29.33
C VAL F 130 25.08 -54.86 -28.85
N THR F 131 24.45 -54.88 -27.67
CA THR F 131 24.14 -56.14 -26.99
C THR F 131 22.65 -56.22 -26.70
N LEU F 132 22.05 -57.37 -27.02
CA LEU F 132 20.71 -57.72 -26.58
C LEU F 132 20.87 -58.63 -25.37
N HIS F 133 20.30 -58.24 -24.23
CA HIS F 133 20.60 -58.94 -22.99
C HIS F 133 19.34 -59.12 -22.17
N ARG F 134 19.43 -60.03 -21.19
CA ARG F 134 18.30 -60.33 -20.32
C ARG F 134 18.27 -59.42 -19.12
N MET F 135 17.13 -59.40 -18.44
CA MET F 135 16.96 -58.72 -17.16
C MET F 135 16.73 -59.74 -16.06
N VAL F 136 17.39 -59.55 -14.92
CA VAL F 136 17.24 -60.42 -13.77
C VAL F 136 16.93 -59.56 -12.56
N LYS F 137 16.89 -60.18 -11.37
CA LYS F 137 16.63 -59.43 -10.14
C LYS F 137 17.60 -58.26 -10.00
N ARG F 138 18.85 -58.45 -10.41
CA ARG F 138 19.81 -57.36 -10.46
C ARG F 138 19.69 -56.63 -11.79
N ALA F 139 19.38 -55.35 -11.74
CA ALA F 139 19.06 -54.59 -12.95
C ALA F 139 20.25 -54.56 -13.91
N ASP F 140 19.96 -54.81 -15.19
CA ASP F 140 20.97 -54.77 -16.26
C ASP F 140 22.08 -55.79 -16.03
N ALA F 141 21.82 -56.81 -15.22
CA ALA F 141 22.80 -57.85 -14.95
C ALA F 141 22.45 -59.21 -15.54
N GLY F 142 21.40 -59.31 -16.35
CA GLY F 142 21.05 -60.57 -16.96
C GLY F 142 22.06 -61.01 -18.00
N ALA F 143 22.04 -62.31 -18.28
CA ALA F 143 23.02 -62.90 -19.18
C ALA F 143 22.86 -62.36 -20.60
N ILE F 144 23.98 -62.28 -21.30
CA ILE F 144 24.02 -61.86 -22.70
C ILE F 144 23.26 -62.88 -23.54
N VAL F 145 22.38 -62.38 -24.42
CA VAL F 145 21.70 -63.26 -25.36
C VAL F 145 22.40 -63.22 -26.71
N ALA F 146 22.71 -62.01 -27.19
CA ALA F 146 23.42 -61.83 -28.45
C ALA F 146 24.17 -60.51 -28.41
N GLN F 147 25.23 -60.42 -29.21
CA GLN F 147 26.02 -59.20 -29.28
C GLN F 147 26.58 -59.07 -30.69
N LEU F 148 26.56 -57.85 -31.23
CA LEU F 148 27.03 -57.60 -32.58
C LEU F 148 28.09 -56.50 -32.56
N ARG F 149 29.00 -56.56 -33.53
CA ARG F 149 30.15 -55.67 -33.62
C ARG F 149 29.93 -54.66 -34.74
N ILE F 150 30.34 -53.42 -34.51
CA ILE F 150 30.26 -52.35 -35.48
C ILE F 150 31.57 -51.56 -35.46
N ALA F 151 31.77 -50.78 -36.52
CA ALA F 151 32.98 -49.99 -36.68
C ALA F 151 32.68 -48.50 -36.71
N ILE F 152 33.70 -47.70 -36.44
CA ILE F 152 33.60 -46.25 -36.45
C ILE F 152 34.61 -45.72 -37.46
N ALA F 153 34.14 -44.87 -38.38
CA ALA F 153 35.01 -44.29 -39.38
C ALA F 153 35.57 -42.95 -38.90
N PRO F 154 36.78 -42.59 -39.33
CA PRO F 154 37.37 -41.31 -38.91
C PRO F 154 36.57 -40.10 -39.35
N ASP F 155 35.76 -40.22 -40.41
CA ASP F 155 35.01 -39.11 -40.95
C ASP F 155 33.54 -39.12 -40.55
N ASP F 156 33.17 -39.95 -39.57
CA ASP F 156 31.77 -40.06 -39.17
C ASP F 156 31.32 -38.83 -38.40
N ILE F 157 30.15 -38.32 -38.76
CA ILE F 157 29.45 -37.27 -38.03
C ILE F 157 28.34 -37.96 -37.25
N ALA F 158 27.69 -37.24 -36.34
CA ALA F 158 26.70 -37.85 -35.47
C ALA F 158 25.54 -38.45 -36.27
N ILE F 159 25.04 -37.70 -37.25
CA ILE F 159 23.88 -38.16 -38.01
C ILE F 159 24.22 -39.44 -38.78
N THR F 160 25.37 -39.48 -39.44
CA THR F 160 25.68 -40.64 -40.25
C THR F 160 25.96 -41.87 -39.40
N LEU F 161 26.63 -41.71 -38.25
CA LEU F 161 26.85 -42.89 -37.43
C LEU F 161 25.57 -43.34 -36.74
N HIS F 162 24.64 -42.43 -36.47
CA HIS F 162 23.33 -42.86 -36.01
C HIS F 162 22.60 -43.64 -37.11
N HIS F 163 22.76 -43.21 -38.35
CA HIS F 163 22.22 -43.98 -39.47
C HIS F 163 22.84 -45.38 -39.50
N LYS F 164 24.16 -45.45 -39.27
CA LYS F 164 24.82 -46.75 -39.22
C LYS F 164 24.25 -47.62 -38.10
N LEU F 165 23.99 -47.03 -36.93
CA LEU F 165 23.47 -47.84 -35.82
C LEU F 165 22.05 -48.32 -36.12
N CYS F 166 21.24 -47.49 -36.78
CA CYS F 166 19.93 -47.95 -37.20
C CYS F 166 20.02 -49.11 -38.20
N HIS F 167 20.91 -48.99 -39.19
CA HIS F 167 21.10 -50.08 -40.14
C HIS F 167 21.61 -51.33 -39.43
N ALA F 168 22.47 -51.14 -38.42
CA ALA F 168 22.97 -52.26 -37.64
C ALA F 168 21.86 -52.95 -36.88
N ALA F 169 20.98 -52.16 -36.26
CA ALA F 169 19.81 -52.73 -35.60
C ALA F 169 18.98 -53.53 -36.59
N ARG F 170 18.81 -52.99 -37.81
CA ARG F 170 18.07 -53.70 -38.83
C ARG F 170 18.65 -55.08 -39.09
N GLN F 171 19.93 -55.16 -39.47
CA GLN F 171 20.39 -56.46 -39.95
C GLN F 171 20.62 -57.39 -38.76
N LEU F 172 20.82 -56.83 -37.56
CA LEU F 172 20.91 -57.65 -36.36
C LEU F 172 19.58 -58.31 -36.04
N LEU F 173 18.51 -57.51 -35.99
CA LEU F 173 17.18 -58.08 -35.73
C LEU F 173 16.79 -59.06 -36.83
N GLU F 174 17.28 -58.84 -38.05
CA GLU F 174 17.04 -59.79 -39.13
C GLU F 174 17.51 -61.19 -38.77
N GLN F 175 18.56 -61.29 -37.95
CA GLN F 175 19.07 -62.57 -37.48
C GLN F 175 18.50 -62.99 -36.13
N THR F 176 18.19 -62.04 -35.25
CA THR F 176 17.63 -62.39 -33.95
C THR F 176 16.21 -62.92 -34.05
N LEU F 177 15.42 -62.47 -35.05
CA LEU F 177 14.05 -62.94 -35.16
C LEU F 177 13.95 -64.45 -35.36
N PRO F 178 14.71 -65.06 -36.29
CA PRO F 178 14.67 -66.54 -36.37
C PRO F 178 15.13 -67.22 -35.09
N ALA F 179 16.11 -66.63 -34.40
CA ALA F 179 16.59 -67.23 -33.15
C ALA F 179 15.49 -67.31 -32.11
N ILE F 180 14.71 -66.23 -31.97
CA ILE F 180 13.67 -66.24 -30.94
C ILE F 180 12.50 -67.11 -31.39
N LYS F 181 12.11 -67.07 -32.68
CA LYS F 181 10.97 -67.88 -33.08
C LYS F 181 11.30 -69.37 -32.97
N HIS F 182 12.56 -69.75 -33.15
CA HIS F 182 12.94 -71.15 -32.95
C HIS F 182 12.89 -71.56 -31.49
N GLY F 183 13.00 -70.62 -30.56
CA GLY F 183 12.92 -70.93 -29.14
C GLY F 183 14.02 -70.23 -28.38
N ASN F 184 14.31 -70.76 -27.20
CA ASN F 184 15.33 -70.19 -26.34
C ASN F 184 16.73 -70.41 -26.94
N ILE F 185 17.59 -69.42 -26.76
CA ILE F 185 18.95 -69.44 -27.27
C ILE F 185 19.92 -69.43 -26.10
N LEU F 186 20.90 -70.33 -26.14
CA LEU F 186 21.88 -70.46 -25.07
C LEU F 186 22.63 -69.14 -24.85
N GLU F 187 22.75 -68.74 -23.59
CA GLU F 187 23.38 -67.47 -23.26
C GLU F 187 24.89 -67.64 -23.04
N ILE F 188 25.56 -66.51 -22.89
CA ILE F 188 26.99 -66.47 -22.58
C ILE F 188 27.15 -65.70 -21.28
N ALA F 189 27.85 -66.31 -20.32
CA ALA F 189 27.92 -65.76 -18.97
C ALA F 189 28.76 -64.50 -18.92
N GLN F 190 28.56 -63.71 -17.86
CA GLN F 190 29.32 -62.49 -17.66
C GLN F 190 30.16 -62.60 -16.38
N ARG F 191 30.97 -61.58 -16.13
CA ARG F 191 31.74 -61.48 -14.90
C ARG F 191 30.99 -60.62 -13.90
N GLU F 192 30.65 -61.21 -12.75
CA GLU F 192 29.92 -60.46 -11.73
C GLU F 192 30.78 -59.38 -11.09
N ASN F 193 32.10 -59.58 -11.09
CA ASN F 193 32.99 -58.60 -10.47
C ASN F 193 33.20 -57.36 -11.34
N GLU F 194 32.52 -57.28 -12.48
CA GLU F 194 32.63 -56.14 -13.39
C GLU F 194 31.28 -55.57 -13.78
N ALA F 195 30.38 -55.37 -12.83
CA ALA F 195 29.04 -54.88 -13.11
C ALA F 195 28.80 -53.54 -12.43
N THR F 196 28.01 -52.69 -13.08
CA THR F 196 27.71 -51.35 -12.59
C THR F 196 26.29 -50.95 -12.98
N CYS F 197 25.99 -49.66 -12.80
CA CYS F 197 24.74 -49.07 -13.21
C CYS F 197 25.02 -47.70 -13.82
N PHE F 198 24.57 -47.50 -15.05
CA PHE F 198 24.99 -46.37 -15.86
C PHE F 198 24.02 -45.21 -15.68
N GLY F 199 24.43 -44.01 -16.12
CA GLY F 199 23.64 -42.82 -16.00
C GLY F 199 23.78 -41.89 -17.19
N ARG F 200 23.99 -40.60 -16.87
CA ARG F 200 24.12 -39.59 -17.91
C ARG F 200 25.27 -38.63 -17.58
N ARG F 201 25.39 -37.57 -18.37
CA ARG F 201 26.44 -36.59 -18.18
C ARG F 201 25.84 -35.21 -17.94
N THR F 202 26.71 -34.19 -17.88
CA THR F 202 26.28 -32.83 -17.61
C THR F 202 26.61 -31.92 -18.79
N PRO F 203 25.82 -30.85 -18.99
CA PRO F 203 26.12 -29.91 -20.07
C PRO F 203 27.47 -29.20 -19.92
N ASP F 204 27.93 -29.00 -18.68
CA ASP F 204 29.15 -28.23 -18.43
C ASP F 204 30.38 -28.86 -19.09
N ASP F 205 30.25 -30.07 -19.63
CA ASP F 205 31.36 -30.69 -20.34
C ASP F 205 31.61 -30.07 -21.71
N SER F 206 30.75 -29.15 -22.16
CA SER F 206 30.92 -28.54 -23.47
C SER F 206 32.03 -27.50 -23.50
N PHE F 207 32.39 -26.94 -22.35
CA PHE F 207 33.42 -25.91 -22.28
C PHE F 207 34.74 -26.48 -22.78
N LEU F 208 35.41 -25.75 -23.67
CA LEU F 208 36.61 -26.26 -24.31
C LEU F 208 37.85 -25.94 -23.48
N GLU F 209 38.31 -26.93 -22.73
CA GLU F 209 39.58 -26.86 -22.03
C GLU F 209 40.69 -27.02 -23.07
N TRP F 210 41.28 -25.91 -23.48
CA TRP F 210 42.33 -25.90 -24.50
C TRP F 210 43.58 -26.65 -24.08
N HIS F 211 43.75 -26.95 -22.80
CA HIS F 211 44.90 -27.73 -22.36
C HIS F 211 44.84 -29.18 -22.82
N LYS F 212 43.66 -29.66 -23.24
CA LYS F 212 43.49 -31.02 -23.68
C LYS F 212 44.19 -31.26 -25.02
N PRO F 213 44.58 -32.51 -25.31
CA PRO F 213 45.28 -32.78 -26.57
C PRO F 213 44.40 -32.54 -27.78
N ALA F 214 45.04 -32.44 -28.94
CA ALA F 214 44.32 -32.13 -30.18
C ALA F 214 43.31 -33.21 -30.53
N SER F 215 43.69 -34.49 -30.44
CA SER F 215 42.75 -35.55 -30.75
C SER F 215 41.58 -35.57 -29.77
N VAL F 216 41.86 -35.35 -28.49
CA VAL F 216 40.80 -35.29 -27.50
C VAL F 216 39.82 -34.19 -27.83
N LEU F 217 40.33 -33.00 -28.16
CA LEU F 217 39.47 -31.90 -28.59
C LEU F 217 38.69 -32.28 -29.85
N HIS F 218 39.30 -33.08 -30.72
CA HIS F 218 38.57 -33.55 -31.90
C HIS F 218 37.36 -34.37 -31.51
N ASN F 219 37.52 -35.28 -30.54
CA ASN F 219 36.35 -36.07 -30.12
C ASN F 219 35.34 -35.20 -29.38
N MET F 220 35.79 -34.20 -28.63
CA MET F 220 34.86 -33.29 -27.99
C MET F 220 34.03 -32.54 -29.02
N VAL F 221 34.67 -32.05 -30.09
CA VAL F 221 33.93 -31.38 -31.16
C VAL F 221 32.98 -32.38 -31.83
N ARG F 222 33.43 -33.63 -31.98
CA ARG F 222 32.60 -34.64 -32.62
C ARG F 222 31.35 -34.93 -31.82
N ALA F 223 31.46 -34.98 -30.49
CA ALA F 223 30.35 -35.43 -29.65
C ALA F 223 29.19 -34.44 -29.65
N VAL F 224 29.44 -33.18 -30.03
CA VAL F 224 28.43 -32.14 -29.92
C VAL F 224 28.03 -31.65 -31.30
N ALA F 225 28.08 -32.52 -32.30
CA ALA F 225 27.73 -32.12 -33.66
C ALA F 225 26.27 -31.70 -33.75
N ASP F 226 25.93 -31.05 -34.86
CA ASP F 226 24.56 -30.63 -35.12
C ASP F 226 23.64 -31.85 -35.09
N PRO F 227 22.51 -31.81 -34.35
CA PRO F 227 21.92 -30.72 -33.56
C PRO F 227 22.15 -30.74 -32.05
N TRP F 228 23.22 -31.37 -31.55
CA TRP F 228 23.54 -31.26 -30.14
C TRP F 228 23.93 -29.82 -29.82
N PRO F 229 23.83 -29.42 -28.55
CA PRO F 229 24.03 -28.00 -28.20
C PRO F 229 25.31 -27.39 -28.75
N GLY F 230 26.39 -28.16 -28.88
CA GLY F 230 27.59 -27.66 -29.50
C GLY F 230 28.69 -27.38 -28.50
N ALA F 231 29.92 -27.38 -29.01
CA ALA F 231 31.10 -27.12 -28.20
C ALA F 231 31.29 -25.62 -28.02
N PHE F 232 30.82 -25.10 -26.88
CA PHE F 232 30.76 -23.67 -26.66
C PHE F 232 31.87 -23.24 -25.72
N SER F 233 32.37 -22.03 -25.96
CA SER F 233 33.40 -21.40 -25.14
C SER F 233 33.18 -19.89 -25.19
N TYR F 234 33.70 -19.21 -24.17
CA TYR F 234 33.52 -17.77 -24.01
C TYR F 234 34.88 -17.09 -23.91
N VAL F 235 35.00 -15.94 -24.57
CA VAL F 235 36.13 -15.05 -24.42
C VAL F 235 35.59 -13.69 -23.99
N GLY F 236 36.04 -13.19 -22.84
CA GLY F 236 35.51 -11.96 -22.30
C GLY F 236 34.05 -12.11 -21.93
N ASN F 237 33.18 -11.50 -22.72
CA ASN F 237 31.73 -11.67 -22.57
C ASN F 237 31.09 -12.21 -23.85
N GLN F 238 31.87 -12.86 -24.71
CA GLN F 238 31.40 -13.30 -26.02
C GLN F 238 31.39 -14.81 -26.10
N LYS F 239 30.25 -15.37 -26.48
CA LYS F 239 30.06 -16.80 -26.60
C LYS F 239 30.30 -17.25 -28.03
N PHE F 240 30.74 -18.49 -28.22
CA PHE F 240 30.84 -19.10 -29.53
C PHE F 240 30.75 -20.60 -29.38
N THR F 241 30.47 -21.29 -30.48
CA THR F 241 30.52 -22.75 -30.52
C THR F 241 31.17 -23.21 -31.81
N VAL F 242 32.01 -24.24 -31.68
CA VAL F 242 32.75 -24.83 -32.79
C VAL F 242 32.03 -26.09 -33.24
N TRP F 243 31.84 -26.24 -34.55
CA TRP F 243 31.10 -27.38 -35.07
C TRP F 243 31.99 -28.43 -35.72
N SER F 244 33.08 -28.03 -36.36
CA SER F 244 33.97 -28.97 -37.03
C SER F 244 35.37 -28.39 -37.05
N SER F 245 36.37 -29.28 -37.09
CA SER F 245 37.76 -28.88 -37.01
C SER F 245 38.64 -30.03 -37.50
N ARG F 246 39.90 -29.70 -37.79
CA ARG F 246 40.90 -30.73 -38.08
C ARG F 246 42.15 -30.44 -37.25
N VAL F 247 43.06 -31.42 -37.23
CA VAL F 247 44.31 -31.32 -36.50
C VAL F 247 45.46 -31.23 -37.50
N HIS F 248 46.35 -30.26 -37.30
CA HIS F 248 47.52 -30.07 -38.14
C HIS F 248 48.76 -30.03 -37.27
N PRO F 249 49.91 -30.47 -37.81
CA PRO F 249 51.17 -30.41 -37.05
C PRO F 249 51.70 -28.97 -36.90
N LYS F 253 58.25 -23.19 -32.20
CA LYS F 253 57.37 -22.08 -32.57
C LYS F 253 57.29 -21.06 -31.45
N ALA F 254 56.07 -20.75 -31.02
CA ALA F 254 55.85 -19.79 -29.95
C ALA F 254 55.29 -20.51 -28.74
N GLN F 255 55.02 -19.74 -27.69
CA GLN F 255 54.47 -20.31 -26.47
C GLN F 255 53.03 -20.78 -26.72
N PRO F 256 52.69 -22.02 -26.37
CA PRO F 256 51.31 -22.48 -26.55
C PRO F 256 50.33 -21.61 -25.80
N GLY F 257 49.28 -21.19 -26.48
CA GLY F 257 48.28 -20.30 -25.94
C GLY F 257 47.94 -19.12 -26.82
N SER F 258 48.80 -18.78 -27.78
CA SER F 258 48.54 -17.69 -28.71
C SER F 258 48.00 -18.23 -30.02
N VAL F 259 47.34 -17.35 -30.77
CA VAL F 259 46.79 -17.71 -32.07
C VAL F 259 47.86 -17.44 -33.13
N ILE F 260 48.20 -18.48 -33.89
CA ILE F 260 49.31 -18.38 -34.84
C ILE F 260 48.88 -17.61 -36.09
N SER F 261 47.78 -18.02 -36.70
CA SER F 261 47.33 -17.41 -37.94
C SER F 261 45.83 -17.16 -37.85
N VAL F 262 45.35 -16.21 -38.65
CA VAL F 262 43.96 -15.80 -38.64
C VAL F 262 43.18 -16.36 -39.83
N ALA F 263 43.80 -16.42 -41.01
CA ALA F 263 43.13 -16.93 -42.21
C ALA F 263 44.00 -17.98 -42.85
N PRO F 264 43.79 -19.26 -42.52
CA PRO F 264 42.78 -19.80 -41.60
C PRO F 264 43.15 -19.59 -40.13
N LEU F 265 42.17 -19.60 -39.23
CA LEU F 265 42.43 -19.40 -37.81
C LEU F 265 42.98 -20.70 -37.24
N LEU F 266 44.13 -20.62 -36.59
CA LEU F 266 44.79 -21.79 -36.01
C LEU F 266 44.98 -21.56 -34.51
N ILE F 267 44.70 -22.60 -33.73
CA ILE F 267 44.80 -22.55 -32.27
C ILE F 267 45.86 -23.54 -31.82
N ALA F 268 46.82 -23.05 -31.03
CA ALA F 268 47.76 -23.95 -30.39
C ALA F 268 47.07 -24.71 -29.27
N CYS F 269 47.46 -25.96 -29.07
CA CYS F 269 46.90 -26.79 -28.03
C CYS F 269 48.03 -27.53 -27.31
N GLY F 270 47.66 -28.46 -26.42
CA GLY F 270 48.67 -29.19 -25.65
C GLY F 270 49.68 -29.90 -26.53
N ASP F 271 49.25 -30.36 -27.70
CA ASP F 271 50.14 -31.01 -28.65
C ASP F 271 49.60 -30.81 -30.06
N GLY F 272 50.40 -30.20 -30.93
CA GLY F 272 49.97 -29.89 -32.26
C GLY F 272 49.13 -28.62 -32.34
N ALA F 273 48.40 -28.49 -33.45
CA ALA F 273 47.58 -27.33 -33.71
C ALA F 273 46.20 -27.76 -34.19
N LEU F 274 45.21 -26.92 -33.94
CA LEU F 274 43.82 -27.21 -34.26
C LEU F 274 43.30 -26.13 -35.19
N GLU F 275 42.70 -26.54 -36.30
CA GLU F 275 42.20 -25.61 -37.32
C GLU F 275 40.69 -25.72 -37.38
N ILE F 276 40.02 -24.61 -37.12
CA ILE F 276 38.57 -24.58 -36.93
C ILE F 276 37.93 -24.37 -38.29
N VAL F 277 37.03 -25.27 -38.68
CA VAL F 277 36.32 -25.11 -39.94
C VAL F 277 35.15 -24.15 -39.78
N THR F 278 34.17 -24.52 -38.96
CA THR F 278 32.94 -23.76 -38.85
C THR F 278 32.65 -23.44 -37.39
N GLY F 279 32.17 -22.22 -37.16
CA GLY F 279 31.76 -21.83 -35.82
C GLY F 279 30.67 -20.79 -35.90
N GLN F 280 29.85 -20.75 -34.85
CA GLN F 280 28.85 -19.71 -34.72
C GLN F 280 29.22 -18.83 -33.53
N ALA F 281 29.12 -17.52 -33.74
CA ALA F 281 29.46 -16.53 -32.72
C ALA F 281 28.17 -16.04 -32.07
N GLY F 282 27.97 -16.41 -30.81
CA GLY F 282 26.76 -16.00 -30.12
C GLY F 282 25.53 -16.58 -30.79
N ASP F 283 24.57 -15.71 -31.10
CA ASP F 283 23.33 -16.09 -31.75
C ASP F 283 23.42 -16.01 -33.27
N GLY F 284 24.56 -15.61 -33.82
CA GLY F 284 24.69 -15.46 -35.26
C GLY F 284 24.90 -16.79 -35.96
N ILE F 285 24.75 -16.74 -37.29
CA ILE F 285 24.81 -17.95 -38.10
C ILE F 285 26.24 -18.48 -38.14
N THR F 286 26.37 -19.76 -38.49
CA THR F 286 27.68 -20.40 -38.57
C THR F 286 28.44 -19.88 -39.79
N MET F 287 29.76 -19.80 -39.66
CA MET F 287 30.60 -19.26 -40.71
C MET F 287 32.03 -19.75 -40.42
N GLN F 288 32.91 -19.64 -41.41
CA GLN F 288 34.24 -20.21 -41.28
C GLN F 288 35.14 -19.31 -40.42
N GLY F 289 36.34 -19.82 -40.13
CA GLY F 289 37.10 -19.32 -39.00
C GLY F 289 37.58 -17.88 -39.14
N SER F 290 37.96 -17.48 -40.36
CA SER F 290 38.61 -16.19 -40.55
C SER F 290 37.66 -15.03 -40.19
N GLN F 291 36.41 -15.09 -40.63
CA GLN F 291 35.47 -14.03 -40.31
C GLN F 291 35.20 -14.01 -38.80
N LEU F 292 35.16 -15.20 -38.19
CA LEU F 292 34.97 -15.28 -36.74
C LEU F 292 36.12 -14.59 -36.02
N ALA F 293 37.35 -14.83 -36.45
CA ALA F 293 38.49 -14.17 -35.82
C ALA F 293 38.48 -12.67 -36.10
N GLN F 294 37.94 -12.27 -37.24
CA GLN F 294 37.82 -10.85 -37.55
C GLN F 294 36.87 -10.15 -36.59
N THR F 295 35.69 -10.75 -36.38
CA THR F 295 34.73 -10.14 -35.45
C THR F 295 35.22 -10.23 -34.01
N LEU F 296 35.83 -11.35 -33.63
CA LEU F 296 36.32 -11.50 -32.26
C LEU F 296 37.57 -10.68 -31.99
N GLY F 297 38.19 -10.12 -33.02
CA GLY F 297 39.40 -9.33 -32.82
C GLY F 297 40.64 -10.13 -32.59
N LEU F 298 40.66 -11.40 -32.99
CA LEU F 298 41.83 -12.24 -32.82
C LEU F 298 42.99 -11.72 -33.67
N VAL F 299 44.21 -12.08 -33.27
CA VAL F 299 45.42 -11.53 -33.86
C VAL F 299 46.35 -12.67 -34.23
N GLN F 300 47.23 -12.41 -35.19
CA GLN F 300 48.23 -13.39 -35.61
C GLN F 300 49.54 -13.17 -34.87
N MET G 1 -15.18 27.30 -11.10
CA MET G 1 -16.45 27.21 -11.81
C MET G 1 -17.14 25.88 -11.52
N ARG G 2 -16.58 25.11 -10.59
CA ARG G 2 -17.16 23.82 -10.18
C ARG G 2 -17.16 23.72 -8.67
N VAL G 3 -18.18 23.05 -8.13
CA VAL G 3 -18.46 23.02 -6.70
C VAL G 3 -18.48 21.58 -6.23
N LEU G 4 -17.86 21.34 -5.07
CA LEU G 4 -17.99 20.07 -4.35
C LEU G 4 -18.44 20.41 -2.94
N ILE G 5 -19.55 19.82 -2.51
CA ILE G 5 -20.05 20.00 -1.15
C ILE G 5 -20.15 18.61 -0.53
N LEU G 6 -19.22 18.31 0.37
CA LEU G 6 -19.22 17.01 1.04
C LEU G 6 -20.30 17.02 2.10
N GLY G 7 -21.25 16.10 1.99
CA GLY G 7 -22.41 16.10 2.85
C GLY G 7 -23.59 16.80 2.23
N VAL G 8 -23.93 16.41 0.99
CA VAL G 8 -25.03 17.03 0.27
C VAL G 8 -26.36 16.79 0.98
N ASN G 9 -26.48 15.67 1.72
CA ASN G 9 -27.75 15.31 2.36
C ASN G 9 -27.84 16.06 3.69
N GLY G 10 -28.40 17.25 3.63
CA GLY G 10 -28.55 18.03 4.84
C GLY G 10 -29.59 19.12 4.68
N PHE G 11 -30.02 19.64 5.82
CA PHE G 11 -30.89 20.81 5.94
C PHE G 11 -30.22 22.02 5.32
N ILE G 12 -29.14 22.45 5.95
CA ILE G 12 -28.27 23.47 5.37
C ILE G 12 -27.78 23.06 4.00
N GLY G 13 -27.62 21.76 3.75
CA GLY G 13 -27.24 21.32 2.42
C GLY G 13 -28.27 21.67 1.37
N ASN G 14 -29.55 21.41 1.69
CA ASN G 14 -30.61 21.70 0.74
C ASN G 14 -30.78 23.20 0.54
N HIS G 15 -30.68 23.98 1.62
CA HIS G 15 -30.74 25.44 1.43
C HIS G 15 -29.57 25.96 0.62
N LEU G 16 -28.36 25.44 0.85
CA LEU G 16 -27.21 25.86 0.06
C LEU G 16 -27.39 25.50 -1.40
N THR G 17 -27.90 24.30 -1.68
CA THR G 17 -28.17 23.92 -3.07
C THR G 17 -29.21 24.85 -3.70
N GLU G 18 -30.28 25.15 -2.96
CA GLU G 18 -31.32 26.03 -3.49
C GLU G 18 -30.76 27.40 -3.78
N ARG G 19 -29.85 27.88 -2.94
CA ARG G 19 -29.27 29.20 -3.17
C ARG G 19 -28.29 29.15 -4.34
N LEU G 20 -27.61 28.02 -4.50
CA LEU G 20 -26.54 27.90 -5.49
C LEU G 20 -27.08 27.67 -6.89
N LEU G 21 -28.30 27.13 -7.00
CA LEU G 21 -28.87 26.96 -8.34
C LEU G 21 -29.20 28.30 -8.99
N ARG G 22 -29.29 29.38 -8.20
CA ARG G 22 -29.34 30.73 -8.76
C ARG G 22 -28.00 31.20 -9.31
N GLU G 23 -26.93 30.44 -9.09
CA GLU G 23 -25.64 30.79 -9.67
C GLU G 23 -25.54 30.19 -11.07
N ASP G 24 -25.31 31.07 -12.05
CA ASP G 24 -25.45 30.69 -13.45
C ASP G 24 -24.19 30.08 -14.05
N HIS G 25 -23.06 30.16 -13.36
CA HIS G 25 -21.82 29.58 -13.87
C HIS G 25 -21.17 28.65 -12.85
N TYR G 26 -21.93 27.71 -12.31
CA TYR G 26 -21.39 26.67 -11.44
C TYR G 26 -22.21 25.40 -11.62
N GLU G 27 -21.53 24.26 -11.65
CA GLU G 27 -22.17 22.95 -11.74
C GLU G 27 -22.07 22.28 -10.38
N VAL G 28 -23.18 21.70 -9.92
CA VAL G 28 -23.29 21.19 -8.56
C VAL G 28 -23.19 19.68 -8.58
N TYR G 29 -22.14 19.15 -7.92
CA TYR G 29 -21.94 17.72 -7.76
C TYR G 29 -22.03 17.41 -6.27
N GLY G 30 -23.15 16.84 -5.85
CA GLY G 30 -23.33 16.49 -4.45
C GLY G 30 -23.02 15.04 -4.15
N LEU G 31 -22.25 14.77 -3.10
CA LEU G 31 -21.74 13.44 -2.83
C LEU G 31 -22.32 12.91 -1.52
N ASP G 32 -22.92 11.73 -1.58
CA ASP G 32 -23.43 11.03 -0.41
C ASP G 32 -23.93 9.67 -0.88
N ILE G 33 -24.42 8.86 0.07
CA ILE G 33 -25.16 7.68 -0.30
C ILE G 33 -26.65 7.96 -0.42
N GLY G 34 -27.17 8.95 0.31
CA GLY G 34 -28.58 9.23 0.31
C GLY G 34 -28.87 10.65 -0.14
N SER G 35 -30.03 10.80 -0.79
CA SER G 35 -30.48 12.11 -1.24
C SER G 35 -31.97 12.31 -0.99
N ASP G 36 -32.53 11.59 -0.01
CA ASP G 36 -33.97 11.67 0.23
C ASP G 36 -34.40 13.09 0.61
N ALA G 37 -33.62 13.76 1.44
CA ALA G 37 -33.96 15.11 1.87
C ALA G 37 -33.93 16.11 0.72
N ILE G 38 -33.29 15.77 -0.40
CA ILE G 38 -33.15 16.68 -1.53
C ILE G 38 -33.82 16.12 -2.79
N SER G 39 -34.90 15.36 -2.63
CA SER G 39 -35.49 14.61 -3.74
C SER G 39 -35.98 15.50 -4.87
N ARG G 40 -36.32 16.75 -4.60
CA ARG G 40 -36.86 17.61 -5.64
C ARG G 40 -35.72 18.06 -6.56
N PHE G 41 -34.53 18.28 -6.00
CA PHE G 41 -33.38 18.84 -6.70
C PHE G 41 -32.61 17.83 -7.54
N LEU G 42 -32.89 16.53 -7.39
CA LEU G 42 -32.16 15.53 -8.17
C LEU G 42 -32.38 15.72 -9.67
N ASN G 43 -33.63 15.89 -10.08
CA ASN G 43 -33.95 15.90 -11.51
C ASN G 43 -33.49 17.18 -12.20
N HIS G 44 -33.06 18.19 -11.47
CA HIS G 44 -32.67 19.45 -12.08
C HIS G 44 -31.40 19.24 -12.90
N PRO G 45 -31.29 19.84 -14.08
CA PRO G 45 -30.20 19.45 -15.00
C PRO G 45 -28.79 19.63 -14.45
N HIS G 46 -28.53 20.69 -13.68
CA HIS G 46 -27.17 20.97 -13.23
C HIS G 46 -26.87 20.40 -11.85
N PHE G 47 -27.81 19.69 -11.24
CA PHE G 47 -27.57 19.02 -9.97
C PHE G 47 -27.31 17.54 -10.23
N HIS G 48 -26.18 17.05 -9.74
CA HIS G 48 -25.77 15.67 -10.00
C HIS G 48 -25.32 15.00 -8.70
N PHE G 49 -26.04 13.94 -8.32
CA PHE G 49 -25.74 13.17 -7.12
C PHE G 49 -24.77 12.04 -7.44
N VAL G 50 -23.85 11.80 -6.50
CA VAL G 50 -22.84 10.76 -6.67
C VAL G 50 -22.71 9.98 -5.36
N GLU G 51 -22.69 8.65 -5.47
CA GLU G 51 -22.61 7.77 -4.31
C GLU G 51 -21.19 7.74 -3.75
N GLY G 52 -21.06 8.05 -2.46
CA GLY G 52 -19.76 8.05 -1.84
C GLY G 52 -19.86 8.15 -0.33
N ASP G 53 -18.71 7.96 0.32
CA ASP G 53 -18.59 8.04 1.77
C ASP G 53 -17.13 8.25 2.12
N ILE G 54 -16.82 9.30 2.88
CA ILE G 54 -15.43 9.64 3.16
C ILE G 54 -14.76 8.55 4.00
N SER G 55 -15.55 7.78 4.76
CA SER G 55 -14.96 6.79 5.66
C SER G 55 -14.41 5.59 4.91
N ILE G 56 -14.94 5.31 3.72
CA ILE G 56 -14.56 4.10 2.99
C ILE G 56 -13.90 4.48 1.66
N HIS G 57 -14.63 5.22 0.82
CA HIS G 57 -14.11 5.58 -0.49
C HIS G 57 -12.94 6.55 -0.35
N SER G 58 -11.87 6.27 -1.10
CA SER G 58 -10.70 7.13 -1.12
C SER G 58 -10.45 7.69 -2.52
N GLU G 59 -10.52 6.84 -3.55
CA GLU G 59 -10.30 7.32 -4.91
C GLU G 59 -11.38 8.31 -5.32
N TRP G 60 -12.61 8.10 -4.87
CA TRP G 60 -13.73 8.84 -5.43
C TRP G 60 -13.72 10.28 -4.94
N ILE G 61 -13.56 10.45 -3.62
CA ILE G 61 -13.53 11.78 -3.01
C ILE G 61 -12.33 12.56 -3.51
N GLU G 62 -11.17 11.90 -3.58
CA GLU G 62 -9.96 12.55 -4.07
C GLU G 62 -10.12 12.96 -5.53
N TYR G 63 -10.79 12.12 -6.32
CA TYR G 63 -11.02 12.44 -7.72
C TYR G 63 -11.89 13.69 -7.84
N HIS G 64 -12.91 13.80 -6.99
CA HIS G 64 -13.64 15.06 -6.93
C HIS G 64 -12.74 16.22 -6.54
N VAL G 65 -11.96 16.07 -5.46
CA VAL G 65 -11.12 17.18 -5.00
C VAL G 65 -10.22 17.67 -6.13
N LYS G 66 -9.73 16.75 -6.93
CA LYS G 66 -9.01 17.13 -8.15
C LYS G 66 -9.90 17.89 -9.13
N LYS G 67 -11.05 17.33 -9.50
CA LYS G 67 -11.75 17.86 -10.66
C LYS G 67 -12.55 19.11 -10.32
N CYS G 68 -13.01 19.24 -9.07
CA CYS G 68 -13.80 20.40 -8.68
C CYS G 68 -12.88 21.59 -8.39
N ASP G 69 -13.47 22.76 -8.17
CA ASP G 69 -12.70 23.99 -8.02
C ASP G 69 -12.94 24.64 -6.66
N VAL G 70 -14.09 24.40 -6.04
CA VAL G 70 -14.31 24.84 -4.65
C VAL G 70 -14.73 23.63 -3.83
N VAL G 71 -14.25 23.59 -2.59
CA VAL G 71 -14.44 22.46 -1.69
C VAL G 71 -15.15 22.95 -0.43
N LEU G 72 -16.23 22.27 -0.07
CA LEU G 72 -17.07 22.69 1.06
C LEU G 72 -17.35 21.51 1.98
N PRO G 73 -16.56 21.32 3.04
CA PRO G 73 -16.92 20.32 4.05
C PRO G 73 -18.18 20.75 4.78
N LEU G 74 -19.12 19.82 4.94
CA LEU G 74 -20.40 20.16 5.53
C LEU G 74 -20.96 19.09 6.44
N VAL G 75 -20.39 17.89 6.44
CA VAL G 75 -20.99 16.74 7.12
C VAL G 75 -20.37 16.57 8.49
N ALA G 76 -21.21 16.34 9.50
CA ALA G 76 -20.76 16.06 10.86
C ALA G 76 -21.91 15.41 11.62
N ILE G 77 -21.56 14.58 12.61
CA ILE G 77 -22.55 13.93 13.46
C ILE G 77 -22.71 14.77 14.72
N ALA G 78 -23.92 15.30 14.91
CA ALA G 78 -24.23 16.18 16.05
C ALA G 78 -25.18 15.50 17.02
N THR G 79 -25.20 14.16 17.01
CA THR G 79 -26.08 13.41 17.89
C THR G 79 -25.33 13.06 19.16
N PRO G 80 -25.74 13.58 20.33
CA PRO G 80 -24.99 13.28 21.56
C PRO G 80 -25.03 11.82 21.96
N ILE G 81 -26.20 11.18 21.88
CA ILE G 81 -26.32 9.79 22.32
C ILE G 81 -25.45 8.88 21.45
N GLU G 82 -25.32 9.19 20.17
CA GLU G 82 -24.45 8.39 19.30
C GLU G 82 -23.00 8.39 19.77
N TYR G 83 -22.58 9.41 20.52
CA TYR G 83 -21.24 9.39 21.09
C TYR G 83 -21.11 8.33 22.19
N THR G 84 -22.18 8.13 22.97
CA THR G 84 -22.10 7.30 24.18
C THR G 84 -21.94 5.81 23.85
N ARG G 85 -22.59 5.31 22.81
CA ARG G 85 -22.54 3.88 22.52
C ARG G 85 -21.14 3.46 22.06
N ASN G 86 -20.52 4.25 21.20
CA ASN G 86 -19.27 3.88 20.53
C ASN G 86 -18.39 5.10 20.26
N PRO G 87 -17.82 5.68 21.32
CA PRO G 87 -16.98 6.88 21.14
C PRO G 87 -15.79 6.63 20.21
N LEU G 88 -15.23 5.43 20.21
CA LEU G 88 -14.05 5.16 19.40
C LEU G 88 -14.35 5.36 17.92
N ARG G 89 -15.47 4.81 17.44
CA ARG G 89 -15.79 4.88 16.02
C ARG G 89 -15.97 6.33 15.56
N VAL G 90 -16.76 7.11 16.31
CA VAL G 90 -16.98 8.51 15.94
C VAL G 90 -15.68 9.29 16.06
N PHE G 91 -14.81 8.91 17.01
CA PHE G 91 -13.54 9.59 17.15
C PHE G 91 -12.66 9.37 15.93
N GLU G 92 -12.60 8.14 15.44
CA GLU G 92 -11.75 7.86 14.29
C GLU G 92 -12.34 8.41 13.00
N LEU G 93 -13.65 8.34 12.82
CA LEU G 93 -14.23 8.81 11.57
C LEU G 93 -14.35 10.34 11.53
N ASP G 94 -14.97 10.93 12.54
CA ASP G 94 -15.28 12.36 12.49
C ASP G 94 -14.02 13.22 12.61
N PHE G 95 -12.87 12.61 12.94
CA PHE G 95 -11.63 13.37 13.11
C PHE G 95 -10.58 13.01 12.06
N GLU G 96 -10.20 11.73 11.99
CA GLU G 96 -9.03 11.35 11.21
C GLU G 96 -9.24 11.56 9.72
N GLU G 97 -10.35 11.04 9.18
CA GLU G 97 -10.60 11.15 7.75
C GLU G 97 -10.70 12.60 7.33
N ASN G 98 -11.39 13.43 8.12
CA ASN G 98 -11.47 14.85 7.80
C ASN G 98 -10.10 15.51 7.84
N LEU G 99 -9.23 15.07 8.74
CA LEU G 99 -7.85 15.53 8.72
C LEU G 99 -7.19 15.19 7.39
N ARG G 100 -7.45 13.99 6.87
CA ARG G 100 -6.92 13.63 5.56
C ARG G 100 -7.46 14.56 4.47
N ILE G 101 -8.76 14.90 4.52
CA ILE G 101 -9.32 15.78 3.50
C ILE G 101 -8.67 17.16 3.57
N ILE G 102 -8.50 17.70 4.78
CA ILE G 102 -7.82 18.98 4.90
C ILE G 102 -6.40 18.89 4.34
N ARG G 103 -5.67 17.82 4.67
CA ARG G 103 -4.30 17.71 4.20
C ARG G 103 -4.23 17.63 2.68
N TYR G 104 -5.14 16.89 2.05
CA TYR G 104 -5.10 16.75 0.60
C TYR G 104 -5.53 18.05 -0.09
N CYS G 105 -6.56 18.70 0.45
CA CYS G 105 -6.96 20.00 -0.09
C CYS G 105 -5.81 21.01 0.02
N VAL G 106 -5.05 20.93 1.09
CA VAL G 106 -3.83 21.74 1.21
C VAL G 106 -2.83 21.37 0.13
N LYS G 107 -2.65 20.06 -0.11
CA LYS G 107 -1.63 19.64 -1.06
C LYS G 107 -1.97 20.22 -2.43
N TYR G 108 -3.25 20.20 -2.78
CA TYR G 108 -3.72 20.70 -4.07
C TYR G 108 -4.05 22.18 -4.06
N ARG G 109 -3.84 22.86 -2.94
CA ARG G 109 -3.92 24.31 -2.85
C ARG G 109 -5.33 24.82 -3.17
N LYS G 110 -6.31 24.21 -2.52
CA LYS G 110 -7.70 24.56 -2.70
C LYS G 110 -8.19 25.42 -1.53
N ARG G 111 -9.15 26.29 -1.81
CA ARG G 111 -9.74 27.11 -0.75
C ARG G 111 -10.76 26.29 0.04
N ILE G 112 -10.65 26.35 1.37
CA ILE G 112 -11.45 25.53 2.26
C ILE G 112 -12.32 26.44 3.14
N ILE G 113 -13.60 26.13 3.20
CA ILE G 113 -14.55 26.80 4.09
C ILE G 113 -14.94 25.78 5.15
N PHE G 114 -14.37 25.92 6.35
CA PHE G 114 -14.53 24.88 7.36
C PHE G 114 -15.63 25.26 8.33
N PRO G 115 -16.61 24.37 8.52
CA PRO G 115 -17.73 24.66 9.42
C PRO G 115 -17.46 24.27 10.87
N SER G 116 -16.77 25.11 11.62
CA SER G 116 -16.56 24.83 13.03
C SER G 116 -17.79 25.24 13.83
N THR G 117 -17.81 24.83 15.11
CA THR G 117 -18.93 25.12 15.99
C THR G 117 -18.46 25.97 17.17
N SER G 118 -19.37 26.81 17.67
CA SER G 118 -19.05 27.72 18.76
C SER G 118 -19.36 27.15 20.13
N GLU G 119 -19.83 25.90 20.21
CA GLU G 119 -20.20 25.32 21.49
C GLU G 119 -18.99 24.83 22.29
N VAL G 120 -17.78 25.24 21.93
CA VAL G 120 -16.59 24.76 22.63
C VAL G 120 -16.27 25.64 23.83
N TYR G 121 -16.75 26.89 23.84
CA TYR G 121 -16.48 27.78 24.97
C TYR G 121 -17.14 27.28 26.26
N GLY G 122 -18.38 26.80 26.16
CA GLY G 122 -19.02 26.20 27.32
C GLY G 122 -19.32 27.22 28.41
N MET G 123 -18.66 27.04 29.55
CA MET G 123 -18.93 27.81 30.77
C MET G 123 -17.81 28.78 31.11
N CYS G 124 -17.25 29.46 30.10
CA CYS G 124 -16.20 30.43 30.35
C CYS G 124 -16.69 31.53 31.28
N SER G 125 -15.84 31.92 32.23
CA SER G 125 -16.24 32.85 33.28
C SER G 125 -16.08 34.32 32.88
N ASP G 126 -15.41 34.62 31.77
CA ASP G 126 -15.26 36.01 31.37
C ASP G 126 -16.59 36.59 30.92
N LYS G 127 -16.81 37.86 31.26
CA LYS G 127 -18.07 38.52 30.92
C LYS G 127 -18.26 38.60 29.41
N TYR G 128 -17.36 39.31 28.72
CA TYR G 128 -17.39 39.44 27.27
C TYR G 128 -16.71 38.22 26.66
N PHE G 129 -17.50 37.31 26.11
CA PHE G 129 -16.97 36.09 25.51
C PHE G 129 -16.04 36.43 24.37
N ASP G 130 -14.76 36.11 24.53
CA ASP G 130 -13.75 36.34 23.50
C ASP G 130 -13.45 35.02 22.81
N GLU G 131 -12.96 35.10 21.56
CA GLU G 131 -12.72 33.89 20.79
C GLU G 131 -11.24 33.54 20.76
N ASP G 132 -10.38 34.43 21.22
CA ASP G 132 -8.94 34.23 21.16
C ASP G 132 -8.25 34.31 22.51
N HIS G 133 -8.98 34.50 23.61
CA HIS G 133 -8.36 34.61 24.92
C HIS G 133 -9.10 33.81 25.98
N SER G 134 -10.28 33.29 25.62
CA SER G 134 -11.07 32.54 26.59
C SER G 134 -10.48 31.15 26.81
N ASN G 135 -10.84 30.55 27.94
CA ASN G 135 -10.34 29.22 28.28
C ASN G 135 -11.38 28.16 27.94
N LEU G 136 -10.95 26.90 27.99
CA LEU G 136 -11.81 25.75 27.74
C LEU G 136 -11.78 24.84 28.96
N ILE G 137 -12.95 24.45 29.44
CA ILE G 137 -13.08 23.61 30.62
C ILE G 137 -13.92 22.38 30.24
N VAL G 138 -13.56 21.23 30.81
CA VAL G 138 -14.26 19.98 30.56
C VAL G 138 -14.70 19.38 31.88
N GLY G 139 -15.55 18.36 31.80
CA GLY G 139 -16.03 17.68 32.97
C GLY G 139 -15.26 16.40 33.24
N PRO G 140 -15.92 15.47 33.92
CA PRO G 140 -15.29 14.18 34.22
C PRO G 140 -15.04 13.39 32.94
N VAL G 141 -13.97 12.59 32.97
CA VAL G 141 -13.56 11.86 31.77
C VAL G 141 -14.53 10.73 31.46
N ASN G 142 -15.29 10.26 32.46
CA ASN G 142 -16.21 9.15 32.23
C ASN G 142 -17.36 9.54 31.32
N LYS G 143 -17.58 10.84 31.08
CA LYS G 143 -18.59 11.29 30.13
C LYS G 143 -17.98 11.32 28.74
N PRO G 144 -18.45 10.49 27.80
CA PRO G 144 -17.76 10.38 26.51
C PRO G 144 -18.08 11.50 25.54
N ARG G 145 -19.28 12.07 25.59
CA ARG G 145 -19.69 13.03 24.57
C ARG G 145 -18.77 14.24 24.50
N TRP G 146 -17.99 14.49 25.56
CA TRP G 146 -17.05 15.60 25.56
C TRP G 146 -15.81 15.35 24.70
N ILE G 147 -15.31 14.11 24.64
CA ILE G 147 -14.05 13.89 23.93
C ILE G 147 -14.18 14.31 22.47
N TYR G 148 -15.37 14.12 21.89
CA TYR G 148 -15.60 14.58 20.51
C TYR G 148 -15.40 16.08 20.41
N SER G 149 -16.06 16.85 21.27
CA SER G 149 -16.12 18.29 21.06
C SER G 149 -14.73 18.91 21.09
N VAL G 150 -13.95 18.58 22.12
CA VAL G 150 -12.61 19.14 22.23
C VAL G 150 -11.78 18.74 21.02
N SER G 151 -11.98 17.53 20.50
CA SER G 151 -11.26 17.10 19.32
C SER G 151 -11.55 18.04 18.15
N LYS G 152 -12.82 18.41 17.99
CA LYS G 152 -13.18 19.37 16.96
C LYS G 152 -12.34 20.63 17.10
N GLN G 153 -12.20 21.12 18.33
CA GLN G 153 -11.42 22.33 18.56
C GLN G 153 -9.99 22.10 18.08
N LEU G 154 -9.42 20.94 18.44
CA LEU G 154 -8.09 20.58 17.95
C LEU G 154 -8.03 20.71 16.44
N LEU G 155 -9.02 20.14 15.75
CA LEU G 155 -9.05 20.20 14.29
C LEU G 155 -8.91 21.63 13.81
N ASP G 156 -9.69 22.55 14.41
CA ASP G 156 -9.63 23.94 14.00
C ASP G 156 -8.20 24.45 14.08
N ARG G 157 -7.54 24.19 15.21
CA ARG G 157 -6.17 24.64 15.40
C ARG G 157 -5.28 24.18 14.25
N VAL G 158 -5.42 22.91 13.85
CA VAL G 158 -4.58 22.39 12.79
C VAL G 158 -4.70 23.25 11.55
N ILE G 159 -5.94 23.60 11.18
CA ILE G 159 -6.13 24.43 10.00
C ILE G 159 -5.38 25.75 10.16
N TRP G 160 -5.50 26.37 11.32
CA TRP G 160 -4.76 27.61 11.57
C TRP G 160 -3.27 27.40 11.32
N ALA G 161 -2.74 26.30 11.84
CA ALA G 161 -1.32 26.01 11.67
C ALA G 161 -0.97 25.91 10.20
N TYR G 162 -1.83 25.24 9.42
CA TYR G 162 -1.50 25.02 8.02
C TYR G 162 -1.49 26.33 7.25
N GLY G 163 -1.99 27.41 7.86
CA GLY G 163 -1.85 28.72 7.25
C GLY G 163 -0.41 29.18 7.16
N GLU G 164 0.36 29.01 8.24
CA GLU G 164 1.68 29.63 8.26
C GLU G 164 2.69 28.87 7.40
N LYS G 165 2.72 27.54 7.51
CA LYS G 165 3.77 26.77 6.86
C LYS G 165 3.48 26.44 5.41
N GLU G 166 2.25 26.65 4.94
CA GLU G 166 1.88 26.31 3.58
C GLU G 166 1.05 27.40 2.90
N GLY G 167 0.58 28.40 3.65
CA GLY G 167 -0.03 29.58 3.05
C GLY G 167 -1.38 29.40 2.39
N LEU G 168 -2.21 28.48 2.90
CA LEU G 168 -3.53 28.27 2.31
C LEU G 168 -4.55 29.28 2.82
N GLN G 169 -5.63 29.41 2.06
CA GLN G 169 -6.72 30.33 2.37
C GLN G 169 -7.85 29.54 3.01
N PHE G 170 -8.02 29.70 4.32
CA PHE G 170 -9.04 29.00 5.07
C PHE G 170 -10.06 29.99 5.59
N THR G 171 -11.31 29.54 5.70
CA THR G 171 -12.37 30.34 6.30
C THR G 171 -13.13 29.49 7.29
N LEU G 172 -12.76 29.58 8.56
CA LEU G 172 -13.53 28.96 9.63
C LEU G 172 -14.78 29.78 9.88
N PHE G 173 -15.92 29.10 9.95
CA PHE G 173 -17.19 29.77 10.18
C PHE G 173 -18.08 28.93 11.07
N ARG G 174 -18.95 29.61 11.84
CA ARG G 174 -19.72 28.98 12.90
C ARG G 174 -21.21 29.10 12.66
N PRO G 175 -21.94 27.99 12.67
CA PRO G 175 -23.39 28.04 12.81
C PRO G 175 -23.79 28.34 14.25
N PHE G 176 -24.55 29.40 14.45
CA PHE G 176 -25.23 29.62 15.72
C PHE G 176 -26.69 29.20 15.52
N ASN G 177 -26.95 27.89 15.54
CA ASN G 177 -28.28 27.30 15.69
C ASN G 177 -29.36 27.97 14.82
N TRP G 178 -29.25 27.78 13.50
CA TRP G 178 -30.37 28.17 12.65
C TRP G 178 -31.54 27.22 12.84
N MET G 179 -32.70 27.60 12.31
CA MET G 179 -33.87 26.73 12.24
C MET G 179 -34.66 27.05 10.99
N GLY G 180 -35.58 26.17 10.64
CA GLY G 180 -36.41 26.32 9.47
C GLY G 180 -37.20 25.06 9.17
N PRO G 181 -37.54 24.85 7.89
CA PRO G 181 -38.29 23.65 7.52
C PRO G 181 -37.41 22.41 7.59
N ARG G 182 -37.99 21.27 7.22
CA ARG G 182 -37.25 20.02 7.04
C ARG G 182 -36.39 19.68 8.26
N LEU G 183 -37.03 19.57 9.41
CA LEU G 183 -36.30 19.22 10.63
C LEU G 183 -35.83 17.78 10.59
N ASP G 184 -35.01 17.41 11.57
CA ASP G 184 -34.43 16.08 11.61
C ASP G 184 -35.02 15.26 12.75
N ASN G 185 -34.97 13.93 12.59
CA ASN G 185 -35.53 13.02 13.58
C ASN G 185 -34.63 12.94 14.81
N LEU G 186 -35.05 12.11 15.76
CA LEU G 186 -34.29 11.93 16.99
C LEU G 186 -32.93 11.30 16.72
N ASN G 187 -32.89 10.27 15.88
CA ASN G 187 -31.67 9.54 15.59
C ASN G 187 -30.94 10.06 14.35
N ALA G 188 -31.46 11.12 13.73
CA ALA G 188 -30.84 11.66 12.53
C ALA G 188 -29.55 12.39 12.86
N ALA G 189 -28.49 12.08 12.12
CA ALA G 189 -27.19 12.73 12.31
C ALA G 189 -27.03 13.93 11.37
N ARG G 190 -27.98 14.85 11.42
CA ARG G 190 -27.99 16.03 10.57
C ARG G 190 -27.96 17.28 11.46
N ILE G 191 -27.12 18.24 11.10
CA ILE G 191 -27.03 19.48 11.85
C ILE G 191 -28.03 20.48 11.29
N GLY G 192 -28.36 21.47 12.11
CA GLY G 192 -29.32 22.49 11.70
C GLY G 192 -30.63 22.41 12.46
N SER G 193 -30.65 21.61 13.52
CA SER G 193 -31.84 21.44 14.35
C SER G 193 -31.48 21.61 15.82
N SER G 194 -31.76 22.79 16.35
CA SER G 194 -31.48 23.09 17.76
C SER G 194 -32.31 22.17 18.64
N ARG G 195 -31.65 21.49 19.59
CA ARG G 195 -32.35 20.54 20.45
C ARG G 195 -33.50 21.20 21.21
N ALA G 196 -33.36 22.47 21.57
CA ALA G 196 -34.44 23.15 22.29
C ALA G 196 -35.72 23.18 21.46
N ILE G 197 -35.62 23.57 20.19
CA ILE G 197 -36.81 23.70 19.36
C ILE G 197 -37.42 22.33 19.07
N THR G 198 -36.57 21.32 18.84
CA THR G 198 -37.10 19.98 18.60
C THR G 198 -37.80 19.42 19.83
N GLN G 199 -37.25 19.68 21.02
CA GLN G 199 -37.98 19.31 22.23
C GLN G 199 -39.27 20.09 22.35
N LEU G 200 -39.30 21.33 21.86
CA LEU G 200 -40.56 22.08 21.87
C LEU G 200 -41.59 21.43 20.95
N ILE G 201 -41.16 20.97 19.77
CA ILE G 201 -42.04 20.15 18.94
C ILE G 201 -42.50 18.92 19.71
N LEU G 202 -41.60 18.31 20.48
CA LEU G 202 -41.98 17.12 21.25
C LEU G 202 -43.07 17.46 22.26
N ASN G 203 -42.95 18.60 22.94
CA ASN G 203 -44.00 18.97 23.89
C ASN G 203 -45.32 19.23 23.18
N LEU G 204 -45.29 19.88 22.01
CA LEU G 204 -46.57 20.12 21.35
C LEU G 204 -47.22 18.82 20.88
N VAL G 205 -46.43 17.89 20.30
CA VAL G 205 -47.05 16.65 19.83
C VAL G 205 -47.55 15.82 21.01
N GLU G 206 -46.76 15.73 22.07
CA GLU G 206 -47.13 14.93 23.23
C GLU G 206 -48.22 15.58 24.07
N GLY G 207 -48.38 16.89 23.97
CA GLY G 207 -49.33 17.60 24.83
C GLY G 207 -48.83 17.75 26.25
N SER G 208 -47.51 17.64 26.45
CA SER G 208 -46.87 17.74 27.75
C SER G 208 -46.80 19.18 28.22
N PRO G 209 -46.78 19.40 29.53
CA PRO G 209 -46.55 20.75 30.05
C PRO G 209 -45.17 21.26 29.66
N ILE G 210 -45.06 22.58 29.53
CA ILE G 210 -43.78 23.23 29.28
C ILE G 210 -42.99 23.28 30.58
N LYS G 211 -41.78 22.74 30.56
CA LYS G 211 -40.92 22.69 31.73
C LYS G 211 -40.21 24.01 31.93
N LEU G 212 -40.68 24.82 32.89
CA LEU G 212 -39.89 25.97 33.33
C LEU G 212 -38.86 25.45 34.34
N ILE G 213 -37.78 24.87 33.80
CA ILE G 213 -36.73 24.33 34.65
C ILE G 213 -36.11 25.46 35.46
N ASP G 214 -36.25 25.40 36.78
CA ASP G 214 -35.80 26.45 37.68
C ASP G 214 -36.38 27.80 37.27
N GLY G 215 -37.63 27.79 36.81
CA GLY G 215 -38.30 28.99 36.36
C GLY G 215 -38.32 29.19 34.86
N GLY G 216 -37.45 28.50 34.13
CA GLY G 216 -37.41 28.65 32.68
C GLY G 216 -37.12 30.07 32.22
N LYS G 217 -36.11 30.70 32.81
CA LYS G 217 -35.79 32.09 32.51
C LYS G 217 -34.52 32.25 31.69
N GLN G 218 -33.83 31.15 31.37
CA GLN G 218 -32.57 31.25 30.63
C GLN G 218 -32.82 31.71 29.20
N LYS G 219 -31.91 32.53 28.69
CA LYS G 219 -32.08 33.22 27.41
C LYS G 219 -31.17 32.60 26.36
N ARG G 220 -31.72 32.43 25.15
CA ARG G 220 -30.98 31.89 24.01
C ARG G 220 -31.17 32.78 22.80
N CYS G 221 -30.32 32.56 21.80
CA CYS G 221 -30.32 33.30 20.54
C CYS G 221 -30.57 32.35 19.38
N PHE G 222 -31.20 32.87 18.32
CA PHE G 222 -31.55 32.09 17.15
C PHE G 222 -31.25 32.88 15.88
N THR G 223 -30.94 32.16 14.79
CA THR G 223 -30.56 32.77 13.53
C THR G 223 -31.34 32.11 12.39
N ASP G 224 -31.68 32.91 11.38
CA ASP G 224 -32.42 32.42 10.23
C ASP G 224 -31.40 32.04 9.16
N ILE G 225 -31.72 31.04 8.34
CA ILE G 225 -30.72 30.48 7.45
C ILE G 225 -30.38 31.45 6.31
N ARG G 226 -31.37 32.22 5.86
CA ARG G 226 -31.22 32.94 4.60
C ARG G 226 -30.11 33.99 4.65
N ASP G 227 -29.97 34.69 5.78
CA ASP G 227 -28.95 35.72 5.86
C ASP G 227 -27.55 35.11 5.79
N GLY G 228 -27.37 33.99 6.48
CA GLY G 228 -26.12 33.26 6.38
C GLY G 228 -25.85 32.78 4.97
N ILE G 229 -26.90 32.32 4.28
CA ILE G 229 -26.70 31.81 2.92
C ILE G 229 -26.33 32.94 1.97
N GLU G 230 -26.86 34.14 2.22
CA GLU G 230 -26.46 35.30 1.42
C GLU G 230 -25.00 35.64 1.72
N ALA G 231 -24.60 35.53 2.99
CA ALA G 231 -23.20 35.70 3.33
C ALA G 231 -22.33 34.67 2.62
N LEU G 232 -22.79 33.42 2.51
CA LEU G 232 -22.02 32.40 1.83
C LEU G 232 -21.93 32.68 0.34
N TYR G 233 -23.00 33.23 -0.24
CA TYR G 233 -22.92 33.73 -1.62
C TYR G 233 -21.80 34.76 -1.74
N ARG G 234 -21.72 35.67 -0.77
CA ARG G 234 -20.65 36.66 -0.78
C ARG G 234 -19.27 35.99 -0.70
N ILE G 235 -19.11 35.03 0.19
CA ILE G 235 -17.80 34.38 0.34
C ILE G 235 -17.43 33.60 -0.92
N ILE G 236 -18.42 32.92 -1.51
CA ILE G 236 -18.18 32.17 -2.73
C ILE G 236 -17.78 33.11 -3.86
N GLU G 237 -18.41 34.28 -3.94
CA GLU G 237 -18.08 35.23 -4.99
C GLU G 237 -16.84 36.03 -4.63
N ASN G 238 -16.46 36.03 -3.35
CA ASN G 238 -15.23 36.61 -2.79
C ASN G 238 -14.96 38.01 -3.35
N ALA G 239 -15.85 38.94 -3.01
CA ALA G 239 -15.65 40.34 -3.39
C ALA G 239 -14.45 40.92 -2.67
N GLY G 240 -13.35 41.09 -3.39
CA GLY G 240 -12.16 41.68 -2.82
C GLY G 240 -11.19 40.71 -2.20
N ASN G 241 -11.60 39.46 -1.97
CA ASN G 241 -10.73 38.40 -1.45
C ASN G 241 -10.10 38.79 -0.11
N ARG G 242 -10.79 39.62 0.68
CA ARG G 242 -10.25 40.08 1.95
C ARG G 242 -10.53 39.14 3.11
N CYS G 243 -11.41 38.15 2.93
CA CYS G 243 -11.85 37.30 4.03
C CYS G 243 -11.00 36.05 4.19
N ASP G 244 -9.94 35.88 3.40
CA ASP G 244 -9.07 34.72 3.55
C ASP G 244 -8.33 34.78 4.88
N GLY G 245 -8.36 33.68 5.63
CA GLY G 245 -7.72 33.64 6.93
C GLY G 245 -8.44 34.45 7.99
N GLU G 246 -9.73 34.70 7.80
CA GLU G 246 -10.51 35.50 8.73
C GLU G 246 -11.47 34.62 9.52
N ILE G 247 -11.60 34.91 10.80
CA ILE G 247 -12.41 34.12 11.72
C ILE G 247 -13.82 34.70 11.66
N ILE G 248 -14.77 33.94 11.14
CA ILE G 248 -16.10 34.45 10.80
C ILE G 248 -17.15 33.74 11.64
N ASN G 249 -18.11 34.50 12.15
CA ASN G 249 -19.25 33.95 12.87
C ASN G 249 -20.53 34.65 12.42
N ILE G 250 -21.65 33.95 12.57
CA ILE G 250 -22.96 34.45 12.15
C ILE G 250 -23.89 34.27 13.34
N GLY G 251 -24.51 35.37 13.78
CA GLY G 251 -25.41 35.31 14.92
C GLY G 251 -26.35 36.49 14.95
N ASN G 252 -27.33 36.40 15.85
CA ASN G 252 -28.30 37.47 16.07
C ASN G 252 -28.21 37.92 17.52
N PRO G 253 -27.37 38.91 17.84
CA PRO G 253 -27.23 39.32 19.24
C PRO G 253 -28.50 39.85 19.87
N GLU G 254 -29.26 40.68 19.14
CA GLU G 254 -30.40 41.36 19.73
C GLU G 254 -31.50 40.38 20.12
N ASN G 255 -31.76 39.39 19.27
CA ASN G 255 -32.83 38.41 19.51
C ASN G 255 -32.34 37.46 20.61
N GLU G 256 -32.73 37.77 21.83
CA GLU G 256 -32.39 36.97 23.01
C GLU G 256 -33.67 36.72 23.80
N ALA G 257 -34.06 35.46 23.90
CA ALA G 257 -35.37 35.15 24.48
C ALA G 257 -35.24 34.02 25.49
N SER G 258 -35.92 34.16 26.63
CA SER G 258 -36.09 33.09 27.59
C SER G 258 -37.26 32.19 27.20
N ILE G 259 -37.33 31.04 27.85
CA ILE G 259 -38.31 30.01 27.49
C ILE G 259 -39.73 30.57 27.55
N GLU G 260 -39.94 31.58 28.40
CA GLU G 260 -41.30 32.10 28.61
C GLU G 260 -41.84 32.78 27.36
N GLU G 261 -41.03 33.62 26.70
CA GLU G 261 -41.56 34.28 25.50
C GLU G 261 -41.59 33.35 24.30
N LEU G 262 -40.74 32.33 24.24
CA LEU G 262 -41.01 31.26 23.28
C LEU G 262 -42.35 30.60 23.58
N GLY G 263 -42.70 30.46 24.86
CA GLY G 263 -44.02 29.95 25.20
C GLY G 263 -45.14 30.86 24.73
N GLU G 264 -44.96 32.17 24.90
CA GLU G 264 -45.95 33.13 24.45
C GLU G 264 -46.11 33.08 22.93
N MET G 265 -44.99 33.00 22.21
CA MET G 265 -45.04 32.87 20.76
C MET G 265 -45.68 31.55 20.36
N LEU G 266 -45.42 30.49 21.14
CA LEU G 266 -46.07 29.21 20.91
C LEU G 266 -47.58 29.33 21.03
N LEU G 267 -48.07 30.02 22.06
CA LEU G 267 -49.50 30.24 22.20
C LEU G 267 -50.04 31.10 21.05
N ALA G 268 -49.27 32.10 20.63
CA ALA G 268 -49.69 32.95 19.51
C ALA G 268 -49.86 32.14 18.24
N SER G 269 -48.94 31.23 17.96
CA SER G 269 -49.05 30.39 16.77
C SER G 269 -50.11 29.31 16.94
N PHE G 270 -50.37 28.88 18.17
CA PHE G 270 -51.31 27.79 18.40
C PHE G 270 -52.75 28.28 18.31
N GLU G 271 -53.06 29.41 18.94
CA GLU G 271 -54.44 29.88 18.98
C GLU G 271 -54.92 30.34 17.62
N LYS G 272 -54.01 30.49 16.65
CA LYS G 272 -54.40 30.96 15.33
C LYS G 272 -54.44 29.82 14.31
N HIS G 273 -53.71 28.74 14.56
CA HIS G 273 -53.63 27.66 13.59
C HIS G 273 -55.00 27.03 13.38
N PRO G 274 -55.48 26.93 12.13
CA PRO G 274 -56.87 26.51 11.90
C PRO G 274 -57.11 25.03 12.12
N LEU G 275 -56.16 24.16 11.80
CA LEU G 275 -56.38 22.71 11.83
C LEU G 275 -56.00 22.08 13.16
N ARG G 276 -56.12 22.81 14.26
CA ARG G 276 -55.55 22.34 15.53
C ARG G 276 -56.25 21.08 16.05
N HIS G 277 -57.39 20.71 15.46
CA HIS G 277 -58.26 19.74 16.10
C HIS G 277 -57.74 18.30 16.01
N HIS G 278 -56.71 18.05 15.20
CA HIS G 278 -56.21 16.68 15.18
C HIS G 278 -55.11 16.45 16.21
N PHE G 279 -54.98 17.33 17.19
CA PHE G 279 -53.91 17.27 18.17
C PHE G 279 -54.46 17.48 19.58
N PRO G 280 -53.82 16.89 20.59
CA PRO G 280 -54.25 17.13 21.97
C PRO G 280 -53.88 18.53 22.41
N PRO G 281 -54.61 19.09 23.38
CA PRO G 281 -54.32 20.46 23.82
C PRO G 281 -53.09 20.51 24.70
N PHE G 282 -52.70 21.74 25.04
CA PHE G 282 -51.56 21.96 25.92
C PHE G 282 -52.00 21.83 27.38
N ALA G 283 -51.11 21.31 28.23
CA ALA G 283 -51.46 21.05 29.62
C ALA G 283 -51.05 22.16 30.57
N GLY G 284 -50.56 23.28 30.05
CA GLY G 284 -50.16 24.39 30.90
C GLY G 284 -48.70 24.31 31.32
N PHE G 285 -48.18 25.45 31.79
CA PHE G 285 -46.80 25.54 32.22
C PHE G 285 -46.62 24.80 33.54
N ARG G 286 -45.54 24.01 33.65
CA ARG G 286 -45.20 23.32 34.88
C ARG G 286 -43.74 23.64 35.22
N VAL G 287 -43.51 24.04 36.47
CA VAL G 287 -42.16 24.41 36.91
C VAL G 287 -41.37 23.15 37.22
N VAL G 288 -40.07 23.20 36.97
CA VAL G 288 -39.19 22.07 37.22
C VAL G 288 -38.00 22.49 38.07
N VAL G 301 -25.87 28.42 30.57
CA VAL G 301 -25.13 29.56 30.04
C VAL G 301 -25.76 30.86 30.52
N GLU G 302 -25.15 31.47 31.55
CA GLU G 302 -25.65 32.71 32.10
C GLU G 302 -25.53 33.88 31.12
N HIS G 303 -24.52 33.88 30.26
CA HIS G 303 -24.35 34.95 29.30
C HIS G 303 -23.74 34.37 28.02
N ARG G 304 -24.37 34.68 26.88
CA ARG G 304 -23.89 34.23 25.57
C ARG G 304 -24.12 35.37 24.57
N LYS G 305 -23.08 36.18 24.37
CA LYS G 305 -23.13 37.28 23.42
C LYS G 305 -22.21 36.99 22.25
N PRO G 306 -22.68 37.10 21.01
CA PRO G 306 -21.83 36.87 19.85
C PRO G 306 -21.16 38.15 19.35
N SER G 307 -19.86 38.06 19.13
CA SER G 307 -19.07 39.16 18.61
C SER G 307 -19.07 39.10 17.08
N ILE G 308 -19.81 40.01 16.46
CA ILE G 308 -19.96 40.03 15.01
C ILE G 308 -19.20 41.23 14.43
N ARG G 309 -18.25 41.75 15.20
CA ARG G 309 -17.49 42.91 14.73
C ARG G 309 -16.63 42.57 13.52
N ASN G 310 -15.95 41.43 13.55
CA ASN G 310 -15.03 41.09 12.46
C ASN G 310 -15.78 40.80 11.16
N ALA G 311 -16.93 40.11 11.26
CA ALA G 311 -17.72 39.85 10.06
C ALA G 311 -18.23 41.16 9.46
N HIS G 312 -18.67 42.08 10.31
CA HIS G 312 -19.11 43.38 9.82
C HIS G 312 -17.95 44.17 9.23
N ARG G 313 -16.74 43.94 9.73
CA ARG G 313 -15.57 44.67 9.25
C ARG G 313 -15.09 44.09 7.92
N CYS G 314 -15.36 42.81 7.68
CA CYS G 314 -14.91 42.14 6.46
C CYS G 314 -15.95 42.16 5.35
N LEU G 315 -17.24 42.28 5.70
CA LEU G 315 -18.32 42.16 4.74
C LEU G 315 -19.35 43.28 4.82
N ASP G 316 -19.47 43.94 5.98
CA ASP G 316 -20.52 44.93 6.20
C ASP G 316 -21.90 44.31 5.98
N TRP G 317 -22.28 43.38 6.85
CA TRP G 317 -23.52 42.65 6.66
C TRP G 317 -24.41 42.92 7.88
N GLU G 318 -25.72 43.07 7.66
CA GLU G 318 -26.65 43.32 8.75
C GLU G 318 -27.89 42.48 8.53
N PRO G 319 -28.32 41.69 9.53
CA PRO G 319 -29.39 40.73 9.31
C PRO G 319 -30.77 41.39 9.34
N LYS G 320 -31.71 40.76 8.64
CA LYS G 320 -33.03 41.35 8.39
C LYS G 320 -34.20 40.64 9.07
N ILE G 321 -34.39 39.34 8.81
CA ILE G 321 -35.63 38.65 9.14
C ILE G 321 -35.59 38.19 10.59
N ASP G 322 -36.73 38.31 11.28
CA ASP G 322 -36.84 37.98 12.69
C ASP G 322 -37.45 36.59 12.89
N MET G 323 -37.39 36.09 14.13
CA MET G 323 -37.65 34.69 14.42
C MET G 323 -39.13 34.33 14.36
N GLN G 324 -39.99 35.16 14.96
CA GLN G 324 -41.36 34.73 15.23
C GLN G 324 -42.11 34.33 13.95
N GLU G 325 -41.98 35.14 12.89
CA GLU G 325 -42.68 34.82 11.64
C GLU G 325 -42.22 33.49 11.06
N THR G 326 -40.90 33.26 11.06
CA THR G 326 -40.40 31.99 10.53
C THR G 326 -40.86 30.83 11.38
N ILE G 327 -40.89 31.01 12.70
CA ILE G 327 -41.39 29.94 13.56
C ILE G 327 -42.84 29.62 13.22
N ASP G 328 -43.66 30.66 12.98
CA ASP G 328 -45.05 30.40 12.62
C ASP G 328 -45.15 29.61 11.32
N GLU G 329 -44.44 30.02 10.25
CA GLU G 329 -44.75 29.36 8.99
C GLU G 329 -44.14 27.97 8.98
N THR G 330 -43.03 27.78 9.69
CA THR G 330 -42.42 26.46 9.77
C THR G 330 -43.28 25.51 10.59
N LEU G 331 -43.86 26.00 11.70
CA LEU G 331 -44.77 25.16 12.45
C LEU G 331 -46.03 24.86 11.65
N ASP G 332 -46.50 25.84 10.88
CA ASP G 332 -47.62 25.59 9.98
C ASP G 332 -47.27 24.49 8.98
N PHE G 333 -46.04 24.52 8.47
CA PHE G 333 -45.65 23.55 7.46
C PHE G 333 -45.54 22.15 8.07
N PHE G 334 -44.93 22.03 9.24
CA PHE G 334 -44.83 20.73 9.91
C PHE G 334 -46.15 20.30 10.54
N LEU G 335 -47.15 21.17 10.55
CA LEU G 335 -48.46 20.75 11.00
C LEU G 335 -49.32 20.30 9.82
N ARG G 336 -49.18 20.98 8.68
CA ARG G 336 -49.91 20.58 7.48
C ARG G 336 -49.31 19.35 6.80
N THR G 337 -48.01 19.10 6.96
CA THR G 337 -47.38 17.94 6.35
C THR G 337 -47.34 16.73 7.27
N VAL G 338 -48.24 16.65 8.26
CA VAL G 338 -48.31 15.47 9.09
C VAL G 338 -48.71 14.28 8.22
N ASP G 339 -47.84 13.27 8.16
CA ASP G 339 -48.04 12.13 7.29
C ASP G 339 -49.35 11.43 7.62
N LEU G 340 -50.09 11.04 6.58
CA LEU G 340 -51.40 10.42 6.81
C LEU G 340 -51.25 8.98 7.28
N THR G 341 -50.02 8.49 7.39
CA THR G 341 -49.78 7.12 7.86
C THR G 341 -50.05 6.95 9.35
N ASP G 342 -50.55 7.99 10.02
CA ASP G 342 -50.89 7.90 11.44
C ASP G 342 -52.04 6.92 11.67
N MET H 1 -34.64 -7.44 7.08
CA MET H 1 -34.01 -6.17 7.41
C MET H 1 -33.22 -5.64 6.23
N ARG H 2 -31.90 -5.82 6.27
CA ARG H 2 -31.02 -5.45 5.17
C ARG H 2 -30.19 -6.66 4.77
N VAL H 3 -30.33 -7.06 3.51
CA VAL H 3 -29.74 -8.28 2.98
C VAL H 3 -28.80 -7.91 1.83
N LEU H 4 -27.57 -8.40 1.91
CA LEU H 4 -26.61 -8.32 0.81
C LEU H 4 -26.33 -9.75 0.37
N ILE H 5 -26.47 -10.01 -0.92
CA ILE H 5 -26.12 -11.31 -1.48
C ILE H 5 -25.02 -11.06 -2.51
N LEU H 6 -23.83 -11.57 -2.22
CA LEU H 6 -22.69 -11.41 -3.11
C LEU H 6 -22.70 -12.59 -4.08
N GLY H 7 -22.77 -12.29 -5.37
CA GLY H 7 -23.08 -13.30 -6.36
C GLY H 7 -24.57 -13.34 -6.61
N VAL H 8 -25.17 -12.17 -6.81
CA VAL H 8 -26.61 -12.07 -6.98
C VAL H 8 -27.08 -12.80 -8.24
N ASN H 9 -26.27 -12.78 -9.30
CA ASN H 9 -26.66 -13.39 -10.57
C ASN H 9 -26.46 -14.89 -10.48
N GLY H 10 -27.55 -15.60 -10.20
CA GLY H 10 -27.49 -17.03 -10.10
C GLY H 10 -28.88 -17.64 -10.19
N PHE H 11 -28.90 -18.96 -10.30
CA PHE H 11 -30.13 -19.73 -10.38
C PHE H 11 -30.80 -19.69 -9.00
N ILE H 12 -30.10 -20.28 -8.02
CA ILE H 12 -30.57 -20.24 -6.65
C ILE H 12 -30.63 -18.81 -6.13
N GLY H 13 -29.75 -17.94 -6.60
CA GLY H 13 -29.85 -16.53 -6.23
C GLY H 13 -31.13 -15.91 -6.73
N ASN H 14 -31.52 -16.22 -7.97
CA ASN H 14 -32.74 -15.68 -8.53
C ASN H 14 -33.96 -16.18 -7.75
N HIS H 15 -34.01 -17.48 -7.44
CA HIS H 15 -35.14 -17.97 -6.67
C HIS H 15 -35.16 -17.39 -5.25
N LEU H 16 -34.00 -17.26 -4.63
CA LEU H 16 -33.94 -16.67 -3.30
C LEU H 16 -34.44 -15.23 -3.29
N THR H 17 -34.01 -14.43 -4.27
CA THR H 17 -34.54 -13.07 -4.37
C THR H 17 -36.04 -13.08 -4.62
N GLU H 18 -36.49 -13.95 -5.53
CA GLU H 18 -37.91 -14.03 -5.86
C GLU H 18 -38.74 -14.32 -4.61
N ARG H 19 -38.21 -15.15 -3.71
CA ARG H 19 -38.99 -15.49 -2.53
C ARG H 19 -38.83 -14.43 -1.44
N LEU H 20 -37.70 -13.70 -1.44
CA LEU H 20 -37.57 -12.59 -0.50
C LEU H 20 -38.53 -11.46 -0.85
N LEU H 21 -38.86 -11.31 -2.13
CA LEU H 21 -39.77 -10.24 -2.53
C LEU H 21 -41.17 -10.42 -1.96
N ARG H 22 -41.50 -11.61 -1.44
CA ARG H 22 -42.79 -11.81 -0.78
C ARG H 22 -42.85 -11.13 0.58
N GLU H 23 -41.71 -10.98 1.25
CA GLU H 23 -41.68 -10.41 2.59
C GLU H 23 -41.40 -8.90 2.52
N ASP H 24 -42.01 -8.17 3.46
CA ASP H 24 -42.19 -6.73 3.30
C ASP H 24 -41.12 -5.86 3.96
N HIS H 25 -40.24 -6.40 4.81
CA HIS H 25 -39.26 -5.57 5.49
C HIS H 25 -37.84 -5.93 5.08
N TYR H 26 -37.60 -6.15 3.80
CA TYR H 26 -36.31 -6.56 3.29
C TYR H 26 -35.87 -5.63 2.17
N GLU H 27 -34.65 -5.11 2.28
CA GLU H 27 -34.02 -4.33 1.22
C GLU H 27 -32.90 -5.16 0.63
N VAL H 28 -32.92 -5.32 -0.69
CA VAL H 28 -31.97 -6.19 -1.39
C VAL H 28 -31.11 -5.33 -2.31
N TYR H 29 -29.80 -5.36 -2.08
CA TYR H 29 -28.85 -4.69 -2.96
C TYR H 29 -27.95 -5.79 -3.51
N GLY H 30 -28.13 -6.15 -4.77
CA GLY H 30 -27.38 -7.26 -5.34
C GLY H 30 -26.28 -6.83 -6.27
N LEU H 31 -25.04 -7.23 -5.99
CA LEU H 31 -23.89 -6.82 -6.77
C LEU H 31 -23.28 -8.01 -7.49
N ASP H 32 -23.08 -7.85 -8.79
CA ASP H 32 -22.43 -8.86 -9.63
C ASP H 32 -22.24 -8.23 -11.01
N ILE H 33 -21.43 -8.87 -11.85
CA ILE H 33 -21.08 -8.31 -13.14
C ILE H 33 -22.26 -8.23 -14.10
N GLY H 34 -23.26 -9.09 -13.97
CA GLY H 34 -24.37 -9.14 -14.90
C GLY H 34 -25.69 -9.32 -14.19
N SER H 35 -26.77 -8.99 -14.92
CA SER H 35 -28.11 -9.06 -14.36
C SER H 35 -29.10 -9.76 -15.29
N ASP H 36 -28.61 -10.54 -16.25
CA ASP H 36 -29.51 -11.12 -17.25
C ASP H 36 -30.50 -12.09 -16.62
N ALA H 37 -30.03 -12.95 -15.72
CA ALA H 37 -30.90 -13.94 -15.08
C ALA H 37 -31.97 -13.30 -14.21
N ILE H 38 -31.76 -12.06 -13.77
CA ILE H 38 -32.70 -11.34 -12.92
C ILE H 38 -33.25 -10.09 -13.62
N SER H 39 -33.30 -10.13 -14.96
CA SER H 39 -33.73 -8.98 -15.73
C SER H 39 -35.17 -8.56 -15.44
N ARG H 40 -36.01 -9.49 -14.96
CA ARG H 40 -37.37 -9.12 -14.61
C ARG H 40 -37.38 -8.22 -13.37
N PHE H 41 -36.49 -8.47 -12.42
CA PHE H 41 -36.53 -7.84 -11.12
C PHE H 41 -35.95 -6.42 -11.10
N LEU H 42 -35.30 -5.98 -12.18
CA LEU H 42 -34.62 -4.68 -12.15
C LEU H 42 -35.57 -3.56 -11.76
N ASN H 43 -36.78 -3.56 -12.31
CA ASN H 43 -37.71 -2.47 -12.11
C ASN H 43 -38.30 -2.41 -10.71
N HIS H 44 -38.13 -3.45 -9.90
CA HIS H 44 -38.77 -3.47 -8.60
C HIS H 44 -38.01 -2.57 -7.65
N PRO H 45 -38.66 -1.57 -7.03
CA PRO H 45 -37.92 -0.49 -6.37
C PRO H 45 -36.98 -0.95 -5.26
N HIS H 46 -37.34 -1.94 -4.47
CA HIS H 46 -36.54 -2.30 -3.31
C HIS H 46 -35.31 -3.13 -3.63
N PHE H 47 -35.17 -3.60 -4.85
CA PHE H 47 -33.95 -4.29 -5.27
C PHE H 47 -33.12 -3.29 -6.07
N HIS H 48 -31.83 -3.23 -5.75
CA HIS H 48 -30.91 -2.33 -6.46
C HIS H 48 -29.69 -3.12 -6.91
N PHE H 49 -29.49 -3.19 -8.22
CA PHE H 49 -28.37 -3.90 -8.82
C PHE H 49 -27.11 -3.04 -8.76
N VAL H 50 -25.97 -3.71 -8.65
CA VAL H 50 -24.66 -3.06 -8.59
C VAL H 50 -23.71 -3.83 -9.51
N GLU H 51 -23.28 -3.19 -10.59
CA GLU H 51 -22.21 -3.75 -11.41
C GLU H 51 -20.91 -3.77 -10.61
N GLY H 52 -20.35 -4.96 -10.45
CA GLY H 52 -19.12 -5.09 -9.68
C GLY H 52 -18.50 -6.45 -9.87
N ASP H 53 -17.33 -6.63 -9.25
CA ASP H 53 -16.60 -7.88 -9.36
C ASP H 53 -15.77 -8.00 -8.08
N ILE H 54 -16.00 -9.07 -7.32
CA ILE H 54 -15.34 -9.23 -6.03
C ILE H 54 -13.83 -9.36 -6.19
N SER H 55 -13.36 -9.74 -7.39
CA SER H 55 -11.94 -9.91 -7.62
C SER H 55 -11.20 -8.58 -7.58
N ILE H 56 -11.89 -7.46 -7.80
CA ILE H 56 -11.26 -6.16 -7.97
C ILE H 56 -11.62 -5.20 -6.83
N HIS H 57 -12.90 -4.89 -6.67
CA HIS H 57 -13.32 -3.97 -5.63
C HIS H 57 -13.13 -4.60 -4.26
N SER H 58 -12.48 -3.87 -3.36
CA SER H 58 -12.21 -4.38 -2.01
C SER H 58 -12.93 -3.56 -0.94
N GLU H 59 -12.68 -2.26 -0.88
CA GLU H 59 -13.36 -1.42 0.10
C GLU H 59 -14.84 -1.29 -0.21
N TRP H 60 -15.22 -1.50 -1.48
CA TRP H 60 -16.56 -1.16 -1.91
C TRP H 60 -17.55 -2.22 -1.43
N ILE H 61 -17.20 -3.50 -1.58
CA ILE H 61 -17.99 -4.58 -1.01
C ILE H 61 -18.02 -4.45 0.51
N GLU H 62 -16.91 -4.00 1.11
CA GLU H 62 -16.91 -3.77 2.54
C GLU H 62 -17.91 -2.69 2.92
N TYR H 63 -18.09 -1.69 2.06
CA TYR H 63 -19.09 -0.67 2.31
C TYR H 63 -20.49 -1.28 2.28
N HIS H 64 -20.73 -2.19 1.33
CA HIS H 64 -21.99 -2.94 1.40
C HIS H 64 -22.12 -3.69 2.71
N VAL H 65 -21.06 -4.37 3.14
CA VAL H 65 -21.14 -5.16 4.38
C VAL H 65 -21.50 -4.26 5.55
N LYS H 66 -20.94 -3.05 5.58
CA LYS H 66 -21.28 -2.08 6.61
C LYS H 66 -22.77 -1.74 6.53
N LYS H 67 -23.25 -1.37 5.34
CA LYS H 67 -24.58 -0.79 5.25
C LYS H 67 -25.69 -1.81 5.52
N CYS H 68 -25.43 -3.10 5.30
CA CYS H 68 -26.46 -4.11 5.43
C CYS H 68 -26.49 -4.64 6.86
N ASP H 69 -27.22 -5.74 7.07
CA ASP H 69 -27.16 -6.50 8.31
C ASP H 69 -26.85 -7.98 8.13
N VAL H 70 -27.21 -8.57 7.00
CA VAL H 70 -26.85 -9.97 6.74
C VAL H 70 -26.16 -10.07 5.38
N VAL H 71 -25.15 -10.93 5.32
CA VAL H 71 -24.29 -11.09 4.13
C VAL H 71 -24.35 -12.55 3.70
N LEU H 72 -24.60 -12.77 2.41
CA LEU H 72 -24.76 -14.11 1.85
C LEU H 72 -23.75 -14.33 0.73
N PRO H 73 -22.67 -15.07 0.98
CA PRO H 73 -21.78 -15.47 -0.12
C PRO H 73 -22.49 -16.51 -1.00
N LEU H 74 -22.32 -16.38 -2.31
CA LEU H 74 -22.94 -17.30 -3.25
C LEU H 74 -22.09 -17.63 -4.46
N VAL H 75 -20.86 -17.18 -4.55
CA VAL H 75 -20.05 -17.34 -5.75
C VAL H 75 -19.26 -18.65 -5.68
N ALA H 76 -19.15 -19.32 -6.82
CA ALA H 76 -18.34 -20.51 -7.04
C ALA H 76 -18.40 -20.86 -8.52
N ILE H 77 -17.31 -21.42 -9.03
CA ILE H 77 -17.25 -21.85 -10.42
C ILE H 77 -17.53 -23.35 -10.48
N ALA H 78 -18.55 -23.73 -11.22
CA ALA H 78 -18.91 -25.12 -11.46
C ALA H 78 -18.74 -25.47 -12.93
N THR H 79 -17.97 -24.66 -13.65
CA THR H 79 -17.74 -24.86 -15.07
C THR H 79 -16.46 -25.66 -15.27
N PRO H 80 -16.51 -26.80 -15.95
CA PRO H 80 -15.30 -27.63 -16.08
C PRO H 80 -14.17 -27.00 -16.87
N ILE H 81 -14.46 -25.97 -17.68
CA ILE H 81 -13.45 -25.49 -18.62
C ILE H 81 -12.27 -24.85 -17.90
N GLU H 82 -12.51 -24.14 -16.79
CA GLU H 82 -11.40 -23.56 -16.04
C GLU H 82 -10.56 -24.63 -15.36
N TYR H 83 -11.15 -25.78 -15.02
CA TYR H 83 -10.36 -26.87 -14.47
C TYR H 83 -9.32 -27.36 -15.46
N THR H 84 -9.73 -27.60 -16.70
CA THR H 84 -8.84 -28.13 -17.73
C THR H 84 -7.90 -27.08 -18.31
N ARG H 85 -8.34 -25.82 -18.43
CA ARG H 85 -7.52 -24.81 -19.08
C ARG H 85 -6.40 -24.34 -18.15
N ASN H 86 -6.76 -23.78 -17.00
CA ASN H 86 -5.77 -23.24 -16.06
C ASN H 86 -6.46 -23.31 -14.70
N PRO H 87 -6.38 -24.45 -14.03
CA PRO H 87 -7.03 -24.57 -12.71
C PRO H 87 -6.38 -23.72 -11.64
N LEU H 88 -5.12 -23.33 -11.81
CA LEU H 88 -4.43 -22.54 -10.81
C LEU H 88 -5.05 -21.16 -10.66
N ARG H 89 -5.46 -20.54 -11.76
CA ARG H 89 -6.08 -19.22 -11.65
C ARG H 89 -7.35 -19.26 -10.82
N VAL H 90 -8.24 -20.19 -11.12
CA VAL H 90 -9.48 -20.28 -10.34
C VAL H 90 -9.16 -20.69 -8.92
N PHE H 91 -8.10 -21.48 -8.72
CA PHE H 91 -7.73 -21.88 -7.36
C PHE H 91 -7.27 -20.67 -6.55
N GLU H 92 -6.39 -19.84 -7.11
CA GLU H 92 -5.92 -18.67 -6.37
C GLU H 92 -7.04 -17.66 -6.17
N LEU H 93 -7.87 -17.46 -7.19
CA LEU H 93 -8.87 -16.40 -7.08
C LEU H 93 -10.07 -16.85 -6.26
N ASP H 94 -10.79 -17.89 -6.72
CA ASP H 94 -12.07 -18.24 -6.10
C ASP H 94 -11.89 -18.87 -4.73
N PHE H 95 -10.68 -18.85 -4.19
CA PHE H 95 -10.42 -19.42 -2.88
C PHE H 95 -9.97 -18.34 -1.89
N GLU H 96 -8.95 -17.56 -2.24
CA GLU H 96 -8.28 -16.69 -1.27
C GLU H 96 -9.16 -15.50 -0.90
N GLU H 97 -9.79 -14.87 -1.89
CA GLU H 97 -10.60 -13.70 -1.55
C GLU H 97 -11.80 -14.11 -0.73
N ASN H 98 -12.22 -15.37 -0.80
CA ASN H 98 -13.25 -15.84 0.13
C ASN H 98 -12.78 -15.71 1.57
N LEU H 99 -11.55 -16.12 1.87
CA LEU H 99 -11.02 -15.88 3.21
C LEU H 99 -10.90 -14.39 3.50
N ARG H 100 -10.66 -13.56 2.48
CA ARG H 100 -10.71 -12.13 2.73
C ARG H 100 -12.10 -11.71 3.20
N ILE H 101 -13.15 -12.24 2.58
CA ILE H 101 -14.50 -11.95 3.02
C ILE H 101 -14.70 -12.44 4.46
N ILE H 102 -14.25 -13.66 4.78
CA ILE H 102 -14.45 -14.16 6.13
C ILE H 102 -13.72 -13.30 7.15
N ARG H 103 -12.48 -12.90 6.85
CA ARG H 103 -11.73 -12.08 7.80
C ARG H 103 -12.39 -10.73 8.01
N TYR H 104 -12.84 -10.10 6.92
CA TYR H 104 -13.51 -8.81 7.07
C TYR H 104 -14.81 -8.96 7.85
N CYS H 105 -15.56 -10.02 7.58
CA CYS H 105 -16.83 -10.24 8.26
C CYS H 105 -16.63 -10.48 9.75
N VAL H 106 -15.62 -11.27 10.12
CA VAL H 106 -15.39 -11.50 11.55
C VAL H 106 -14.90 -10.23 12.21
N LYS H 107 -14.11 -9.42 11.49
CA LYS H 107 -13.65 -8.16 12.07
C LYS H 107 -14.86 -7.28 12.38
N TYR H 108 -15.80 -7.19 11.44
CA TYR H 108 -16.98 -6.36 11.58
C TYR H 108 -18.11 -7.04 12.35
N ARG H 109 -17.94 -8.29 12.76
CA ARG H 109 -18.95 -9.06 13.47
C ARG H 109 -20.28 -9.05 12.70
N LYS H 110 -20.24 -9.73 11.56
CA LYS H 110 -21.39 -9.81 10.67
C LYS H 110 -21.86 -11.25 10.53
N ARG H 111 -23.15 -11.40 10.25
CA ARG H 111 -23.77 -12.72 10.20
C ARG H 111 -23.49 -13.40 8.86
N ILE H 112 -22.95 -14.62 8.91
CA ILE H 112 -22.44 -15.29 7.71
C ILE H 112 -23.14 -16.63 7.52
N ILE H 113 -23.73 -16.80 6.34
CA ILE H 113 -24.36 -18.04 5.91
C ILE H 113 -23.65 -18.47 4.62
N PHE H 114 -22.72 -19.41 4.74
CA PHE H 114 -21.87 -19.81 3.62
C PHE H 114 -22.35 -21.12 3.02
N PRO H 115 -22.49 -21.20 1.70
CA PRO H 115 -22.85 -22.46 1.04
C PRO H 115 -21.63 -23.35 0.84
N SER H 116 -21.58 -24.44 1.59
CA SER H 116 -20.54 -25.45 1.37
C SER H 116 -20.88 -26.27 0.12
N THR H 117 -19.83 -26.80 -0.51
CA THR H 117 -19.98 -27.60 -1.71
C THR H 117 -20.16 -29.07 -1.34
N SER H 118 -20.93 -29.78 -2.16
CA SER H 118 -21.20 -31.19 -1.92
C SER H 118 -20.07 -32.10 -2.37
N GLU H 119 -18.94 -31.54 -2.81
CA GLU H 119 -17.88 -32.34 -3.42
C GLU H 119 -16.89 -32.90 -2.40
N VAL H 120 -17.08 -32.64 -1.09
CA VAL H 120 -16.05 -33.03 -0.13
C VAL H 120 -16.12 -34.52 0.17
N TYR H 121 -17.27 -35.17 -0.07
CA TYR H 121 -17.34 -36.61 0.11
C TYR H 121 -16.45 -37.36 -0.87
N GLY H 122 -16.55 -37.04 -2.16
CA GLY H 122 -15.77 -37.76 -3.14
C GLY H 122 -16.42 -39.10 -3.44
N MET H 123 -15.76 -40.18 -3.00
CA MET H 123 -16.24 -41.54 -3.21
C MET H 123 -16.11 -42.40 -1.94
N CYS H 124 -16.59 -41.88 -0.82
CA CYS H 124 -16.46 -42.58 0.46
C CYS H 124 -17.12 -43.96 0.39
N SER H 125 -16.32 -45.00 0.62
CA SER H 125 -16.80 -46.37 0.57
C SER H 125 -17.23 -46.91 1.93
N ASP H 126 -17.08 -46.15 3.00
CA ASP H 126 -17.44 -46.63 4.33
C ASP H 126 -18.95 -46.83 4.44
N LYS H 127 -19.35 -47.88 5.15
CA LYS H 127 -20.77 -48.20 5.27
C LYS H 127 -21.53 -47.10 6.01
N TYR H 128 -20.97 -46.59 7.10
CA TYR H 128 -21.62 -45.60 7.95
C TYR H 128 -21.31 -44.21 7.42
N PHE H 129 -22.18 -43.71 6.54
CA PHE H 129 -22.03 -42.35 6.02
C PHE H 129 -22.16 -41.34 7.16
N ASP H 130 -21.14 -40.50 7.31
CA ASP H 130 -21.14 -39.42 8.30
C ASP H 130 -20.57 -38.17 7.64
N GLU H 131 -20.81 -37.01 8.26
CA GLU H 131 -20.37 -35.76 7.67
C GLU H 131 -19.28 -35.09 8.51
N ASP H 132 -19.20 -35.44 9.79
CA ASP H 132 -18.22 -34.85 10.69
C ASP H 132 -17.34 -35.86 11.38
N HIS H 133 -17.48 -37.16 11.08
CA HIS H 133 -16.71 -38.18 11.77
C HIS H 133 -16.15 -39.21 10.81
N SER H 134 -16.76 -39.33 9.63
CA SER H 134 -16.24 -40.25 8.62
C SER H 134 -15.10 -39.61 7.86
N ASN H 135 -14.39 -40.42 7.07
CA ASN H 135 -13.27 -39.92 6.29
C ASN H 135 -13.70 -39.62 4.87
N LEU H 136 -12.82 -38.94 4.14
CA LEU H 136 -13.08 -38.56 2.75
C LEU H 136 -12.02 -39.20 1.87
N ILE H 137 -12.41 -39.59 0.67
CA ILE H 137 -11.53 -40.29 -0.27
C ILE H 137 -11.32 -39.41 -1.48
N VAL H 138 -10.07 -39.30 -1.93
CA VAL H 138 -9.72 -38.58 -3.14
C VAL H 138 -8.92 -39.52 -4.03
N GLY H 139 -8.91 -39.21 -5.33
CA GLY H 139 -8.25 -40.05 -6.29
C GLY H 139 -6.76 -39.83 -6.33
N PRO H 140 -6.17 -40.16 -7.49
CA PRO H 140 -4.73 -39.96 -7.66
C PRO H 140 -4.30 -38.51 -7.54
N VAL H 141 -3.10 -38.27 -7.00
CA VAL H 141 -2.62 -36.90 -6.81
C VAL H 141 -2.12 -36.31 -8.12
N ASN H 142 -1.96 -37.15 -9.15
CA ASN H 142 -1.36 -36.72 -10.41
C ASN H 142 -2.18 -35.67 -11.14
N LYS H 143 -3.45 -35.48 -10.77
CA LYS H 143 -4.31 -34.56 -11.49
C LYS H 143 -4.53 -33.27 -10.70
N PRO H 144 -4.51 -32.09 -11.34
CA PRO H 144 -4.70 -30.85 -10.59
C PRO H 144 -6.14 -30.39 -10.45
N ARG H 145 -7.08 -30.84 -11.30
CA ARG H 145 -8.41 -30.24 -11.24
C ARG H 145 -9.19 -30.61 -9.98
N TRP H 146 -8.72 -31.56 -9.17
CA TRP H 146 -9.33 -31.78 -7.87
C TRP H 146 -8.66 -31.02 -6.74
N ILE H 147 -7.45 -30.48 -6.98
CA ILE H 147 -6.78 -29.66 -5.96
C ILE H 147 -7.75 -28.63 -5.39
N TYR H 148 -8.49 -27.95 -6.27
CA TYR H 148 -9.38 -26.90 -5.82
C TYR H 148 -10.52 -27.47 -4.98
N SER H 149 -11.11 -28.59 -5.42
CA SER H 149 -12.30 -29.06 -4.71
C SER H 149 -11.98 -29.35 -3.25
N VAL H 150 -10.90 -30.10 -3.02
CA VAL H 150 -10.54 -30.46 -1.65
C VAL H 150 -10.27 -29.20 -0.82
N SER H 151 -9.72 -28.16 -1.44
CA SER H 151 -9.38 -26.99 -0.64
C SER H 151 -10.66 -26.33 -0.14
N LYS H 152 -11.74 -26.44 -0.91
CA LYS H 152 -13.03 -25.94 -0.44
C LYS H 152 -13.36 -26.53 0.93
N GLN H 153 -13.11 -27.82 1.10
CA GLN H 153 -13.39 -28.45 2.39
C GLN H 153 -12.57 -27.76 3.48
N LEU H 154 -11.29 -27.50 3.20
CA LEU H 154 -10.44 -26.77 4.13
C LEU H 154 -11.07 -25.45 4.52
N LEU H 155 -11.65 -24.74 3.55
CA LEU H 155 -12.26 -23.45 3.85
C LEU H 155 -13.30 -23.58 4.94
N ASP H 156 -14.12 -24.63 4.88
CA ASP H 156 -15.10 -24.84 5.92
C ASP H 156 -14.42 -24.87 7.28
N ARG H 157 -13.33 -25.63 7.38
CA ARG H 157 -12.58 -25.72 8.63
C ARG H 157 -12.18 -24.33 9.12
N VAL H 158 -11.73 -23.47 8.21
CA VAL H 158 -11.32 -22.13 8.62
C VAL H 158 -12.46 -21.40 9.29
N ILE H 159 -13.65 -21.46 8.70
CA ILE H 159 -14.81 -20.82 9.31
C ILE H 159 -15.03 -21.39 10.70
N TRP H 160 -14.88 -22.70 10.84
CA TRP H 160 -15.04 -23.34 12.14
C TRP H 160 -14.08 -22.73 13.15
N ALA H 161 -12.83 -22.49 12.74
CA ALA H 161 -11.87 -21.88 13.65
C ALA H 161 -12.38 -20.55 14.16
N TYR H 162 -13.00 -19.76 13.29
CA TYR H 162 -13.44 -18.42 13.66
C TYR H 162 -14.47 -18.48 14.78
N GLY H 163 -15.05 -19.66 15.01
CA GLY H 163 -15.96 -19.82 16.13
C GLY H 163 -15.27 -19.67 17.48
N GLU H 164 -14.18 -20.40 17.69
CA GLU H 164 -13.69 -20.52 19.06
C GLU H 164 -12.78 -19.38 19.48
N LYS H 165 -12.41 -18.49 18.54
CA LYS H 165 -11.50 -17.41 18.89
C LYS H 165 -12.18 -16.06 19.02
N GLU H 166 -13.33 -15.85 18.39
CA GLU H 166 -14.08 -14.62 18.54
C GLU H 166 -15.58 -14.86 18.69
N GLY H 167 -16.08 -16.03 18.32
CA GLY H 167 -17.48 -16.34 18.50
C GLY H 167 -18.40 -15.86 17.39
N LEU H 168 -17.91 -15.83 16.15
CA LEU H 168 -18.74 -15.44 15.03
C LEU H 168 -19.78 -16.51 14.75
N GLN H 169 -21.02 -16.09 14.53
CA GLN H 169 -22.10 -17.02 14.21
C GLN H 169 -21.90 -17.39 12.74
N PHE H 170 -21.79 -18.68 12.47
CA PHE H 170 -21.53 -19.15 11.12
C PHE H 170 -22.51 -20.27 10.78
N THR H 171 -22.97 -20.30 9.53
CA THR H 171 -23.86 -21.37 9.09
C THR H 171 -23.33 -21.98 7.80
N LEU H 172 -22.78 -23.19 7.89
CA LEU H 172 -22.43 -23.97 6.71
C LEU H 172 -23.66 -24.68 6.21
N PHE H 173 -24.21 -24.22 5.09
CA PHE H 173 -25.42 -24.84 4.54
C PHE H 173 -25.12 -25.45 3.19
N ARG H 174 -25.77 -26.56 2.90
CA ARG H 174 -25.44 -27.36 1.72
C ARG H 174 -26.67 -27.77 0.94
N PRO H 175 -27.08 -27.02 -0.08
CA PRO H 175 -28.04 -27.54 -1.05
C PRO H 175 -27.44 -28.70 -1.84
N PHE H 176 -28.33 -29.59 -2.26
CA PHE H 176 -27.93 -30.73 -3.08
C PHE H 176 -28.82 -30.75 -4.31
N ASN H 177 -28.20 -30.58 -5.48
CA ASN H 177 -28.83 -30.67 -6.81
C ASN H 177 -30.28 -30.20 -6.80
N TRP H 178 -30.47 -28.97 -6.38
CA TRP H 178 -31.78 -28.32 -6.52
C TRP H 178 -32.04 -28.00 -7.98
N MET H 179 -33.22 -28.38 -8.48
CA MET H 179 -33.61 -27.96 -9.83
C MET H 179 -35.03 -27.44 -9.81
N GLY H 180 -35.39 -26.73 -10.87
CA GLY H 180 -36.72 -26.18 -11.05
C GLY H 180 -36.76 -25.39 -12.34
N PRO H 181 -37.76 -24.51 -12.48
CA PRO H 181 -37.81 -23.66 -13.67
C PRO H 181 -36.62 -22.71 -13.71
N ARG H 182 -36.39 -22.14 -14.90
CA ARG H 182 -35.29 -21.20 -15.14
C ARG H 182 -33.94 -21.89 -14.93
N LEU H 183 -33.70 -22.96 -15.67
CA LEU H 183 -32.43 -23.65 -15.60
C LEU H 183 -31.32 -22.80 -16.20
N ASP H 184 -30.08 -23.30 -16.11
CA ASP H 184 -28.94 -22.58 -16.63
C ASP H 184 -28.29 -23.35 -17.77
N ASN H 185 -27.49 -22.64 -18.56
CA ASN H 185 -26.81 -23.26 -19.69
C ASN H 185 -25.60 -24.06 -19.22
N LEU H 186 -24.96 -24.73 -20.18
CA LEU H 186 -23.80 -25.56 -19.86
C LEU H 186 -22.64 -24.73 -19.33
N ASN H 187 -22.38 -23.58 -19.94
CA ASN H 187 -21.20 -22.78 -19.63
C ASN H 187 -21.47 -21.71 -18.56
N ALA H 188 -22.66 -21.71 -17.96
CA ALA H 188 -22.96 -20.76 -16.89
C ALA H 188 -22.19 -21.13 -15.63
N ALA H 189 -21.57 -20.13 -15.02
CA ALA H 189 -20.78 -20.34 -13.80
C ALA H 189 -21.66 -20.27 -12.55
N ARG H 190 -22.71 -21.10 -12.54
CA ARG H 190 -23.67 -21.13 -11.43
C ARG H 190 -23.74 -22.55 -10.88
N ILE H 191 -23.79 -22.65 -9.56
CA ILE H 191 -23.89 -23.94 -8.89
C ILE H 191 -25.36 -24.36 -8.82
N GLY H 192 -25.58 -25.67 -8.78
CA GLY H 192 -26.92 -26.20 -8.73
C GLY H 192 -27.30 -26.95 -10.00
N SER H 193 -26.33 -27.11 -10.89
CA SER H 193 -26.55 -27.80 -12.17
C SER H 193 -25.99 -29.21 -12.11
N SER H 194 -26.85 -30.16 -11.79
CA SER H 194 -26.47 -31.58 -11.78
C SER H 194 -26.21 -32.03 -13.21
N ARG H 195 -24.96 -32.38 -13.51
CA ARG H 195 -24.58 -32.72 -14.87
C ARG H 195 -25.40 -33.88 -15.41
N ALA H 196 -25.85 -34.79 -14.53
CA ALA H 196 -26.66 -35.91 -14.99
C ALA H 196 -27.97 -35.42 -15.60
N ILE H 197 -28.73 -34.64 -14.84
CA ILE H 197 -30.03 -34.17 -15.32
C ILE H 197 -29.87 -33.28 -16.54
N THR H 198 -28.87 -32.39 -16.52
CA THR H 198 -28.63 -31.54 -17.67
C THR H 198 -28.29 -32.36 -18.91
N GLN H 199 -27.44 -33.38 -18.76
CA GLN H 199 -27.15 -34.25 -19.88
C GLN H 199 -28.42 -34.94 -20.39
N LEU H 200 -29.33 -35.27 -19.48
CA LEU H 200 -30.60 -35.84 -19.91
C LEU H 200 -31.40 -34.83 -20.72
N ILE H 201 -31.42 -33.57 -20.29
CA ILE H 201 -32.11 -32.54 -21.07
C ILE H 201 -31.48 -32.41 -22.46
N LEU H 202 -30.14 -32.47 -22.53
CA LEU H 202 -29.48 -32.44 -23.84
C LEU H 202 -29.88 -33.62 -24.70
N ASN H 203 -29.93 -34.82 -24.12
CA ASN H 203 -30.34 -35.99 -24.87
C ASN H 203 -31.76 -35.83 -25.40
N LEU H 204 -32.64 -35.22 -24.60
CA LEU H 204 -34.00 -34.96 -25.07
C LEU H 204 -34.03 -33.95 -26.21
N VAL H 205 -33.40 -32.78 -26.03
CA VAL H 205 -33.53 -31.72 -27.04
C VAL H 205 -32.88 -32.14 -28.35
N GLU H 206 -31.70 -32.75 -28.27
CA GLU H 206 -31.05 -33.27 -29.45
C GLU H 206 -31.84 -34.39 -30.10
N GLY H 207 -32.63 -35.14 -29.33
CA GLY H 207 -33.43 -36.22 -29.88
C GLY H 207 -32.63 -37.43 -30.29
N SER H 208 -31.44 -37.61 -29.72
CA SER H 208 -30.62 -38.76 -30.01
C SER H 208 -31.17 -40.00 -29.30
N PRO H 209 -30.88 -41.20 -29.82
CA PRO H 209 -31.40 -42.41 -29.17
C PRO H 209 -30.96 -42.50 -27.72
N ILE H 210 -31.88 -42.91 -26.87
CA ILE H 210 -31.66 -42.94 -25.42
C ILE H 210 -30.58 -43.97 -25.12
N LYS H 211 -29.43 -43.49 -24.65
CA LYS H 211 -28.26 -44.31 -24.45
C LYS H 211 -28.29 -44.92 -23.06
N LEU H 212 -28.66 -46.20 -22.99
CA LEU H 212 -28.77 -46.92 -21.72
C LEU H 212 -27.35 -47.26 -21.26
N ILE H 213 -26.74 -46.33 -20.53
CA ILE H 213 -25.38 -46.53 -20.04
C ILE H 213 -25.41 -47.57 -18.93
N ASP H 214 -24.97 -48.79 -19.25
CA ASP H 214 -24.97 -49.91 -18.31
C ASP H 214 -26.36 -50.17 -17.76
N GLY H 215 -27.38 -50.00 -18.61
CA GLY H 215 -28.74 -50.29 -18.25
C GLY H 215 -29.48 -49.18 -17.55
N GLY H 216 -28.78 -48.13 -17.12
CA GLY H 216 -29.43 -47.05 -16.39
C GLY H 216 -29.98 -47.47 -15.04
N LYS H 217 -29.21 -48.22 -14.27
CA LYS H 217 -29.62 -48.66 -12.94
C LYS H 217 -29.12 -47.72 -11.83
N GLN H 218 -28.41 -46.65 -12.19
CA GLN H 218 -27.88 -45.75 -11.19
C GLN H 218 -29.01 -44.94 -10.56
N LYS H 219 -28.94 -44.76 -9.24
CA LYS H 219 -30.02 -44.13 -8.49
C LYS H 219 -29.70 -42.67 -8.24
N ARG H 220 -30.74 -41.83 -8.27
CA ARG H 220 -30.62 -40.41 -7.98
C ARG H 220 -31.77 -39.96 -7.09
N CYS H 221 -31.57 -38.80 -6.48
CA CYS H 221 -32.56 -38.09 -5.68
C CYS H 221 -32.56 -36.62 -6.06
N PHE H 222 -33.68 -35.94 -5.81
CA PHE H 222 -33.85 -34.55 -6.20
C PHE H 222 -34.54 -33.79 -5.08
N THR H 223 -34.40 -32.47 -5.09
CA THR H 223 -34.99 -31.62 -4.07
C THR H 223 -35.77 -30.47 -4.72
N ASP H 224 -36.73 -29.93 -3.97
CA ASP H 224 -37.45 -28.75 -4.41
C ASP H 224 -36.75 -27.50 -3.90
N ILE H 225 -36.92 -26.38 -4.61
CA ILE H 225 -36.24 -25.15 -4.23
C ILE H 225 -36.96 -24.48 -3.05
N ARG H 226 -38.28 -24.37 -3.14
CA ARG H 226 -39.00 -23.47 -2.25
C ARG H 226 -39.02 -23.98 -0.82
N ASP H 227 -39.10 -25.29 -0.63
CA ASP H 227 -39.04 -25.85 0.71
C ASP H 227 -37.71 -25.53 1.39
N GLY H 228 -36.62 -25.65 0.65
CA GLY H 228 -35.32 -25.24 1.17
C GLY H 228 -35.26 -23.75 1.44
N ILE H 229 -35.84 -22.94 0.54
CA ILE H 229 -35.77 -21.50 0.69
C ILE H 229 -36.55 -21.04 1.91
N GLU H 230 -37.67 -21.72 2.21
CA GLU H 230 -38.41 -21.41 3.43
C GLU H 230 -37.67 -21.90 4.66
N ALA H 231 -36.95 -23.01 4.56
CA ALA H 231 -36.04 -23.39 5.63
C ALA H 231 -35.02 -22.28 5.89
N LEU H 232 -34.45 -21.73 4.82
CA LEU H 232 -33.50 -20.62 5.00
C LEU H 232 -34.18 -19.39 5.58
N TYR H 233 -35.47 -19.20 5.26
CA TYR H 233 -36.22 -18.14 5.91
C TYR H 233 -36.27 -18.35 7.42
N ARG H 234 -36.50 -19.60 7.85
CA ARG H 234 -36.55 -19.86 9.29
C ARG H 234 -35.17 -19.72 9.93
N ILE H 235 -34.11 -20.01 9.18
CA ILE H 235 -32.77 -19.73 9.71
C ILE H 235 -32.55 -18.23 9.84
N ILE H 236 -32.95 -17.46 8.82
CA ILE H 236 -32.77 -16.02 8.84
C ILE H 236 -33.51 -15.42 10.04
N GLU H 237 -34.75 -15.86 10.25
CA GLU H 237 -35.51 -15.43 11.43
C GLU H 237 -34.91 -16.01 12.71
N ASN H 238 -34.14 -17.09 12.61
CA ASN H 238 -33.40 -17.68 13.73
C ASN H 238 -34.33 -18.05 14.88
N ALA H 239 -35.19 -19.01 14.63
CA ALA H 239 -36.10 -19.50 15.66
C ALA H 239 -35.32 -20.22 16.74
N GLY H 240 -35.18 -19.58 17.91
CA GLY H 240 -34.54 -20.20 19.04
C GLY H 240 -33.03 -20.13 19.04
N ASN H 241 -32.43 -19.52 18.02
CA ASN H 241 -30.98 -19.40 17.90
C ASN H 241 -30.30 -20.77 17.85
N ARG H 242 -31.00 -21.75 17.28
CA ARG H 242 -30.55 -23.15 17.28
C ARG H 242 -29.77 -23.52 16.02
N CYS H 243 -29.53 -22.59 15.12
CA CYS H 243 -28.79 -22.86 13.89
C CYS H 243 -27.31 -22.53 13.98
N ASP H 244 -26.84 -22.01 15.11
CA ASP H 244 -25.46 -21.54 15.20
C ASP H 244 -24.50 -22.71 15.31
N GLY H 245 -23.50 -22.74 14.41
CA GLY H 245 -22.47 -23.75 14.47
C GLY H 245 -22.91 -25.13 14.04
N GLU H 246 -24.07 -25.25 13.41
CA GLU H 246 -24.59 -26.53 12.97
C GLU H 246 -24.70 -26.57 11.45
N ILE H 247 -24.18 -27.63 10.86
CA ILE H 247 -24.22 -27.84 9.41
C ILE H 247 -25.59 -28.41 9.06
N ILE H 248 -26.28 -27.74 8.16
CA ILE H 248 -27.65 -28.10 7.78
C ILE H 248 -27.64 -28.65 6.37
N ASN H 249 -28.35 -29.76 6.17
CA ASN H 249 -28.45 -30.39 4.86
C ASN H 249 -29.92 -30.46 4.46
N ILE H 250 -30.16 -30.42 3.15
CA ILE H 250 -31.51 -30.44 2.60
C ILE H 250 -31.53 -31.46 1.46
N GLY H 251 -32.16 -32.60 1.71
CA GLY H 251 -32.26 -33.64 0.70
C GLY H 251 -33.45 -34.55 0.97
N ASN H 252 -33.88 -35.24 -0.09
CA ASN H 252 -35.01 -36.15 0.00
C ASN H 252 -34.56 -37.59 -0.21
N PRO H 253 -34.41 -38.39 0.86
CA PRO H 253 -34.04 -39.79 0.66
C PRO H 253 -35.09 -40.60 -0.09
N GLU H 254 -36.38 -40.30 0.08
CA GLU H 254 -37.42 -41.23 -0.36
C GLU H 254 -37.51 -41.28 -1.87
N ASN H 255 -37.21 -40.18 -2.56
CA ASN H 255 -37.27 -40.14 -4.01
C ASN H 255 -36.02 -40.74 -4.65
N GLU H 256 -35.69 -41.94 -4.20
CA GLU H 256 -34.51 -42.68 -4.62
C GLU H 256 -34.86 -43.54 -5.82
N ALA H 257 -34.55 -43.04 -7.02
CA ALA H 257 -35.05 -43.70 -8.22
C ALA H 257 -33.93 -43.90 -9.23
N SER H 258 -34.00 -45.02 -9.94
CA SER H 258 -33.00 -45.35 -10.95
C SER H 258 -33.21 -44.50 -12.21
N ILE H 259 -32.21 -44.53 -13.09
CA ILE H 259 -32.28 -43.77 -14.33
C ILE H 259 -33.37 -44.32 -15.24
N GLU H 260 -33.59 -45.64 -15.21
CA GLU H 260 -34.58 -46.24 -16.11
C GLU H 260 -35.98 -45.70 -15.85
N GLU H 261 -36.45 -45.80 -14.60
CA GLU H 261 -37.78 -45.30 -14.27
C GLU H 261 -37.89 -43.81 -14.49
N LEU H 262 -36.83 -43.07 -14.15
CA LEU H 262 -36.79 -41.65 -14.44
C LEU H 262 -37.06 -41.41 -15.92
N GLY H 263 -36.42 -42.19 -16.79
CA GLY H 263 -36.64 -42.05 -18.21
C GLY H 263 -38.05 -42.43 -18.64
N GLU H 264 -38.63 -43.44 -17.99
CA GLU H 264 -40.00 -43.83 -18.33
C GLU H 264 -40.99 -42.71 -18.04
N MET H 265 -40.95 -42.16 -16.81
CA MET H 265 -41.80 -40.99 -16.54
C MET H 265 -41.38 -39.78 -17.38
N LEU H 266 -40.12 -39.69 -17.76
CA LEU H 266 -39.66 -38.59 -18.59
C LEU H 266 -40.34 -38.62 -19.94
N LEU H 267 -40.36 -39.78 -20.60
CA LEU H 267 -41.09 -39.90 -21.86
C LEU H 267 -42.59 -39.80 -21.66
N ALA H 268 -43.10 -40.31 -20.53
CA ALA H 268 -44.53 -40.23 -20.26
C ALA H 268 -44.98 -38.78 -20.09
N SER H 269 -44.04 -37.89 -19.73
CA SER H 269 -44.38 -36.47 -19.67
C SER H 269 -44.08 -35.77 -20.99
N PHE H 270 -43.07 -36.23 -21.73
CA PHE H 270 -42.68 -35.55 -22.95
C PHE H 270 -43.64 -35.84 -24.09
N GLU H 271 -44.20 -37.05 -24.14
CA GLU H 271 -45.01 -37.44 -25.29
C GLU H 271 -46.40 -36.81 -25.26
N LYS H 272 -46.72 -36.07 -24.20
CA LYS H 272 -47.95 -35.28 -24.16
C LYS H 272 -47.72 -33.80 -24.46
N HIS H 273 -46.51 -33.41 -24.85
CA HIS H 273 -46.22 -32.00 -25.08
C HIS H 273 -46.65 -31.59 -26.49
N PRO H 274 -47.52 -30.60 -26.63
CA PRO H 274 -48.06 -30.24 -27.96
C PRO H 274 -47.02 -29.79 -28.97
N LEU H 275 -45.93 -29.17 -28.54
CA LEU H 275 -44.97 -28.53 -29.45
C LEU H 275 -43.99 -29.54 -30.05
N ARG H 276 -44.31 -30.84 -30.00
CA ARG H 276 -43.41 -31.86 -30.52
C ARG H 276 -43.18 -31.72 -32.02
N HIS H 277 -44.02 -30.95 -32.70
CA HIS H 277 -43.89 -30.82 -34.15
C HIS H 277 -42.65 -30.03 -34.55
N HIS H 278 -42.07 -29.26 -33.62
CA HIS H 278 -40.77 -28.64 -33.85
C HIS H 278 -39.63 -29.54 -33.41
N PHE H 279 -39.90 -30.83 -33.18
CA PHE H 279 -39.01 -31.67 -32.42
C PHE H 279 -38.85 -33.01 -33.13
N PRO H 280 -37.67 -33.64 -33.04
CA PRO H 280 -37.52 -34.99 -33.57
C PRO H 280 -38.30 -35.99 -32.74
N PRO H 281 -38.71 -37.11 -33.32
CA PRO H 281 -39.53 -38.07 -32.58
C PRO H 281 -38.68 -38.91 -31.61
N PHE H 282 -39.34 -39.85 -30.96
CA PHE H 282 -38.68 -40.71 -29.99
C PHE H 282 -37.82 -41.72 -30.73
N ALA H 283 -36.50 -41.61 -30.56
CA ALA H 283 -35.56 -42.40 -31.34
C ALA H 283 -35.40 -43.83 -30.84
N GLY H 284 -35.88 -44.14 -29.65
CA GLY H 284 -35.81 -45.50 -29.13
C GLY H 284 -34.62 -45.72 -28.22
N PHE H 285 -34.78 -46.68 -27.32
CA PHE H 285 -33.71 -47.05 -26.40
C PHE H 285 -32.62 -47.82 -27.14
N ARG H 286 -31.37 -47.63 -26.72
CA ARG H 286 -30.24 -48.38 -27.25
C ARG H 286 -29.24 -48.59 -26.12
N VAL H 287 -28.92 -49.85 -25.84
CA VAL H 287 -28.00 -50.20 -24.77
C VAL H 287 -26.58 -49.94 -25.22
N VAL H 288 -25.72 -49.54 -24.28
CA VAL H 288 -24.33 -49.27 -24.58
C VAL H 288 -23.51 -50.56 -24.52
N VAL H 301 -20.51 -42.10 -7.11
CA VAL H 301 -21.47 -41.88 -6.02
C VAL H 301 -22.73 -42.71 -6.26
N GLU H 302 -22.69 -43.97 -5.87
CA GLU H 302 -23.83 -44.86 -6.03
C GLU H 302 -25.03 -44.42 -5.19
N HIS H 303 -24.80 -43.93 -3.97
CA HIS H 303 -25.91 -43.50 -3.14
C HIS H 303 -25.47 -42.37 -2.22
N ARG H 304 -26.28 -41.32 -2.14
CA ARG H 304 -26.08 -40.23 -1.19
C ARG H 304 -27.37 -40.14 -0.37
N LYS H 305 -27.27 -40.46 0.92
CA LYS H 305 -28.40 -40.41 1.82
C LYS H 305 -28.23 -39.24 2.77
N PRO H 306 -29.11 -38.24 2.72
CA PRO H 306 -28.96 -37.08 3.59
C PRO H 306 -29.57 -37.28 4.96
N SER H 307 -28.75 -37.00 5.97
CA SER H 307 -29.19 -37.03 7.36
C SER H 307 -29.88 -35.71 7.69
N ILE H 308 -31.16 -35.79 8.05
CA ILE H 308 -31.95 -34.58 8.31
C ILE H 308 -32.24 -34.48 9.80
N ARG H 309 -31.42 -35.14 10.62
CA ARG H 309 -31.54 -34.99 12.06
C ARG H 309 -31.25 -33.55 12.49
N ASN H 310 -30.20 -32.96 11.94
CA ASN H 310 -29.85 -31.59 12.28
C ASN H 310 -30.94 -30.63 11.84
N ALA H 311 -31.55 -30.86 10.68
CA ALA H 311 -32.61 -30.00 10.20
C ALA H 311 -33.80 -30.01 11.16
N HIS H 312 -34.18 -31.19 11.64
CA HIS H 312 -35.28 -31.27 12.62
C HIS H 312 -34.87 -30.63 13.93
N ARG H 313 -33.62 -30.81 14.36
CA ARG H 313 -33.22 -30.33 15.67
C ARG H 313 -33.02 -28.82 15.66
N CYS H 314 -32.82 -28.23 14.47
CA CYS H 314 -32.62 -26.79 14.38
C CYS H 314 -33.88 -26.03 13.97
N LEU H 315 -34.73 -26.63 13.13
CA LEU H 315 -35.89 -25.95 12.57
C LEU H 315 -37.21 -26.66 12.78
N ASP H 316 -37.19 -27.99 13.02
CA ASP H 316 -38.39 -28.81 12.91
C ASP H 316 -39.04 -28.65 11.53
N TRP H 317 -38.22 -28.77 10.49
CA TRP H 317 -38.63 -28.55 9.11
C TRP H 317 -38.73 -29.88 8.38
N GLU H 318 -39.71 -29.99 7.48
CA GLU H 318 -39.93 -31.19 6.69
C GLU H 318 -40.20 -30.76 5.25
N PRO H 319 -39.93 -31.63 4.28
CA PRO H 319 -40.31 -31.32 2.89
C PRO H 319 -41.71 -31.82 2.58
N LYS H 320 -42.39 -31.10 1.67
CA LYS H 320 -43.78 -31.41 1.33
C LYS H 320 -44.02 -31.74 -0.13
N ILE H 321 -43.46 -31.01 -1.09
CA ILE H 321 -43.81 -31.15 -2.50
C ILE H 321 -43.10 -32.37 -3.06
N ASP H 322 -43.78 -33.10 -3.95
CA ASP H 322 -43.20 -34.24 -4.64
C ASP H 322 -42.44 -33.78 -5.87
N MET H 323 -41.77 -34.73 -6.54
CA MET H 323 -40.87 -34.39 -7.63
C MET H 323 -41.56 -34.46 -8.98
N GLN H 324 -42.29 -35.55 -9.24
CA GLN H 324 -42.61 -35.96 -10.60
C GLN H 324 -43.29 -34.85 -11.40
N GLU H 325 -44.34 -34.26 -10.83
CA GLU H 325 -45.06 -33.21 -11.55
C GLU H 325 -44.18 -31.99 -11.80
N THR H 326 -43.33 -31.64 -10.81
CA THR H 326 -42.44 -30.51 -10.99
C THR H 326 -41.42 -30.76 -12.10
N ILE H 327 -40.90 -31.98 -12.19
CA ILE H 327 -39.98 -32.30 -13.28
C ILE H 327 -40.68 -32.23 -14.62
N ASP H 328 -41.91 -32.75 -14.68
CA ASP H 328 -42.68 -32.67 -15.92
C ASP H 328 -42.92 -31.21 -16.32
N GLU H 329 -43.26 -30.37 -15.35
CA GLU H 329 -43.53 -28.96 -15.66
C GLU H 329 -42.27 -28.23 -16.06
N THR H 330 -41.14 -28.56 -15.44
CA THR H 330 -39.87 -27.93 -15.82
C THR H 330 -39.46 -28.35 -17.23
N LEU H 331 -39.66 -29.63 -17.56
CA LEU H 331 -39.41 -30.09 -18.92
C LEU H 331 -40.30 -29.36 -19.91
N ASP H 332 -41.59 -29.24 -19.61
CA ASP H 332 -42.50 -28.57 -20.53
C ASP H 332 -42.15 -27.10 -20.66
N PHE H 333 -41.72 -26.48 -19.56
CA PHE H 333 -41.26 -25.11 -19.60
C PHE H 333 -40.06 -24.95 -20.52
N PHE H 334 -39.06 -25.83 -20.39
CA PHE H 334 -37.84 -25.66 -21.16
C PHE H 334 -38.03 -26.07 -22.61
N LEU H 335 -39.09 -26.84 -22.90
CA LEU H 335 -39.42 -27.09 -24.30
C LEU H 335 -40.21 -25.93 -24.90
N ARG H 336 -41.09 -25.30 -24.13
CA ARG H 336 -41.82 -24.14 -24.63
C ARG H 336 -40.92 -22.92 -24.80
N THR H 337 -39.96 -22.70 -23.91
CA THR H 337 -39.11 -21.52 -23.97
C THR H 337 -37.81 -21.77 -24.72
N VAL H 338 -37.81 -22.67 -25.71
CA VAL H 338 -36.63 -22.89 -26.53
C VAL H 338 -36.24 -21.56 -27.17
N ASP H 339 -34.93 -21.28 -27.19
CA ASP H 339 -34.41 -19.98 -27.59
C ASP H 339 -34.87 -19.65 -29.01
N LEU H 340 -35.67 -18.59 -29.14
CA LEU H 340 -36.16 -18.18 -30.46
C LEU H 340 -35.07 -17.52 -31.29
N THR H 341 -33.92 -17.21 -30.68
CA THR H 341 -32.85 -16.51 -31.36
C THR H 341 -32.05 -17.40 -32.30
N ASP H 342 -32.62 -17.81 -33.43
CA ASP H 342 -31.90 -18.61 -34.41
C ASP H 342 -30.84 -17.77 -35.09
N MET I 1 -15.81 -10.18 -30.45
CA MET I 1 -14.71 -9.61 -29.69
C MET I 1 -15.14 -8.34 -28.96
N ARG I 2 -14.29 -7.89 -28.03
CA ARG I 2 -14.56 -6.72 -27.20
C ARG I 2 -13.44 -5.71 -27.38
N VAL I 3 -13.82 -4.45 -27.58
CA VAL I 3 -12.89 -3.36 -27.81
C VAL I 3 -13.07 -2.33 -26.71
N LEU I 4 -11.95 -1.94 -26.08
CA LEU I 4 -11.93 -0.86 -25.10
C LEU I 4 -11.02 0.24 -25.64
N ILE I 5 -11.60 1.39 -25.94
CA ILE I 5 -10.83 2.53 -26.45
C ILE I 5 -10.81 3.58 -25.35
N LEU I 6 -9.60 3.91 -24.90
CA LEU I 6 -9.41 4.90 -23.86
C LEU I 6 -9.53 6.29 -24.47
N GLY I 7 -10.48 7.08 -24.00
CA GLY I 7 -10.74 8.38 -24.59
C GLY I 7 -11.73 8.32 -25.73
N VAL I 8 -12.93 7.79 -25.46
CA VAL I 8 -13.93 7.64 -26.51
C VAL I 8 -14.43 8.99 -27.01
N ASN I 9 -14.34 10.03 -26.19
CA ASN I 9 -14.95 11.32 -26.52
C ASN I 9 -13.91 12.17 -27.26
N GLY I 10 -13.90 12.01 -28.57
CA GLY I 10 -12.98 12.77 -29.39
C GLY I 10 -13.23 12.56 -30.86
N PHE I 11 -12.50 13.31 -31.67
CA PHE I 11 -12.59 13.27 -33.12
C PHE I 11 -12.33 11.86 -33.66
N ILE I 12 -11.09 11.40 -33.49
CA ILE I 12 -10.70 10.10 -34.03
C ILE I 12 -11.50 8.98 -33.38
N GLY I 13 -11.64 9.05 -32.05
CA GLY I 13 -12.41 8.04 -31.34
C GLY I 13 -13.84 7.97 -31.82
N ASN I 14 -14.50 9.12 -31.98
CA ASN I 14 -15.90 9.09 -32.43
C ASN I 14 -15.97 8.49 -33.82
N HIS I 15 -15.10 8.95 -34.73
CA HIS I 15 -15.14 8.46 -36.10
C HIS I 15 -14.94 6.94 -36.13
N LEU I 16 -13.92 6.46 -35.43
CA LEU I 16 -13.62 5.04 -35.43
C LEU I 16 -14.78 4.25 -34.84
N THR I 17 -15.40 4.76 -33.78
CA THR I 17 -16.55 4.09 -33.20
C THR I 17 -17.69 4.01 -34.19
N GLU I 18 -18.04 5.14 -34.82
CA GLU I 18 -19.17 5.14 -35.75
C GLU I 18 -18.89 4.25 -36.96
N ARG I 19 -17.61 4.12 -37.33
CA ARG I 19 -17.25 3.14 -38.35
C ARG I 19 -17.46 1.72 -37.84
N LEU I 20 -17.11 1.46 -36.58
CA LEU I 20 -17.29 0.13 -36.02
C LEU I 20 -18.77 -0.23 -35.90
N LEU I 21 -19.66 0.75 -35.81
CA LEU I 21 -21.08 0.44 -35.62
C LEU I 21 -21.70 -0.22 -36.84
N ARG I 22 -20.93 -0.46 -37.91
CA ARG I 22 -21.48 -1.20 -39.04
C ARG I 22 -21.14 -2.68 -38.99
N GLU I 23 -20.32 -3.11 -38.05
CA GLU I 23 -20.02 -4.52 -37.86
C GLU I 23 -20.67 -5.02 -36.58
N ASP I 24 -21.33 -6.17 -36.68
CA ASP I 24 -22.29 -6.61 -35.68
C ASP I 24 -21.68 -7.33 -34.48
N HIS I 25 -20.40 -7.68 -34.51
CA HIS I 25 -19.82 -8.50 -33.45
C HIS I 25 -18.95 -7.69 -32.50
N TYR I 26 -19.17 -6.38 -32.42
CA TYR I 26 -18.39 -5.50 -31.57
C TYR I 26 -19.23 -5.00 -30.40
N GLU I 27 -18.66 -5.09 -29.19
CA GLU I 27 -19.20 -4.44 -28.01
C GLU I 27 -18.20 -3.37 -27.58
N VAL I 28 -18.69 -2.15 -27.42
CA VAL I 28 -17.83 -0.99 -27.20
C VAL I 28 -18.09 -0.42 -25.82
N TYR I 29 -17.02 -0.32 -25.02
CA TYR I 29 -17.04 0.29 -23.70
C TYR I 29 -16.11 1.50 -23.76
N GLY I 30 -16.68 2.70 -23.68
CA GLY I 30 -15.86 3.90 -23.82
C GLY I 30 -15.73 4.71 -22.56
N LEU I 31 -14.52 4.88 -22.06
CA LEU I 31 -14.27 5.55 -20.79
C LEU I 31 -13.63 6.91 -21.03
N ASP I 32 -14.18 7.94 -20.38
CA ASP I 32 -13.60 9.27 -20.38
C ASP I 32 -14.40 10.08 -19.37
N ILE I 33 -13.86 11.24 -18.99
CA ILE I 33 -14.59 12.17 -18.12
C ILE I 33 -15.77 12.83 -18.81
N GLY I 34 -15.77 12.94 -20.14
CA GLY I 34 -16.77 13.70 -20.85
C GLY I 34 -17.45 12.87 -21.93
N SER I 35 -18.68 13.28 -22.26
CA SER I 35 -19.47 12.56 -23.25
C SER I 35 -20.24 13.49 -24.18
N ASP I 36 -19.85 14.77 -24.27
CA ASP I 36 -20.59 15.71 -25.10
C ASP I 36 -20.46 15.37 -26.58
N ALA I 37 -19.26 14.98 -27.02
CA ALA I 37 -19.04 14.71 -28.43
C ALA I 37 -19.68 13.42 -28.89
N ILE I 38 -20.15 12.58 -27.97
CA ILE I 38 -20.68 11.27 -28.32
C ILE I 38 -22.17 11.32 -27.99
N SER I 39 -22.74 12.53 -28.07
CA SER I 39 -24.11 12.75 -27.62
C SER I 39 -25.14 12.10 -28.53
N ARG I 40 -24.73 11.60 -29.69
CA ARG I 40 -25.69 10.93 -30.57
C ARG I 40 -25.66 9.42 -30.38
N PHE I 41 -24.47 8.82 -30.41
CA PHE I 41 -24.34 7.37 -30.53
C PHE I 41 -24.38 6.65 -29.19
N LEU I 42 -24.60 7.37 -28.09
CA LEU I 42 -24.62 6.71 -26.78
C LEU I 42 -25.78 5.73 -26.68
N ASN I 43 -26.91 6.06 -27.30
CA ASN I 43 -28.09 5.21 -27.26
C ASN I 43 -27.92 3.92 -28.05
N HIS I 44 -26.85 3.79 -28.83
CA HIS I 44 -26.62 2.58 -29.60
C HIS I 44 -26.45 1.40 -28.64
N PRO I 45 -27.14 0.28 -28.86
CA PRO I 45 -27.31 -0.71 -27.77
C PRO I 45 -26.01 -1.29 -27.24
N HIS I 46 -24.99 -1.47 -28.08
CA HIS I 46 -23.79 -2.17 -27.66
C HIS I 46 -22.67 -1.24 -27.22
N PHE I 47 -22.88 0.07 -27.29
CA PHE I 47 -21.90 1.04 -26.82
C PHE I 47 -22.35 1.59 -25.47
N HIS I 48 -21.44 1.58 -24.50
CA HIS I 48 -21.75 2.02 -23.14
C HIS I 48 -20.62 2.91 -22.63
N PHE I 49 -21.01 4.06 -22.08
CA PHE I 49 -20.07 5.05 -21.59
C PHE I 49 -19.66 4.75 -20.15
N VAL I 50 -18.48 5.24 -19.79
CA VAL I 50 -17.89 5.02 -18.46
C VAL I 50 -17.19 6.30 -18.05
N GLU I 51 -17.69 6.95 -17.01
CA GLU I 51 -17.00 8.10 -16.44
C GLU I 51 -15.73 7.64 -15.73
N GLY I 52 -14.58 8.05 -16.26
CA GLY I 52 -13.32 7.62 -15.70
C GLY I 52 -12.21 8.61 -15.97
N ASP I 53 -11.07 8.39 -15.32
CA ASP I 53 -9.91 9.26 -15.45
C ASP I 53 -8.70 8.45 -15.00
N ILE I 54 -7.78 8.18 -15.93
CA ILE I 54 -6.71 7.22 -15.67
C ILE I 54 -5.78 7.70 -14.56
N SER I 55 -5.80 9.00 -14.25
CA SER I 55 -4.94 9.51 -13.20
C SER I 55 -5.31 8.95 -11.83
N ILE I 56 -6.59 8.68 -11.59
CA ILE I 56 -7.08 8.29 -10.26
C ILE I 56 -7.50 6.83 -10.23
N HIS I 57 -8.49 6.46 -11.02
CA HIS I 57 -8.93 5.08 -11.03
C HIS I 57 -7.86 4.18 -11.63
N SER I 58 -7.45 3.18 -10.86
CA SER I 58 -6.43 2.23 -11.31
C SER I 58 -7.00 0.83 -11.48
N GLU I 59 -7.65 0.30 -10.44
CA GLU I 59 -8.28 -1.02 -10.56
C GLU I 59 -9.41 -1.01 -11.57
N TRP I 60 -10.02 0.15 -11.78
CA TRP I 60 -11.21 0.23 -12.63
C TRP I 60 -10.82 -0.01 -14.08
N ILE I 61 -9.77 0.69 -14.54
CA ILE I 61 -9.27 0.52 -15.90
C ILE I 61 -8.75 -0.90 -16.11
N GLU I 62 -8.02 -1.42 -15.14
CA GLU I 62 -7.46 -2.75 -15.30
C GLU I 62 -8.56 -3.80 -15.35
N TYR I 63 -9.64 -3.59 -14.60
CA TYR I 63 -10.80 -4.47 -14.69
C TYR I 63 -11.39 -4.43 -16.09
N HIS I 64 -11.48 -3.22 -16.67
CA HIS I 64 -11.89 -3.16 -18.08
C HIS I 64 -10.96 -3.95 -18.99
N VAL I 65 -9.65 -3.79 -18.83
CA VAL I 65 -8.70 -4.51 -19.68
C VAL I 65 -8.93 -6.01 -19.55
N LYS I 66 -9.29 -6.47 -18.35
CA LYS I 66 -9.52 -7.90 -18.17
C LYS I 66 -10.80 -8.34 -18.87
N LYS I 67 -11.90 -7.60 -18.69
CA LYS I 67 -13.16 -8.07 -19.26
C LYS I 67 -13.19 -7.94 -20.77
N CYS I 68 -12.46 -6.98 -21.32
CA CYS I 68 -12.46 -6.73 -22.76
C CYS I 68 -11.47 -7.68 -23.44
N ASP I 69 -11.24 -7.47 -24.74
CA ASP I 69 -10.31 -8.30 -25.49
C ASP I 69 -9.18 -7.52 -26.15
N VAL I 70 -9.43 -6.29 -26.63
CA VAL I 70 -8.37 -5.45 -27.18
C VAL I 70 -8.47 -4.06 -26.56
N VAL I 71 -7.32 -3.44 -26.34
CA VAL I 71 -7.22 -2.15 -25.67
C VAL I 71 -6.51 -1.17 -26.61
N LEU I 72 -7.12 -0.01 -26.80
CA LEU I 72 -6.59 1.03 -27.69
C LEU I 72 -6.50 2.36 -26.95
N PRO I 73 -5.31 2.80 -26.55
CA PRO I 73 -5.16 4.15 -25.98
C PRO I 73 -5.25 5.19 -27.09
N LEU I 74 -5.90 6.31 -26.79
CA LEU I 74 -6.01 7.41 -27.73
C LEU I 74 -5.89 8.79 -27.10
N VAL I 75 -5.53 8.88 -25.82
CA VAL I 75 -5.50 10.16 -25.12
C VAL I 75 -4.09 10.75 -25.22
N ALA I 76 -4.03 12.07 -25.37
CA ALA I 76 -2.79 12.81 -25.47
C ALA I 76 -3.11 14.31 -25.40
N ILE I 77 -2.18 15.08 -24.84
CA ILE I 77 -2.35 16.52 -24.72
C ILE I 77 -1.56 17.19 -25.84
N ALA I 78 -2.23 18.04 -26.60
CA ALA I 78 -1.63 18.77 -27.71
C ALA I 78 -1.78 20.28 -27.52
N THR I 79 -1.80 20.72 -26.27
CA THR I 79 -1.95 22.13 -25.95
C THR I 79 -0.59 22.73 -25.68
N PRO I 80 -0.06 23.59 -26.56
CA PRO I 80 1.30 24.11 -26.37
C PRO I 80 1.48 24.91 -25.09
N ILE I 81 0.48 25.71 -24.68
CA ILE I 81 0.64 26.55 -23.51
C ILE I 81 0.78 25.71 -22.25
N GLU I 82 0.07 24.59 -22.16
CA GLU I 82 0.24 23.70 -21.03
C GLU I 82 1.65 23.12 -20.95
N TYR I 83 2.39 23.14 -22.06
CA TYR I 83 3.79 22.70 -22.02
C TYR I 83 4.64 23.64 -21.18
N THR I 84 4.18 24.88 -20.97
CA THR I 84 4.96 25.87 -20.25
C THR I 84 4.41 26.15 -18.85
N ARG I 85 3.10 26.24 -18.70
CA ARG I 85 2.53 26.57 -17.39
C ARG I 85 2.76 25.45 -16.38
N ASN I 86 2.42 24.23 -16.75
CA ASN I 86 2.59 23.05 -15.89
C ASN I 86 3.07 21.87 -16.72
N PRO I 87 4.33 21.89 -17.16
CA PRO I 87 4.85 20.72 -17.89
C PRO I 87 4.90 19.47 -17.03
N LEU I 88 4.94 19.61 -15.71
CA LEU I 88 5.00 18.45 -14.82
C LEU I 88 3.72 17.64 -14.89
N ARG I 89 2.57 18.31 -14.94
CA ARG I 89 1.29 17.62 -15.04
C ARG I 89 1.24 16.73 -16.28
N VAL I 90 1.56 17.30 -17.43
CA VAL I 90 1.57 16.52 -18.68
C VAL I 90 2.64 15.45 -18.62
N PHE I 91 3.77 15.75 -17.97
CA PHE I 91 4.86 14.80 -17.91
C PHE I 91 4.45 13.53 -17.15
N GLU I 92 3.75 13.70 -16.02
CA GLU I 92 3.41 12.52 -15.24
C GLU I 92 2.07 11.94 -15.66
N LEU I 93 1.33 12.65 -16.52
CA LEU I 93 0.07 12.10 -17.00
C LEU I 93 0.24 11.36 -18.33
N ASP I 94 0.79 12.05 -19.34
CA ASP I 94 0.86 11.47 -20.68
C ASP I 94 1.98 10.44 -20.80
N PHE I 95 2.80 10.30 -19.76
CA PHE I 95 3.91 9.35 -19.78
C PHE I 95 3.74 8.25 -18.74
N GLU I 96 3.51 8.62 -17.48
CA GLU I 96 3.62 7.65 -16.39
C GLU I 96 2.44 6.68 -16.41
N GLU I 97 1.21 7.22 -16.42
CA GLU I 97 0.03 6.37 -16.30
C GLU I 97 -0.07 5.38 -17.45
N ASN I 98 0.09 5.86 -18.69
CA ASN I 98 -0.01 4.96 -19.83
C ASN I 98 1.12 3.95 -19.84
N LEU I 99 2.28 4.32 -19.32
CA LEU I 99 3.36 3.34 -19.14
C LEU I 99 2.93 2.24 -18.19
N ARG I 100 2.24 2.60 -17.10
CA ARG I 100 1.68 1.57 -16.22
C ARG I 100 0.68 0.69 -16.96
N ILE I 101 -0.14 1.30 -17.83
CA ILE I 101 -1.12 0.51 -18.57
C ILE I 101 -0.43 -0.47 -19.51
N ILE I 102 0.64 -0.04 -20.17
CA ILE I 102 1.40 -0.96 -21.02
C ILE I 102 1.97 -2.09 -20.19
N ARG I 103 2.49 -1.78 -19.01
CA ARG I 103 3.00 -2.85 -18.14
C ARG I 103 1.90 -3.84 -17.79
N TYR I 104 0.71 -3.34 -17.46
CA TYR I 104 -0.40 -4.22 -17.10
C TYR I 104 -0.77 -5.12 -18.28
N CYS I 105 -0.90 -4.53 -19.47
CA CYS I 105 -1.29 -5.29 -20.65
C CYS I 105 -0.27 -6.36 -20.99
N VAL I 106 1.01 -6.04 -20.84
CA VAL I 106 2.03 -7.06 -21.02
C VAL I 106 1.91 -8.14 -19.96
N LYS I 107 1.65 -7.73 -18.72
CA LYS I 107 1.63 -8.68 -17.62
C LYS I 107 0.54 -9.72 -17.87
N TYR I 108 -0.59 -9.30 -18.43
CA TYR I 108 -1.69 -10.23 -18.65
C TYR I 108 -1.96 -10.49 -20.12
N ARG I 109 -0.95 -10.28 -20.98
CA ARG I 109 -0.92 -10.76 -22.37
C ARG I 109 -2.11 -10.25 -23.17
N LYS I 110 -2.16 -8.93 -23.35
CA LYS I 110 -3.20 -8.28 -24.12
C LYS I 110 -2.60 -7.56 -25.33
N ARG I 111 -3.31 -7.63 -26.45
CA ARG I 111 -2.85 -6.98 -27.67
C ARG I 111 -3.04 -5.47 -27.60
N ILE I 112 -2.02 -4.73 -28.02
CA ILE I 112 -1.97 -3.28 -27.83
C ILE I 112 -1.81 -2.58 -29.18
N ILE I 113 -2.63 -1.55 -29.39
CA ILE I 113 -2.53 -0.67 -30.55
C ILE I 113 -2.11 0.70 -30.01
N PHE I 114 -0.89 1.12 -30.29
CA PHE I 114 -0.41 2.33 -29.66
C PHE I 114 -0.26 3.45 -30.67
N PRO I 115 -0.82 4.63 -30.39
CA PRO I 115 -0.67 5.77 -31.30
C PRO I 115 0.63 6.54 -31.07
N SER I 116 1.52 6.51 -32.05
CA SER I 116 2.72 7.34 -32.00
C SER I 116 2.49 8.62 -32.82
N THR I 117 3.44 9.54 -32.71
CA THR I 117 3.38 10.81 -33.42
C THR I 117 4.43 10.84 -34.52
N SER I 118 4.12 11.56 -35.60
CA SER I 118 5.00 11.66 -36.76
C SER I 118 6.19 12.59 -36.53
N GLU I 119 6.24 13.30 -35.41
CA GLU I 119 7.25 14.32 -35.20
C GLU I 119 8.61 13.75 -34.80
N VAL I 120 8.76 12.42 -34.76
CA VAL I 120 10.01 11.84 -34.29
C VAL I 120 11.07 11.84 -35.38
N TYR I 121 10.66 11.90 -36.66
CA TYR I 121 11.63 11.87 -37.74
C TYR I 121 12.39 13.18 -37.87
N GLY I 122 11.72 14.31 -37.65
CA GLY I 122 12.38 15.60 -37.69
C GLY I 122 12.72 16.10 -39.08
N MET I 123 14.00 16.38 -39.32
CA MET I 123 14.47 16.96 -40.57
C MET I 123 15.50 16.09 -41.28
N CYS I 124 15.21 14.79 -41.41
CA CYS I 124 16.10 13.90 -42.14
C CYS I 124 16.27 14.38 -43.58
N SER I 125 17.53 14.40 -44.04
CA SER I 125 17.84 14.91 -45.37
C SER I 125 17.59 13.90 -46.48
N ASP I 126 17.36 12.63 -46.16
CA ASP I 126 17.09 11.64 -47.19
C ASP I 126 15.72 11.86 -47.80
N LYS I 127 15.56 11.42 -49.05
CA LYS I 127 14.29 11.62 -49.76
C LYS I 127 13.21 10.72 -49.19
N TYR I 128 13.57 9.75 -48.37
CA TYR I 128 12.63 8.82 -47.76
C TYR I 128 12.87 8.77 -46.27
N PHE I 129 11.88 9.20 -45.49
CA PHE I 129 11.99 9.17 -44.04
C PHE I 129 12.05 7.73 -43.56
N ASP I 130 13.17 7.37 -42.94
CA ASP I 130 13.33 6.05 -42.33
C ASP I 130 13.30 6.18 -40.81
N GLU I 131 12.75 5.17 -40.15
CA GLU I 131 12.53 5.28 -38.71
C GLU I 131 13.69 4.68 -37.91
N ASP I 132 14.30 3.61 -38.42
CA ASP I 132 15.36 2.94 -37.70
C ASP I 132 16.74 3.14 -38.32
N HIS I 133 16.84 3.96 -39.37
CA HIS I 133 18.06 4.00 -40.15
C HIS I 133 18.50 5.43 -40.47
N SER I 134 17.58 6.39 -40.37
CA SER I 134 17.89 7.76 -40.74
C SER I 134 18.60 8.49 -39.60
N ASN I 135 19.19 9.64 -39.94
CA ASN I 135 19.83 10.47 -38.93
C ASN I 135 18.83 11.47 -38.34
N LEU I 136 19.25 12.16 -37.29
CA LEU I 136 18.37 13.08 -36.56
C LEU I 136 19.08 14.42 -36.36
N ILE I 137 18.32 15.49 -36.48
CA ILE I 137 18.76 16.84 -36.13
C ILE I 137 17.78 17.39 -35.11
N VAL I 138 18.31 18.07 -34.09
CA VAL I 138 17.50 18.55 -32.98
C VAL I 138 17.63 20.06 -32.87
N GLY I 139 16.73 20.65 -32.07
CA GLY I 139 16.72 22.08 -31.88
C GLY I 139 17.72 22.52 -30.84
N PRO I 140 17.59 23.78 -30.42
CA PRO I 140 18.52 24.32 -29.42
C PRO I 140 18.41 23.59 -28.09
N VAL I 141 19.56 23.47 -27.43
CA VAL I 141 19.60 22.83 -26.12
C VAL I 141 18.90 23.69 -25.07
N ASN I 142 19.08 25.02 -25.15
CA ASN I 142 18.65 25.90 -24.06
C ASN I 142 17.13 25.99 -23.89
N LYS I 143 16.35 25.46 -24.83
CA LYS I 143 14.90 25.51 -24.70
C LYS I 143 14.36 24.17 -24.23
N PRO I 144 13.84 24.06 -23.00
CA PRO I 144 13.28 22.77 -22.54
C PRO I 144 11.78 22.62 -22.75
N ARG I 145 11.10 23.63 -23.33
CA ARG I 145 9.64 23.65 -23.34
C ARG I 145 9.02 22.49 -24.09
N TRP I 146 9.74 21.91 -25.05
CA TRP I 146 9.22 20.78 -25.82
C TRP I 146 9.82 19.45 -25.39
N ILE I 147 10.55 19.41 -24.27
CA ILE I 147 11.18 18.15 -23.84
C ILE I 147 10.13 17.06 -23.65
N TYR I 148 8.92 17.44 -23.22
CA TYR I 148 7.86 16.45 -23.05
C TYR I 148 7.60 15.70 -24.35
N SER I 149 7.56 16.43 -25.48
CA SER I 149 7.20 15.82 -26.75
C SER I 149 8.15 14.70 -27.13
N VAL I 150 9.46 14.96 -27.07
CA VAL I 150 10.44 13.93 -27.42
C VAL I 150 10.36 12.79 -26.41
N SER I 151 9.90 13.11 -25.19
CA SER I 151 9.67 12.05 -24.20
C SER I 151 8.75 10.98 -24.77
N LYS I 152 7.69 11.40 -25.47
CA LYS I 152 6.77 10.45 -26.07
C LYS I 152 7.51 9.48 -26.98
N GLN I 153 8.48 9.99 -27.75
CA GLN I 153 9.25 9.12 -28.62
C GLN I 153 9.99 8.06 -27.81
N LEU I 154 10.54 8.45 -26.66
CA LEU I 154 11.16 7.48 -25.77
C LEU I 154 10.19 6.37 -25.40
N LEU I 155 8.92 6.74 -25.13
CA LEU I 155 7.92 5.72 -24.83
C LEU I 155 7.83 4.70 -25.96
N ASP I 156 7.85 5.19 -27.20
CA ASP I 156 7.86 4.28 -28.35
C ASP I 156 9.02 3.31 -28.24
N ARG I 157 10.20 3.83 -27.89
CA ARG I 157 11.38 2.99 -27.71
C ARG I 157 11.10 1.88 -26.72
N VAL I 158 10.38 2.18 -25.64
CA VAL I 158 10.06 1.15 -24.65
C VAL I 158 9.28 0.03 -25.32
N ILE I 159 8.29 0.38 -26.13
CA ILE I 159 7.53 -0.63 -26.86
C ILE I 159 8.47 -1.45 -27.73
N TRP I 160 9.45 -0.79 -28.35
CA TRP I 160 10.45 -1.50 -29.13
C TRP I 160 11.10 -2.60 -28.31
N ALA I 161 11.50 -2.27 -27.07
CA ALA I 161 12.13 -3.28 -26.22
C ALA I 161 11.19 -4.44 -26.01
N TYR I 162 9.90 -4.16 -25.83
CA TYR I 162 8.91 -5.18 -25.57
C TYR I 162 8.88 -6.22 -26.68
N GLY I 163 9.38 -5.85 -27.86
CA GLY I 163 9.49 -6.81 -28.96
C GLY I 163 10.47 -7.94 -28.67
N GLU I 164 11.69 -7.60 -28.26
CA GLU I 164 12.75 -8.61 -28.41
C GLU I 164 12.74 -9.69 -27.33
N LYS I 165 12.10 -9.45 -26.18
CA LYS I 165 12.13 -10.46 -25.13
C LYS I 165 10.77 -11.05 -24.79
N GLU I 166 9.68 -10.31 -24.99
CA GLU I 166 8.37 -10.82 -24.64
C GLU I 166 7.55 -11.22 -25.87
N GLY I 167 7.87 -10.65 -27.03
CA GLY I 167 7.05 -10.91 -28.20
C GLY I 167 5.65 -10.35 -28.09
N LEU I 168 5.50 -9.19 -27.47
CA LEU I 168 4.19 -8.56 -27.36
C LEU I 168 3.65 -8.20 -28.73
N GLN I 169 2.35 -8.38 -28.91
CA GLN I 169 1.67 -8.08 -30.18
C GLN I 169 1.30 -6.60 -30.18
N PHE I 170 2.26 -5.74 -30.46
CA PHE I 170 2.05 -4.31 -30.48
C PHE I 170 1.94 -3.82 -31.91
N THR I 171 1.09 -2.82 -32.11
CA THR I 171 0.93 -2.20 -33.42
C THR I 171 1.03 -0.69 -33.24
N LEU I 172 2.17 -0.12 -33.62
CA LEU I 172 2.39 1.32 -33.53
C LEU I 172 1.86 1.98 -34.78
N PHE I 173 1.00 2.98 -34.62
CA PHE I 173 0.45 3.68 -35.77
C PHE I 173 0.50 5.19 -35.57
N ARG I 174 0.70 5.91 -36.68
CA ARG I 174 0.98 7.35 -36.66
C ARG I 174 0.05 8.05 -37.64
N PRO I 175 -0.84 8.90 -37.16
CA PRO I 175 -1.61 9.75 -38.06
C PRO I 175 -0.70 10.78 -38.70
N PHE I 176 -0.98 11.13 -39.94
CA PHE I 176 -0.37 12.30 -40.59
C PHE I 176 -1.51 13.23 -40.98
N ASN I 177 -1.99 13.99 -40.00
CA ASN I 177 -2.89 15.11 -40.23
C ASN I 177 -4.17 14.66 -40.93
N TRP I 178 -4.98 13.86 -40.24
CA TRP I 178 -6.27 13.52 -40.80
C TRP I 178 -7.21 14.71 -40.74
N MET I 179 -8.31 14.64 -41.48
CA MET I 179 -9.35 15.66 -41.44
C MET I 179 -10.71 15.01 -41.67
N GLY I 180 -11.75 15.67 -41.18
CA GLY I 180 -13.10 15.18 -41.29
C GLY I 180 -14.07 15.98 -40.46
N PRO I 181 -15.36 15.62 -40.53
CA PRO I 181 -16.37 16.37 -39.75
C PRO I 181 -16.19 16.15 -38.26
N ARG I 182 -16.92 16.95 -37.48
CA ARG I 182 -16.86 16.87 -36.01
C ARG I 182 -15.43 17.10 -35.50
N LEU I 183 -14.80 18.14 -36.03
CA LEU I 183 -13.47 18.55 -35.59
C LEU I 183 -13.53 19.10 -34.18
N ASP I 184 -12.36 19.52 -33.68
CA ASP I 184 -12.25 19.93 -32.29
C ASP I 184 -12.07 21.43 -32.17
N ASN I 185 -12.31 21.94 -30.96
CA ASN I 185 -12.20 23.37 -30.70
C ASN I 185 -10.76 23.77 -30.42
N LEU I 186 -10.58 25.05 -30.09
CA LEU I 186 -9.24 25.56 -29.81
C LEU I 186 -8.66 24.96 -28.53
N ASN I 187 -9.49 24.85 -27.49
CA ASN I 187 -9.03 24.37 -26.19
C ASN I 187 -9.30 22.89 -25.97
N ALA I 188 -9.79 22.19 -26.98
CA ALA I 188 -10.01 20.75 -26.87
C ALA I 188 -8.70 20.00 -26.95
N ALA I 189 -8.49 19.08 -26.01
CA ALA I 189 -7.25 18.30 -25.95
C ALA I 189 -7.31 17.09 -26.87
N ARG I 190 -7.60 17.33 -28.14
CA ARG I 190 -7.68 16.28 -29.16
C ARG I 190 -6.76 16.65 -30.31
N ILE I 191 -5.94 15.69 -30.73
CA ILE I 191 -4.98 15.95 -31.80
C ILE I 191 -5.66 15.85 -33.16
N GLY I 192 -4.98 16.36 -34.19
CA GLY I 192 -5.50 16.29 -35.54
C GLY I 192 -5.75 17.64 -36.17
N SER I 193 -5.92 18.67 -35.35
CA SER I 193 -6.19 20.01 -35.86
C SER I 193 -4.91 20.65 -36.39
N SER I 194 -4.66 20.48 -37.67
CA SER I 194 -3.48 21.05 -38.32
C SER I 194 -3.50 22.56 -38.18
N ARG I 195 -2.35 23.15 -37.89
CA ARG I 195 -2.29 24.60 -37.73
C ARG I 195 -2.68 25.32 -39.02
N ALA I 196 -2.45 24.71 -40.17
CA ALA I 196 -2.81 25.36 -41.43
C ALA I 196 -4.32 25.54 -41.55
N ILE I 197 -5.07 24.45 -41.40
CA ILE I 197 -6.52 24.53 -41.56
C ILE I 197 -7.14 25.39 -40.48
N THR I 198 -6.71 25.19 -39.23
CA THR I 198 -7.25 25.96 -38.12
C THR I 198 -6.96 27.45 -38.27
N GLN I 199 -5.73 27.77 -38.70
CA GLN I 199 -5.37 29.16 -38.98
C GLN I 199 -6.25 29.72 -40.08
N LEU I 200 -6.58 28.89 -41.09
CA LEU I 200 -7.45 29.34 -42.16
C LEU I 200 -8.84 29.66 -41.64
N ILE I 201 -9.39 28.78 -40.78
CA ILE I 201 -10.68 29.08 -40.16
C ILE I 201 -10.63 30.39 -39.41
N LEU I 202 -9.59 30.60 -38.60
CA LEU I 202 -9.57 31.80 -37.77
C LEU I 202 -9.38 33.05 -38.62
N ASN I 203 -8.61 32.95 -39.70
CA ASN I 203 -8.40 34.10 -40.57
C ASN I 203 -9.64 34.41 -41.41
N LEU I 204 -10.52 33.43 -41.59
CA LEU I 204 -11.79 33.74 -42.25
C LEU I 204 -12.81 34.31 -41.26
N VAL I 205 -13.02 33.63 -40.13
CA VAL I 205 -14.07 34.07 -39.21
C VAL I 205 -13.73 35.44 -38.64
N GLU I 206 -12.46 35.65 -38.29
CA GLU I 206 -12.03 36.97 -37.86
C GLU I 206 -11.89 37.95 -39.02
N GLY I 207 -11.86 37.45 -40.25
CA GLY I 207 -11.78 38.31 -41.42
C GLY I 207 -10.45 39.00 -41.59
N SER I 208 -9.42 38.52 -40.94
CA SER I 208 -8.10 39.10 -41.07
C SER I 208 -7.50 38.78 -42.44
N PRO I 209 -6.63 39.64 -42.95
CA PRO I 209 -5.97 39.35 -44.23
C PRO I 209 -5.14 38.08 -44.15
N ILE I 210 -5.05 37.37 -45.28
CA ILE I 210 -4.28 36.14 -45.35
C ILE I 210 -2.80 36.49 -45.28
N LYS I 211 -2.12 35.90 -44.29
CA LYS I 211 -0.66 36.00 -44.18
C LYS I 211 -0.02 34.99 -45.12
N LEU I 212 0.57 35.49 -46.21
CA LEU I 212 1.35 34.67 -47.12
C LEU I 212 2.70 34.43 -46.44
N ILE I 213 2.77 33.37 -45.64
CA ILE I 213 3.98 33.07 -44.90
C ILE I 213 5.09 32.72 -45.89
N ASP I 214 6.04 33.64 -46.05
CA ASP I 214 7.09 33.52 -47.07
C ASP I 214 6.47 33.33 -48.46
N GLY I 215 5.38 34.05 -48.71
CA GLY I 215 4.64 33.93 -49.94
C GLY I 215 3.59 32.83 -49.93
N GLY I 216 3.42 32.13 -48.83
CA GLY I 216 2.46 31.04 -48.77
C GLY I 216 2.81 29.87 -49.67
N LYS I 217 4.08 29.53 -49.76
CA LYS I 217 4.52 28.42 -50.60
C LYS I 217 4.97 27.20 -49.80
N GLN I 218 4.87 27.23 -48.47
CA GLN I 218 5.30 26.09 -47.68
C GLN I 218 4.34 24.91 -47.88
N LYS I 219 4.90 23.73 -48.05
CA LYS I 219 4.15 22.54 -48.44
C LYS I 219 3.58 21.84 -47.22
N ARG I 220 2.48 21.12 -47.43
CA ARG I 220 1.84 20.29 -46.43
C ARG I 220 1.17 19.10 -47.11
N CYS I 221 0.89 18.08 -46.31
CA CYS I 221 0.21 16.87 -46.74
C CYS I 221 -1.01 16.63 -45.87
N PHE I 222 -1.97 15.89 -46.42
CA PHE I 222 -3.24 15.62 -45.74
C PHE I 222 -3.61 14.17 -45.96
N THR I 223 -4.45 13.64 -45.06
CA THR I 223 -4.94 12.27 -45.18
C THR I 223 -6.42 12.21 -44.84
N ASP I 224 -7.11 11.22 -45.40
CA ASP I 224 -8.52 11.05 -45.12
C ASP I 224 -8.72 10.24 -43.85
N ILE I 225 -9.77 10.59 -43.10
CA ILE I 225 -10.05 9.88 -41.86
C ILE I 225 -10.52 8.47 -42.17
N ARG I 226 -11.31 8.30 -43.24
CA ARG I 226 -11.83 6.98 -43.57
C ARG I 226 -10.70 5.99 -43.84
N ASP I 227 -9.70 6.41 -44.61
CA ASP I 227 -8.61 5.49 -44.92
C ASP I 227 -7.91 5.02 -43.67
N GLY I 228 -7.64 5.96 -42.75
CA GLY I 228 -7.03 5.57 -41.49
C GLY I 228 -7.86 4.57 -40.73
N ILE I 229 -9.17 4.83 -40.57
CA ILE I 229 -9.97 3.93 -39.76
C ILE I 229 -10.17 2.57 -40.43
N GLU I 230 -10.34 2.52 -41.76
CA GLU I 230 -10.43 1.18 -42.36
C GLU I 230 -9.12 0.44 -42.23
N ALA I 231 -7.99 1.16 -42.33
CA ALA I 231 -6.72 0.52 -42.01
C ALA I 231 -6.76 -0.10 -40.62
N LEU I 232 -7.15 0.70 -39.60
CA LEU I 232 -7.20 0.17 -38.25
C LEU I 232 -8.15 -1.01 -38.14
N TYR I 233 -9.22 -1.00 -38.94
CA TYR I 233 -10.16 -2.11 -38.94
C TYR I 233 -9.46 -3.39 -39.40
N ARG I 234 -8.69 -3.30 -40.49
CA ARG I 234 -7.94 -4.46 -40.96
C ARG I 234 -6.85 -4.90 -39.99
N ILE I 235 -6.25 -3.98 -39.22
CA ILE I 235 -5.30 -4.48 -38.22
C ILE I 235 -6.04 -5.10 -37.04
N ILE I 236 -7.21 -4.56 -36.69
CA ILE I 236 -7.98 -5.13 -35.59
C ILE I 236 -8.40 -6.56 -35.92
N GLU I 237 -8.89 -6.80 -37.14
CA GLU I 237 -9.07 -8.18 -37.57
C GLU I 237 -7.76 -8.86 -37.90
N ASN I 238 -6.69 -8.09 -38.08
CA ASN I 238 -5.34 -8.58 -38.33
C ASN I 238 -5.38 -9.59 -39.49
N ALA I 239 -5.65 -9.06 -40.68
CA ALA I 239 -5.73 -9.89 -41.86
C ALA I 239 -4.40 -10.59 -42.13
N GLY I 240 -4.42 -11.93 -42.10
CA GLY I 240 -3.26 -12.72 -42.45
C GLY I 240 -2.28 -13.00 -41.33
N ASN I 241 -2.52 -12.48 -40.12
CA ASN I 241 -1.62 -12.68 -38.98
C ASN I 241 -0.22 -12.16 -39.26
N ARG I 242 -0.08 -11.28 -40.26
CA ARG I 242 1.21 -10.71 -40.63
C ARG I 242 1.43 -9.31 -40.06
N CYS I 243 0.44 -8.75 -39.38
CA CYS I 243 0.53 -7.39 -38.85
C CYS I 243 1.07 -7.33 -37.43
N ASP I 244 1.29 -8.47 -36.79
CA ASP I 244 1.77 -8.47 -35.41
C ASP I 244 3.21 -7.97 -35.35
N GLY I 245 3.47 -7.07 -34.41
CA GLY I 245 4.80 -6.50 -34.27
C GLY I 245 5.26 -5.71 -35.47
N GLU I 246 4.34 -5.02 -36.14
CA GLU I 246 4.64 -4.28 -37.36
C GLU I 246 4.35 -2.79 -37.15
N ILE I 247 5.13 -1.96 -37.84
CA ILE I 247 5.02 -0.50 -37.75
C ILE I 247 4.40 -0.01 -39.03
N ILE I 248 3.20 0.56 -38.94
CA ILE I 248 2.40 0.93 -40.11
C ILE I 248 2.09 2.43 -40.05
N ASN I 249 2.27 3.10 -41.17
CA ASN I 249 1.99 4.53 -41.27
C ASN I 249 0.88 4.75 -42.31
N ILE I 250 0.18 5.87 -42.18
CA ILE I 250 -0.97 6.18 -43.02
C ILE I 250 -0.82 7.62 -43.48
N GLY I 251 -0.59 7.81 -44.78
CA GLY I 251 -0.38 9.15 -45.30
C GLY I 251 -0.61 9.22 -46.79
N ASN I 252 -0.65 10.45 -47.29
CA ASN I 252 -0.94 10.76 -48.69
C ASN I 252 0.13 11.72 -49.22
N PRO I 253 1.35 11.24 -49.50
CA PRO I 253 2.42 12.16 -49.92
C PRO I 253 2.16 12.85 -51.25
N GLU I 254 1.34 12.26 -52.11
CA GLU I 254 1.04 12.90 -53.39
C GLU I 254 0.25 14.19 -53.21
N ASN I 255 -0.27 14.42 -52.00
CA ASN I 255 -0.93 15.69 -51.67
C ASN I 255 0.10 16.66 -51.08
N GLU I 256 0.98 17.15 -51.95
CA GLU I 256 1.93 18.21 -51.60
C GLU I 256 1.31 19.54 -52.00
N ALA I 257 0.93 20.35 -51.02
CA ALA I 257 0.19 21.56 -51.35
C ALA I 257 0.65 22.73 -50.49
N SER I 258 0.82 23.88 -51.12
CA SER I 258 1.24 25.09 -50.42
C SER I 258 0.03 25.87 -49.92
N ILE I 259 0.28 26.73 -48.93
CA ILE I 259 -0.80 27.45 -48.27
C ILE I 259 -1.59 28.28 -49.27
N GLU I 260 -0.91 28.87 -50.26
CA GLU I 260 -1.58 29.70 -51.24
C GLU I 260 -2.63 28.91 -52.00
N GLU I 261 -2.25 27.75 -52.55
CA GLU I 261 -3.19 27.01 -53.37
C GLU I 261 -4.33 26.42 -52.53
N LEU I 262 -4.05 26.04 -51.28
CA LEU I 262 -5.16 25.75 -50.38
C LEU I 262 -6.10 26.93 -50.28
N GLY I 263 -5.56 28.14 -50.12
CA GLY I 263 -6.42 29.30 -50.03
C GLY I 263 -7.32 29.45 -51.24
N GLU I 264 -6.73 29.37 -52.45
CA GLU I 264 -7.53 29.54 -53.66
C GLU I 264 -8.57 28.46 -53.86
N MET I 265 -8.21 27.17 -53.72
CA MET I 265 -9.25 26.15 -53.91
C MET I 265 -10.30 26.16 -52.82
N LEU I 266 -9.92 26.39 -51.55
CA LEU I 266 -10.94 26.43 -50.52
C LEU I 266 -11.87 27.63 -50.69
N LEU I 267 -11.35 28.79 -51.11
CA LEU I 267 -12.25 29.89 -51.45
C LEU I 267 -13.13 29.56 -52.65
N ALA I 268 -12.54 28.95 -53.69
CA ALA I 268 -13.31 28.61 -54.88
C ALA I 268 -14.43 27.64 -54.54
N SER I 269 -14.27 26.90 -53.45
CA SER I 269 -15.35 26.02 -52.99
C SER I 269 -16.27 26.72 -51.99
N PHE I 270 -15.81 27.79 -51.33
CA PHE I 270 -16.60 28.35 -50.24
C PHE I 270 -17.50 29.48 -50.72
N GLU I 271 -17.08 30.25 -51.73
CA GLU I 271 -17.96 31.32 -52.21
C GLU I 271 -19.23 30.78 -52.85
N LYS I 272 -19.37 29.46 -53.01
CA LYS I 272 -20.62 28.90 -53.49
C LYS I 272 -21.58 28.55 -52.35
N HIS I 273 -21.18 28.79 -51.11
CA HIS I 273 -22.04 28.45 -49.97
C HIS I 273 -23.16 29.49 -49.85
N PRO I 274 -24.43 29.07 -49.90
CA PRO I 274 -25.53 30.04 -49.95
C PRO I 274 -25.65 30.91 -48.72
N LEU I 275 -25.39 30.40 -47.52
CA LEU I 275 -25.69 31.09 -46.28
C LEU I 275 -24.55 31.98 -45.79
N ARG I 276 -23.71 32.47 -46.71
CA ARG I 276 -22.53 33.23 -46.31
C ARG I 276 -22.90 34.58 -45.69
N HIS I 277 -24.17 34.99 -45.80
CA HIS I 277 -24.54 36.37 -45.52
C HIS I 277 -24.27 36.78 -44.08
N HIS I 278 -24.18 35.82 -43.15
CA HIS I 278 -23.81 36.21 -41.79
C HIS I 278 -22.33 36.01 -41.50
N PHE I 279 -21.46 36.25 -42.48
CA PHE I 279 -20.05 35.97 -42.37
C PHE I 279 -19.27 37.07 -43.07
N PRO I 280 -18.26 37.63 -42.40
CA PRO I 280 -17.57 38.81 -42.95
C PRO I 280 -16.73 38.47 -44.16
N PRO I 281 -16.55 39.42 -45.09
CA PRO I 281 -15.76 39.15 -46.30
C PRO I 281 -14.28 39.05 -46.01
N PHE I 282 -13.52 38.93 -47.10
CA PHE I 282 -12.07 38.79 -47.01
C PHE I 282 -11.40 40.15 -47.15
N ALA I 283 -10.22 40.31 -46.54
CA ALA I 283 -9.61 41.63 -46.42
C ALA I 283 -8.28 41.77 -47.16
N GLY I 284 -7.94 40.86 -48.06
CA GLY I 284 -6.74 41.01 -48.86
C GLY I 284 -5.55 40.21 -48.34
N PHE I 285 -4.44 40.29 -49.06
CA PHE I 285 -3.28 39.49 -48.73
C PHE I 285 -2.16 40.37 -48.17
N ARG I 286 -1.51 39.89 -47.11
CA ARG I 286 -0.30 40.51 -46.58
C ARG I 286 0.80 39.45 -46.56
N VAL I 287 1.95 39.79 -47.15
CA VAL I 287 3.06 38.85 -47.21
C VAL I 287 3.77 38.81 -45.87
N VAL I 288 4.39 37.68 -45.56
CA VAL I 288 5.10 37.50 -44.30
C VAL I 288 6.47 36.90 -44.56
N VAL I 301 9.60 18.81 -41.50
CA VAL I 301 8.65 19.91 -41.31
C VAL I 301 8.35 20.58 -42.64
N GLU I 302 9.35 21.24 -43.22
CA GLU I 302 9.18 21.92 -44.50
C GLU I 302 9.02 20.95 -45.66
N HIS I 303 9.47 19.70 -45.51
CA HIS I 303 9.29 18.69 -46.53
C HIS I 303 9.36 17.32 -45.86
N ARG I 304 8.23 16.62 -45.85
CA ARG I 304 8.11 15.34 -45.13
C ARG I 304 7.51 14.31 -46.08
N LYS I 305 8.15 13.14 -46.13
CA LYS I 305 7.76 12.02 -46.99
C LYS I 305 7.55 10.76 -46.17
N PRO I 306 6.40 10.11 -46.27
CA PRO I 306 6.16 8.86 -45.56
C PRO I 306 6.60 7.64 -46.35
N SER I 307 6.71 6.52 -45.65
CA SER I 307 7.03 5.23 -46.26
C SER I 307 5.76 4.38 -46.27
N ILE I 308 5.45 3.79 -47.43
CA ILE I 308 4.23 3.02 -47.59
C ILE I 308 4.56 1.61 -48.04
N ARG I 309 5.80 1.18 -47.83
CA ARG I 309 6.20 -0.18 -48.19
C ARG I 309 5.53 -1.20 -47.28
N ASN I 310 5.55 -0.95 -45.97
CA ASN I 310 4.94 -1.88 -45.02
C ASN I 310 3.43 -1.96 -45.22
N ALA I 311 2.82 -0.85 -45.64
CA ALA I 311 1.38 -0.85 -45.88
C ALA I 311 1.00 -1.83 -46.98
N HIS I 312 1.78 -1.84 -48.06
CA HIS I 312 1.51 -2.79 -49.14
C HIS I 312 2.05 -4.18 -48.81
N ARG I 313 2.95 -4.27 -47.84
CA ARG I 313 3.44 -5.58 -47.43
C ARG I 313 2.44 -6.29 -46.52
N CYS I 314 1.60 -5.53 -45.82
CA CYS I 314 0.59 -6.13 -44.95
C CYS I 314 -0.83 -6.04 -45.48
N LEU I 315 -1.33 -4.83 -45.75
CA LEU I 315 -2.76 -4.62 -46.01
C LEU I 315 -3.12 -4.39 -47.47
N ASP I 316 -2.19 -3.91 -48.30
CA ASP I 316 -2.49 -3.53 -49.68
C ASP I 316 -3.61 -2.50 -49.73
N TRP I 317 -3.38 -1.33 -49.12
CA TRP I 317 -4.41 -0.31 -49.01
C TRP I 317 -3.98 0.95 -49.75
N GLU I 318 -4.97 1.75 -50.15
CA GLU I 318 -4.75 2.88 -51.04
C GLU I 318 -5.93 3.83 -50.97
N PRO I 319 -5.69 5.14 -50.88
CA PRO I 319 -6.76 6.09 -50.58
C PRO I 319 -7.53 6.53 -51.81
N LYS I 320 -8.83 6.79 -51.62
CA LYS I 320 -9.77 6.98 -52.71
C LYS I 320 -10.26 8.41 -52.90
N ILE I 321 -10.84 9.03 -51.86
CA ILE I 321 -11.64 10.24 -52.02
C ILE I 321 -10.72 11.44 -52.23
N ASP I 322 -11.15 12.35 -53.11
CA ASP I 322 -10.35 13.48 -53.53
C ASP I 322 -10.56 14.63 -52.54
N MET I 323 -9.46 15.27 -52.14
CA MET I 323 -9.40 15.91 -50.81
C MET I 323 -10.28 17.16 -50.72
N GLN I 324 -10.20 18.07 -51.71
CA GLN I 324 -10.80 19.39 -51.53
C GLN I 324 -12.29 19.26 -51.26
N GLU I 325 -12.92 18.22 -51.82
CA GLU I 325 -14.31 17.93 -51.51
C GLU I 325 -14.50 17.66 -50.02
N THR I 326 -13.62 16.86 -49.42
CA THR I 326 -13.69 16.66 -47.99
C THR I 326 -13.57 17.99 -47.26
N ILE I 327 -12.56 18.81 -47.58
CA ILE I 327 -12.36 19.99 -46.76
C ILE I 327 -13.54 20.96 -46.92
N ASP I 328 -14.11 21.09 -48.12
CA ASP I 328 -15.14 22.12 -48.24
C ASP I 328 -16.45 21.65 -47.62
N GLU I 329 -16.75 20.34 -47.63
CA GLU I 329 -18.03 19.99 -47.00
C GLU I 329 -17.88 20.09 -45.48
N THR I 330 -16.69 19.77 -44.96
CA THR I 330 -16.48 19.93 -43.53
C THR I 330 -16.53 21.40 -43.12
N LEU I 331 -15.92 22.27 -43.92
CA LEU I 331 -15.97 23.70 -43.64
C LEU I 331 -17.40 24.22 -43.72
N ASP I 332 -18.15 23.79 -44.73
CA ASP I 332 -19.55 24.17 -44.83
C ASP I 332 -20.34 23.70 -43.63
N PHE I 333 -20.03 22.50 -43.12
CA PHE I 333 -20.84 21.96 -42.03
C PHE I 333 -20.52 22.69 -40.72
N PHE I 334 -19.23 22.97 -40.46
CA PHE I 334 -18.89 23.79 -39.30
C PHE I 334 -19.30 25.24 -39.48
N LEU I 335 -19.60 25.65 -40.71
CA LEU I 335 -20.10 27.01 -40.91
C LEU I 335 -21.59 27.08 -40.64
N ARG I 336 -22.33 26.02 -40.99
CA ARG I 336 -23.76 26.02 -40.73
C ARG I 336 -24.10 25.57 -39.31
N THR I 337 -23.18 24.94 -38.59
CA THR I 337 -23.45 24.57 -37.20
C THR I 337 -22.84 25.54 -36.19
N VAL I 338 -22.80 26.84 -36.50
CA VAL I 338 -22.26 27.81 -35.56
C VAL I 338 -23.11 27.81 -34.29
N ASP I 339 -22.46 27.68 -33.14
CA ASP I 339 -23.16 27.61 -31.87
C ASP I 339 -23.91 28.91 -31.61
N LEU I 340 -25.22 28.79 -31.35
CA LEU I 340 -26.04 29.98 -31.11
C LEU I 340 -25.81 30.55 -29.72
N THR I 341 -25.20 29.77 -28.82
CA THR I 341 -25.02 30.22 -27.45
C THR I 341 -23.87 31.20 -27.28
N ASP I 342 -23.21 31.59 -28.37
CA ASP I 342 -22.12 32.56 -28.28
C ASP I 342 -22.67 33.97 -28.44
N MET J 1 28.54 -20.98 -5.58
CA MET J 1 27.13 -20.64 -5.50
C MET J 1 26.77 -20.12 -4.11
N ARG J 2 25.57 -19.57 -3.98
CA ARG J 2 25.08 -19.01 -2.73
C ARG J 2 23.83 -19.75 -2.30
N VAL J 3 23.77 -20.09 -1.02
CA VAL J 3 22.69 -20.89 -0.45
C VAL J 3 22.03 -20.10 0.66
N LEU J 4 20.70 -20.07 0.65
CA LEU J 4 19.91 -19.41 1.69
C LEU J 4 19.12 -20.48 2.42
N ILE J 5 19.22 -20.49 3.74
CA ILE J 5 18.57 -21.49 4.59
C ILE J 5 17.58 -20.75 5.48
N LEU J 6 16.29 -20.91 5.20
CA LEU J 6 15.26 -20.29 6.02
C LEU J 6 15.16 -21.07 7.33
N GLY J 7 15.64 -20.46 8.42
CA GLY J 7 15.63 -21.13 9.71
C GLY J 7 16.81 -22.05 9.88
N VAL J 8 18.03 -21.51 9.68
CA VAL J 8 19.23 -22.34 9.73
C VAL J 8 19.53 -22.85 11.14
N ASN J 9 18.95 -22.23 12.18
CA ASN J 9 19.24 -22.61 13.56
C ASN J 9 18.33 -23.78 13.94
N GLY J 10 18.87 -24.98 13.83
CA GLY J 10 18.13 -26.16 14.18
C GLY J 10 18.98 -27.40 13.97
N PHE J 11 18.37 -28.56 14.23
CA PHE J 11 19.04 -29.84 14.04
C PHE J 11 19.48 -30.00 12.59
N ILE J 12 18.49 -30.04 11.70
CA ILE J 12 18.76 -30.21 10.28
C ILE J 12 19.59 -29.06 9.75
N GLY J 13 19.25 -27.83 10.15
CA GLY J 13 19.99 -26.68 9.65
C GLY J 13 21.45 -26.72 10.05
N ASN J 14 21.71 -27.04 11.31
CA ASN J 14 23.10 -27.09 11.80
C ASN J 14 23.87 -28.19 11.08
N HIS J 15 23.27 -29.38 10.95
CA HIS J 15 23.99 -30.46 10.29
C HIS J 15 24.26 -30.14 8.82
N LEU J 16 23.26 -29.58 8.14
CA LEU J 16 23.43 -29.18 6.75
C LEU J 16 24.53 -28.14 6.60
N THR J 17 24.54 -27.13 7.47
CA THR J 17 25.60 -26.12 7.42
C THR J 17 26.95 -26.74 7.69
N GLU J 18 27.05 -27.58 8.70
CA GLU J 18 28.33 -28.17 9.09
C GLU J 18 28.91 -28.98 7.95
N ARG J 19 28.05 -29.74 7.26
CA ARG J 19 28.58 -30.53 6.15
C ARG J 19 28.82 -29.66 4.92
N LEU J 20 28.09 -28.55 4.80
CA LEU J 20 28.30 -27.67 3.65
C LEU J 20 29.59 -26.86 3.78
N LEU J 21 30.09 -26.69 5.01
CA LEU J 21 31.41 -26.09 5.16
C LEU J 21 32.53 -27.03 4.74
N ARG J 22 32.22 -28.30 4.44
CA ARG J 22 33.23 -29.20 3.93
C ARG J 22 33.59 -28.87 2.48
N GLU J 23 32.69 -28.20 1.77
CA GLU J 23 32.93 -27.83 0.38
C GLU J 23 33.37 -26.37 0.29
N ASP J 24 34.02 -26.03 -0.81
CA ASP J 24 34.74 -24.77 -0.94
C ASP J 24 34.05 -23.70 -1.78
N HIS J 25 32.89 -23.99 -2.36
CA HIS J 25 32.22 -23.03 -3.24
C HIS J 25 30.91 -22.51 -2.65
N TYR J 26 30.73 -22.61 -1.35
CA TYR J 26 29.47 -22.26 -0.70
C TYR J 26 29.62 -21.01 0.15
N GLU J 27 28.68 -20.08 -0.02
CA GLU J 27 28.55 -18.91 0.85
C GLU J 27 27.18 -19.00 1.50
N VAL J 28 27.14 -18.96 2.83
CA VAL J 28 25.91 -19.17 3.59
C VAL J 28 25.59 -17.91 4.37
N TYR J 29 24.47 -17.28 4.04
CA TYR J 29 23.95 -16.12 4.76
C TYR J 29 22.60 -16.55 5.32
N GLY J 30 22.62 -17.09 6.54
CA GLY J 30 21.43 -17.73 7.08
C GLY J 30 20.57 -16.85 7.95
N LEU J 31 19.27 -16.79 7.66
CA LEU J 31 18.34 -15.90 8.34
C LEU J 31 17.43 -16.69 9.27
N ASP J 32 17.32 -16.23 10.50
CA ASP J 32 16.35 -16.77 11.46
C ASP J 32 16.39 -15.81 12.65
N ILE J 33 15.41 -15.93 13.53
CA ILE J 33 15.34 -15.10 14.73
C ILE J 33 16.36 -15.50 15.79
N GLY J 34 16.91 -16.71 15.74
CA GLY J 34 17.80 -17.18 16.78
C GLY J 34 19.05 -17.82 16.21
N SER J 35 20.13 -17.77 17.00
CA SER J 35 21.41 -18.30 16.55
C SER J 35 22.20 -19.00 17.65
N ASP J 36 21.55 -19.39 18.75
CA ASP J 36 22.28 -19.99 19.87
C ASP J 36 22.90 -21.32 19.47
N ALA J 37 22.16 -22.15 18.74
CA ALA J 37 22.66 -23.49 18.40
C ALA J 37 23.76 -23.46 17.36
N ILE J 38 23.97 -22.33 16.68
CA ILE J 38 25.01 -22.25 15.66
C ILE J 38 26.12 -21.33 16.15
N SER J 39 26.30 -21.26 17.46
CA SER J 39 27.34 -20.41 18.03
C SER J 39 28.74 -20.85 17.63
N ARG J 40 28.93 -22.15 17.39
CA ARG J 40 30.25 -22.64 17.01
C ARG J 40 30.61 -22.28 15.57
N PHE J 41 29.64 -22.31 14.66
CA PHE J 41 29.92 -22.10 13.25
C PHE J 41 29.67 -20.65 12.80
N LEU J 42 29.27 -19.76 13.70
CA LEU J 42 29.03 -18.38 13.30
C LEU J 42 30.32 -17.68 12.91
N ASN J 43 31.44 -18.07 13.52
CA ASN J 43 32.72 -17.45 13.25
C ASN J 43 33.36 -17.92 11.95
N HIS J 44 32.79 -18.93 11.30
CA HIS J 44 33.38 -19.45 10.08
C HIS J 44 33.30 -18.38 9.00
N PRO J 45 34.35 -18.19 8.19
CA PRO J 45 34.47 -16.96 7.39
C PRO J 45 33.30 -16.69 6.46
N HIS J 46 32.74 -17.72 5.83
CA HIS J 46 31.69 -17.53 4.84
C HIS J 46 30.29 -17.71 5.41
N PHE J 47 30.16 -17.98 6.70
CA PHE J 47 28.87 -18.15 7.36
C PHE J 47 28.53 -16.86 8.09
N HIS J 48 27.39 -16.26 7.73
CA HIS J 48 26.95 -15.02 8.35
C HIS J 48 25.46 -15.11 8.70
N PHE J 49 25.15 -14.78 9.94
CA PHE J 49 23.79 -14.86 10.46
C PHE J 49 23.01 -13.57 10.19
N VAL J 50 21.70 -13.72 10.08
CA VAL J 50 20.78 -12.60 9.87
C VAL J 50 19.58 -12.77 10.78
N GLU J 51 19.46 -11.88 11.77
CA GLU J 51 18.27 -11.87 12.62
C GLU J 51 17.05 -11.47 11.79
N GLY J 52 16.08 -12.37 11.71
CA GLY J 52 14.92 -12.10 10.88
C GLY J 52 13.73 -12.95 11.26
N ASP J 53 12.58 -12.59 10.71
CA ASP J 53 11.34 -13.32 10.92
C ASP J 53 10.44 -12.98 9.74
N ILE J 54 10.07 -14.01 8.96
CA ILE J 54 9.36 -13.77 7.70
C ILE J 54 8.00 -13.14 7.94
N SER J 55 7.46 -13.25 9.16
CA SER J 55 6.14 -12.70 9.43
C SER J 55 6.12 -11.19 9.35
N ILE J 56 7.28 -10.54 9.47
CA ILE J 56 7.37 -9.08 9.47
C ILE J 56 8.11 -8.58 8.23
N HIS J 57 9.33 -9.09 8.00
CA HIS J 57 10.12 -8.63 6.86
C HIS J 57 9.53 -9.16 5.56
N SER J 58 9.39 -8.28 4.58
CA SER J 58 8.92 -8.66 3.25
C SER J 58 9.99 -8.45 2.19
N GLU J 59 10.54 -7.23 2.08
CA GLU J 59 11.57 -6.98 1.09
C GLU J 59 12.87 -7.67 1.45
N TRP J 60 13.07 -7.97 2.74
CA TRP J 60 14.30 -8.61 3.19
C TRP J 60 14.42 -10.02 2.61
N ILE J 61 13.35 -10.80 2.71
CA ILE J 61 13.37 -12.17 2.21
C ILE J 61 13.55 -12.19 0.69
N GLU J 62 12.84 -11.30 -0.01
CA GLU J 62 12.95 -11.25 -1.47
C GLU J 62 14.34 -10.81 -1.90
N TYR J 63 14.92 -9.86 -1.16
CA TYR J 63 16.32 -9.50 -1.36
C TYR J 63 17.22 -10.72 -1.28
N HIS J 64 17.11 -11.47 -0.19
CA HIS J 64 18.00 -12.62 -0.01
C HIS J 64 17.76 -13.66 -1.09
N VAL J 65 16.51 -13.83 -1.52
CA VAL J 65 16.20 -14.78 -2.59
C VAL J 65 16.90 -14.36 -3.88
N LYS J 66 16.82 -13.06 -4.23
CA LYS J 66 17.48 -12.60 -5.45
C LYS J 66 19.00 -12.76 -5.36
N LYS J 67 19.60 -12.27 -4.28
CA LYS J 67 21.06 -12.26 -4.20
C LYS J 67 21.64 -13.67 -4.15
N CYS J 68 20.89 -14.64 -3.63
CA CYS J 68 21.39 -15.99 -3.49
C CYS J 68 21.20 -16.73 -4.82
N ASP J 69 21.55 -18.01 -4.84
CA ASP J 69 21.34 -18.86 -6.01
C ASP J 69 20.46 -20.07 -5.73
N VAL J 70 20.39 -20.56 -4.50
CA VAL J 70 19.45 -21.59 -4.12
C VAL J 70 18.81 -21.22 -2.79
N VAL J 71 17.49 -21.42 -2.68
CA VAL J 71 16.71 -21.07 -1.50
C VAL J 71 16.10 -22.35 -0.94
N LEU J 72 16.27 -22.57 0.35
CA LEU J 72 15.79 -23.79 1.02
C LEU J 72 15.02 -23.42 2.28
N PRO J 73 13.70 -23.52 2.27
CA PRO J 73 12.93 -23.40 3.52
C PRO J 73 13.20 -24.61 4.40
N LEU J 74 13.23 -24.39 5.71
CA LEU J 74 13.46 -25.47 6.67
C LEU J 74 12.60 -25.35 7.91
N VAL J 75 11.67 -24.40 7.95
CA VAL J 75 10.86 -24.13 9.14
C VAL J 75 9.57 -24.93 9.03
N ALA J 76 9.07 -25.41 10.17
CA ALA J 76 7.83 -26.15 10.28
C ALA J 76 7.52 -26.32 11.76
N ILE J 77 6.22 -26.35 12.08
CA ILE J 77 5.77 -26.48 13.46
C ILE J 77 5.67 -27.97 13.79
N ALA J 78 6.48 -28.42 14.74
CA ALA J 78 6.49 -29.80 15.20
C ALA J 78 5.85 -29.91 16.58
N THR J 79 5.10 -28.88 16.97
CA THR J 79 4.47 -28.83 18.29
C THR J 79 3.00 -29.18 18.16
N PRO J 80 2.55 -30.34 18.68
CA PRO J 80 1.14 -30.70 18.54
C PRO J 80 0.19 -29.80 19.32
N ILE J 81 0.57 -29.40 20.54
CA ILE J 81 -0.33 -28.60 21.36
C ILE J 81 -0.56 -27.23 20.75
N GLU J 82 0.43 -26.68 20.04
CA GLU J 82 0.25 -25.42 19.34
C GLU J 82 -0.83 -25.51 18.27
N TYR J 83 -1.17 -26.73 17.83
CA TYR J 83 -2.27 -26.88 16.88
C TYR J 83 -3.61 -26.49 17.51
N THR J 84 -3.68 -26.43 18.83
CA THR J 84 -4.92 -26.17 19.53
C THR J 84 -4.91 -24.87 20.33
N ARG J 85 -3.76 -24.45 20.84
CA ARG J 85 -3.74 -23.30 21.74
C ARG J 85 -4.18 -22.02 21.03
N ASN J 86 -3.65 -21.77 19.84
CA ASN J 86 -4.07 -20.61 19.04
C ASN J 86 -3.93 -21.11 17.60
N PRO J 87 -4.91 -21.86 17.10
CA PRO J 87 -4.82 -22.36 15.72
C PRO J 87 -4.77 -21.29 14.65
N LEU J 88 -5.38 -20.13 14.91
CA LEU J 88 -5.39 -19.07 13.90
C LEU J 88 -3.98 -18.61 13.58
N ARG J 89 -3.12 -18.51 14.60
CA ARG J 89 -1.75 -18.06 14.38
C ARG J 89 -0.98 -19.05 13.50
N VAL J 90 -1.15 -20.35 13.75
CA VAL J 90 -0.45 -21.33 12.95
C VAL J 90 -1.00 -21.37 11.54
N PHE J 91 -2.30 -21.11 11.37
CA PHE J 91 -2.87 -21.03 10.03
C PHE J 91 -2.30 -19.82 9.28
N GLU J 92 -2.17 -18.69 9.98
CA GLU J 92 -1.70 -17.46 9.34
C GLU J 92 -0.20 -17.51 9.09
N LEU J 93 0.53 -18.33 9.84
CA LEU J 93 1.97 -18.42 9.65
C LEU J 93 2.33 -19.50 8.64
N ASP J 94 1.76 -20.69 8.78
CA ASP J 94 2.25 -21.85 8.04
C ASP J 94 1.77 -21.88 6.61
N PHE J 95 0.70 -21.15 6.28
CA PHE J 95 0.06 -21.35 4.99
C PHE J 95 0.42 -20.26 3.97
N GLU J 96 0.06 -19.00 4.25
CA GLU J 96 0.12 -18.02 3.18
C GLU J 96 1.46 -17.31 3.12
N GLU J 97 2.19 -17.24 4.24
CA GLU J 97 3.55 -16.72 4.16
C GLU J 97 4.43 -17.61 3.29
N ASN J 98 4.30 -18.93 3.46
CA ASN J 98 5.04 -19.85 2.60
C ASN J 98 4.52 -19.82 1.18
N LEU J 99 3.22 -19.63 0.98
CA LEU J 99 2.71 -19.44 -0.37
C LEU J 99 3.33 -18.20 -0.99
N ARG J 100 3.52 -17.14 -0.19
CA ARG J 100 4.17 -15.93 -0.67
C ARG J 100 5.61 -16.21 -1.08
N ILE J 101 6.35 -16.99 -0.28
CA ILE J 101 7.74 -17.21 -0.67
C ILE J 101 7.82 -18.07 -1.92
N ILE J 102 6.90 -19.04 -2.08
CA ILE J 102 6.88 -19.80 -3.33
C ILE J 102 6.59 -18.88 -4.51
N ARG J 103 5.62 -17.98 -4.36
CA ARG J 103 5.34 -17.06 -5.47
C ARG J 103 6.54 -16.15 -5.77
N TYR J 104 7.23 -15.71 -4.72
CA TYR J 104 8.39 -14.86 -4.90
C TYR J 104 9.50 -15.60 -5.63
N CYS J 105 9.73 -16.86 -5.25
CA CYS J 105 10.71 -17.67 -5.97
C CYS J 105 10.28 -17.93 -7.41
N VAL J 106 8.97 -18.01 -7.64
CA VAL J 106 8.45 -18.16 -8.99
C VAL J 106 8.83 -16.96 -9.83
N LYS J 107 8.65 -15.75 -9.26
CA LYS J 107 8.90 -14.54 -10.03
C LYS J 107 10.38 -14.48 -10.42
N TYR J 108 11.25 -15.12 -9.62
CA TYR J 108 12.69 -15.02 -9.74
C TYR J 108 13.32 -16.26 -10.38
N ARG J 109 12.53 -17.31 -10.64
CA ARG J 109 13.01 -18.59 -11.17
C ARG J 109 14.21 -19.12 -10.39
N LYS J 110 13.98 -19.40 -9.11
CA LYS J 110 15.01 -19.93 -8.24
C LYS J 110 14.75 -21.41 -7.98
N ARG J 111 15.82 -22.19 -7.91
CA ARG J 111 15.69 -23.61 -7.62
C ARG J 111 15.20 -23.79 -6.18
N ILE J 112 14.04 -24.42 -6.02
CA ILE J 112 13.41 -24.56 -4.72
C ILE J 112 13.36 -26.03 -4.34
N ILE J 113 13.88 -26.34 -3.16
CA ILE J 113 13.80 -27.67 -2.56
C ILE J 113 12.90 -27.54 -1.35
N PHE J 114 11.69 -28.07 -1.44
CA PHE J 114 10.70 -27.84 -0.40
C PHE J 114 10.58 -29.05 0.49
N PRO J 115 10.66 -28.84 1.81
CA PRO J 115 10.61 -29.94 2.78
C PRO J 115 9.18 -30.31 3.14
N SER J 116 8.57 -31.14 2.30
CA SER J 116 7.24 -31.65 2.59
C SER J 116 7.29 -32.56 3.82
N THR J 117 6.14 -32.69 4.48
CA THR J 117 6.03 -33.46 5.71
C THR J 117 5.64 -34.91 5.38
N SER J 118 5.96 -35.81 6.30
CA SER J 118 5.65 -37.23 6.13
C SER J 118 4.16 -37.53 6.27
N GLU J 119 3.35 -36.57 6.70
CA GLU J 119 1.94 -36.81 6.93
C GLU J 119 1.10 -36.87 5.66
N VAL J 120 1.74 -36.90 4.48
CA VAL J 120 0.98 -36.92 3.23
C VAL J 120 0.19 -38.22 3.09
N TYR J 121 0.76 -39.36 3.50
CA TYR J 121 0.02 -40.61 3.48
C TYR J 121 -0.99 -40.67 4.61
N GLY J 122 -0.61 -40.23 5.81
CA GLY J 122 -1.52 -40.27 6.93
C GLY J 122 -1.83 -41.70 7.35
N MET J 123 -3.09 -42.10 7.20
CA MET J 123 -3.55 -43.43 7.58
C MET J 123 -4.18 -44.17 6.41
N CYS J 124 -3.53 -44.17 5.25
CA CYS J 124 -4.07 -44.83 4.06
C CYS J 124 -4.26 -46.32 4.33
N SER J 125 -5.43 -46.83 3.96
CA SER J 125 -5.78 -48.22 4.21
C SER J 125 -5.08 -49.20 3.27
N ASP J 126 -4.63 -48.76 2.11
CA ASP J 126 -4.00 -49.65 1.16
C ASP J 126 -2.67 -50.17 1.70
N LYS J 127 -2.45 -51.48 1.55
CA LYS J 127 -1.22 -52.09 2.03
C LYS J 127 -0.01 -51.60 1.25
N TYR J 128 -0.12 -51.59 -0.08
CA TYR J 128 0.97 -51.16 -0.96
C TYR J 128 0.98 -49.64 -1.02
N PHE J 129 1.71 -49.02 -0.09
CA PHE J 129 1.76 -47.56 -0.01
C PHE J 129 2.33 -46.99 -1.31
N ASP J 130 1.64 -46.00 -1.86
CA ASP J 130 2.11 -45.27 -3.03
C ASP J 130 2.28 -43.81 -2.64
N GLU J 131 2.73 -42.99 -3.59
CA GLU J 131 2.89 -41.57 -3.32
C GLU J 131 1.98 -40.73 -4.20
N ASP J 132 1.68 -41.20 -5.42
CA ASP J 132 0.90 -40.42 -6.36
C ASP J 132 -0.31 -41.15 -6.91
N HIS J 133 -0.65 -42.32 -6.37
CA HIS J 133 -1.74 -43.09 -6.94
C HIS J 133 -2.69 -43.62 -5.87
N SER J 134 -2.21 -43.69 -4.63
CA SER J 134 -3.05 -44.20 -3.54
C SER J 134 -3.98 -43.10 -3.03
N ASN J 135 -4.84 -43.48 -2.08
CA ASN J 135 -5.82 -42.55 -1.55
C ASN J 135 -5.25 -41.77 -0.37
N LEU J 136 -5.92 -40.68 -0.04
CA LEU J 136 -5.55 -39.84 1.11
C LEU J 136 -6.73 -39.79 2.06
N ILE J 137 -6.44 -39.58 3.35
CA ILE J 137 -7.45 -39.61 4.40
C ILE J 137 -7.32 -38.35 5.24
N VAL J 138 -8.45 -37.73 5.55
CA VAL J 138 -8.51 -36.60 6.47
C VAL J 138 -9.33 -37.01 7.68
N GLY J 139 -9.09 -36.30 8.79
CA GLY J 139 -9.73 -36.64 10.04
C GLY J 139 -11.04 -35.92 10.26
N PRO J 140 -11.67 -36.18 11.41
CA PRO J 140 -12.94 -35.52 11.72
C PRO J 140 -12.72 -34.05 12.05
N VAL J 141 -13.78 -33.27 11.83
CA VAL J 141 -13.68 -31.83 12.04
C VAL J 141 -13.57 -31.50 13.51
N ASN J 142 -14.33 -32.19 14.37
CA ASN J 142 -14.28 -31.92 15.80
C ASN J 142 -12.90 -32.19 16.39
N LYS J 143 -12.09 -33.02 15.74
CA LYS J 143 -10.72 -33.26 16.18
C LYS J 143 -9.80 -32.30 15.42
N PRO J 144 -9.13 -31.37 16.10
CA PRO J 144 -8.41 -30.31 15.36
C PRO J 144 -7.05 -30.72 14.84
N ARG J 145 -6.54 -31.91 15.21
CA ARG J 145 -5.18 -32.27 14.83
C ARG J 145 -4.92 -32.12 13.34
N TRP J 146 -5.90 -32.41 12.49
CA TRP J 146 -5.65 -32.39 11.06
C TRP J 146 -5.64 -30.99 10.45
N ILE J 147 -6.17 -29.98 11.14
CA ILE J 147 -6.35 -28.67 10.50
C ILE J 147 -5.01 -28.18 9.95
N TYR J 148 -3.92 -28.50 10.64
CA TYR J 148 -2.60 -28.20 10.11
C TYR J 148 -2.21 -29.21 9.03
N SER J 149 -2.19 -30.49 9.39
CA SER J 149 -1.51 -31.48 8.54
C SER J 149 -2.08 -31.47 7.14
N VAL J 150 -3.39 -31.63 7.03
CA VAL J 150 -4.02 -31.71 5.72
C VAL J 150 -3.74 -30.44 4.92
N SER J 151 -3.81 -29.28 5.58
CA SER J 151 -3.59 -28.05 4.83
C SER J 151 -2.18 -28.04 4.28
N LYS J 152 -1.23 -28.47 5.10
CA LYS J 152 0.15 -28.58 4.63
C LYS J 152 0.22 -29.41 3.37
N GLN J 153 -0.45 -30.57 3.37
CA GLN J 153 -0.43 -31.42 2.19
C GLN J 153 -0.94 -30.64 0.99
N LEU J 154 -1.99 -29.85 1.20
CA LEU J 154 -2.53 -29.06 0.10
C LEU J 154 -1.50 -28.09 -0.44
N LEU J 155 -0.74 -27.43 0.44
CA LEU J 155 0.31 -26.53 -0.08
C LEU J 155 1.27 -27.29 -0.99
N ASP J 156 1.65 -28.52 -0.61
CA ASP J 156 2.51 -29.29 -1.49
C ASP J 156 1.88 -29.39 -2.87
N ARG J 157 0.59 -29.71 -2.91
CA ARG J 157 -0.13 -29.79 -4.16
C ARG J 157 0.06 -28.51 -4.97
N VAL J 158 -0.08 -27.35 -4.32
CA VAL J 158 0.01 -26.07 -5.01
C VAL J 158 1.36 -25.94 -5.69
N ILE J 159 2.44 -26.31 -4.99
CA ILE J 159 3.76 -26.18 -5.61
C ILE J 159 3.80 -26.96 -6.90
N TRP J 160 3.26 -28.18 -6.88
CA TRP J 160 3.28 -29.03 -8.06
C TRP J 160 2.55 -28.37 -9.21
N ALA J 161 1.45 -27.69 -8.91
CA ALA J 161 0.73 -26.99 -9.97
C ALA J 161 1.62 -25.95 -10.65
N TYR J 162 2.40 -25.23 -9.84
CA TYR J 162 3.27 -24.20 -10.37
C TYR J 162 4.28 -24.80 -11.33
N GLY J 163 4.45 -26.12 -11.27
CA GLY J 163 5.26 -26.80 -12.27
C GLY J 163 4.75 -26.62 -13.68
N GLU J 164 3.52 -27.05 -13.96
CA GLU J 164 3.18 -27.21 -15.37
C GLU J 164 2.69 -25.90 -16.00
N LYS J 165 2.20 -24.97 -15.20
CA LYS J 165 1.70 -23.71 -15.76
C LYS J 165 2.67 -22.55 -15.58
N GLU J 166 3.67 -22.68 -14.71
CA GLU J 166 4.64 -21.63 -14.47
C GLU J 166 6.06 -22.06 -14.76
N GLY J 167 6.29 -23.34 -15.04
CA GLY J 167 7.63 -23.83 -15.28
C GLY J 167 8.55 -23.75 -14.08
N LEU J 168 8.02 -23.93 -12.88
CA LEU J 168 8.85 -23.86 -11.69
C LEU J 168 9.65 -25.16 -11.56
N GLN J 169 10.91 -25.02 -11.19
CA GLN J 169 11.78 -26.15 -10.87
C GLN J 169 11.63 -26.47 -9.38
N PHE J 170 10.92 -27.56 -9.08
CA PHE J 170 10.54 -27.90 -7.72
C PHE J 170 11.17 -29.22 -7.31
N THR J 171 11.48 -29.33 -6.02
CA THR J 171 11.98 -30.58 -5.46
C THR J 171 11.31 -30.86 -4.13
N LEU J 172 10.20 -31.59 -4.15
CA LEU J 172 9.53 -32.02 -2.92
C LEU J 172 10.30 -33.16 -2.28
N PHE J 173 10.77 -32.95 -1.06
CA PHE J 173 11.48 -34.00 -0.33
C PHE J 173 10.94 -34.08 1.10
N ARG J 174 10.84 -35.31 1.60
CA ARG J 174 10.19 -35.57 2.87
C ARG J 174 11.17 -36.23 3.83
N PRO J 175 11.47 -35.61 4.97
CA PRO J 175 12.29 -36.27 6.00
C PRO J 175 11.49 -37.29 6.81
N PHE J 176 12.05 -38.49 6.93
CA PHE J 176 11.46 -39.56 7.76
C PHE J 176 12.38 -39.85 8.94
N ASN J 177 12.05 -39.30 10.11
CA ASN J 177 12.54 -39.80 11.40
C ASN J 177 14.05 -39.88 11.46
N TRP J 178 14.70 -38.72 11.40
CA TRP J 178 16.15 -38.67 11.47
C TRP J 178 16.62 -38.52 12.92
N MET J 179 17.89 -38.84 13.15
CA MET J 179 18.48 -38.72 14.48
C MET J 179 19.98 -38.53 14.35
N GLY J 180 20.58 -37.98 15.41
CA GLY J 180 22.00 -37.69 15.43
C GLY J 180 22.35 -36.85 16.64
N PRO J 181 23.59 -36.35 16.67
CA PRO J 181 24.02 -35.53 17.82
C PRO J 181 23.25 -34.22 17.90
N ARG J 182 23.41 -33.55 19.04
CA ARG J 182 22.75 -32.27 19.31
C ARG J 182 21.23 -32.40 19.22
N LEU J 183 20.68 -33.27 20.08
CA LEU J 183 19.25 -33.54 20.09
C LEU J 183 18.46 -32.28 20.44
N ASP J 184 17.27 -32.17 19.84
CA ASP J 184 16.42 -31.01 20.06
C ASP J 184 15.84 -31.00 21.46
N ASN J 185 15.63 -29.78 21.98
CA ASN J 185 15.03 -29.61 23.28
C ASN J 185 13.53 -29.90 23.22
N LEU J 186 12.87 -29.76 24.38
CA LEU J 186 11.46 -30.07 24.47
C LEU J 186 10.61 -29.14 23.61
N ASN J 187 10.91 -27.83 23.64
CA ASN J 187 10.06 -26.83 23.02
C ASN J 187 10.63 -26.27 21.72
N ALA J 188 11.62 -26.93 21.13
CA ALA J 188 12.19 -26.45 19.88
C ALA J 188 11.20 -26.66 18.73
N ALA J 189 10.95 -25.58 17.99
CA ALA J 189 10.02 -25.64 16.86
C ALA J 189 10.76 -26.01 15.56
N ARG J 190 11.57 -27.06 15.64
CA ARG J 190 12.30 -27.59 14.49
C ARG J 190 12.08 -29.10 14.44
N ILE J 191 11.77 -29.60 13.24
CA ILE J 191 11.51 -31.03 13.06
C ILE J 191 12.82 -31.80 13.14
N GLY J 192 12.72 -33.12 13.30
CA GLY J 192 13.91 -33.95 13.38
C GLY J 192 14.01 -34.71 14.68
N SER J 193 12.92 -34.72 15.45
CA SER J 193 12.90 -35.42 16.73
C SER J 193 11.67 -36.31 16.82
N SER J 194 11.89 -37.62 16.72
CA SER J 194 10.80 -38.58 16.81
C SER J 194 10.19 -38.59 18.20
N ARG J 195 8.86 -38.64 18.27
CA ARG J 195 8.19 -38.77 19.56
C ARG J 195 8.67 -39.98 20.34
N ALA J 196 8.95 -41.09 19.65
CA ALA J 196 9.37 -42.31 20.33
C ALA J 196 10.73 -42.12 21.01
N ILE J 197 11.73 -41.65 20.26
CA ILE J 197 13.06 -41.54 20.84
C ILE J 197 13.08 -40.46 21.91
N THR J 198 12.36 -39.36 21.69
CA THR J 198 12.28 -38.31 22.70
C THR J 198 11.61 -38.84 23.97
N GLN J 199 10.53 -39.59 23.81
CA GLN J 199 9.88 -40.20 24.96
C GLN J 199 10.86 -41.09 25.72
N LEU J 200 11.67 -41.87 25.00
CA LEU J 200 12.69 -42.66 25.68
C LEU J 200 13.71 -41.78 26.39
N ILE J 201 14.03 -40.61 25.83
CA ILE J 201 14.89 -39.68 26.55
C ILE J 201 14.26 -39.30 27.89
N LEU J 202 12.96 -38.98 27.89
CA LEU J 202 12.31 -38.72 29.17
C LEU J 202 12.36 -39.95 30.08
N ASN J 203 12.08 -41.13 29.54
CA ASN J 203 12.06 -42.34 30.38
C ASN J 203 13.41 -42.58 31.05
N LEU J 204 14.50 -42.46 30.30
CA LEU J 204 15.82 -42.69 30.89
C LEU J 204 16.24 -41.52 31.77
N VAL J 205 16.42 -40.33 31.20
CA VAL J 205 17.00 -39.22 31.96
C VAL J 205 16.10 -38.82 33.12
N GLU J 206 14.80 -38.69 32.89
CA GLU J 206 13.86 -38.40 33.96
C GLU J 206 13.80 -39.52 34.99
N GLY J 207 14.27 -40.72 34.63
CA GLY J 207 14.25 -41.85 35.54
C GLY J 207 12.88 -42.44 35.74
N SER J 208 11.99 -42.31 34.77
CA SER J 208 10.65 -42.85 34.86
C SER J 208 10.67 -44.36 34.68
N PRO J 209 9.72 -45.07 35.29
CA PRO J 209 9.61 -46.51 35.03
C PRO J 209 9.33 -46.77 33.57
N ILE J 210 9.85 -47.88 33.07
CA ILE J 210 9.67 -48.26 31.67
C ILE J 210 8.25 -48.78 31.51
N LYS J 211 7.44 -48.08 30.74
CA LYS J 211 6.08 -48.51 30.41
C LYS J 211 6.15 -49.64 29.38
N LEU J 212 5.56 -50.78 29.72
CA LEU J 212 5.37 -51.87 28.79
C LEU J 212 4.05 -51.62 28.06
N ILE J 213 4.05 -50.65 27.15
CA ILE J 213 2.82 -50.26 26.48
C ILE J 213 2.40 -51.36 25.53
N ASP J 214 1.37 -52.12 25.93
CA ASP J 214 0.79 -53.22 25.14
C ASP J 214 1.85 -54.09 24.45
N GLY J 215 2.97 -54.30 25.15
CA GLY J 215 4.00 -55.19 24.68
C GLY J 215 5.07 -54.55 23.81
N GLY J 216 4.82 -53.37 23.26
CA GLY J 216 5.88 -52.72 22.50
C GLY J 216 6.16 -53.43 21.19
N LYS J 217 5.17 -53.51 20.31
CA LYS J 217 5.30 -54.23 19.07
C LYS J 217 5.33 -53.33 17.85
N GLN J 218 4.83 -52.11 17.98
CA GLN J 218 4.76 -51.24 16.82
C GLN J 218 6.15 -50.83 16.39
N LYS J 219 6.37 -50.70 15.08
CA LYS J 219 7.72 -50.60 14.58
C LYS J 219 7.96 -49.33 13.76
N ARG J 220 9.18 -48.81 13.88
CA ARG J 220 9.58 -47.55 13.26
C ARG J 220 10.91 -47.72 12.54
N CYS J 221 11.14 -46.82 11.59
CA CYS J 221 12.35 -46.74 10.78
C CYS J 221 13.08 -45.44 11.06
N PHE J 222 14.41 -45.49 11.05
CA PHE J 222 15.25 -44.35 11.44
C PHE J 222 16.31 -44.10 10.37
N THR J 223 16.80 -42.87 10.34
CA THR J 223 17.73 -42.43 9.31
C THR J 223 18.90 -41.66 9.92
N ASP J 224 20.00 -41.59 9.16
CA ASP J 224 21.13 -40.76 9.55
C ASP J 224 21.19 -39.53 8.66
N ILE J 225 21.58 -38.39 9.24
CA ILE J 225 21.56 -37.13 8.50
C ILE J 225 22.57 -37.17 7.35
N ARG J 226 23.66 -37.93 7.52
CA ARG J 226 24.75 -37.90 6.54
C ARG J 226 24.29 -38.37 5.17
N ASP J 227 23.54 -39.48 5.13
CA ASP J 227 23.03 -39.98 3.86
C ASP J 227 22.15 -38.95 3.18
N GLY J 228 21.25 -38.34 3.96
CA GLY J 228 20.37 -37.34 3.41
C GLY J 228 21.12 -36.14 2.86
N ILE J 229 22.10 -35.62 3.60
CA ILE J 229 22.77 -34.42 3.13
C ILE J 229 23.64 -34.74 1.93
N GLU J 230 24.17 -35.96 1.85
CA GLU J 230 24.87 -36.39 0.63
C GLU J 230 23.90 -36.38 -0.54
N ALA J 231 22.68 -36.87 -0.31
CA ALA J 231 21.64 -36.79 -1.33
C ALA J 231 21.38 -35.35 -1.73
N LEU J 232 21.24 -34.45 -0.76
CA LEU J 232 21.00 -33.05 -1.07
C LEU J 232 22.15 -32.46 -1.87
N TYR J 233 23.37 -32.92 -1.63
CA TYR J 233 24.48 -32.50 -2.49
C TYR J 233 24.26 -32.95 -3.93
N ARG J 234 23.85 -34.22 -4.12
CA ARG J 234 23.72 -34.70 -5.49
C ARG J 234 22.49 -34.13 -6.17
N ILE J 235 21.56 -33.56 -5.41
CA ILE J 235 20.44 -32.82 -6.02
C ILE J 235 20.85 -31.39 -6.32
N ILE J 236 21.59 -30.75 -5.41
CA ILE J 236 22.05 -29.39 -5.65
C ILE J 236 22.95 -29.34 -6.87
N GLU J 237 23.87 -30.30 -6.98
CA GLU J 237 24.67 -30.45 -8.19
C GLU J 237 23.86 -31.04 -9.33
N ASN J 238 22.75 -31.70 -9.02
CA ASN J 238 21.80 -32.20 -10.02
C ASN J 238 22.47 -33.14 -11.01
N ALA J 239 22.94 -34.27 -10.49
CA ALA J 239 23.58 -35.28 -11.33
C ALA J 239 22.59 -35.84 -12.34
N GLY J 240 22.94 -35.72 -13.62
CA GLY J 240 22.14 -36.29 -14.69
C GLY J 240 20.90 -35.54 -15.06
N ASN J 241 20.58 -34.44 -14.36
CA ASN J 241 19.38 -33.64 -14.62
C ASN J 241 18.10 -34.48 -14.49
N ARG J 242 18.17 -35.56 -13.71
CA ARG J 242 17.07 -36.51 -13.64
C ARG J 242 16.11 -36.28 -12.49
N CYS J 243 16.39 -35.33 -11.61
CA CYS J 243 15.51 -35.05 -10.48
C CYS J 243 14.53 -33.92 -10.74
N ASP J 244 14.49 -33.39 -11.97
CA ASP J 244 13.58 -32.30 -12.28
C ASP J 244 12.14 -32.78 -12.26
N GLY J 245 11.29 -32.10 -11.49
CA GLY J 245 9.88 -32.43 -11.44
C GLY J 245 9.59 -33.79 -10.85
N GLU J 246 10.48 -34.31 -10.01
CA GLU J 246 10.32 -35.63 -9.40
C GLU J 246 10.18 -35.51 -7.90
N ILE J 247 9.47 -36.47 -7.30
CA ILE J 247 9.24 -36.52 -5.86
C ILE J 247 10.17 -37.59 -5.31
N ILE J 248 10.96 -37.23 -4.30
CA ILE J 248 12.01 -38.08 -3.77
C ILE J 248 11.76 -38.30 -2.28
N ASN J 249 11.95 -39.54 -1.84
CA ASN J 249 11.79 -39.91 -0.44
C ASN J 249 13.14 -40.40 0.09
N ILE J 250 13.47 -40.02 1.31
CA ILE J 250 14.72 -40.41 1.95
C ILE J 250 14.37 -41.18 3.21
N GLY J 251 14.69 -42.47 3.23
CA GLY J 251 14.37 -43.29 4.39
C GLY J 251 15.17 -44.58 4.36
N ASN J 252 15.10 -45.31 5.48
CA ASN J 252 15.77 -46.60 5.61
C ASN J 252 14.74 -47.67 5.92
N PRO J 253 14.20 -48.35 4.90
CA PRO J 253 13.08 -49.27 5.16
C PRO J 253 13.49 -50.55 5.88
N GLU J 254 14.63 -51.14 5.52
CA GLU J 254 14.91 -52.51 5.95
C GLU J 254 15.08 -52.62 7.46
N ASN J 255 15.73 -51.63 8.08
CA ASN J 255 16.02 -51.69 9.51
C ASN J 255 14.83 -51.08 10.26
N GLU J 256 13.83 -51.92 10.52
CA GLU J 256 12.58 -51.51 11.16
C GLU J 256 12.48 -52.20 12.51
N ALA J 257 12.34 -51.40 13.58
CA ALA J 257 12.46 -51.92 14.92
C ALA J 257 11.25 -51.56 15.76
N SER J 258 10.78 -52.54 16.54
CA SER J 258 9.70 -52.33 17.48
C SER J 258 10.22 -51.63 18.74
N ILE J 259 9.28 -51.24 19.60
CA ILE J 259 9.66 -50.53 20.82
C ILE J 259 10.39 -51.46 21.77
N GLU J 260 9.97 -52.72 21.84
CA GLU J 260 10.56 -53.63 22.81
C GLU J 260 12.04 -53.87 22.52
N GLU J 261 12.39 -54.16 21.28
CA GLU J 261 13.80 -54.35 20.93
C GLU J 261 14.57 -53.04 21.09
N LEU J 262 13.94 -51.92 20.75
CA LEU J 262 14.55 -50.61 20.98
C LEU J 262 14.92 -50.43 22.44
N GLY J 263 13.96 -50.66 23.33
CA GLY J 263 14.24 -50.52 24.75
C GLY J 263 15.26 -51.52 25.24
N GLU J 264 15.24 -52.74 24.70
CA GLU J 264 16.19 -53.76 25.13
C GLU J 264 17.62 -53.35 24.77
N MET J 265 17.86 -52.92 23.54
CA MET J 265 19.23 -52.57 23.17
C MET J 265 19.61 -51.20 23.72
N LEU J 266 18.62 -50.37 24.06
CA LEU J 266 18.90 -49.16 24.83
C LEU J 266 19.40 -49.50 26.22
N LEU J 267 18.75 -50.45 26.89
CA LEU J 267 19.22 -50.87 28.20
C LEU J 267 20.59 -51.53 28.09
N ALA J 268 20.82 -52.27 27.01
CA ALA J 268 22.14 -52.87 26.79
C ALA J 268 23.22 -51.79 26.66
N SER J 269 23.01 -50.80 25.81
CA SER J 269 23.98 -49.73 25.64
C SER J 269 24.04 -48.83 26.88
N PHE J 270 23.01 -48.88 27.72
CA PHE J 270 22.99 -48.09 28.93
C PHE J 270 23.84 -48.75 30.01
N GLU J 271 23.81 -50.08 30.08
CA GLU J 271 24.55 -50.77 31.14
C GLU J 271 26.06 -50.58 31.00
N LYS J 272 26.52 -50.15 29.83
CA LYS J 272 27.93 -49.84 29.64
C LYS J 272 28.24 -48.36 29.76
N HIS J 273 27.27 -47.53 30.13
CA HIS J 273 27.45 -46.09 30.11
C HIS J 273 28.37 -45.67 31.26
N PRO J 274 29.44 -44.93 30.97
CA PRO J 274 30.49 -44.72 31.98
C PRO J 274 30.07 -43.86 33.16
N LEU J 275 29.26 -42.82 32.95
CA LEU J 275 28.96 -41.85 33.98
C LEU J 275 27.78 -42.28 34.86
N ARG J 276 27.52 -43.59 34.95
CA ARG J 276 26.29 -44.08 35.56
C ARG J 276 26.19 -43.73 37.04
N HIS J 277 27.31 -43.70 37.76
CA HIS J 277 27.24 -43.53 39.21
C HIS J 277 26.93 -42.09 39.61
N HIS J 278 26.81 -41.18 38.64
CA HIS J 278 26.25 -39.85 38.89
C HIS J 278 24.80 -39.73 38.42
N PHE J 279 24.12 -40.84 38.15
CA PHE J 279 22.74 -40.80 37.72
C PHE J 279 21.99 -41.96 38.35
N PRO J 280 20.81 -41.71 38.91
CA PRO J 280 20.15 -42.71 39.76
C PRO J 280 19.71 -43.93 38.97
N PRO J 281 19.67 -45.11 39.61
CA PRO J 281 19.32 -46.33 38.88
C PRO J 281 17.86 -46.35 38.45
N PHE J 282 17.53 -47.40 37.70
CA PHE J 282 16.18 -47.56 37.17
C PHE J 282 15.22 -47.96 38.30
N ALA J 283 13.97 -47.52 38.20
CA ALA J 283 13.00 -47.71 39.26
C ALA J 283 12.09 -48.91 39.07
N GLY J 284 12.36 -49.77 38.08
CA GLY J 284 11.55 -50.95 37.87
C GLY J 284 10.51 -50.77 36.77
N PHE J 285 10.25 -51.86 36.06
CA PHE J 285 9.34 -51.85 34.93
C PHE J 285 7.90 -51.68 35.42
N ARG J 286 7.07 -51.01 34.62
CA ARG J 286 5.67 -50.81 34.91
C ARG J 286 4.86 -51.28 33.70
N VAL J 287 3.95 -52.21 33.93
CA VAL J 287 3.18 -52.81 32.83
C VAL J 287 2.11 -51.83 32.37
N VAL J 288 1.82 -51.85 31.07
CA VAL J 288 0.77 -51.01 30.50
C VAL J 288 -0.11 -51.84 29.57
N VAL J 301 0.99 -46.08 11.53
CA VAL J 301 1.11 -46.38 12.95
C VAL J 301 1.75 -47.75 13.13
N GLU J 302 0.96 -48.81 12.92
CA GLU J 302 1.47 -50.16 13.11
C GLU J 302 2.33 -50.64 11.95
N HIS J 303 2.33 -49.93 10.82
CA HIS J 303 3.14 -50.31 9.67
C HIS J 303 3.33 -49.08 8.78
N ARG J 304 4.58 -48.82 8.43
CA ARG J 304 4.93 -47.68 7.57
C ARG J 304 6.22 -48.03 6.82
N LYS J 305 6.06 -48.42 5.56
CA LYS J 305 7.18 -48.75 4.69
C LYS J 305 7.29 -47.72 3.57
N PRO J 306 8.49 -47.21 3.29
CA PRO J 306 8.66 -46.24 2.21
C PRO J 306 8.98 -46.89 0.87
N SER J 307 8.46 -46.28 -0.19
CA SER J 307 8.76 -46.68 -1.56
C SER J 307 9.81 -45.73 -2.10
N ILE J 308 11.04 -46.24 -2.26
CA ILE J 308 12.19 -45.40 -2.61
C ILE J 308 12.68 -45.73 -4.01
N ARG J 309 11.77 -46.16 -4.89
CA ARG J 309 12.17 -46.48 -6.26
C ARG J 309 12.69 -45.26 -6.99
N ASN J 310 12.03 -44.11 -6.84
CA ASN J 310 12.42 -42.92 -7.57
C ASN J 310 13.79 -42.42 -7.14
N ALA J 311 14.10 -42.53 -5.85
CA ALA J 311 15.42 -42.12 -5.37
C ALA J 311 16.51 -42.96 -6.01
N HIS J 312 16.30 -44.27 -6.08
CA HIS J 312 17.25 -45.14 -6.76
C HIS J 312 17.35 -44.81 -8.24
N ARG J 313 16.22 -44.50 -8.87
CA ARG J 313 16.21 -44.28 -10.31
C ARG J 313 16.91 -42.99 -10.68
N CYS J 314 16.76 -41.95 -9.86
CA CYS J 314 17.26 -40.63 -10.21
C CYS J 314 18.60 -40.30 -9.55
N LEU J 315 19.01 -41.04 -8.52
CA LEU J 315 20.22 -40.71 -7.79
C LEU J 315 21.14 -41.88 -7.53
N ASP J 316 20.63 -43.11 -7.51
CA ASP J 316 21.42 -44.30 -7.19
C ASP J 316 22.09 -44.15 -5.82
N TRP J 317 21.29 -43.94 -4.78
CA TRP J 317 21.79 -43.78 -3.43
C TRP J 317 21.42 -45.00 -2.59
N GLU J 318 22.30 -45.33 -1.64
CA GLU J 318 22.10 -46.44 -0.73
C GLU J 318 22.41 -45.96 0.68
N PRO J 319 21.84 -46.58 1.71
CA PRO J 319 22.13 -46.14 3.08
C PRO J 319 23.32 -46.89 3.67
N LYS J 320 24.07 -46.19 4.52
CA LYS J 320 25.29 -46.73 5.11
C LYS J 320 25.19 -47.04 6.59
N ILE J 321 24.87 -46.05 7.43
CA ILE J 321 25.00 -46.16 8.89
C ILE J 321 23.84 -46.96 9.44
N ASP J 322 24.13 -47.83 10.42
CA ASP J 322 23.12 -48.71 10.97
C ASP J 322 22.82 -48.24 12.40
N MET J 323 21.56 -48.39 12.83
CA MET J 323 21.00 -47.54 13.88
C MET J 323 21.76 -47.61 15.20
N GLN J 324 22.06 -48.81 15.71
CA GLN J 324 22.44 -48.92 17.12
C GLN J 324 23.64 -48.03 17.41
N GLU J 325 24.52 -47.86 16.42
CA GLU J 325 25.70 -47.00 16.59
C GLU J 325 25.29 -45.56 16.85
N THR J 326 24.44 -45.00 15.98
CA THR J 326 23.97 -43.64 16.22
C THR J 326 23.27 -43.54 17.56
N ILE J 327 22.44 -44.54 17.88
CA ILE J 327 21.65 -44.47 19.10
C ILE J 327 22.55 -44.39 20.31
N ASP J 328 23.53 -45.29 20.43
CA ASP J 328 24.29 -45.33 21.67
C ASP J 328 25.26 -44.15 21.76
N GLU J 329 25.87 -43.73 20.63
CA GLU J 329 26.81 -42.62 20.78
C GLU J 329 26.06 -41.30 21.00
N THR J 330 24.84 -41.19 20.48
CA THR J 330 24.07 -39.97 20.73
C THR J 330 23.54 -39.95 22.16
N LEU J 331 23.11 -41.11 22.68
CA LEU J 331 22.70 -41.16 24.07
C LEU J 331 23.87 -40.87 24.99
N ASP J 332 25.05 -41.39 24.67
CA ASP J 332 26.24 -41.09 25.46
C ASP J 332 26.54 -39.59 25.39
N PHE J 333 26.40 -39.00 24.20
CA PHE J 333 26.63 -37.56 24.06
C PHE J 333 25.70 -36.77 24.96
N PHE J 334 24.39 -37.01 24.85
CA PHE J 334 23.45 -36.16 25.57
C PHE J 334 23.34 -36.58 27.03
N LEU J 335 24.02 -37.66 27.40
CA LEU J 335 24.16 -37.98 28.82
C LEU J 335 25.37 -37.28 29.42
N ARG J 336 26.46 -37.19 28.67
CA ARG J 336 27.67 -36.54 29.18
C ARG J 336 27.58 -35.02 29.11
N THR J 337 26.73 -34.46 28.25
CA THR J 337 26.52 -33.01 28.24
C THR J 337 25.46 -32.55 29.22
N VAL J 338 25.18 -33.32 30.26
CA VAL J 338 24.37 -32.82 31.36
C VAL J 338 25.16 -31.73 32.08
N ASP J 339 24.51 -30.62 32.37
CA ASP J 339 25.17 -29.46 32.97
C ASP J 339 25.85 -29.88 34.27
N LEU J 340 27.17 -29.74 34.32
CA LEU J 340 27.93 -30.25 35.45
C LEU J 340 27.90 -29.30 36.64
N THR J 341 27.28 -28.13 36.48
CA THR J 341 27.25 -27.13 37.55
C THR J 341 26.55 -27.63 38.81
N ASP J 342 25.38 -28.28 38.67
CA ASP J 342 24.64 -28.77 39.82
C ASP J 342 24.87 -30.27 40.02
N MET K 1 10.64 -11.15 32.25
CA MET K 1 10.05 -10.88 30.94
C MET K 1 10.94 -9.94 30.12
N ARG K 2 10.41 -9.47 28.99
CA ARG K 2 11.15 -8.63 28.06
C ARG K 2 10.60 -7.21 28.12
N VAL K 3 11.51 -6.24 28.22
CA VAL K 3 11.16 -4.84 28.38
C VAL K 3 11.68 -4.06 27.17
N LEU K 4 10.79 -3.27 26.58
CA LEU K 4 11.13 -2.33 25.52
C LEU K 4 10.95 -0.93 26.07
N ILE K 5 11.99 -0.12 25.98
CA ILE K 5 11.95 1.27 26.43
C ILE K 5 12.20 2.13 25.19
N LEU K 6 11.15 2.75 24.68
CA LEU K 6 11.27 3.55 23.47
C LEU K 6 12.05 4.82 23.78
N GLY K 7 13.21 4.98 23.15
CA GLY K 7 14.08 6.09 23.45
C GLY K 7 15.06 5.78 24.56
N VAL K 8 15.88 4.74 24.36
CA VAL K 8 16.83 4.32 25.38
C VAL K 8 17.86 5.41 25.69
N ASN K 9 18.33 6.15 24.68
CA ASN K 9 19.35 7.17 24.88
C ASN K 9 18.69 8.40 25.50
N GLY K 10 18.82 8.51 26.81
CA GLY K 10 18.27 9.65 27.51
C GLY K 10 18.60 9.62 28.99
N PHE K 11 18.20 10.69 29.66
CA PHE K 11 18.34 10.83 31.11
C PHE K 11 17.50 9.77 31.82
N ILE K 12 16.19 9.83 31.60
CA ILE K 12 15.29 8.85 32.19
C ILE K 12 15.63 7.46 31.70
N GLY K 13 15.99 7.31 30.43
CA GLY K 13 16.35 6.01 29.91
C GLY K 13 17.56 5.42 30.62
N ASN K 14 18.59 6.25 30.80
CA ASN K 14 19.80 5.80 31.48
C ASN K 14 19.48 5.38 32.91
N HIS K 15 18.72 6.22 33.63
CA HIS K 15 18.43 5.90 35.03
C HIS K 15 17.56 4.65 35.14
N LEU K 16 16.57 4.51 34.26
CA LEU K 16 15.73 3.32 34.27
C LEU K 16 16.55 2.07 33.98
N THR K 17 17.44 2.15 32.99
CA THR K 17 18.29 1.00 32.68
C THR K 17 19.17 0.64 33.87
N GLU K 18 19.77 1.65 34.51
CA GLU K 18 20.67 1.40 35.62
C GLU K 18 19.91 0.73 36.77
N ARG K 19 18.70 1.21 37.05
CA ARG K 19 17.95 0.65 38.17
C ARG K 19 17.34 -0.70 37.79
N LEU K 20 17.19 -0.96 36.49
CA LEU K 20 16.57 -2.21 36.07
C LEU K 20 17.59 -3.33 36.01
N LEU K 21 18.84 -3.01 35.70
CA LEU K 21 19.88 -4.04 35.69
C LEU K 21 20.21 -4.57 37.09
N ARG K 22 19.52 -4.07 38.12
CA ARG K 22 19.70 -4.65 39.45
C ARG K 22 19.00 -5.98 39.58
N GLU K 23 18.06 -6.27 38.68
CA GLU K 23 17.35 -7.54 38.67
C GLU K 23 17.84 -8.40 37.51
N ASP K 24 18.00 -9.70 37.78
CA ASP K 24 18.69 -10.60 36.88
C ASP K 24 17.78 -11.42 35.96
N HIS K 25 16.45 -11.22 36.02
CA HIS K 25 15.52 -12.09 35.30
C HIS K 25 15.02 -11.41 34.02
N TYR K 26 15.33 -10.14 33.83
CA TYR K 26 14.76 -9.34 32.75
C TYR K 26 15.81 -9.03 31.70
N GLU K 27 15.39 -8.99 30.44
CA GLU K 27 16.25 -8.66 29.30
C GLU K 27 15.88 -7.28 28.80
N VAL K 28 16.89 -6.47 28.46
CA VAL K 28 16.69 -5.08 28.08
C VAL K 28 17.13 -4.88 26.63
N TYR K 29 16.20 -4.45 25.80
CA TYR K 29 16.46 -4.07 24.41
C TYR K 29 15.97 -2.64 24.24
N GLY K 30 16.84 -1.75 23.77
CA GLY K 30 16.49 -0.34 23.71
C GLY K 30 16.66 0.30 22.35
N LEU K 31 15.59 0.90 21.83
CA LEU K 31 15.58 1.50 20.49
C LEU K 31 15.73 3.01 20.58
N ASP K 32 16.73 3.53 19.86
CA ASP K 32 16.82 4.96 19.58
C ASP K 32 17.90 5.12 18.51
N ILE K 33 17.96 6.31 17.92
CA ILE K 33 18.87 6.56 16.81
C ILE K 33 20.34 6.60 17.23
N GLY K 34 20.63 6.89 18.51
CA GLY K 34 22.00 7.05 18.94
C GLY K 34 22.26 6.39 20.28
N SER K 35 23.55 6.25 20.60
CA SER K 35 23.94 5.58 21.85
C SER K 35 25.06 6.30 22.58
N ASP K 36 25.23 7.61 22.37
CA ASP K 36 26.33 8.32 23.02
C ASP K 36 26.15 8.35 24.54
N ALA K 37 24.92 8.61 24.99
CA ALA K 37 24.68 8.73 26.43
C ALA K 37 24.67 7.40 27.16
N ILE K 38 24.48 6.28 26.44
CA ILE K 38 24.45 4.97 27.06
C ILE K 38 25.65 4.13 26.65
N SER K 39 26.71 4.78 26.14
CA SER K 39 27.87 4.05 25.68
C SER K 39 28.61 3.35 26.81
N ARG K 40 28.38 3.76 28.06
CA ARG K 40 29.05 3.13 29.19
C ARG K 40 28.42 1.80 29.56
N PHE K 41 27.16 1.58 29.20
CA PHE K 41 26.45 0.37 29.61
C PHE K 41 26.05 -0.53 28.45
N LEU K 42 26.47 -0.23 27.22
CA LEU K 42 26.08 -1.08 26.09
C LEU K 42 26.73 -2.45 26.20
N ASN K 43 27.90 -2.52 26.83
CA ASN K 43 28.65 -3.77 26.94
C ASN K 43 28.01 -4.75 27.93
N HIS K 44 27.01 -4.33 28.67
CA HIS K 44 26.39 -5.20 29.67
C HIS K 44 25.65 -6.32 28.95
N PRO K 45 25.78 -7.57 29.39
CA PRO K 45 25.36 -8.71 28.54
C PRO K 45 23.89 -8.68 28.13
N HIS K 46 22.98 -8.31 29.02
CA HIS K 46 21.56 -8.36 28.70
C HIS K 46 21.04 -7.05 28.12
N PHE K 47 21.91 -6.08 27.88
CA PHE K 47 21.54 -4.82 27.26
C PHE K 47 21.86 -4.88 25.77
N HIS K 48 20.86 -4.64 24.94
CA HIS K 48 21.03 -4.72 23.49
C HIS K 48 20.48 -3.45 22.85
N PHE K 49 21.35 -2.74 22.15
CA PHE K 49 20.97 -1.49 21.51
C PHE K 49 20.28 -1.76 20.17
N VAL K 50 19.44 -0.81 19.77
CA VAL K 50 18.60 -0.93 18.59
C VAL K 50 18.58 0.43 17.89
N GLU K 51 19.29 0.53 16.77
CA GLU K 51 19.19 1.72 15.93
C GLU K 51 17.80 1.81 15.33
N GLY K 52 17.12 2.93 15.55
CA GLY K 52 15.75 3.06 15.10
C GLY K 52 15.29 4.49 15.13
N ASP K 53 14.14 4.72 14.50
CA ASP K 53 13.50 6.04 14.47
C ASP K 53 12.05 5.78 14.08
N ILE K 54 11.12 6.09 14.98
CA ILE K 54 9.72 5.69 14.80
C ILE K 54 9.07 6.41 13.63
N SER K 55 9.61 7.57 13.23
CA SER K 55 8.98 8.36 12.18
C SER K 55 8.93 7.61 10.85
N ILE K 56 9.95 6.79 10.57
CA ILE K 56 10.09 6.13 9.27
C ILE K 56 10.07 4.61 9.43
N HIS K 57 10.83 4.08 10.39
CA HIS K 57 10.82 2.65 10.64
C HIS K 57 9.48 2.23 11.22
N SER K 58 8.75 1.38 10.49
CA SER K 58 7.42 0.97 10.92
C SER K 58 7.38 -0.50 11.30
N GLU K 59 7.83 -1.41 10.43
CA GLU K 59 7.77 -2.84 10.73
C GLU K 59 8.74 -3.19 11.85
N TRP K 60 9.77 -2.37 12.03
CA TRP K 60 10.91 -2.78 12.85
C TRP K 60 10.51 -2.70 14.33
N ILE K 61 9.92 -1.57 14.72
CA ILE K 61 9.38 -1.41 16.06
C ILE K 61 8.18 -2.32 16.27
N GLU K 62 7.42 -2.62 15.21
CA GLU K 62 6.30 -3.56 15.35
C GLU K 62 6.81 -4.94 15.71
N TYR K 63 7.91 -5.37 15.09
CA TYR K 63 8.51 -6.65 15.41
C TYR K 63 9.03 -6.65 16.84
N HIS K 64 9.62 -5.52 17.27
CA HIS K 64 9.91 -5.38 18.70
C HIS K 64 8.67 -5.55 19.57
N VAL K 65 7.57 -4.88 19.21
CA VAL K 65 6.38 -4.90 20.06
C VAL K 65 5.87 -6.34 20.21
N LYS K 66 5.84 -7.09 19.12
CA LYS K 66 5.50 -8.51 19.22
C LYS K 66 6.51 -9.27 20.08
N LYS K 67 7.81 -9.02 19.88
CA LYS K 67 8.81 -9.88 20.50
C LYS K 67 8.94 -9.65 22.00
N CYS K 68 8.62 -8.44 22.48
CA CYS K 68 8.81 -8.11 23.87
C CYS K 68 7.54 -8.45 24.66
N ASP K 69 7.53 -8.11 25.95
CA ASP K 69 6.37 -8.34 26.80
C ASP K 69 5.82 -7.09 27.46
N VAL K 70 6.64 -6.05 27.66
CA VAL K 70 6.15 -4.75 28.08
C VAL K 70 6.79 -3.69 27.17
N VAL K 71 5.99 -2.73 26.72
CA VAL K 71 6.45 -1.63 25.87
C VAL K 71 6.16 -0.34 26.61
N LEU K 72 7.18 0.47 26.83
CA LEU K 72 7.03 1.68 27.63
C LEU K 72 7.65 2.84 26.85
N PRO K 73 6.84 3.79 26.37
CA PRO K 73 7.37 4.93 25.62
C PRO K 73 8.05 5.95 26.54
N LEU K 74 9.11 6.60 26.01
CA LEU K 74 9.82 7.64 26.72
C LEU K 74 10.04 8.91 25.91
N VAL K 75 9.71 8.92 24.62
CA VAL K 75 10.20 9.95 23.71
C VAL K 75 9.22 11.12 23.69
N ALA K 76 9.77 12.33 23.63
CA ALA K 76 9.03 13.58 23.50
C ALA K 76 10.03 14.69 23.23
N ILE K 77 9.64 15.65 22.41
CA ILE K 77 10.51 16.76 22.05
C ILE K 77 10.39 17.84 23.10
N ALA K 78 11.50 18.19 23.73
CA ALA K 78 11.58 19.23 24.75
C ALA K 78 12.49 20.36 24.30
N THR K 79 12.67 20.50 22.99
CA THR K 79 13.53 21.54 22.43
C THR K 79 12.69 22.77 22.14
N PRO K 80 12.95 23.90 22.79
CA PRO K 80 12.08 25.07 22.62
C PRO K 80 11.98 25.60 21.20
N ILE K 81 13.07 25.55 20.43
CA ILE K 81 13.04 26.15 19.10
C ILE K 81 12.05 25.42 18.20
N GLU K 82 11.95 24.10 18.33
CA GLU K 82 10.98 23.35 17.53
C GLU K 82 9.54 23.77 17.84
N TYR K 83 9.31 24.40 19.00
CA TYR K 83 8.00 24.97 19.28
C TYR K 83 7.65 26.09 18.32
N THR K 84 8.63 26.89 17.92
CA THR K 84 8.36 27.97 16.96
C THR K 84 8.63 27.58 15.52
N ARG K 85 9.78 26.95 15.25
CA ARG K 85 10.31 26.94 13.89
C ARG K 85 9.37 26.21 12.94
N ASN K 86 8.92 25.02 13.31
CA ASN K 86 8.05 24.22 12.46
C ASN K 86 7.18 23.42 13.43
N PRO K 87 6.14 24.06 13.99
CA PRO K 87 5.23 23.32 14.89
C PRO K 87 4.49 22.20 14.19
N LEU K 88 4.28 22.31 12.87
CA LEU K 88 3.49 21.31 12.17
C LEU K 88 4.15 19.94 12.21
N ARG K 89 5.46 19.89 11.96
CA ARG K 89 6.17 18.63 11.90
C ARG K 89 6.16 17.93 13.26
N VAL K 90 6.46 18.68 14.33
CA VAL K 90 6.49 18.09 15.66
C VAL K 90 5.07 17.70 16.10
N PHE K 91 4.07 18.47 15.67
CA PHE K 91 2.69 18.10 15.97
C PHE K 91 2.33 16.78 15.29
N GLU K 92 2.69 16.64 14.01
CA GLU K 92 2.39 15.42 13.27
C GLU K 92 3.14 14.23 13.85
N LEU K 93 4.39 14.45 14.26
CA LEU K 93 5.22 13.37 14.79
C LEU K 93 4.79 12.95 16.19
N ASP K 94 4.66 13.90 17.12
CA ASP K 94 4.42 13.57 18.52
C ASP K 94 2.98 13.13 18.75
N PHE K 95 2.12 13.25 17.75
CA PHE K 95 0.72 12.87 17.88
C PHE K 95 0.39 11.57 17.17
N GLU K 96 0.62 11.50 15.85
CA GLU K 96 0.02 10.45 15.05
C GLU K 96 0.76 9.13 15.18
N GLU K 97 2.10 9.16 15.03
CA GLU K 97 2.85 7.92 15.08
C GLU K 97 2.74 7.25 16.44
N ASN K 98 2.78 8.02 17.53
CA ASN K 98 2.59 7.43 18.84
C ASN K 98 1.18 6.90 19.03
N LEU K 99 0.18 7.56 18.43
CA LEU K 99 -1.16 6.99 18.43
C LEU K 99 -1.16 5.64 17.73
N ARG K 100 -0.37 5.51 16.67
CA ARG K 100 -0.22 4.21 16.02
C ARG K 100 0.36 3.17 16.97
N ILE K 101 1.31 3.57 17.82
CA ILE K 101 1.87 2.61 18.77
C ILE K 101 0.84 2.22 19.81
N ILE K 102 0.03 3.17 20.26
CA ILE K 102 -1.05 2.81 21.19
C ILE K 102 -1.99 1.81 20.53
N ARG K 103 -2.35 2.05 19.27
CA ARG K 103 -3.23 1.12 18.56
C ARG K 103 -2.59 -0.26 18.46
N TYR K 104 -1.31 -0.29 18.10
CA TYR K 104 -0.61 -1.57 17.93
C TYR K 104 -0.53 -2.33 19.24
N CYS K 105 -0.25 -1.62 20.34
CA CYS K 105 -0.16 -2.25 21.64
C CYS K 105 -1.52 -2.79 22.09
N VAL K 106 -2.58 -2.00 21.89
CA VAL K 106 -3.89 -2.43 22.38
C VAL K 106 -4.42 -3.60 21.55
N LYS K 107 -4.08 -3.65 20.26
CA LYS K 107 -4.58 -4.73 19.42
C LYS K 107 -4.03 -6.09 19.87
N TYR K 108 -2.83 -6.11 20.44
CA TYR K 108 -2.21 -7.33 20.95
C TYR K 108 -2.27 -7.48 22.46
N ARG K 109 -3.10 -6.70 23.15
CA ARG K 109 -3.31 -6.85 24.59
C ARG K 109 -1.97 -6.80 25.33
N LYS K 110 -1.34 -5.63 25.29
CA LYS K 110 -0.02 -5.43 25.86
C LYS K 110 -0.09 -4.39 26.97
N ARG K 111 0.89 -4.46 27.88
CA ARG K 111 0.96 -3.49 28.97
C ARG K 111 1.57 -2.18 28.47
N ILE K 112 0.84 -1.08 28.73
CA ILE K 112 1.24 0.24 28.25
C ILE K 112 1.46 1.15 29.45
N ILE K 113 2.67 1.70 29.55
CA ILE K 113 3.05 2.65 30.59
C ILE K 113 3.38 3.95 29.89
N PHE K 114 2.42 4.89 29.85
CA PHE K 114 2.62 6.03 28.98
C PHE K 114 2.82 7.30 29.81
N PRO K 115 3.78 8.13 29.43
CA PRO K 115 4.05 9.38 30.16
C PRO K 115 3.11 10.50 29.72
N SER K 116 2.19 10.88 30.59
CA SER K 116 1.37 12.05 30.37
C SER K 116 2.12 13.31 30.81
N THR K 117 1.63 14.46 30.35
CA THR K 117 2.24 15.75 30.67
C THR K 117 1.68 16.30 31.97
N SER K 118 2.56 16.90 32.78
CA SER K 118 2.19 17.40 34.09
C SER K 118 1.56 18.79 34.06
N GLU K 119 1.57 19.46 32.91
CA GLU K 119 1.14 20.85 32.86
C GLU K 119 -0.36 21.02 32.72
N VAL K 120 -1.13 19.93 32.65
CA VAL K 120 -2.56 20.04 32.40
C VAL K 120 -3.29 20.69 33.57
N TYR K 121 -2.87 20.43 34.81
CA TYR K 121 -3.51 21.08 35.94
C TYR K 121 -3.15 22.56 36.03
N GLY K 122 -1.88 22.90 35.87
CA GLY K 122 -1.43 24.27 35.96
C GLY K 122 -1.72 24.93 37.29
N MET K 123 -2.16 26.19 37.26
CA MET K 123 -2.46 26.95 38.47
C MET K 123 -3.95 26.95 38.78
N CYS K 124 -4.49 25.81 39.18
CA CYS K 124 -5.91 25.73 39.55
C CYS K 124 -6.17 26.57 40.80
N SER K 125 -7.28 27.30 40.78
CA SER K 125 -7.60 28.24 41.86
C SER K 125 -8.55 27.67 42.90
N ASP K 126 -8.74 26.35 42.94
CA ASP K 126 -9.63 25.75 43.92
C ASP K 126 -8.84 25.32 45.16
N LYS K 127 -9.48 25.44 46.33
CA LYS K 127 -8.80 25.11 47.58
C LYS K 127 -8.55 23.61 47.69
N TYR K 128 -9.27 22.80 46.92
CA TYR K 128 -9.15 21.36 46.96
C TYR K 128 -9.10 20.83 45.53
N PHE K 129 -7.95 20.27 45.15
CA PHE K 129 -7.75 19.79 43.79
C PHE K 129 -8.69 18.62 43.50
N ASP K 130 -9.61 18.81 42.55
CA ASP K 130 -10.49 17.75 42.10
C ASP K 130 -10.23 17.49 40.62
N GLU K 131 -10.26 16.22 40.23
CA GLU K 131 -9.95 15.87 38.85
C GLU K 131 -11.15 16.08 37.93
N ASP K 132 -12.33 16.33 38.50
CA ASP K 132 -13.54 16.52 37.71
C ASP K 132 -14.08 17.94 37.76
N HIS K 133 -13.44 18.84 38.52
CA HIS K 133 -13.97 20.19 38.68
C HIS K 133 -12.90 21.26 38.48
N SER K 134 -11.63 20.86 38.41
CA SER K 134 -10.56 21.81 38.22
C SER K 134 -10.59 22.38 36.81
N ASN K 135 -9.96 23.54 36.64
CA ASN K 135 -9.95 24.20 35.34
C ASN K 135 -8.66 23.93 34.59
N LEU K 136 -8.66 24.28 33.30
CA LEU K 136 -7.50 24.12 32.44
C LEU K 136 -7.15 25.49 31.85
N ILE K 137 -5.85 25.74 31.66
CA ILE K 137 -5.35 27.03 31.21
C ILE K 137 -4.61 26.83 29.90
N VAL K 138 -4.97 27.62 28.89
CA VAL K 138 -4.33 27.60 27.59
C VAL K 138 -3.98 29.03 27.21
N GLY K 139 -3.20 29.17 26.13
CA GLY K 139 -2.82 30.47 25.64
C GLY K 139 -3.78 30.99 24.59
N PRO K 140 -3.39 32.08 23.95
CA PRO K 140 -4.24 32.67 22.90
C PRO K 140 -4.42 31.73 21.71
N VAL K 141 -5.59 31.77 21.08
CA VAL K 141 -5.86 30.85 19.98
C VAL K 141 -5.12 31.29 18.72
N ASN K 142 -4.79 32.58 18.60
CA ASN K 142 -4.00 33.03 17.46
C ASN K 142 -2.56 32.56 17.55
N LYS K 143 -2.11 32.10 18.72
CA LYS K 143 -0.77 31.58 18.89
C LYS K 143 -0.77 30.08 18.61
N PRO K 144 -0.05 29.61 17.59
CA PRO K 144 -0.11 28.18 17.26
C PRO K 144 0.86 27.30 18.02
N ARG K 145 1.99 27.84 18.51
CA ARG K 145 3.00 26.98 19.12
C ARG K 145 2.49 26.22 20.34
N TRP K 146 1.38 26.62 20.95
CA TRP K 146 0.92 25.88 22.11
C TRP K 146 0.05 24.69 21.76
N ILE K 147 -0.33 24.51 20.48
CA ILE K 147 -1.25 23.43 20.13
C ILE K 147 -0.69 22.10 20.59
N TYR K 148 0.65 21.98 20.60
CA TYR K 148 1.29 20.74 21.03
C TYR K 148 0.80 20.32 22.41
N SER K 149 0.85 21.24 23.39
CA SER K 149 0.59 20.83 24.76
C SER K 149 -0.81 20.26 24.89
N VAL K 150 -1.81 20.99 24.41
CA VAL K 150 -3.19 20.52 24.49
C VAL K 150 -3.33 19.20 23.75
N SER K 151 -2.63 19.05 22.62
CA SER K 151 -2.67 17.79 21.90
C SER K 151 -2.24 16.64 22.79
N LYS K 152 -1.14 16.85 23.51
CA LYS K 152 -0.68 15.83 24.44
C LYS K 152 -1.81 15.43 25.39
N GLN K 153 -2.52 16.42 25.92
CA GLN K 153 -3.62 16.12 26.83
C GLN K 153 -4.64 15.22 26.12
N LEU K 154 -5.02 15.60 24.91
CA LEU K 154 -5.98 14.80 24.15
C LEU K 154 -5.46 13.39 23.98
N LEU K 155 -4.15 13.25 23.76
CA LEU K 155 -3.56 11.93 23.57
C LEU K 155 -3.90 11.02 24.73
N ASP K 156 -3.73 11.52 25.96
CA ASP K 156 -4.05 10.69 27.12
C ASP K 156 -5.49 10.26 27.09
N ARG K 157 -6.39 11.18 26.73
CA ARG K 157 -7.80 10.86 26.65
C ARG K 157 -8.05 9.68 25.73
N VAL K 158 -7.32 9.61 24.60
CA VAL K 158 -7.52 8.51 23.67
C VAL K 158 -7.32 7.18 24.38
N ILE K 159 -6.26 7.08 25.19
CA ILE K 159 -6.00 5.85 25.92
C ILE K 159 -7.19 5.52 26.82
N TRP K 160 -7.71 6.54 27.52
CA TRP K 160 -8.87 6.34 28.37
C TRP K 160 -10.01 5.71 27.59
N ALA K 161 -10.19 6.16 26.35
CA ALA K 161 -11.27 5.62 25.51
C ALA K 161 -11.13 4.12 25.35
N TYR K 162 -9.91 3.66 25.07
CA TYR K 162 -9.70 2.23 24.84
C TYR K 162 -10.02 1.42 26.08
N GLY K 163 -10.07 2.06 27.24
CA GLY K 163 -10.48 1.36 28.45
C GLY K 163 -11.93 0.92 28.40
N GLU K 164 -12.83 1.79 27.92
CA GLU K 164 -14.25 1.49 28.03
C GLU K 164 -14.71 0.43 27.04
N LYS K 165 -14.00 0.27 25.92
CA LYS K 165 -14.46 -0.63 24.86
C LYS K 165 -13.75 -1.97 24.83
N GLU K 166 -12.52 -2.06 25.33
CA GLU K 166 -11.81 -3.33 25.38
C GLU K 166 -11.10 -3.55 26.72
N GLY K 167 -10.92 -2.49 27.52
CA GLY K 167 -10.29 -2.65 28.81
C GLY K 167 -8.81 -2.90 28.80
N LEU K 168 -8.07 -2.15 27.98
CA LEU K 168 -6.62 -2.25 27.97
C LEU K 168 -6.05 -1.80 29.30
N GLN K 169 -5.03 -2.51 29.78
CA GLN K 169 -4.35 -2.16 31.03
C GLN K 169 -3.37 -1.05 30.73
N PHE K 170 -3.69 0.16 31.19
CA PHE K 170 -2.95 1.36 30.85
C PHE K 170 -2.54 2.07 32.13
N THR K 171 -1.36 2.70 32.09
CA THR K 171 -0.87 3.48 33.23
C THR K 171 -0.33 4.81 32.74
N LEU K 172 -1.12 5.86 32.88
CA LEU K 172 -0.65 7.23 32.68
C LEU K 172 0.16 7.65 33.88
N PHE K 173 1.40 8.10 33.64
CA PHE K 173 2.25 8.56 34.73
C PHE K 173 2.84 9.91 34.37
N ARG K 174 3.00 10.77 35.39
CA ARG K 174 3.46 12.14 35.19
C ARG K 174 4.65 12.44 36.09
N PRO K 175 5.82 12.72 35.52
CA PRO K 175 6.91 13.31 36.31
C PRO K 175 6.57 14.74 36.71
N PHE K 176 7.04 15.13 37.89
CA PHE K 176 6.97 16.53 38.34
C PHE K 176 8.39 16.94 38.74
N ASN K 177 9.17 17.37 37.76
CA ASN K 177 10.48 17.99 37.99
C ASN K 177 11.41 17.08 38.79
N TRP K 178 11.81 15.97 38.17
CA TRP K 178 12.89 15.20 38.76
C TRP K 178 14.21 15.95 38.60
N MET K 179 15.21 15.52 39.35
CA MET K 179 16.55 16.09 39.24
C MET K 179 17.58 15.05 39.67
N GLY K 180 18.80 15.20 39.16
CA GLY K 180 19.87 14.28 39.46
C GLY K 180 21.03 14.45 38.50
N PRO K 181 22.08 13.65 38.67
CA PRO K 181 23.24 13.77 37.80
C PRO K 181 22.93 13.33 36.37
N ARG K 182 23.91 13.51 35.48
CA ARG K 182 23.82 13.13 34.07
C ARG K 182 22.61 13.79 33.41
N LEU K 183 22.47 15.11 33.61
CA LEU K 183 21.36 15.84 33.02
C LEU K 183 21.60 16.06 31.54
N ASP K 184 20.60 16.63 30.86
CA ASP K 184 20.67 16.82 29.43
C ASP K 184 21.16 18.22 29.08
N ASN K 185 21.53 18.40 27.81
CA ASN K 185 22.07 19.66 27.35
C ASN K 185 20.95 20.66 27.06
N LEU K 186 21.36 21.88 26.69
CA LEU K 186 20.39 22.93 26.38
C LEU K 186 19.57 22.58 25.15
N ASN K 187 20.23 22.18 24.06
CA ASN K 187 19.56 21.87 22.80
C ASN K 187 19.34 20.38 22.60
N ALA K 188 19.64 19.55 23.60
CA ALA K 188 19.41 18.12 23.49
C ALA K 188 17.93 17.81 23.56
N ALA K 189 17.48 16.89 22.69
CA ALA K 189 16.08 16.52 22.60
C ALA K 189 15.72 15.42 23.59
N ARG K 190 15.97 15.67 24.89
CA ARG K 190 15.63 14.75 25.95
C ARG K 190 14.80 15.48 26.99
N ILE K 191 13.76 14.82 27.50
CA ILE K 191 12.89 15.43 28.50
C ILE K 191 13.52 15.24 29.87
N GLY K 192 13.06 16.02 30.84
CA GLY K 192 13.66 16.02 32.16
C GLY K 192 14.39 17.33 32.42
N SER K 193 14.38 18.21 31.43
CA SER K 193 15.02 19.50 31.52
C SER K 193 14.09 20.51 32.19
N SER K 194 14.06 20.47 33.52
CA SER K 194 13.27 21.43 34.29
C SER K 194 13.86 22.81 34.11
N ARG K 195 13.08 23.74 33.55
CA ARG K 195 13.59 25.05 33.18
C ARG K 195 14.28 25.74 34.35
N ALA K 196 13.74 25.61 35.56
CA ALA K 196 14.29 26.32 36.71
C ALA K 196 15.71 25.88 37.01
N ILE K 197 15.92 24.56 37.17
CA ILE K 197 17.23 24.08 37.61
C ILE K 197 18.26 24.27 36.50
N THR K 198 17.90 24.00 35.24
CA THR K 198 18.84 24.22 34.15
C THR K 198 19.19 25.69 34.03
N GLN K 199 18.20 26.58 34.16
CA GLN K 199 18.47 28.00 34.13
C GLN K 199 19.40 28.39 35.27
N LEU K 200 19.26 27.71 36.42
CA LEU K 200 20.21 27.93 37.52
C LEU K 200 21.62 27.52 37.13
N ILE K 201 21.76 26.39 36.44
CA ILE K 201 23.09 26.00 35.95
C ILE K 201 23.64 27.05 35.01
N LEU K 202 22.79 27.64 34.16
CA LEU K 202 23.25 28.74 33.32
C LEU K 202 23.74 29.92 34.15
N ASN K 203 23.01 30.29 35.20
CA ASN K 203 23.49 31.38 36.06
C ASN K 203 24.84 31.03 36.67
N LEU K 204 25.05 29.75 37.00
CA LEU K 204 26.37 29.35 37.47
C LEU K 204 27.44 29.53 36.40
N VAL K 205 27.30 28.84 35.27
CA VAL K 205 28.41 28.76 34.31
C VAL K 205 28.69 30.11 33.67
N GLU K 206 27.64 30.81 33.22
CA GLU K 206 27.86 32.16 32.70
C GLU K 206 28.23 33.16 33.79
N GLY K 207 28.10 32.79 35.06
CA GLY K 207 28.30 33.74 36.14
C GLY K 207 27.30 34.86 36.10
N SER K 208 26.10 34.61 35.55
CA SER K 208 25.07 35.60 35.42
C SER K 208 24.31 35.77 36.73
N PRO K 209 23.83 36.97 37.01
CA PRO K 209 23.05 37.19 38.24
C PRO K 209 21.74 36.43 38.21
N ILE K 210 21.31 36.01 39.39
CA ILE K 210 20.06 35.26 39.54
C ILE K 210 18.89 36.20 39.23
N LYS K 211 18.09 35.80 38.25
CA LYS K 211 17.00 36.63 37.73
C LYS K 211 15.73 36.35 38.53
N LEU K 212 15.35 37.29 39.39
CA LEU K 212 14.12 37.18 40.17
C LEU K 212 12.96 37.50 39.22
N ILE K 213 12.36 36.45 38.65
CA ILE K 213 11.22 36.63 37.76
C ILE K 213 10.04 37.12 38.58
N ASP K 214 9.59 38.35 38.28
CA ASP K 214 8.51 38.99 39.03
C ASP K 214 8.79 39.02 40.52
N GLY K 215 10.05 39.29 40.87
CA GLY K 215 10.48 39.33 42.26
C GLY K 215 11.01 38.02 42.79
N GLY K 216 10.89 36.93 42.05
CA GLY K 216 11.39 35.64 42.50
C GLY K 216 10.70 35.09 43.72
N LYS K 217 9.37 35.06 43.72
CA LYS K 217 8.60 34.53 44.83
C LYS K 217 7.85 33.25 44.50
N GLN K 218 8.09 32.66 43.32
CA GLN K 218 7.32 31.51 42.88
C GLN K 218 7.83 30.23 43.53
N LYS K 219 6.90 29.44 44.08
CA LYS K 219 7.25 28.23 44.81
C LYS K 219 7.11 27.00 43.93
N ARG K 220 8.22 26.29 43.73
CA ARG K 220 8.26 25.07 42.95
C ARG K 220 8.48 23.87 43.86
N CYS K 221 8.31 22.69 43.27
CA CYS K 221 8.54 21.42 43.95
C CYS K 221 9.58 20.62 43.19
N PHE K 222 10.33 19.78 43.90
CA PHE K 222 11.41 19.01 43.33
C PHE K 222 11.31 17.57 43.80
N THR K 223 11.60 16.64 42.88
CA THR K 223 11.42 15.21 43.13
C THR K 223 12.72 14.46 42.88
N ASP K 224 12.96 13.44 43.69
CA ASP K 224 14.13 12.59 43.50
C ASP K 224 13.83 11.51 42.46
N ILE K 225 14.82 11.24 41.61
CA ILE K 225 14.64 10.29 40.52
C ILE K 225 14.42 8.88 41.06
N ARG K 226 15.22 8.47 42.05
CA ARG K 226 15.34 7.05 42.38
C ARG K 226 14.04 6.50 42.96
N ASP K 227 13.40 7.23 43.87
CA ASP K 227 12.17 6.74 44.47
C ASP K 227 11.06 6.61 43.42
N GLY K 228 10.98 7.58 42.51
CA GLY K 228 9.98 7.50 41.46
C GLY K 228 10.22 6.33 40.53
N ILE K 229 11.47 6.15 40.11
CA ILE K 229 11.76 5.07 39.17
C ILE K 229 11.57 3.71 39.83
N GLU K 230 11.87 3.58 41.12
CA GLU K 230 11.62 2.30 41.78
C GLU K 230 10.13 2.08 41.99
N ALA K 231 9.37 3.16 42.15
CA ALA K 231 7.92 3.05 42.11
C ALA K 231 7.47 2.49 40.77
N LEU K 232 8.02 3.03 39.67
CA LEU K 232 7.68 2.47 38.36
C LEU K 232 8.07 1.01 38.27
N TYR K 233 9.20 0.63 38.88
CA TYR K 233 9.59 -0.77 38.87
C TYR K 233 8.52 -1.61 39.56
N ARG K 234 8.01 -1.15 40.71
CA ARG K 234 7.09 -2.00 41.44
C ARG K 234 5.68 -1.95 40.85
N ILE K 235 5.41 -0.98 39.97
CA ILE K 235 4.22 -1.09 39.12
C ILE K 235 4.47 -2.06 37.99
N ILE K 236 5.71 -2.11 37.50
CA ILE K 236 6.08 -3.03 36.43
C ILE K 236 5.92 -4.48 36.90
N GLU K 237 6.49 -4.80 38.06
CA GLU K 237 6.25 -6.13 38.63
C GLU K 237 4.83 -6.24 39.16
N ASN K 238 4.13 -5.12 39.28
CA ASN K 238 2.68 -5.08 39.54
C ASN K 238 2.36 -5.73 40.89
N ALA K 239 2.90 -5.12 41.94
CA ALA K 239 2.67 -5.61 43.29
C ALA K 239 1.23 -5.37 43.70
N GLY K 240 0.44 -6.44 43.78
CA GLY K 240 -0.91 -6.36 44.30
C GLY K 240 -1.98 -5.98 43.30
N ASN K 241 -1.61 -5.67 42.06
CA ASN K 241 -2.56 -5.26 41.01
C ASN K 241 -3.37 -4.04 41.43
N ARG K 242 -2.77 -3.17 42.24
CA ARG K 242 -3.45 -2.00 42.77
C ARG K 242 -3.39 -0.80 41.84
N CYS K 243 -2.48 -0.77 40.88
CA CYS K 243 -2.30 0.36 39.99
C CYS K 243 -3.05 0.21 38.67
N ASP K 244 -3.74 -0.91 38.46
CA ASP K 244 -4.34 -1.18 37.17
C ASP K 244 -5.49 -0.21 36.88
N GLY K 245 -5.40 0.47 35.74
CA GLY K 245 -6.43 1.43 35.37
C GLY K 245 -6.46 2.67 36.24
N GLU K 246 -5.35 2.99 36.91
CA GLU K 246 -5.29 4.11 37.82
C GLU K 246 -4.30 5.16 37.35
N ILE K 247 -4.67 6.42 37.50
CA ILE K 247 -3.88 7.56 37.07
C ILE K 247 -2.95 7.91 38.23
N ILE K 248 -1.65 7.71 38.04
CA ILE K 248 -0.67 7.73 39.12
C ILE K 248 0.20 8.97 39.01
N ASN K 249 0.23 9.76 40.08
CA ASN K 249 1.06 10.95 40.18
C ASN K 249 2.17 10.71 41.19
N ILE K 250 3.38 11.11 40.83
CA ILE K 250 4.55 11.00 41.69
C ILE K 250 5.05 12.43 41.93
N GLY K 251 5.19 12.80 43.20
CA GLY K 251 5.66 14.13 43.53
C GLY K 251 6.20 14.20 44.94
N ASN K 252 6.87 15.32 45.22
CA ASN K 252 7.42 15.60 46.55
C ASN K 252 6.98 16.98 46.98
N PRO K 253 5.76 17.14 47.51
CA PRO K 253 5.21 18.49 47.69
C PRO K 253 5.68 19.21 48.94
N GLU K 254 6.06 18.48 50.00
CA GLU K 254 6.53 19.16 51.20
C GLU K 254 7.80 19.95 50.93
N ASN K 255 8.51 19.64 49.85
CA ASN K 255 9.74 20.33 49.48
C ASN K 255 9.41 21.47 48.50
N GLU K 256 8.48 22.31 48.94
CA GLU K 256 8.00 23.45 48.17
C GLU K 256 8.80 24.69 48.56
N ALA K 257 9.46 25.30 47.58
CA ALA K 257 10.37 26.40 47.89
C ALA K 257 10.37 27.41 46.76
N SER K 258 10.47 28.69 47.12
CA SER K 258 10.67 29.75 46.14
C SER K 258 12.10 29.74 45.64
N ILE K 259 12.32 30.36 44.47
CA ILE K 259 13.64 30.33 43.85
C ILE K 259 14.67 31.03 44.72
N GLU K 260 14.21 31.88 45.65
CA GLU K 260 15.13 32.60 46.52
C GLU K 260 15.89 31.64 47.44
N GLU K 261 15.17 30.74 48.13
CA GLU K 261 15.86 29.79 48.97
C GLU K 261 16.63 28.76 48.15
N LEU K 262 16.20 28.52 46.90
CA LEU K 262 17.04 27.77 45.98
C LEU K 262 18.39 28.48 45.79
N GLY K 263 18.36 29.80 45.64
CA GLY K 263 19.60 30.54 45.52
C GLY K 263 20.45 30.48 46.79
N GLU K 264 19.79 30.57 47.95
CA GLU K 264 20.53 30.47 49.21
C GLU K 264 21.19 29.10 49.34
N MET K 265 20.45 28.05 49.00
CA MET K 265 20.97 26.68 49.03
C MET K 265 22.11 26.53 48.02
N LEU K 266 21.96 27.18 46.86
CA LEU K 266 23.02 27.21 45.85
C LEU K 266 24.29 27.82 46.39
N LEU K 267 24.18 28.96 47.08
CA LEU K 267 25.37 29.57 47.69
C LEU K 267 25.96 28.66 48.75
N ALA K 268 25.11 28.04 49.57
CA ALA K 268 25.60 27.15 50.61
C ALA K 268 26.42 26.01 50.02
N SER K 269 25.98 25.47 48.88
CA SER K 269 26.74 24.40 48.23
C SER K 269 27.98 24.92 47.52
N PHE K 270 27.90 26.12 46.93
CA PHE K 270 28.99 26.61 46.10
C PHE K 270 30.16 27.10 46.95
N GLU K 271 29.87 27.61 48.15
CA GLU K 271 30.94 28.15 48.97
C GLU K 271 31.86 27.07 49.53
N LYS K 272 31.64 25.82 49.15
CA LYS K 272 32.51 24.74 49.63
C LYS K 272 33.42 24.19 48.53
N HIS K 273 32.96 24.20 47.28
CA HIS K 273 33.63 23.46 46.22
C HIS K 273 34.98 24.08 45.90
N PRO K 274 36.07 23.30 45.90
CA PRO K 274 37.41 23.89 45.89
C PRO K 274 37.85 24.45 44.55
N LEU K 275 37.39 23.88 43.43
CA LEU K 275 37.90 24.24 42.11
C LEU K 275 37.21 25.48 41.54
N ARG K 276 36.64 26.32 42.41
CA ARG K 276 35.88 27.49 41.93
C ARG K 276 36.76 28.49 41.21
N HIS K 277 38.09 28.36 41.33
CA HIS K 277 38.97 29.39 40.80
C HIS K 277 39.06 29.37 39.29
N HIS K 278 38.48 28.36 38.63
CA HIS K 278 38.30 28.41 37.19
C HIS K 278 36.99 29.02 36.77
N PHE K 279 36.17 29.48 37.72
CA PHE K 279 34.83 29.98 37.45
C PHE K 279 34.66 31.36 38.07
N PRO K 280 33.78 32.18 37.51
CA PRO K 280 33.56 33.52 38.06
C PRO K 280 32.85 33.45 39.39
N PRO K 281 32.96 34.49 40.22
CA PRO K 281 32.36 34.45 41.56
C PRO K 281 30.84 34.58 41.49
N PHE K 282 30.24 34.65 42.68
CA PHE K 282 28.80 34.83 42.78
C PHE K 282 28.41 36.18 42.20
N ALA K 283 27.33 36.20 41.42
CA ALA K 283 26.93 37.42 40.72
C ALA K 283 25.90 38.25 41.47
N GLY K 284 24.99 37.62 42.21
CA GLY K 284 24.02 38.35 43.00
C GLY K 284 22.62 38.26 42.43
N PHE K 285 21.66 38.68 43.26
CA PHE K 285 20.24 38.63 42.91
C PHE K 285 19.81 39.94 42.25
N ARG K 286 19.46 39.87 40.96
CA ARG K 286 18.86 41.01 40.26
C ARG K 286 17.43 40.65 39.88
N VAL K 287 16.51 41.57 40.13
CA VAL K 287 15.10 41.34 39.81
C VAL K 287 14.86 41.61 38.34
N VAL K 288 13.85 40.94 37.78
CA VAL K 288 13.46 41.14 36.39
C VAL K 288 12.06 41.74 36.33
N VAL K 301 2.69 30.69 42.20
CA VAL K 301 1.46 30.04 42.64
C VAL K 301 1.21 30.34 44.11
N GLU K 302 0.20 31.18 44.38
CA GLU K 302 -0.13 31.55 45.76
C GLU K 302 -0.58 30.37 46.59
N HIS K 303 -1.42 29.49 46.05
CA HIS K 303 -1.90 28.33 46.79
C HIS K 303 -1.86 27.12 45.88
N ARG K 304 -1.02 26.14 46.26
CA ARG K 304 -0.92 24.87 45.53
C ARG K 304 -0.96 23.76 46.59
N LYS K 305 -2.02 22.96 46.55
CA LYS K 305 -2.23 21.90 47.52
C LYS K 305 -1.81 20.56 46.93
N PRO K 306 -1.30 19.63 47.74
CA PRO K 306 -0.76 18.38 47.20
C PRO K 306 -1.83 17.31 46.97
N SER K 307 -1.83 16.79 45.74
CA SER K 307 -2.68 15.66 45.37
C SER K 307 -1.82 14.40 45.36
N ILE K 308 -1.73 13.73 46.51
CA ILE K 308 -0.90 12.53 46.64
C ILE K 308 -1.73 11.40 47.24
N ARG K 309 -3.06 11.52 47.12
CA ARG K 309 -3.94 10.49 47.67
C ARG K 309 -3.84 9.19 46.89
N ASN K 310 -3.90 9.26 45.56
CA ASN K 310 -3.89 8.05 44.75
C ASN K 310 -2.54 7.34 44.81
N ALA K 311 -1.46 8.11 44.96
CA ALA K 311 -0.13 7.51 45.04
C ALA K 311 -0.04 6.57 46.24
N HIS K 312 -0.54 7.01 47.40
CA HIS K 312 -0.59 6.13 48.56
C HIS K 312 -1.66 5.05 48.37
N ARG K 313 -2.76 5.39 47.72
CA ARG K 313 -3.85 4.43 47.54
C ARG K 313 -3.40 3.24 46.68
N CYS K 314 -2.37 3.45 45.87
CA CYS K 314 -1.86 2.38 45.02
C CYS K 314 -0.55 1.79 45.50
N LEU K 315 0.29 2.57 46.18
CA LEU K 315 1.61 2.10 46.61
C LEU K 315 1.88 2.22 48.11
N ASP K 316 1.34 3.24 48.77
CA ASP K 316 1.85 3.66 50.08
C ASP K 316 3.36 3.89 50.01
N TRP K 317 3.79 4.69 49.04
CA TRP K 317 5.19 4.89 48.77
C TRP K 317 5.63 6.28 49.23
N GLU K 318 6.83 6.35 49.78
CA GLU K 318 7.38 7.58 50.35
C GLU K 318 8.81 7.72 49.87
N PRO K 319 9.37 8.94 49.91
CA PRO K 319 10.78 9.10 49.57
C PRO K 319 11.68 9.08 50.80
N LYS K 320 12.97 8.85 50.55
CA LYS K 320 14.01 8.98 51.56
C LYS K 320 14.98 10.13 51.32
N ILE K 321 15.63 10.17 50.16
CA ILE K 321 16.77 11.06 49.93
C ILE K 321 16.27 12.44 49.55
N ASP K 322 16.85 13.45 50.18
CA ASP K 322 16.43 14.84 50.06
C ASP K 322 17.28 15.55 48.99
N MET K 323 16.76 16.67 48.47
CA MET K 323 17.39 17.30 47.30
C MET K 323 18.78 17.83 47.61
N GLN K 324 18.94 18.65 48.66
CA GLN K 324 20.20 19.38 48.86
C GLN K 324 21.43 18.51 48.57
N GLU K 325 21.54 17.35 49.22
CA GLU K 325 22.71 16.51 49.01
C GLU K 325 22.81 16.04 47.56
N THR K 326 21.68 15.63 46.96
CA THR K 326 21.72 15.12 45.59
C THR K 326 22.11 16.21 44.60
N ILE K 327 21.66 17.45 44.82
CA ILE K 327 22.01 18.51 43.87
C ILE K 327 23.45 18.96 44.08
N ASP K 328 23.95 18.86 45.32
CA ASP K 328 25.39 19.05 45.52
C ASP K 328 26.17 18.04 44.70
N GLU K 329 25.76 16.76 44.76
CA GLU K 329 26.47 15.73 44.01
C GLU K 329 26.32 15.93 42.51
N THR K 330 25.15 16.41 42.08
CA THR K 330 24.90 16.65 40.66
C THR K 330 25.78 17.78 40.14
N LEU K 331 25.86 18.87 40.89
CA LEU K 331 26.71 19.98 40.48
C LEU K 331 28.17 19.60 40.56
N ASP K 332 28.54 18.75 41.52
CA ASP K 332 29.91 18.25 41.58
C ASP K 332 30.22 17.40 40.35
N PHE K 333 29.26 16.59 39.91
CA PHE K 333 29.42 15.85 38.66
C PHE K 333 29.63 16.80 37.49
N PHE K 334 28.73 17.77 37.33
CA PHE K 334 28.77 18.62 36.15
C PHE K 334 29.91 19.62 36.24
N LEU K 335 30.56 19.68 37.40
CA LEU K 335 31.74 20.53 37.56
C LEU K 335 33.01 19.75 37.25
N ARG K 336 33.08 18.49 37.70
CA ARG K 336 34.24 17.66 37.42
C ARG K 336 34.25 17.12 35.99
N THR K 337 33.12 17.14 35.29
CA THR K 337 33.05 16.61 33.94
C THR K 337 33.28 17.67 32.87
N VAL K 338 34.09 18.69 33.15
CA VAL K 338 34.47 19.64 32.11
C VAL K 338 35.34 18.92 31.09
N ASP K 339 35.21 19.30 29.82
CA ASP K 339 35.94 18.66 28.74
C ASP K 339 37.40 19.05 28.83
N LEU K 340 38.27 18.08 29.14
CA LEU K 340 39.69 18.37 29.34
C LEU K 340 40.35 18.87 28.06
N THR K 341 39.88 18.42 26.90
CA THR K 341 40.53 18.78 25.65
C THR K 341 40.04 20.12 25.08
N ASP K 342 39.44 20.97 25.91
CA ASP K 342 38.96 22.28 25.49
C ASP K 342 37.98 22.15 24.32
N MET L 1 28.71 18.53 9.25
CA MET L 1 27.36 18.02 9.02
C MET L 1 27.41 16.54 8.62
N ARG L 2 26.38 16.08 7.91
CA ARG L 2 26.25 14.68 7.54
C ARG L 2 26.29 14.53 6.03
N VAL L 3 27.10 13.58 5.57
CA VAL L 3 27.31 13.31 4.15
C VAL L 3 26.89 11.88 3.87
N LEU L 4 26.05 11.71 2.86
CA LEU L 4 25.69 10.39 2.35
C LEU L 4 26.13 10.34 0.90
N ILE L 5 27.01 9.40 0.58
CA ILE L 5 27.46 9.18 -0.79
C ILE L 5 26.98 7.79 -1.19
N LEU L 6 25.90 7.76 -1.97
CA LEU L 6 25.23 6.52 -2.33
C LEU L 6 26.02 5.87 -3.47
N GLY L 7 26.55 4.68 -3.21
CA GLY L 7 27.48 4.04 -4.12
C GLY L 7 28.92 4.23 -3.68
N VAL L 8 29.20 3.93 -2.41
CA VAL L 8 30.51 4.17 -1.84
C VAL L 8 31.58 3.23 -2.39
N ASN L 9 31.21 2.02 -2.82
CA ASN L 9 32.18 0.99 -3.19
C ASN L 9 32.54 1.15 -4.66
N GLY L 10 33.54 2.00 -4.90
CA GLY L 10 34.00 2.19 -6.26
C GLY L 10 35.21 3.09 -6.30
N PHE L 11 35.75 3.25 -7.51
CA PHE L 11 36.90 4.10 -7.79
C PHE L 11 36.66 5.52 -7.31
N ILE L 12 35.71 6.19 -7.98
CA ILE L 12 35.44 7.59 -7.69
C ILE L 12 34.90 7.75 -6.28
N GLY L 13 34.08 6.80 -5.81
CA GLY L 13 33.59 6.88 -4.45
C GLY L 13 34.71 6.81 -3.43
N ASN L 14 35.66 5.89 -3.64
CA ASN L 14 36.77 5.73 -2.71
C ASN L 14 37.62 6.99 -2.68
N HIS L 15 37.96 7.52 -3.85
CA HIS L 15 38.80 8.72 -3.87
C HIS L 15 38.06 9.94 -3.32
N LEU L 16 36.75 10.01 -3.55
CA LEU L 16 35.95 11.08 -2.96
C LEU L 16 35.96 10.99 -1.45
N THR L 17 35.83 9.77 -0.90
CA THR L 17 35.90 9.59 0.54
C THR L 17 37.27 9.98 1.07
N GLU L 18 38.33 9.58 0.36
CA GLU L 18 39.68 9.91 0.78
C GLU L 18 39.88 11.42 0.84
N ARG L 19 39.36 12.13 -0.18
CA ARG L 19 39.46 13.59 -0.17
C ARG L 19 38.63 14.19 0.96
N LEU L 20 37.44 13.65 1.19
CA LEU L 20 36.56 14.22 2.20
C LEU L 20 37.12 14.06 3.61
N LEU L 21 37.82 12.94 3.87
CA LEU L 21 38.43 12.75 5.17
C LEU L 21 39.62 13.66 5.41
N ARG L 22 39.96 14.53 4.46
CA ARG L 22 41.04 15.49 4.68
C ARG L 22 40.53 16.74 5.39
N GLU L 23 39.21 16.91 5.49
CA GLU L 23 38.62 18.05 6.16
C GLU L 23 37.80 17.58 7.36
N ASP L 24 37.73 18.43 8.38
CA ASP L 24 37.40 17.98 9.73
C ASP L 24 35.92 18.13 10.12
N HIS L 25 35.07 18.74 9.29
CA HIS L 25 33.68 18.93 9.68
C HIS L 25 32.72 18.12 8.80
N TYR L 26 33.10 16.89 8.48
CA TYR L 26 32.27 15.99 7.69
C TYR L 26 32.13 14.66 8.40
N GLU L 27 30.93 14.09 8.36
CA GLU L 27 30.67 12.73 8.79
C GLU L 27 30.27 11.91 7.58
N VAL L 28 30.90 10.74 7.41
CA VAL L 28 30.74 9.92 6.22
C VAL L 28 29.96 8.67 6.59
N TYR L 29 28.75 8.54 6.04
CA TYR L 29 27.99 7.30 6.12
C TYR L 29 27.83 6.82 4.69
N GLY L 30 28.47 5.71 4.36
CA GLY L 30 28.38 5.19 3.00
C GLY L 30 27.42 4.02 2.89
N LEU L 31 26.51 4.06 1.92
CA LEU L 31 25.52 3.02 1.74
C LEU L 31 25.76 2.28 0.43
N ASP L 32 25.93 0.96 0.53
CA ASP L 32 26.07 0.14 -0.66
C ASP L 32 25.99 -1.32 -0.24
N ILE L 33 25.82 -2.20 -1.22
CA ILE L 33 25.75 -3.63 -0.93
C ILE L 33 27.14 -4.23 -0.65
N GLY L 34 28.22 -3.62 -1.13
CA GLY L 34 29.55 -4.17 -0.98
C GLY L 34 30.49 -3.18 -0.32
N SER L 35 31.55 -3.72 0.29
CA SER L 35 32.50 -2.88 1.01
C SER L 35 33.95 -3.31 0.79
N ASP L 36 34.23 -4.13 -0.22
CA ASP L 36 35.59 -4.65 -0.39
C ASP L 36 36.58 -3.54 -0.72
N ALA L 37 36.20 -2.60 -1.58
CA ALA L 37 37.15 -1.62 -2.07
C ALA L 37 37.48 -0.53 -1.05
N ILE L 38 36.59 -0.25 -0.11
CA ILE L 38 36.82 0.80 0.87
C ILE L 38 37.08 0.23 2.27
N SER L 39 37.53 -1.02 2.33
CA SER L 39 37.79 -1.65 3.63
C SER L 39 38.98 -1.02 4.35
N ARG L 40 39.76 -0.18 3.67
CA ARG L 40 40.83 0.56 4.35
C ARG L 40 40.28 1.62 5.30
N PHE L 41 39.08 2.13 5.04
CA PHE L 41 38.56 3.25 5.82
C PHE L 41 37.48 2.87 6.82
N LEU L 42 37.20 1.58 7.02
CA LEU L 42 36.25 1.20 8.05
C LEU L 42 36.73 1.60 9.44
N ASN L 43 38.02 1.40 9.71
CA ASN L 43 38.59 1.70 11.01
C ASN L 43 38.65 3.19 11.32
N HIS L 44 38.46 4.04 10.33
CA HIS L 44 38.52 5.48 10.57
C HIS L 44 37.32 5.89 11.41
N PRO L 45 37.49 6.73 12.43
CA PRO L 45 36.41 6.92 13.43
C PRO L 45 35.10 7.45 12.85
N HIS L 46 35.15 8.33 11.86
CA HIS L 46 33.94 8.95 11.33
C HIS L 46 33.40 8.25 10.09
N PHE L 47 33.86 7.04 9.80
CA PHE L 47 33.32 6.25 8.70
C PHE L 47 32.29 5.27 9.23
N HIS L 48 31.15 5.20 8.56
CA HIS L 48 30.06 4.31 8.96
C HIS L 48 29.38 3.74 7.73
N PHE L 49 29.47 2.42 7.56
CA PHE L 49 28.96 1.73 6.40
C PHE L 49 27.58 1.14 6.69
N VAL L 50 26.70 1.21 5.68
CA VAL L 50 25.38 0.60 5.76
C VAL L 50 25.08 -0.15 4.47
N GLU L 51 24.63 -1.40 4.63
CA GLU L 51 24.23 -2.21 3.49
C GLU L 51 22.92 -1.68 2.91
N GLY L 52 22.86 -1.59 1.59
CA GLY L 52 21.66 -1.08 0.95
C GLY L 52 21.65 -1.38 -0.53
N ASP L 53 20.46 -1.26 -1.11
CA ASP L 53 20.26 -1.47 -2.54
C ASP L 53 19.01 -0.71 -2.93
N ILE L 54 19.14 0.24 -3.86
CA ILE L 54 18.02 1.10 -4.23
C ILE L 54 16.89 0.30 -4.87
N SER L 55 17.21 -0.84 -5.48
CA SER L 55 16.20 -1.65 -6.14
C SER L 55 15.18 -2.21 -5.15
N ILE L 56 15.63 -2.61 -3.96
CA ILE L 56 14.78 -3.30 -2.99
C ILE L 56 14.55 -2.43 -1.75
N HIS L 57 15.63 -2.01 -1.08
CA HIS L 57 15.51 -1.20 0.12
C HIS L 57 14.84 0.14 -0.20
N SER L 58 13.82 0.49 0.58
CA SER L 58 13.14 1.77 0.44
C SER L 58 13.21 2.58 1.73
N GLU L 59 12.93 1.96 2.87
CA GLU L 59 12.87 2.72 4.12
C GLU L 59 14.25 3.20 4.55
N TRP L 60 15.29 2.40 4.26
CA TRP L 60 16.64 2.76 4.68
C TRP L 60 17.11 4.04 3.98
N ILE L 61 16.91 4.11 2.67
CA ILE L 61 17.35 5.27 1.90
C ILE L 61 16.58 6.52 2.34
N GLU L 62 15.27 6.38 2.53
CA GLU L 62 14.47 7.53 2.95
C GLU L 62 14.88 8.00 4.34
N TYR L 63 15.13 7.07 5.25
CA TYR L 63 15.56 7.43 6.59
C TYR L 63 16.89 8.17 6.57
N HIS L 64 17.84 7.67 5.77
CA HIS L 64 19.08 8.42 5.62
C HIS L 64 18.85 9.78 5.01
N VAL L 65 18.01 9.88 3.97
CA VAL L 65 17.72 11.18 3.37
C VAL L 65 17.23 12.15 4.43
N LYS L 66 16.32 11.69 5.30
CA LYS L 66 15.89 12.50 6.43
C LYS L 66 17.06 12.92 7.31
N LYS L 67 17.89 11.96 7.73
CA LYS L 67 18.91 12.29 8.71
C LYS L 67 20.09 13.08 8.15
N CYS L 68 20.53 12.81 6.92
CA CYS L 68 21.74 13.45 6.42
C CYS L 68 21.48 14.90 6.03
N ASP L 69 22.52 15.58 5.59
CA ASP L 69 22.45 16.97 5.18
C ASP L 69 22.97 17.22 3.76
N VAL L 70 23.82 16.34 3.22
CA VAL L 70 24.17 16.38 1.81
C VAL L 70 24.12 14.97 1.24
N VAL L 71 23.57 14.84 0.03
CA VAL L 71 23.30 13.56 -0.60
C VAL L 71 23.95 13.54 -1.98
N LEU L 72 24.72 12.48 -2.26
CA LEU L 72 25.48 12.35 -3.50
C LEU L 72 25.13 11.04 -4.21
N PRO L 73 24.31 11.08 -5.26
CA PRO L 73 24.05 9.87 -6.06
C PRO L 73 25.22 9.61 -7.00
N LEU L 74 25.77 8.39 -6.96
CA LEU L 74 27.00 8.13 -7.67
C LEU L 74 27.08 6.79 -8.41
N VAL L 75 26.22 5.82 -8.11
CA VAL L 75 26.37 4.48 -8.67
C VAL L 75 25.54 4.38 -9.94
N ALA L 76 26.03 3.60 -10.90
CA ALA L 76 25.31 3.34 -12.15
C ALA L 76 25.73 1.97 -12.67
N ILE L 77 24.79 1.29 -13.31
CA ILE L 77 25.04 -0.03 -13.88
C ILE L 77 25.55 0.15 -15.31
N ALA L 78 26.70 -0.46 -15.61
CA ALA L 78 27.33 -0.37 -16.92
C ALA L 78 27.70 -1.75 -17.43
N THR L 79 26.81 -2.72 -17.28
CA THR L 79 27.06 -4.08 -17.73
C THR L 79 26.62 -4.21 -19.19
N PRO L 80 27.52 -4.57 -20.10
CA PRO L 80 27.14 -4.62 -21.52
C PRO L 80 26.11 -5.71 -21.83
N ILE L 81 26.33 -6.93 -21.34
CA ILE L 81 25.43 -8.03 -21.68
C ILE L 81 24.03 -7.77 -21.16
N GLU L 82 23.90 -7.17 -19.97
CA GLU L 82 22.59 -6.80 -19.45
C GLU L 82 21.85 -5.87 -20.41
N TYR L 83 22.57 -5.07 -21.18
CA TYR L 83 21.93 -4.21 -22.17
C TYR L 83 21.19 -5.02 -23.23
N THR L 84 21.72 -6.19 -23.61
CA THR L 84 21.14 -6.96 -24.71
C THR L 84 20.14 -8.00 -24.25
N ARG L 85 20.44 -8.76 -23.19
CA ARG L 85 19.55 -9.83 -22.77
C ARG L 85 18.28 -9.29 -22.12
N ASN L 86 18.42 -8.30 -21.25
CA ASN L 86 17.31 -7.80 -20.44
C ASN L 86 17.35 -6.29 -20.29
N PRO L 87 17.03 -5.55 -21.35
CA PRO L 87 16.90 -4.09 -21.21
C PRO L 87 15.85 -3.69 -20.19
N LEU L 88 14.83 -4.53 -20.00
CA LEU L 88 13.79 -4.22 -19.02
C LEU L 88 14.38 -4.09 -17.63
N ARG L 89 15.39 -4.89 -17.31
CA ARG L 89 16.01 -4.82 -16.00
C ARG L 89 16.64 -3.45 -15.77
N VAL L 90 17.50 -3.01 -16.70
CA VAL L 90 18.17 -1.73 -16.53
C VAL L 90 17.16 -0.58 -16.59
N PHE L 91 16.08 -0.76 -17.35
CA PHE L 91 15.07 0.30 -17.40
C PHE L 91 14.33 0.40 -16.06
N GLU L 92 13.98 -0.74 -15.47
CA GLU L 92 13.19 -0.76 -14.25
C GLU L 92 14.02 -0.45 -13.02
N LEU L 93 15.35 -0.56 -13.10
CA LEU L 93 16.14 -0.11 -11.95
C LEU L 93 16.72 1.28 -12.18
N ASP L 94 17.41 1.50 -13.31
CA ASP L 94 18.24 2.69 -13.46
C ASP L 94 17.42 3.96 -13.63
N PHE L 95 16.12 3.85 -13.95
CA PHE L 95 15.34 5.06 -14.20
C PHE L 95 14.53 5.47 -12.97
N GLU L 96 13.56 4.63 -12.56
CA GLU L 96 12.48 5.12 -11.69
C GLU L 96 12.92 5.36 -10.26
N GLU L 97 13.78 4.49 -9.72
CA GLU L 97 14.26 4.73 -8.35
C GLU L 97 14.97 6.07 -8.26
N ASN L 98 15.83 6.38 -9.23
CA ASN L 98 16.54 7.66 -9.22
C ASN L 98 15.57 8.84 -9.31
N LEU L 99 14.56 8.75 -10.18
CA LEU L 99 13.54 9.79 -10.21
C LEU L 99 12.85 9.91 -8.86
N ARG L 100 12.67 8.78 -8.17
CA ARG L 100 12.10 8.81 -6.83
C ARG L 100 12.98 9.59 -5.87
N ILE L 101 14.30 9.35 -5.89
CA ILE L 101 15.15 10.11 -4.97
C ILE L 101 15.16 11.58 -5.33
N ILE L 102 15.16 11.91 -6.62
CA ILE L 102 15.06 13.33 -6.98
C ILE L 102 13.80 13.94 -6.41
N ARG L 103 12.68 13.22 -6.48
CA ARG L 103 11.42 13.79 -6.00
C ARG L 103 11.43 13.94 -4.49
N TYR L 104 12.02 12.96 -3.78
CA TYR L 104 12.16 13.11 -2.33
C TYR L 104 13.06 14.29 -1.99
N CYS L 105 14.12 14.49 -2.76
CA CYS L 105 15.00 15.62 -2.53
C CYS L 105 14.28 16.94 -2.72
N VAL L 106 13.40 17.02 -3.73
CA VAL L 106 12.55 18.21 -3.86
C VAL L 106 11.69 18.37 -2.63
N LYS L 107 11.08 17.29 -2.15
CA LYS L 107 10.16 17.39 -1.03
C LYS L 107 10.89 17.76 0.25
N TYR L 108 12.18 17.48 0.33
CA TYR L 108 12.93 17.78 1.55
C TYR L 108 14.03 18.81 1.26
N ARG L 109 13.90 19.61 0.20
CA ARG L 109 14.79 20.75 -0.04
C ARG L 109 16.27 20.35 0.07
N LYS L 110 16.66 19.38 -0.74
CA LYS L 110 17.98 18.77 -0.61
C LYS L 110 18.85 19.04 -1.85
N ARG L 111 20.15 19.12 -1.60
CA ARG L 111 21.12 19.25 -2.68
C ARG L 111 21.18 17.98 -3.51
N ILE L 112 21.24 18.16 -4.84
CA ILE L 112 21.40 17.05 -5.76
C ILE L 112 22.58 17.36 -6.68
N ILE L 113 23.57 16.47 -6.67
CA ILE L 113 24.76 16.57 -7.49
C ILE L 113 24.74 15.35 -8.42
N PHE L 114 24.23 15.54 -9.64
CA PHE L 114 23.97 14.40 -10.50
C PHE L 114 25.07 14.25 -11.53
N PRO L 115 25.63 13.05 -11.67
CA PRO L 115 26.71 12.80 -12.62
C PRO L 115 26.19 12.56 -14.03
N SER L 116 26.00 13.64 -14.79
CA SER L 116 25.60 13.52 -16.18
C SER L 116 26.75 12.92 -17.00
N THR L 117 26.41 12.37 -18.16
CA THR L 117 27.37 11.66 -19.00
C THR L 117 27.95 12.58 -20.06
N SER L 118 29.22 12.36 -20.39
CA SER L 118 29.91 13.13 -21.41
C SER L 118 29.69 12.59 -22.82
N GLU L 119 29.09 11.41 -22.97
CA GLU L 119 28.96 10.77 -24.27
C GLU L 119 27.80 11.34 -25.10
N VAL L 120 27.24 12.48 -24.71
CA VAL L 120 26.07 13.01 -25.42
C VAL L 120 26.48 13.65 -26.74
N TYR L 121 27.75 14.04 -26.87
CA TYR L 121 28.19 14.66 -28.12
C TYR L 121 28.12 13.70 -29.30
N GLY L 122 28.54 12.46 -29.10
CA GLY L 122 28.44 11.47 -30.16
C GLY L 122 29.39 11.78 -31.31
N MET L 123 28.80 12.11 -32.46
CA MET L 123 29.55 12.32 -33.70
C MET L 123 29.34 13.73 -34.26
N CYS L 124 29.46 14.75 -33.42
CA CYS L 124 29.34 16.13 -33.88
C CYS L 124 30.40 16.42 -34.94
N SER L 125 29.96 17.01 -36.06
CA SER L 125 30.84 17.25 -37.19
C SER L 125 31.71 18.49 -37.04
N ASP L 126 31.40 19.38 -36.10
CA ASP L 126 32.18 20.59 -35.94
C ASP L 126 33.55 20.28 -35.36
N LYS L 127 34.56 21.04 -35.79
CA LYS L 127 35.93 20.80 -35.31
C LYS L 127 36.06 21.12 -33.82
N TYR L 128 35.24 22.03 -33.32
CA TYR L 128 35.27 22.42 -31.92
C TYR L 128 33.96 21.98 -31.27
N PHE L 129 34.05 20.97 -30.40
CA PHE L 129 32.87 20.46 -29.72
C PHE L 129 32.30 21.51 -28.79
N ASP L 130 31.00 21.78 -28.91
CA ASP L 130 30.28 22.68 -28.03
C ASP L 130 29.18 21.88 -27.33
N GLU L 131 28.54 22.49 -26.34
CA GLU L 131 27.54 21.77 -25.57
C GLU L 131 26.13 22.26 -25.87
N ASP L 132 25.95 23.57 -26.04
CA ASP L 132 24.64 24.15 -26.22
C ASP L 132 24.51 24.99 -27.49
N HIS L 133 25.50 24.97 -28.37
CA HIS L 133 25.46 25.84 -29.55
C HIS L 133 25.78 25.07 -30.82
N SER L 134 26.47 23.94 -30.69
CA SER L 134 26.76 23.12 -31.85
C SER L 134 25.68 22.07 -32.06
N ASN L 135 25.67 21.49 -33.26
CA ASN L 135 24.69 20.44 -33.57
C ASN L 135 25.19 19.08 -33.08
N LEU L 136 24.26 18.15 -32.93
CA LEU L 136 24.55 16.81 -32.42
C LEU L 136 24.08 15.77 -33.42
N ILE L 137 24.85 14.71 -33.56
CA ILE L 137 24.53 13.59 -34.45
C ILE L 137 24.57 12.31 -33.63
N VAL L 138 23.55 11.46 -33.78
CA VAL L 138 23.44 10.22 -33.04
C VAL L 138 23.37 9.05 -34.02
N GLY L 139 23.57 7.85 -33.49
CA GLY L 139 23.61 6.66 -34.31
C GLY L 139 22.23 6.14 -34.64
N PRO L 140 22.20 4.99 -35.31
CA PRO L 140 20.92 4.41 -35.73
C PRO L 140 20.07 3.92 -34.57
N VAL L 141 18.75 3.85 -34.78
CA VAL L 141 17.84 3.43 -33.71
C VAL L 141 17.89 1.92 -33.52
N ASN L 142 18.40 1.18 -34.51
CA ASN L 142 18.32 -0.28 -34.46
C ASN L 142 19.26 -0.90 -33.42
N LYS L 143 20.30 -0.17 -32.99
CA LYS L 143 21.23 -0.70 -32.00
C LYS L 143 20.56 -0.66 -30.63
N PRO L 144 20.64 -1.72 -29.83
CA PRO L 144 19.90 -1.75 -28.55
C PRO L 144 20.60 -1.02 -27.42
N ARG L 145 21.93 -0.89 -27.44
CA ARG L 145 22.63 -0.36 -26.29
C ARG L 145 22.34 1.11 -26.05
N TRP L 146 22.07 1.90 -27.09
CA TRP L 146 21.62 3.28 -26.86
C TRP L 146 20.23 3.36 -26.24
N ILE L 147 19.44 2.29 -26.27
CA ILE L 147 18.08 2.36 -25.75
C ILE L 147 18.10 2.87 -24.31
N TYR L 148 18.96 2.29 -23.48
CA TYR L 148 19.15 2.80 -22.13
C TYR L 148 19.83 4.17 -22.16
N SER L 149 20.90 4.29 -22.95
CA SER L 149 21.73 5.48 -22.87
C SER L 149 20.90 6.75 -23.08
N VAL L 150 20.09 6.76 -24.14
CA VAL L 150 19.35 7.97 -24.49
C VAL L 150 18.43 8.38 -23.35
N SER L 151 17.85 7.40 -22.64
CA SER L 151 16.92 7.77 -21.58
C SER L 151 17.65 8.54 -20.49
N LYS L 152 18.91 8.17 -20.23
CA LYS L 152 19.71 8.95 -19.29
C LYS L 152 19.70 10.42 -19.65
N GLN L 153 19.88 10.72 -20.94
CA GLN L 153 19.83 12.12 -21.37
C GLN L 153 18.49 12.73 -21.03
N LEU L 154 17.40 12.04 -21.39
CA LEU L 154 16.07 12.52 -21.03
C LEU L 154 15.99 12.74 -19.53
N LEU L 155 16.60 11.82 -18.76
CA LEU L 155 16.59 11.94 -17.31
C LEU L 155 17.16 13.28 -16.89
N ASP L 156 18.31 13.67 -17.45
CA ASP L 156 18.89 14.96 -17.13
C ASP L 156 17.88 16.06 -17.36
N ARG L 157 17.16 15.97 -18.48
CA ARG L 157 16.24 17.03 -18.86
C ARG L 157 15.23 17.26 -17.73
N VAL L 158 14.83 16.18 -17.05
CA VAL L 158 13.84 16.30 -15.98
C VAL L 158 14.34 17.21 -14.88
N ILE L 159 15.57 17.00 -14.40
CA ILE L 159 16.08 17.89 -13.35
C ILE L 159 16.16 19.31 -13.88
N TRP L 160 16.40 19.46 -15.18
CA TRP L 160 16.42 20.79 -15.75
C TRP L 160 15.09 21.50 -15.57
N ALA L 161 13.99 20.75 -15.73
CA ALA L 161 12.67 21.33 -15.49
C ALA L 161 12.58 21.86 -14.07
N TYR L 162 13.16 21.14 -13.12
CA TYR L 162 13.10 21.55 -11.73
C TYR L 162 13.77 22.91 -11.53
N GLY L 163 14.59 23.33 -12.49
CA GLY L 163 15.19 24.64 -12.43
C GLY L 163 14.18 25.77 -12.51
N GLU L 164 13.20 25.66 -13.42
CA GLU L 164 12.44 26.87 -13.73
C GLU L 164 11.40 27.24 -12.66
N LYS L 165 10.37 26.39 -12.45
CA LYS L 165 9.25 26.85 -11.65
C LYS L 165 9.55 26.81 -10.15
N GLU L 166 10.24 25.78 -9.70
CA GLU L 166 10.47 25.57 -8.28
C GLU L 166 11.91 25.85 -7.87
N GLY L 167 12.85 25.86 -8.83
CA GLY L 167 14.22 26.22 -8.52
C GLY L 167 14.93 25.28 -7.58
N LEU L 168 14.84 23.98 -7.83
CA LEU L 168 15.57 23.00 -7.03
C LEU L 168 17.06 23.23 -7.14
N GLN L 169 17.77 23.13 -6.01
CA GLN L 169 19.20 23.28 -5.98
C GLN L 169 19.85 22.04 -6.58
N PHE L 170 20.31 22.17 -7.82
CA PHE L 170 20.80 21.03 -8.58
C PHE L 170 22.13 21.40 -9.23
N THR L 171 22.92 20.38 -9.52
CA THR L 171 24.13 20.57 -10.32
C THR L 171 24.46 19.31 -11.10
N LEU L 172 24.41 19.42 -12.42
CA LEU L 172 24.83 18.35 -13.32
C LEU L 172 26.31 18.50 -13.62
N PHE L 173 27.09 17.47 -13.29
CA PHE L 173 28.52 17.52 -13.58
C PHE L 173 28.90 16.35 -14.47
N ARG L 174 29.82 16.61 -15.40
CA ARG L 174 30.27 15.59 -16.34
C ARG L 174 31.77 15.36 -16.19
N PRO L 175 32.18 14.22 -15.63
CA PRO L 175 33.55 13.76 -15.78
C PRO L 175 33.83 13.27 -17.20
N PHE L 176 35.05 13.53 -17.65
CA PHE L 176 35.51 13.13 -18.99
C PHE L 176 36.75 12.25 -18.86
N ASN L 177 36.57 10.93 -18.98
CA ASN L 177 37.66 10.00 -19.25
C ASN L 177 38.75 10.14 -18.18
N TRP L 178 38.43 9.73 -16.96
CA TRP L 178 39.33 9.93 -15.84
C TRP L 178 40.27 8.75 -15.65
N MET L 179 41.29 8.96 -14.82
CA MET L 179 42.27 7.93 -14.48
C MET L 179 42.93 8.30 -13.16
N GLY L 180 43.57 7.31 -12.55
CA GLY L 180 44.23 7.48 -11.28
C GLY L 180 44.51 6.13 -10.65
N PRO L 181 45.26 6.11 -9.56
CA PRO L 181 45.62 4.83 -8.94
C PRO L 181 44.39 4.10 -8.41
N ARG L 182 44.62 2.88 -7.92
CA ARG L 182 43.54 2.00 -7.46
C ARG L 182 42.58 1.67 -8.61
N LEU L 183 43.13 1.05 -9.65
CA LEU L 183 42.36 0.78 -10.86
C LEU L 183 41.24 -0.21 -10.57
N ASP L 184 40.20 -0.16 -11.41
CA ASP L 184 39.09 -1.09 -11.30
C ASP L 184 39.52 -2.49 -11.70
N ASN L 185 38.79 -3.48 -11.21
CA ASN L 185 39.07 -4.87 -11.55
C ASN L 185 38.73 -5.13 -13.03
N LEU L 186 39.31 -6.20 -13.56
CA LEU L 186 39.15 -6.51 -14.97
C LEU L 186 37.70 -6.77 -15.34
N ASN L 187 37.03 -7.63 -14.58
CA ASN L 187 35.66 -8.04 -14.90
C ASN L 187 34.60 -7.16 -14.24
N ALA L 188 35.01 -6.11 -13.53
CA ALA L 188 34.05 -5.23 -12.89
C ALA L 188 33.40 -4.30 -13.91
N ALA L 189 32.08 -4.26 -13.90
CA ALA L 189 31.30 -3.40 -14.79
C ALA L 189 31.09 -2.03 -14.18
N ARG L 190 32.19 -1.33 -13.88
CA ARG L 190 32.15 -0.03 -13.25
C ARG L 190 32.86 0.98 -14.14
N ILE L 191 32.30 2.17 -14.27
CA ILE L 191 32.88 3.23 -15.08
C ILE L 191 34.04 3.87 -14.30
N GLY L 192 34.85 4.64 -15.02
CA GLY L 192 35.94 5.34 -14.39
C GLY L 192 37.24 5.32 -15.17
N SER L 193 37.27 4.58 -16.28
CA SER L 193 38.47 4.48 -17.09
C SER L 193 38.12 4.49 -18.58
N SER L 194 39.06 4.97 -19.39
CA SER L 194 38.90 4.94 -20.83
C SER L 194 39.06 3.51 -21.34
N ARG L 195 38.37 3.18 -22.42
CA ARG L 195 38.52 1.85 -23.00
C ARG L 195 39.84 1.70 -23.74
N ALA L 196 40.36 2.78 -24.31
CA ALA L 196 41.64 2.70 -25.02
C ALA L 196 42.75 2.27 -24.09
N ILE L 197 42.89 2.97 -22.95
CA ILE L 197 43.98 2.65 -22.03
C ILE L 197 43.77 1.26 -21.44
N THR L 198 42.52 0.90 -21.14
CA THR L 198 42.25 -0.42 -20.58
C THR L 198 42.64 -1.53 -21.56
N GLN L 199 42.20 -1.40 -22.81
CA GLN L 199 42.60 -2.37 -23.83
C GLN L 199 44.11 -2.37 -24.02
N LEU L 200 44.77 -1.24 -23.76
CA LEU L 200 46.23 -1.22 -23.84
C LEU L 200 46.85 -2.02 -22.71
N ILE L 201 46.30 -1.91 -21.49
CA ILE L 201 46.78 -2.74 -20.40
C ILE L 201 46.58 -4.21 -20.71
N LEU L 202 45.44 -4.56 -21.32
CA LEU L 202 45.24 -5.95 -21.74
C LEU L 202 46.28 -6.35 -22.78
N ASN L 203 46.55 -5.47 -23.76
CA ASN L 203 47.52 -5.78 -24.80
C ASN L 203 48.90 -6.00 -24.21
N LEU L 204 49.19 -5.34 -23.09
CA LEU L 204 50.47 -5.56 -22.42
C LEU L 204 50.46 -6.87 -21.62
N VAL L 205 49.45 -7.05 -20.76
CA VAL L 205 49.44 -8.20 -19.86
C VAL L 205 49.36 -9.51 -20.64
N GLU L 206 48.44 -9.59 -21.60
CA GLU L 206 48.35 -10.76 -22.46
C GLU L 206 49.38 -10.74 -23.59
N GLY L 207 50.11 -9.65 -23.75
CA GLY L 207 51.14 -9.56 -24.78
C GLY L 207 50.61 -9.64 -26.19
N SER L 208 49.39 -9.15 -26.42
CA SER L 208 48.87 -9.22 -27.77
C SER L 208 49.36 -8.02 -28.59
N PRO L 209 49.52 -8.20 -29.90
CA PRO L 209 49.89 -7.07 -30.75
C PRO L 209 48.86 -5.96 -30.72
N ILE L 210 49.35 -4.74 -30.54
CA ILE L 210 48.50 -3.56 -30.46
C ILE L 210 47.99 -3.24 -31.87
N LYS L 211 46.67 -3.16 -32.00
CA LYS L 211 46.01 -2.87 -33.27
C LYS L 211 45.89 -1.36 -33.45
N LEU L 212 46.60 -0.82 -34.44
CA LEU L 212 46.66 0.61 -34.70
C LEU L 212 45.44 1.00 -35.53
N ILE L 213 44.43 1.53 -34.85
CA ILE L 213 43.21 1.95 -35.55
C ILE L 213 43.54 3.16 -36.42
N ASP L 214 43.66 2.94 -37.73
CA ASP L 214 44.00 3.99 -38.68
C ASP L 214 45.28 4.72 -38.27
N GLY L 215 46.23 3.97 -37.72
CA GLY L 215 47.47 4.53 -37.24
C GLY L 215 47.43 5.07 -35.83
N GLY L 216 46.32 4.87 -35.12
CA GLY L 216 46.19 5.42 -33.77
C GLY L 216 46.14 6.92 -33.73
N LYS L 217 45.37 7.55 -34.60
CA LYS L 217 45.30 9.00 -34.70
C LYS L 217 44.15 9.61 -33.91
N GLN L 218 43.33 8.80 -33.24
CA GLN L 218 42.18 9.34 -32.52
C GLN L 218 42.62 9.98 -31.22
N LYS L 219 42.25 11.25 -31.04
CA LYS L 219 42.72 12.06 -29.93
C LYS L 219 41.70 12.09 -28.80
N ARG L 220 42.17 11.86 -27.58
CA ARG L 220 41.36 11.86 -26.38
C ARG L 220 42.01 12.72 -25.32
N CYS L 221 41.19 13.19 -24.37
CA CYS L 221 41.63 14.01 -23.26
C CYS L 221 41.48 13.22 -21.96
N PHE L 222 42.46 13.39 -21.06
CA PHE L 222 42.51 12.64 -19.81
C PHE L 222 42.65 13.61 -18.64
N THR L 223 42.09 13.19 -17.50
CA THR L 223 42.06 14.01 -16.29
C THR L 223 42.59 13.22 -15.11
N ASP L 224 42.98 13.93 -14.06
CA ASP L 224 43.45 13.31 -12.84
C ASP L 224 42.36 13.40 -11.77
N ILE L 225 42.31 12.39 -10.89
CA ILE L 225 41.28 12.34 -9.87
C ILE L 225 41.44 13.50 -8.88
N ARG L 226 42.68 13.87 -8.56
CA ARG L 226 42.91 14.85 -7.50
C ARG L 226 42.38 16.23 -7.87
N ASP L 227 42.75 16.72 -9.05
CA ASP L 227 42.33 18.05 -9.46
C ASP L 227 40.82 18.14 -9.57
N GLY L 228 40.22 17.18 -10.27
CA GLY L 228 38.78 17.17 -10.41
C GLY L 228 38.07 17.05 -9.08
N ILE L 229 38.63 16.27 -8.15
CA ILE L 229 37.94 16.04 -6.89
C ILE L 229 38.05 17.27 -5.99
N GLU L 230 39.16 18.01 -6.06
CA GLU L 230 39.24 19.26 -5.31
C GLU L 230 38.28 20.28 -5.90
N ALA L 231 38.16 20.29 -7.23
CA ALA L 231 37.12 21.09 -7.86
C ALA L 231 35.74 20.67 -7.37
N LEU L 232 35.52 19.36 -7.25
CA LEU L 232 34.23 18.90 -6.74
C LEU L 232 33.99 19.40 -5.33
N TYR L 233 35.04 19.41 -4.49
CA TYR L 233 34.91 19.93 -3.15
C TYR L 233 34.43 21.38 -3.18
N ARG L 234 35.10 22.20 -3.99
CA ARG L 234 34.74 23.61 -4.04
C ARG L 234 33.38 23.85 -4.71
N ILE L 235 32.86 22.85 -5.44
CA ILE L 235 31.45 22.93 -5.82
C ILE L 235 30.55 22.48 -4.68
N ILE L 236 31.04 21.57 -3.82
CA ILE L 236 30.21 21.09 -2.72
C ILE L 236 29.88 22.22 -1.75
N GLU L 237 30.86 23.04 -1.36
CA GLU L 237 30.46 24.18 -0.53
C GLU L 237 29.73 25.24 -1.36
N ASN L 238 29.82 25.16 -2.69
CA ASN L 238 29.09 26.03 -3.59
C ASN L 238 29.34 27.50 -3.21
N ALA L 239 30.58 27.91 -3.41
CA ALA L 239 31.02 29.23 -3.00
C ALA L 239 30.35 30.32 -3.84
N GLY L 240 29.74 31.28 -3.16
CA GLY L 240 29.11 32.38 -3.85
C GLY L 240 27.69 32.13 -4.32
N ASN L 241 27.18 30.91 -4.13
CA ASN L 241 25.80 30.54 -4.47
C ASN L 241 25.60 30.51 -5.99
N ARG L 242 26.64 30.89 -6.73
CA ARG L 242 26.54 31.12 -8.17
C ARG L 242 26.43 29.85 -8.99
N CYS L 243 26.62 28.68 -8.39
CA CYS L 243 26.56 27.42 -9.13
C CYS L 243 25.13 26.91 -9.30
N ASP L 244 24.14 27.65 -8.79
CA ASP L 244 22.75 27.23 -8.92
C ASP L 244 22.34 27.31 -10.40
N GLY L 245 21.74 26.23 -10.90
CA GLY L 245 21.36 26.19 -12.30
C GLY L 245 22.53 26.18 -13.26
N GLU L 246 23.68 25.68 -12.82
CA GLU L 246 24.88 25.63 -13.64
C GLU L 246 25.27 24.19 -13.94
N ILE L 247 25.75 23.97 -15.16
CA ILE L 247 26.13 22.65 -15.64
C ILE L 247 27.64 22.67 -15.82
N ILE L 248 28.36 21.78 -15.12
CA ILE L 248 29.81 21.88 -15.01
C ILE L 248 30.45 20.65 -15.64
N ASN L 249 31.39 20.89 -16.55
CA ASN L 249 32.21 19.83 -17.14
C ASN L 249 33.56 19.81 -16.45
N ILE L 250 34.24 18.67 -16.51
CA ILE L 250 35.60 18.55 -16.00
C ILE L 250 36.43 17.91 -17.11
N GLY L 251 37.57 18.51 -17.44
CA GLY L 251 38.42 17.94 -18.46
C GLY L 251 39.71 18.74 -18.62
N ASN L 252 40.64 18.15 -19.35
CA ASN L 252 41.90 18.79 -19.67
C ASN L 252 42.06 18.82 -21.18
N PRO L 253 41.43 19.77 -21.88
CA PRO L 253 41.48 19.76 -23.35
C PRO L 253 42.88 19.86 -23.92
N GLU L 254 43.79 20.59 -23.25
CA GLU L 254 45.15 20.74 -23.75
C GLU L 254 45.86 19.40 -23.82
N ASN L 255 45.57 18.52 -22.86
CA ASN L 255 46.27 17.24 -22.74
C ASN L 255 45.62 16.19 -23.65
N GLU L 256 45.53 16.57 -24.92
CA GLU L 256 44.85 15.78 -25.95
C GLU L 256 45.87 14.97 -26.74
N ALA L 257 45.70 13.65 -26.75
CA ALA L 257 46.69 12.79 -27.38
C ALA L 257 46.01 11.70 -28.19
N SER L 258 46.62 11.35 -29.31
CA SER L 258 46.19 10.21 -30.10
C SER L 258 46.65 8.91 -29.43
N ILE L 259 46.22 7.78 -29.99
CA ILE L 259 46.65 6.49 -29.45
C ILE L 259 48.14 6.30 -29.64
N GLU L 260 48.70 6.88 -30.71
CA GLU L 260 50.07 6.57 -31.08
C GLU L 260 51.06 6.96 -29.99
N GLU L 261 50.97 8.20 -29.48
CA GLU L 261 51.88 8.61 -28.43
C GLU L 261 51.60 7.88 -27.13
N LEU L 262 50.36 7.44 -26.88
CA LEU L 262 50.12 6.55 -25.75
C LEU L 262 50.91 5.26 -25.91
N GLY L 263 50.93 4.71 -27.12
CA GLY L 263 51.74 3.52 -27.35
C GLY L 263 53.22 3.76 -27.16
N GLU L 264 53.70 4.92 -27.64
CA GLU L 264 55.11 5.25 -27.46
C GLU L 264 55.45 5.35 -25.97
N MET L 265 54.61 6.04 -25.20
CA MET L 265 54.86 6.20 -23.77
C MET L 265 54.76 4.86 -23.05
N LEU L 266 53.79 4.04 -23.46
CA LEU L 266 53.67 2.70 -22.88
C LEU L 266 54.93 1.89 -23.11
N LEU L 267 55.45 1.90 -24.33
CA LEU L 267 56.67 1.16 -24.61
C LEU L 267 57.86 1.74 -23.85
N ALA L 268 57.92 3.08 -23.74
CA ALA L 268 59.01 3.72 -23.03
C ALA L 268 59.04 3.30 -21.56
N SER L 269 57.87 3.27 -20.91
CA SER L 269 57.82 2.84 -19.52
C SER L 269 57.97 1.33 -19.38
N PHE L 270 57.52 0.57 -20.37
CA PHE L 270 57.51 -0.88 -20.27
C PHE L 270 58.90 -1.47 -20.47
N GLU L 271 59.65 -0.97 -21.44
CA GLU L 271 61.00 -1.48 -21.68
C GLU L 271 61.97 -1.09 -20.57
N LYS L 272 61.56 -0.15 -19.70
CA LYS L 272 62.44 0.32 -18.65
C LYS L 272 62.10 -0.31 -17.30
N HIS L 273 60.84 -0.68 -17.09
CA HIS L 273 60.41 -1.11 -15.77
C HIS L 273 61.01 -2.48 -15.42
N PRO L 274 61.53 -2.66 -14.20
CA PRO L 274 62.40 -3.81 -13.92
C PRO L 274 61.68 -5.11 -13.63
N LEU L 275 60.48 -5.08 -13.05
CA LEU L 275 59.80 -6.29 -12.58
C LEU L 275 59.11 -7.02 -13.72
N ARG L 276 59.51 -6.74 -14.96
CA ARG L 276 58.84 -7.28 -16.15
C ARG L 276 58.96 -8.81 -16.23
N HIS L 277 59.87 -9.42 -15.46
CA HIS L 277 60.25 -10.80 -15.75
C HIS L 277 59.18 -11.81 -15.36
N HIS L 278 58.08 -11.37 -14.74
CA HIS L 278 56.94 -12.28 -14.54
C HIS L 278 55.83 -12.07 -15.55
N PHE L 279 56.10 -11.38 -16.66
CA PHE L 279 55.06 -11.03 -17.62
C PHE L 279 55.50 -11.40 -19.03
N PRO L 280 54.56 -11.60 -19.95
CA PRO L 280 54.91 -11.84 -21.35
C PRO L 280 55.29 -10.55 -22.04
N PRO L 281 56.10 -10.62 -23.10
CA PRO L 281 56.51 -9.40 -23.79
C PRO L 281 55.44 -8.94 -24.79
N PHE L 282 55.74 -7.82 -25.45
CA PHE L 282 54.84 -7.29 -26.46
C PHE L 282 55.20 -7.88 -27.82
N ALA L 283 54.19 -8.04 -28.68
CA ALA L 283 54.40 -8.75 -29.94
C ALA L 283 54.45 -7.85 -31.16
N GLY L 284 54.50 -6.54 -30.98
CA GLY L 284 54.61 -5.63 -32.11
C GLY L 284 53.27 -5.03 -32.50
N PHE L 285 53.35 -3.98 -33.33
CA PHE L 285 52.15 -3.25 -33.72
C PHE L 285 51.62 -3.76 -35.05
N ARG L 286 50.30 -3.93 -35.14
CA ARG L 286 49.65 -4.36 -36.38
C ARG L 286 48.78 -3.22 -36.90
N VAL L 287 49.06 -2.81 -38.13
CA VAL L 287 48.35 -1.68 -38.75
C VAL L 287 46.93 -2.09 -39.07
N VAL L 288 46.01 -1.13 -38.99
CA VAL L 288 44.60 -1.38 -39.27
C VAL L 288 44.04 -0.27 -40.15
N VAL L 301 33.84 11.55 -32.95
CA VAL L 301 34.49 10.77 -31.91
C VAL L 301 36.00 10.83 -32.06
N GLU L 302 36.46 11.01 -33.31
CA GLU L 302 37.88 11.01 -33.60
C GLU L 302 38.63 12.13 -32.89
N HIS L 303 37.97 13.26 -32.63
CA HIS L 303 38.59 14.37 -31.91
C HIS L 303 37.54 15.03 -31.04
N ARG L 304 37.83 15.13 -29.74
CA ARG L 304 36.91 15.72 -28.77
C ARG L 304 37.65 16.84 -28.03
N LYS L 305 37.08 18.04 -28.08
CA LYS L 305 37.60 19.19 -27.37
C LYS L 305 36.46 19.96 -26.73
N PRO L 306 36.14 19.70 -25.46
CA PRO L 306 35.02 20.38 -24.81
C PRO L 306 35.40 21.76 -24.28
N SER L 307 34.37 22.59 -24.08
CA SER L 307 34.53 23.94 -23.59
C SER L 307 34.56 23.91 -22.07
N ILE L 308 35.36 24.80 -21.47
CA ILE L 308 35.50 24.89 -20.02
C ILE L 308 35.25 26.32 -19.57
N ARG L 309 34.45 27.05 -20.32
CA ARG L 309 34.20 28.46 -20.01
C ARG L 309 33.44 28.61 -18.70
N ASN L 310 32.44 27.75 -18.46
CA ASN L 310 31.59 27.91 -17.28
C ASN L 310 32.36 27.71 -15.99
N ALA L 311 33.37 26.84 -15.99
CA ALA L 311 34.16 26.62 -14.78
C ALA L 311 34.89 27.90 -14.37
N HIS L 312 35.49 28.60 -15.33
CA HIS L 312 36.09 29.89 -15.04
C HIS L 312 35.02 30.91 -14.67
N ARG L 313 33.86 30.83 -15.32
CA ARG L 313 32.80 31.81 -15.09
C ARG L 313 32.30 31.76 -13.67
N CYS L 314 32.21 30.56 -13.08
CA CYS L 314 31.56 30.43 -11.79
C CYS L 314 32.56 30.22 -10.66
N LEU L 315 33.63 29.46 -10.89
CA LEU L 315 34.54 29.06 -9.84
C LEU L 315 36.00 29.44 -10.08
N ASP L 316 36.38 29.75 -11.32
CA ASP L 316 37.76 30.09 -11.65
C ASP L 316 38.71 28.92 -11.36
N TRP L 317 38.48 27.81 -12.06
CA TRP L 317 39.23 26.58 -11.85
C TRP L 317 40.14 26.32 -13.04
N GLU L 318 41.38 25.92 -12.75
CA GLU L 318 42.32 25.59 -13.81
C GLU L 318 43.09 24.34 -13.39
N PRO L 319 43.17 23.34 -14.25
CA PRO L 319 43.77 22.06 -13.86
C PRO L 319 45.29 22.15 -13.74
N LYS L 320 45.85 21.31 -12.88
CA LYS L 320 47.27 21.30 -12.60
C LYS L 320 48.00 20.08 -13.12
N ILE L 321 47.55 18.88 -12.78
CA ILE L 321 48.31 17.65 -12.96
C ILE L 321 48.20 17.19 -14.41
N ASP L 322 49.34 16.73 -14.95
CA ASP L 322 49.50 16.36 -16.35
C ASP L 322 49.12 14.90 -16.58
N MET L 323 49.58 14.38 -17.72
CA MET L 323 49.00 13.16 -18.29
C MET L 323 50.01 12.00 -18.23
N GLN L 324 51.24 12.24 -18.70
CA GLN L 324 52.25 11.18 -18.76
C GLN L 324 52.66 10.68 -17.38
N GLU L 325 52.91 11.58 -16.43
CA GLU L 325 53.38 11.15 -15.12
C GLU L 325 52.31 10.33 -14.41
N THR L 326 51.04 10.72 -14.56
CA THR L 326 49.97 9.92 -14.00
C THR L 326 49.91 8.53 -14.64
N ILE L 327 50.16 8.41 -15.95
CA ILE L 327 50.25 7.04 -16.49
C ILE L 327 51.37 6.28 -15.81
N ASP L 328 52.52 6.94 -15.60
CA ASP L 328 53.63 6.21 -15.00
C ASP L 328 53.26 5.68 -13.62
N GLU L 329 52.66 6.52 -12.77
CA GLU L 329 52.30 6.01 -11.44
C GLU L 329 51.22 4.93 -11.52
N THR L 330 50.22 5.10 -12.39
CA THR L 330 49.14 4.12 -12.45
C THR L 330 49.65 2.77 -12.95
N LEU L 331 50.43 2.79 -14.03
CA LEU L 331 50.97 1.56 -14.58
C LEU L 331 51.93 0.89 -13.61
N ASP L 332 52.78 1.67 -12.95
CA ASP L 332 53.69 1.09 -11.98
C ASP L 332 52.90 0.46 -10.83
N PHE L 333 51.79 1.10 -10.43
CA PHE L 333 50.92 0.53 -9.41
C PHE L 333 50.34 -0.81 -9.85
N PHE L 334 49.73 -0.85 -11.04
CA PHE L 334 49.06 -2.08 -11.47
C PHE L 334 50.05 -3.13 -11.93
N LEU L 335 51.34 -2.78 -12.01
CA LEU L 335 52.34 -3.82 -12.22
C LEU L 335 52.86 -4.35 -10.89
N ARG L 336 53.12 -3.48 -9.91
CA ARG L 336 53.70 -3.93 -8.65
C ARG L 336 52.68 -4.60 -7.74
N THR L 337 51.40 -4.23 -7.81
CA THR L 337 50.42 -4.73 -6.88
C THR L 337 49.72 -6.00 -7.36
N VAL L 338 50.21 -6.62 -8.43
CA VAL L 338 49.70 -7.91 -8.84
C VAL L 338 50.20 -8.96 -7.86
N ASP L 339 49.26 -9.71 -7.27
CA ASP L 339 49.58 -10.68 -6.23
C ASP L 339 50.54 -11.72 -6.79
N LEU L 340 51.71 -11.88 -6.14
CA LEU L 340 52.68 -12.87 -6.59
C LEU L 340 52.15 -14.29 -6.42
N THR L 341 51.18 -14.49 -5.54
CA THR L 341 50.58 -15.81 -5.35
C THR L 341 49.50 -16.11 -6.39
N ASP L 342 49.79 -15.96 -7.67
CA ASP L 342 48.82 -16.22 -8.72
C ASP L 342 49.42 -17.12 -9.79
#